data_6L40
#
_entry.id   6L40
#
_cell.length_a   176.441
_cell.length_b   176.441
_cell.length_c   98.458
_cell.angle_alpha   90.000
_cell.angle_beta   90.000
_cell.angle_gamma   120.000
#
_symmetry.space_group_name_H-M   'P 32'
#
loop_
_entity.id
_entity.type
_entity.pdbx_description
1 polymer 'ATP-dependent Clp protease proteolytic subunit'
2 non-polymer '[(1S)-3-methyl-1-[[(2S)-3-phenyl-2-(pyrazin-2-ylcarbonylamino)propanoyl]amino]butyl]boronic acid'
3 water water
#
_entity_poly.entity_id   1
_entity_poly.type   'polypeptide(L)'
_entity_poly.pdbx_seq_one_letter_code
;DIYSRLLKDRIIMLGSQIDDNVANSIVSQLLFLQAQDSEKDIYLYINSPGGSVTAGFAIYDTIQHIKPDVQTICIGMAAS
MGSFLLAAGAKGKRFALPNAEVMIHQPLGGAQGQATEIEIAANHILKTREKLNRILSERTGQSIEKIQKDTDRDNFLTAE
EAKEYGLIDEVMVPE
;
_entity_poly.pdbx_strand_id   E,A,B,C,D,F,G,H,I,J,K,L,M,N
#
loop_
_chem_comp.id
_chem_comp.type
_chem_comp.name
_chem_comp.formula
FN3 non-polymer '[(1S)-3-methyl-1-[[(2S)-3-phenyl-2-(pyrazin-2-ylcarbonylamino)propanoyl]amino]butyl]boronic acid' 'C19 H25 B N4 O4'
#
# COMPACT_ATOMS: atom_id res chain seq x y z
N ASP A 1 -29.26 -9.89 24.35
CA ASP A 1 -27.83 -9.91 24.59
C ASP A 1 -27.51 -10.72 25.84
N ILE A 2 -26.45 -11.53 25.78
CA ILE A 2 -26.15 -12.41 26.91
C ILE A 2 -25.58 -11.60 28.08
N TYR A 3 -24.76 -10.59 27.78
CA TYR A 3 -24.18 -9.77 28.83
C TYR A 3 -25.24 -8.96 29.55
N SER A 4 -26.34 -8.67 28.85
CA SER A 4 -27.42 -7.92 29.48
C SER A 4 -28.12 -8.73 30.56
N ARG A 5 -28.35 -10.02 30.31
CA ARG A 5 -28.97 -10.86 31.33
C ARG A 5 -28.06 -11.04 32.53
N LEU A 6 -26.76 -11.16 32.30
CA LEU A 6 -25.84 -11.31 33.43
C LEU A 6 -25.78 -10.05 34.27
N LEU A 7 -25.96 -8.88 33.65
CA LEU A 7 -26.04 -7.65 34.43
C LEU A 7 -27.23 -7.67 35.38
N LYS A 8 -28.29 -8.41 35.03
CA LYS A 8 -29.40 -8.59 35.96
C LYS A 8 -28.92 -9.23 37.27
N ASP A 9 -27.97 -10.15 37.18
CA ASP A 9 -27.37 -10.79 38.35
C ASP A 9 -26.21 -10.00 38.92
N ARG A 10 -26.05 -8.73 38.52
CA ARG A 10 -24.97 -7.88 39.02
C ARG A 10 -23.60 -8.44 38.67
N ILE A 11 -23.47 -9.00 37.46
CA ILE A 11 -22.23 -9.55 36.96
C ILE A 11 -21.74 -8.65 35.83
N ILE A 12 -20.48 -8.24 35.90
CA ILE A 12 -19.83 -7.42 34.88
C ILE A 12 -18.67 -8.21 34.31
N MET A 13 -18.58 -8.25 32.98
CA MET A 13 -17.51 -8.97 32.30
C MET A 13 -16.50 -7.98 31.74
N LEU A 14 -15.28 -8.01 32.27
CA LEU A 14 -14.15 -7.26 31.70
C LEU A 14 -13.31 -8.28 30.95
N GLY A 15 -13.64 -8.49 29.68
CA GLY A 15 -12.97 -9.51 28.91
C GLY A 15 -12.21 -8.99 27.70
N SER A 16 -11.53 -7.86 27.84
CA SER A 16 -10.82 -7.29 26.71
C SER A 16 -9.71 -6.38 27.20
N GLN A 17 -8.97 -5.83 26.25
CA GLN A 17 -7.99 -4.79 26.51
C GLN A 17 -8.69 -3.59 27.14
N ILE A 18 -7.99 -2.91 28.05
CA ILE A 18 -8.55 -1.78 28.79
C ILE A 18 -8.12 -0.49 28.11
N ASP A 19 -9.04 0.13 27.38
CA ASP A 19 -8.87 1.49 26.87
C ASP A 19 -9.98 2.36 27.46
N ASP A 20 -10.13 3.57 26.89
CA ASP A 20 -11.10 4.50 27.45
C ASP A 20 -12.53 4.07 27.20
N ASN A 21 -12.80 3.49 26.02
CA ASN A 21 -14.15 2.98 25.73
C ASN A 21 -14.54 1.91 26.74
N VAL A 22 -13.69 0.90 26.93
CA VAL A 22 -13.99 -0.18 27.87
C VAL A 22 -14.15 0.37 29.28
N ALA A 23 -13.23 1.25 29.70
CA ALA A 23 -13.28 1.77 31.06
C ALA A 23 -14.58 2.51 31.32
N ASN A 24 -15.05 3.31 30.35
CA ASN A 24 -16.30 4.03 30.54
C ASN A 24 -17.48 3.07 30.60
N SER A 25 -17.43 1.97 29.85
CA SER A 25 -18.48 0.96 29.93
C SER A 25 -18.50 0.30 31.31
N ILE A 26 -17.32 -0.10 31.80
CA ILE A 26 -17.24 -0.73 33.12
C ILE A 26 -17.68 0.26 34.19
N VAL A 27 -17.22 1.51 34.09
CA VAL A 27 -17.56 2.51 35.10
C VAL A 27 -19.07 2.74 35.14
N SER A 28 -19.67 2.93 33.96
CA SER A 28 -21.12 3.16 33.89
C SER A 28 -21.91 1.96 34.42
N GLN A 29 -21.40 0.74 34.20
CA GLN A 29 -22.07 -0.44 34.73
C GLN A 29 -22.00 -0.46 36.25
N LEU A 30 -20.84 -0.12 36.83
CA LEU A 30 -20.73 -0.04 38.28
C LEU A 30 -21.66 1.03 38.85
N LEU A 31 -21.69 2.21 38.21
CA LEU A 31 -22.59 3.27 38.64
C LEU A 31 -24.03 2.82 38.59
N PHE A 32 -24.43 2.20 37.47
CA PHE A 32 -25.81 1.74 37.29
C PHE A 32 -26.17 0.69 38.33
N LEU A 33 -25.27 -0.27 38.58
CA LEU A 33 -25.56 -1.32 39.56
C LEU A 33 -25.68 -0.75 40.96
N GLN A 34 -24.89 0.28 41.29
CA GLN A 34 -24.99 0.88 42.62
C GLN A 34 -26.33 1.58 42.79
N ALA A 35 -26.82 2.23 41.73
CA ALA A 35 -28.09 2.94 41.82
C ALA A 35 -29.26 1.99 42.03
N GLN A 36 -29.24 0.85 41.34
CA GLN A 36 -30.31 -0.14 41.50
C GLN A 36 -30.35 -0.67 42.93
N ASP A 37 -29.18 -0.94 43.50
CA ASP A 37 -29.07 -1.43 44.87
C ASP A 37 -27.66 -1.14 45.33
N SER A 38 -27.53 -0.40 46.43
CA SER A 38 -26.24 0.08 46.87
C SER A 38 -25.56 -0.82 47.90
N GLU A 39 -26.17 -1.97 48.23
CA GLU A 39 -25.62 -2.82 49.26
C GLU A 39 -25.42 -4.27 48.85
N LYS A 40 -26.05 -4.73 47.76
CA LYS A 40 -25.77 -6.06 47.25
C LYS A 40 -24.46 -6.07 46.47
N ASP A 41 -23.75 -7.19 46.56
CA ASP A 41 -22.42 -7.29 45.97
C ASP A 41 -22.47 -7.21 44.44
N ILE A 42 -21.32 -6.88 43.87
CA ILE A 42 -21.11 -6.87 42.43
C ILE A 42 -19.98 -7.82 42.12
N TYR A 43 -20.07 -8.49 40.97
CA TYR A 43 -19.11 -9.51 40.57
C TYR A 43 -18.44 -9.09 39.27
N LEU A 44 -17.12 -8.90 39.33
CA LEU A 44 -16.34 -8.42 38.20
C LEU A 44 -15.45 -9.57 37.71
N TYR A 45 -15.86 -10.19 36.60
CA TYR A 45 -15.03 -11.20 35.96
C TYR A 45 -13.97 -10.51 35.10
N ILE A 46 -12.73 -10.97 35.22
CA ILE A 46 -11.61 -10.36 34.54
C ILE A 46 -10.93 -11.40 33.67
N ASN A 47 -10.89 -11.15 32.37
CA ASN A 47 -10.08 -11.90 31.41
C ASN A 47 -9.46 -10.84 30.49
N SER A 48 -8.33 -10.27 30.90
CA SER A 48 -7.81 -9.08 30.25
C SER A 48 -6.29 -9.10 30.14
N PRO A 49 -5.75 -8.71 28.98
CA PRO A 49 -4.30 -8.56 28.83
C PRO A 49 -3.76 -7.28 29.43
N GLY A 50 -4.61 -6.40 29.92
CA GLY A 50 -4.21 -5.13 30.45
C GLY A 50 -4.60 -3.98 29.54
N GLY A 51 -3.90 -2.86 29.71
CA GLY A 51 -4.13 -1.70 28.87
C GLY A 51 -3.67 -0.38 29.44
N SER A 52 -4.45 0.67 29.21
CA SER A 52 -4.05 2.03 29.59
C SER A 52 -4.13 2.21 31.10
N VAL A 53 -3.14 2.93 31.64
CA VAL A 53 -3.08 3.13 33.09
C VAL A 53 -4.22 4.04 33.57
N THR A 54 -4.47 5.15 32.84
CA THR A 54 -5.51 6.06 33.29
C THR A 54 -6.90 5.45 33.14
N ALA A 55 -7.11 4.67 32.07
CA ALA A 55 -8.36 3.95 31.94
C ALA A 55 -8.51 2.92 33.05
N GLY A 56 -7.42 2.28 33.44
CA GLY A 56 -7.46 1.37 34.57
C GLY A 56 -7.81 2.05 35.87
N PHE A 57 -7.24 3.25 36.09
CA PHE A 57 -7.53 3.97 37.33
C PHE A 57 -8.95 4.51 37.36
N ALA A 58 -9.53 4.79 36.19
CA ALA A 58 -10.95 5.14 36.15
C ALA A 58 -11.81 4.02 36.72
N ILE A 59 -11.46 2.77 36.41
CA ILE A 59 -12.18 1.64 36.97
C ILE A 59 -11.81 1.43 38.43
N TYR A 60 -10.51 1.50 38.74
CA TYR A 60 -10.06 1.30 40.12
C TYR A 60 -10.75 2.27 41.08
N ASP A 61 -10.70 3.56 40.76
CA ASP A 61 -11.27 4.55 41.66
C ASP A 61 -12.78 4.41 41.79
N THR A 62 -13.46 3.99 40.72
CA THR A 62 -14.90 3.77 40.80
C THR A 62 -15.22 2.58 41.71
N ILE A 63 -14.42 1.52 41.62
CA ILE A 63 -14.59 0.37 42.51
C ILE A 63 -14.45 0.81 43.96
N GLN A 64 -13.36 1.52 44.27
CA GLN A 64 -13.14 1.98 45.63
C GLN A 64 -14.25 2.92 46.11
N HIS A 65 -14.81 3.71 45.20
CA HIS A 65 -15.71 4.76 45.62
C HIS A 65 -17.09 4.24 45.99
N ILE A 66 -17.63 3.30 45.21
CA ILE A 66 -19.02 2.94 45.38
C ILE A 66 -19.23 2.16 46.68
N LYS A 67 -20.50 2.11 47.10
CA LYS A 67 -20.90 1.41 48.33
C LYS A 67 -20.72 -0.11 48.23
N PRO A 68 -21.27 -0.80 47.24
CA PRO A 68 -21.23 -2.27 47.26
C PRO A 68 -19.82 -2.83 47.17
N ASP A 69 -19.62 -3.96 47.84
CA ASP A 69 -18.41 -4.74 47.65
C ASP A 69 -18.34 -5.21 46.20
N VAL A 70 -17.13 -5.18 45.63
CA VAL A 70 -16.91 -5.65 44.27
C VAL A 70 -15.98 -6.85 44.35
N GLN A 71 -16.52 -8.03 44.09
CA GLN A 71 -15.72 -9.23 43.97
C GLN A 71 -15.04 -9.25 42.61
N THR A 72 -13.79 -9.70 42.59
CA THR A 72 -13.06 -9.88 41.34
C THR A 72 -12.76 -11.36 41.14
N ILE A 73 -12.97 -11.84 39.92
CA ILE A 73 -12.77 -13.24 39.58
C ILE A 73 -11.96 -13.29 38.30
N CYS A 74 -10.70 -13.69 38.40
CA CYS A 74 -9.85 -13.87 37.23
C CYS A 74 -10.16 -15.22 36.57
N ILE A 75 -10.64 -15.17 35.33
CA ILE A 75 -10.76 -16.35 34.49
C ILE A 75 -9.81 -16.16 33.31
N GLY A 76 -9.04 -17.19 32.99
CA GLY A 76 -8.13 -17.11 31.86
C GLY A 76 -6.84 -16.38 32.16
N MET A 77 -6.86 -15.05 32.13
CA MET A 77 -5.66 -14.29 32.43
C MET A 77 -6.00 -12.89 32.91
N ALA A 78 -5.26 -12.43 33.90
CA ALA A 78 -5.23 -11.02 34.32
C ALA A 78 -3.78 -10.59 34.27
N ALA A 79 -3.41 -9.92 33.19
CA ALA A 79 -2.05 -9.44 32.99
C ALA A 79 -2.00 -7.92 33.16
N SER A 80 -0.95 -7.44 33.81
CA SER A 80 -0.60 -6.01 33.76
C SER A 80 -1.70 -5.21 34.44
N MET A 81 -2.35 -4.25 33.76
CA MET A 81 -3.44 -3.51 34.40
C MET A 81 -4.62 -4.42 34.73
N GLY A 82 -4.76 -5.57 34.07
CA GLY A 82 -5.77 -6.52 34.47
C GLY A 82 -5.51 -7.12 35.84
N SER A 83 -4.26 -7.46 36.13
CA SER A 83 -3.93 -7.99 37.45
C SER A 83 -3.99 -6.90 38.53
N PHE A 84 -3.71 -5.65 38.16
CA PHE A 84 -3.88 -4.56 39.11
C PHE A 84 -5.32 -4.45 39.56
N LEU A 85 -6.26 -4.57 38.63
CA LEU A 85 -7.69 -4.49 38.98
C LEU A 85 -8.16 -5.74 39.71
N LEU A 86 -7.59 -6.91 39.40
CA LEU A 86 -7.91 -8.11 40.16
C LEU A 86 -7.60 -7.91 41.64
N ALA A 87 -6.43 -7.34 41.96
CA ALA A 87 -6.04 -7.06 43.33
C ALA A 87 -6.88 -5.98 43.98
N ALA A 88 -7.71 -5.27 43.21
CA ALA A 88 -8.49 -4.15 43.72
C ALA A 88 -9.86 -4.57 44.26
N GLY A 89 -10.27 -5.81 44.06
CA GLY A 89 -11.55 -6.24 44.59
C GLY A 89 -11.57 -6.20 46.11
N ALA A 90 -12.78 -6.23 46.65
CA ALA A 90 -12.96 -6.23 48.10
C ALA A 90 -12.13 -7.34 48.73
N LYS A 91 -11.34 -6.97 49.74
CA LYS A 91 -10.47 -7.94 50.37
C LYS A 91 -11.28 -9.07 50.99
N GLY A 92 -10.79 -10.29 50.83
CA GLY A 92 -11.56 -11.48 51.12
C GLY A 92 -12.38 -12.00 49.96
N LYS A 93 -12.62 -11.17 48.94
CA LYS A 93 -13.47 -11.52 47.80
C LYS A 93 -12.74 -11.33 46.47
N ARG A 94 -11.43 -11.61 46.44
CA ARG A 94 -10.64 -11.62 45.22
C ARG A 94 -10.27 -13.06 44.90
N PHE A 95 -10.67 -13.52 43.71
CA PHE A 95 -10.55 -14.93 43.36
C PHE A 95 -9.88 -15.11 42.01
N ALA A 96 -9.44 -16.35 41.78
CA ALA A 96 -8.94 -16.79 40.48
C ALA A 96 -9.30 -18.25 40.28
N LEU A 97 -9.71 -18.59 39.06
CA LEU A 97 -9.96 -19.99 38.74
C LEU A 97 -8.64 -20.77 38.68
N PRO A 98 -8.68 -22.08 38.91
CA PRO A 98 -7.42 -22.81 39.20
C PRO A 98 -6.37 -22.71 38.12
N ASN A 99 -6.74 -22.58 36.85
CA ASN A 99 -5.78 -22.53 35.76
C ASN A 99 -5.66 -21.13 35.17
N ALA A 100 -6.25 -20.13 35.82
CA ALA A 100 -6.01 -18.75 35.42
C ALA A 100 -4.55 -18.38 35.62
N GLU A 101 -4.06 -17.48 34.77
CA GLU A 101 -2.71 -16.97 34.92
C GLU A 101 -2.72 -15.48 35.19
N VAL A 102 -1.83 -15.05 36.08
CA VAL A 102 -1.69 -13.66 36.47
C VAL A 102 -0.28 -13.23 36.09
N MET A 103 -0.17 -12.03 35.53
CA MET A 103 1.13 -11.49 35.16
C MET A 103 1.24 -10.05 35.64
N ILE A 104 2.41 -9.70 36.15
CA ILE A 104 2.68 -8.34 36.60
C ILE A 104 3.99 -7.90 35.98
N HIS A 105 4.06 -6.62 35.60
CA HIS A 105 5.29 -6.03 35.09
C HIS A 105 5.16 -4.51 35.21
N GLN A 106 6.27 -3.83 34.96
CA GLN A 106 6.30 -2.38 35.11
C GLN A 106 5.66 -1.70 33.91
N PRO A 107 5.25 -0.44 34.05
CA PRO A 107 4.57 0.24 32.93
C PRO A 107 5.49 0.43 31.72
N LEU A 108 4.84 0.64 30.58
CA LEU A 108 5.53 0.92 29.32
C LEU A 108 4.94 2.16 28.69
N GLY A 109 5.74 2.81 27.86
CA GLY A 109 5.27 4.00 27.18
C GLY A 109 6.25 4.44 26.12
N GLY A 110 6.11 5.70 25.71
CA GLY A 110 6.96 6.24 24.68
C GLY A 110 7.05 7.74 24.77
N ALA A 111 8.11 8.28 24.20
CA ALA A 111 8.34 9.72 24.21
C ALA A 111 9.14 10.09 22.98
N GLN A 112 8.79 11.22 22.37
CA GLN A 112 9.47 11.73 21.19
C GLN A 112 9.54 13.25 21.29
N GLY A 113 10.56 13.83 20.66
CA GLY A 113 10.69 15.28 20.63
C GLY A 113 11.94 15.80 21.29
N GLN A 114 11.90 17.06 21.71
CA GLN A 114 13.08 17.70 22.30
C GLN A 114 13.47 17.02 23.60
N ALA A 115 14.72 17.27 24.01
CA ALA A 115 15.24 16.69 25.24
C ALA A 115 14.36 17.02 26.45
N THR A 116 13.90 18.27 26.55
CA THR A 116 13.07 18.63 27.69
C THR A 116 11.70 17.94 27.63
N GLU A 117 11.19 17.67 26.42
CA GLU A 117 9.95 16.93 26.32
C GLU A 117 10.13 15.49 26.77
N ILE A 118 11.24 14.86 26.36
CA ILE A 118 11.50 13.48 26.75
C ILE A 118 11.69 13.38 28.26
N GLU A 119 12.34 14.38 28.87
CA GLU A 119 12.51 14.37 30.32
C GLU A 119 11.17 14.47 31.03
N ILE A 120 10.27 15.32 30.52
CA ILE A 120 8.94 15.44 31.10
C ILE A 120 8.21 14.10 31.04
N ALA A 121 8.30 13.41 29.90
CA ALA A 121 7.61 12.14 29.76
C ALA A 121 8.24 11.07 30.64
N ALA A 122 9.56 11.05 30.75
CA ALA A 122 10.23 10.09 31.62
C ALA A 122 9.81 10.29 33.07
N ASN A 123 9.80 11.54 33.54
CA ASN A 123 9.39 11.81 34.92
C ASN A 123 7.95 11.38 35.16
N HIS A 124 7.08 11.57 34.16
CA HIS A 124 5.68 11.20 34.34
C HIS A 124 5.52 9.69 34.52
N ILE A 125 6.19 8.90 33.68
CA ILE A 125 5.99 7.45 33.74
C ILE A 125 6.66 6.87 34.98
N LEU A 126 7.80 7.43 35.41
CA LEU A 126 8.41 6.98 36.65
C LEU A 126 7.53 7.32 37.85
N LYS A 127 6.94 8.53 37.86
CA LYS A 127 5.98 8.88 38.90
C LYS A 127 4.77 7.95 38.86
N THR A 128 4.33 7.58 37.66
CA THR A 128 3.19 6.67 37.55
C THR A 128 3.53 5.29 38.07
N ARG A 129 4.77 4.83 37.84
CA ARG A 129 5.17 3.53 38.37
C ARG A 129 5.25 3.55 39.89
N GLU A 130 5.70 4.65 40.47
CA GLU A 130 5.75 4.73 41.93
C GLU A 130 4.35 4.70 42.53
N LYS A 131 3.40 5.36 41.89
CA LYS A 131 2.02 5.35 42.37
C LYS A 131 1.42 3.95 42.31
N LEU A 132 1.63 3.25 41.19
CA LEU A 132 1.12 1.89 41.05
C LEU A 132 1.76 0.96 42.07
N ASN A 133 3.09 1.05 42.22
CA ASN A 133 3.80 0.23 43.20
C ASN A 133 3.25 0.46 44.60
N ARG A 134 3.04 1.72 44.98
CA ARG A 134 2.53 2.02 46.32
C ARG A 134 1.17 1.38 46.53
N ILE A 135 0.27 1.52 45.56
CA ILE A 135 -1.07 0.98 45.73
C ILE A 135 -1.04 -0.54 45.77
N LEU A 136 -0.27 -1.17 44.87
CA LEU A 136 -0.18 -2.63 44.88
C LEU A 136 0.40 -3.12 46.20
N SER A 137 1.35 -2.38 46.76
CA SER A 137 1.86 -2.70 48.09
C SER A 137 0.74 -2.72 49.11
N GLU A 138 -0.14 -1.72 49.06
CA GLU A 138 -1.25 -1.67 50.00
C GLU A 138 -2.23 -2.82 49.77
N ARG A 139 -2.45 -3.21 48.51
CA ARG A 139 -3.44 -4.24 48.22
C ARG A 139 -2.93 -5.64 48.52
N THR A 140 -1.63 -5.88 48.42
CA THR A 140 -1.07 -7.21 48.60
C THR A 140 -0.35 -7.42 49.91
N GLY A 141 0.06 -6.35 50.59
CA GLY A 141 0.88 -6.48 51.77
C GLY A 141 2.37 -6.62 51.49
N GLN A 142 2.76 -6.76 50.23
CA GLN A 142 4.17 -6.79 49.89
C GLN A 142 4.76 -5.39 49.94
N SER A 143 6.07 -5.33 50.19
CA SER A 143 6.77 -4.05 50.26
C SER A 143 6.94 -3.46 48.86
N ILE A 144 7.10 -2.13 48.82
CA ILE A 144 7.29 -1.44 47.55
C ILE A 144 8.63 -1.83 46.94
N GLU A 145 9.64 -2.08 47.77
CA GLU A 145 10.92 -2.56 47.24
C GLU A 145 10.77 -3.90 46.56
N LYS A 146 9.95 -4.79 47.11
CA LYS A 146 9.77 -6.10 46.50
C LYS A 146 8.99 -6.01 45.20
N ILE A 147 7.88 -5.25 45.20
CA ILE A 147 7.13 -5.00 43.98
C ILE A 147 8.04 -4.49 42.89
N GLN A 148 8.89 -3.52 43.23
CA GLN A 148 9.75 -2.89 42.22
C GLN A 148 10.70 -3.89 41.59
N LYS A 149 11.27 -4.80 42.40
CA LYS A 149 12.14 -5.81 41.83
C LYS A 149 11.36 -6.85 41.02
N ASP A 150 10.20 -7.26 41.53
CA ASP A 150 9.42 -8.33 40.90
C ASP A 150 8.76 -7.93 39.60
N THR A 151 8.65 -6.63 39.32
CA THR A 151 8.03 -6.14 38.11
C THR A 151 9.04 -5.56 37.13
N ASP A 152 10.34 -5.76 37.38
CA ASP A 152 11.35 -5.26 36.47
C ASP A 152 11.18 -5.85 35.08
N ARG A 153 10.83 -7.13 35.00
CA ARG A 153 10.48 -7.79 33.75
C ARG A 153 9.16 -8.51 33.93
N ASP A 154 8.64 -9.05 32.82
CA ASP A 154 7.41 -9.83 32.87
C ASP A 154 7.52 -10.94 33.89
N ASN A 155 6.50 -11.05 34.74
CA ASN A 155 6.50 -11.98 35.88
C ASN A 155 5.18 -12.74 35.85
N PHE A 156 5.23 -14.01 35.43
CA PHE A 156 4.04 -14.82 35.28
C PHE A 156 3.78 -15.62 36.55
N LEU A 157 2.53 -15.62 37.01
CA LEU A 157 2.15 -16.27 38.24
C LEU A 157 0.97 -17.21 38.02
N THR A 158 1.06 -18.41 38.59
CA THR A 158 -0.09 -19.28 38.67
C THR A 158 -1.13 -18.69 39.63
N ALA A 159 -2.32 -19.27 39.60
CA ALA A 159 -3.36 -18.86 40.55
C ALA A 159 -2.89 -19.04 41.99
N GLU A 160 -2.20 -20.14 42.28
CA GLU A 160 -1.70 -20.39 43.62
C GLU A 160 -0.63 -19.36 44.00
N GLU A 161 0.28 -19.05 43.08
CA GLU A 161 1.31 -18.06 43.37
C GLU A 161 0.70 -16.68 43.57
N ALA A 162 -0.35 -16.36 42.82
CA ALA A 162 -1.05 -15.10 43.02
C ALA A 162 -1.66 -15.01 44.42
N LYS A 163 -2.11 -16.13 44.97
CA LYS A 163 -2.62 -16.13 46.33
C LYS A 163 -1.50 -15.91 47.33
N GLU A 164 -0.39 -16.65 47.17
CA GLU A 164 0.77 -16.45 48.02
C GLU A 164 1.25 -15.01 47.97
N TYR A 165 1.12 -14.36 46.81
CA TYR A 165 1.62 -13.01 46.64
C TYR A 165 0.73 -11.98 47.33
N GLY A 166 -0.55 -12.28 47.49
CA GLY A 166 -1.49 -11.33 48.01
C GLY A 166 -2.34 -10.65 46.96
N LEU A 167 -2.21 -11.04 45.69
CA LEU A 167 -3.03 -10.46 44.63
C LEU A 167 -4.47 -10.96 44.68
N ILE A 168 -4.68 -12.18 45.19
CA ILE A 168 -6.01 -12.73 45.37
C ILE A 168 -6.09 -13.39 46.74
N ASP A 169 -7.32 -13.63 47.19
CA ASP A 169 -7.53 -14.23 48.50
C ASP A 169 -7.69 -15.74 48.43
N GLU A 170 -8.41 -16.26 47.44
CA GLU A 170 -8.63 -17.70 47.33
C GLU A 170 -8.60 -18.13 45.86
N VAL A 171 -8.20 -19.38 45.64
CA VAL A 171 -8.40 -20.05 44.37
C VAL A 171 -9.74 -20.75 44.42
N MET A 172 -10.61 -20.48 43.45
CA MET A 172 -11.95 -21.03 43.46
C MET A 172 -11.93 -22.49 43.01
N VAL A 173 -12.32 -23.37 43.93
CA VAL A 173 -12.44 -24.80 43.65
C VAL A 173 -13.80 -25.05 42.99
N PRO A 174 -13.96 -26.13 42.24
CA PRO A 174 -15.31 -26.58 41.90
C PRO A 174 -15.99 -27.07 43.17
N GLU A 175 -17.31 -26.89 43.27
CA GLU A 175 -18.20 -26.59 42.16
C GLU A 175 -19.22 -25.52 42.51
N ASP B 1 -32.59 -15.19 15.74
CA ASP B 1 -31.33 -15.82 15.37
C ASP B 1 -31.33 -17.29 15.79
N ILE B 2 -30.71 -18.14 14.97
CA ILE B 2 -30.85 -19.58 15.13
C ILE B 2 -30.14 -20.06 16.40
N TYR B 3 -29.01 -19.44 16.75
CA TYR B 3 -28.30 -19.86 17.95
C TYR B 3 -29.05 -19.47 19.22
N SER B 4 -29.83 -18.38 19.16
CA SER B 4 -30.72 -18.05 20.27
C SER B 4 -31.68 -19.19 20.56
N ARG B 5 -32.28 -19.75 19.50
CA ARG B 5 -33.18 -20.88 19.65
C ARG B 5 -32.48 -22.07 20.30
N LEU B 6 -31.28 -22.40 19.82
CA LEU B 6 -30.57 -23.56 20.34
C LEU B 6 -30.19 -23.39 21.80
N LEU B 7 -29.94 -22.15 22.23
CA LEU B 7 -29.58 -21.90 23.63
C LEU B 7 -30.73 -22.23 24.57
N LYS B 8 -31.98 -22.15 24.08
CA LYS B 8 -33.12 -22.55 24.90
C LYS B 8 -33.13 -24.05 25.14
N ASP B 9 -32.57 -24.83 24.24
CA ASP B 9 -32.36 -26.26 24.46
C ASP B 9 -31.03 -26.55 25.16
N ARG B 10 -30.39 -25.52 25.72
CA ARG B 10 -29.14 -25.66 26.46
C ARG B 10 -28.01 -26.15 25.56
N ILE B 11 -27.99 -25.67 24.32
CA ILE B 11 -26.96 -26.01 23.34
C ILE B 11 -26.10 -24.79 23.08
N ILE B 12 -24.79 -24.96 23.18
CA ILE B 12 -23.81 -23.91 22.87
C ILE B 12 -22.98 -24.39 21.69
N MET B 13 -22.84 -23.53 20.69
CA MET B 13 -22.01 -23.82 19.51
C MET B 13 -20.67 -23.11 19.66
N LEU B 14 -19.59 -23.89 19.73
CA LEU B 14 -18.24 -23.35 19.61
C LEU B 14 -17.78 -23.69 18.20
N GLY B 15 -17.97 -22.76 17.28
CA GLY B 15 -17.70 -23.06 15.89
C GLY B 15 -16.70 -22.14 15.24
N SER B 16 -15.71 -21.68 16.00
CA SER B 16 -14.74 -20.76 15.45
C SER B 16 -13.42 -20.91 16.18
N GLN B 17 -12.43 -20.18 15.69
CA GLN B 17 -11.17 -19.96 16.39
C GLN B 17 -11.43 -19.36 17.77
N ILE B 18 -10.63 -19.76 18.74
CA ILE B 18 -10.84 -19.37 20.13
C ILE B 18 -9.93 -18.19 20.44
N ASP B 19 -10.53 -17.00 20.55
CA ASP B 19 -9.85 -15.84 21.09
C ASP B 19 -10.63 -15.37 22.32
N ASP B 20 -10.30 -14.20 22.85
CA ASP B 20 -10.91 -13.77 24.09
C ASP B 20 -12.39 -13.43 23.90
N ASN B 21 -12.74 -12.84 22.77
CA ASN B 21 -14.15 -12.57 22.46
C ASN B 21 -14.96 -13.86 22.51
N VAL B 22 -14.53 -14.88 21.76
CA VAL B 22 -15.25 -16.15 21.73
C VAL B 22 -15.32 -16.76 23.12
N ALA B 23 -14.22 -16.68 23.87
CA ALA B 23 -14.19 -17.29 25.21
C ALA B 23 -15.17 -16.62 26.16
N ASN B 24 -15.23 -15.28 26.13
CA ASN B 24 -16.16 -14.58 26.99
C ASN B 24 -17.61 -14.87 26.62
N SER B 25 -17.89 -15.03 25.33
CA SER B 25 -19.21 -15.45 24.90
C SER B 25 -19.56 -16.84 25.42
N ILE B 26 -18.64 -17.79 25.25
CA ILE B 26 -18.88 -19.15 25.72
C ILE B 26 -19.03 -19.18 27.23
N VAL B 27 -18.14 -18.47 27.94
CA VAL B 27 -18.20 -18.44 29.40
C VAL B 27 -19.53 -17.88 29.86
N SER B 28 -19.94 -16.75 29.29
CA SER B 28 -21.20 -16.12 29.69
C SER B 28 -22.39 -17.02 29.38
N GLN B 29 -22.31 -17.80 28.30
CA GLN B 29 -23.39 -18.72 28.00
C GLN B 29 -23.47 -19.85 29.03
N LEU B 30 -22.32 -20.39 29.43
CA LEU B 30 -22.32 -21.41 30.47
C LEU B 30 -22.89 -20.88 31.77
N LEU B 31 -22.45 -19.70 32.20
CA LEU B 31 -22.94 -19.13 33.45
C LEU B 31 -24.43 -18.80 33.35
N PHE B 32 -24.87 -18.28 32.22
CA PHE B 32 -26.29 -18.00 32.03
C PHE B 32 -27.10 -19.29 32.09
N LEU B 33 -26.62 -20.35 31.44
CA LEU B 33 -27.34 -21.62 31.45
C LEU B 33 -27.41 -22.21 32.86
N GLN B 34 -26.31 -22.10 33.62
CA GLN B 34 -26.32 -22.61 34.99
C GLN B 34 -27.33 -21.86 35.85
N ALA B 35 -27.46 -20.55 35.62
CA ALA B 35 -28.41 -19.75 36.39
C ALA B 35 -29.85 -20.22 36.15
N GLN B 36 -30.21 -20.43 34.89
CA GLN B 36 -31.57 -20.86 34.56
C GLN B 36 -31.90 -22.19 35.22
N ASP B 37 -30.98 -23.15 35.14
CA ASP B 37 -31.15 -24.46 35.76
C ASP B 37 -29.74 -25.00 36.00
N SER B 38 -29.47 -25.43 37.24
CA SER B 38 -28.12 -25.80 37.65
C SER B 38 -27.88 -27.30 37.69
N GLU B 39 -28.83 -28.11 37.23
CA GLU B 39 -28.66 -29.55 37.21
C GLU B 39 -28.95 -30.21 35.88
N LYS B 40 -29.63 -29.54 34.94
CA LYS B 40 -29.83 -30.09 33.62
C LYS B 40 -28.58 -29.90 32.77
N ASP B 41 -28.27 -30.92 31.96
CA ASP B 41 -27.02 -30.94 31.21
C ASP B 41 -26.95 -29.79 30.20
N ILE B 42 -25.71 -29.46 29.81
CA ILE B 42 -25.42 -28.51 28.76
C ILE B 42 -24.66 -29.25 27.67
N TYR B 43 -24.89 -28.85 26.42
CA TYR B 43 -24.28 -29.50 25.27
C TYR B 43 -23.43 -28.49 24.51
N LEU B 44 -22.14 -28.77 24.42
CA LEU B 44 -21.18 -27.90 23.75
C LEU B 44 -20.74 -28.58 22.46
N TYR B 45 -21.26 -28.11 21.33
CA TYR B 45 -20.77 -28.57 20.04
C TYR B 45 -19.47 -27.84 19.71
N ILE B 46 -18.49 -28.58 19.19
CA ILE B 46 -17.17 -28.04 18.94
C ILE B 46 -16.80 -28.29 17.49
N ASN B 47 -16.60 -27.20 16.73
CA ASN B 47 -16.01 -27.23 15.40
C ASN B 47 -15.00 -26.09 15.37
N SER B 48 -13.77 -26.36 15.81
CA SER B 48 -12.82 -25.29 16.05
C SER B 48 -11.41 -25.70 15.67
N PRO B 49 -10.65 -24.80 15.04
CA PRO B 49 -9.24 -25.09 14.74
C PRO B 49 -8.28 -24.78 15.87
N GLY B 50 -8.78 -24.31 17.01
CA GLY B 50 -7.93 -23.96 18.14
C GLY B 50 -7.93 -22.47 18.42
N GLY B 51 -6.91 -22.04 19.15
CA GLY B 51 -6.76 -20.62 19.45
C GLY B 51 -5.91 -20.40 20.69
N SER B 52 -6.19 -19.29 21.37
CA SER B 52 -5.36 -18.84 22.47
C SER B 52 -5.46 -19.78 23.67
N VAL B 53 -4.32 -20.01 24.34
CA VAL B 53 -4.30 -20.93 25.48
C VAL B 53 -5.10 -20.36 26.65
N THR B 54 -4.89 -19.08 26.97
CA THR B 54 -5.59 -18.49 28.12
C THR B 54 -7.08 -18.38 27.85
N ALA B 55 -7.47 -18.01 26.63
CA ALA B 55 -8.88 -18.04 26.27
C ALA B 55 -9.45 -19.45 26.40
N GLY B 56 -8.69 -20.45 25.95
CA GLY B 56 -9.13 -21.83 26.13
C GLY B 56 -9.28 -22.21 27.59
N PHE B 57 -8.38 -21.73 28.44
CA PHE B 57 -8.48 -22.05 29.86
C PHE B 57 -9.64 -21.32 30.53
N ALA B 58 -9.99 -20.13 30.03
CA ALA B 58 -11.19 -19.47 30.52
C ALA B 58 -12.41 -20.37 30.35
N ILE B 59 -12.52 -21.02 29.19
CA ILE B 59 -13.65 -21.93 28.97
C ILE B 59 -13.48 -23.20 29.77
N TYR B 60 -12.26 -23.75 29.79
CA TYR B 60 -12.02 -25.00 30.52
C TYR B 60 -12.43 -24.87 31.98
N ASP B 61 -11.88 -23.87 32.67
CA ASP B 61 -12.14 -23.73 34.10
C ASP B 61 -13.61 -23.47 34.39
N THR B 62 -14.30 -22.74 33.51
CA THR B 62 -15.73 -22.53 33.71
C THR B 62 -16.50 -23.83 33.59
N ILE B 63 -16.10 -24.70 32.65
CA ILE B 63 -16.76 -25.99 32.48
C ILE B 63 -16.62 -26.81 33.75
N GLN B 64 -15.42 -26.88 34.30
CA GLN B 64 -15.20 -27.65 35.52
C GLN B 64 -15.88 -27.01 36.73
N HIS B 65 -16.08 -25.70 36.71
CA HIS B 65 -16.57 -25.03 37.91
C HIS B 65 -18.07 -25.17 38.09
N ILE B 66 -18.84 -25.01 37.02
CA ILE B 66 -20.29 -24.97 37.14
C ILE B 66 -20.82 -26.33 37.58
N LYS B 67 -22.05 -26.37 38.06
CA LYS B 67 -22.64 -27.60 38.56
C LYS B 67 -23.08 -28.55 37.44
N PRO B 68 -23.79 -28.09 36.40
CA PRO B 68 -24.27 -29.03 35.37
C PRO B 68 -23.14 -29.73 34.64
N ASP B 69 -23.39 -30.98 34.26
CA ASP B 69 -22.51 -31.69 33.35
C ASP B 69 -22.48 -30.96 32.01
N VAL B 70 -21.30 -30.90 31.40
CA VAL B 70 -21.14 -30.30 30.09
C VAL B 70 -20.73 -31.41 29.12
N GLN B 71 -21.64 -31.77 28.22
CA GLN B 71 -21.32 -32.72 27.16
C GLN B 71 -20.62 -32.00 26.02
N THR B 72 -19.60 -32.63 25.47
CA THR B 72 -18.85 -32.10 24.34
C THR B 72 -19.04 -33.00 23.13
N ILE B 73 -19.31 -32.40 21.98
CA ILE B 73 -19.58 -33.13 20.74
C ILE B 73 -18.77 -32.49 19.63
N CYS B 74 -17.75 -33.19 19.14
CA CYS B 74 -16.97 -32.72 18.00
C CYS B 74 -17.72 -33.01 16.70
N ILE B 75 -17.99 -31.96 15.94
CA ILE B 75 -18.46 -32.07 14.56
C ILE B 75 -17.41 -31.45 13.67
N GLY B 76 -17.07 -32.12 12.58
CA GLY B 76 -16.08 -31.59 11.66
C GLY B 76 -14.65 -31.70 12.15
N MET B 77 -14.27 -30.93 13.17
CA MET B 77 -12.87 -30.88 13.57
C MET B 77 -12.72 -30.23 14.93
N ALA B 78 -11.90 -30.85 15.77
CA ALA B 78 -11.44 -30.27 17.04
C ALA B 78 -9.93 -30.36 17.03
N ALA B 79 -9.27 -29.24 16.77
CA ALA B 79 -7.82 -29.20 16.66
C ALA B 79 -7.25 -28.31 17.75
N SER B 80 -6.10 -28.71 18.29
CA SER B 80 -5.33 -27.89 19.23
C SER B 80 -6.18 -27.61 20.46
N MET B 81 -6.37 -26.35 20.86
CA MET B 81 -7.20 -26.05 22.01
C MET B 81 -8.63 -26.54 21.83
N GLY B 82 -9.07 -26.74 20.58
CA GLY B 82 -10.39 -27.33 20.36
C GLY B 82 -10.47 -28.76 20.86
N SER B 83 -9.42 -29.55 20.62
CA SER B 83 -9.40 -30.92 21.12
C SER B 83 -9.17 -30.95 22.63
N PHE B 84 -8.45 -29.96 23.17
CA PHE B 84 -8.29 -29.86 24.61
C PHE B 84 -9.64 -29.66 25.28
N LEU B 85 -10.49 -28.81 24.71
CA LEU B 85 -11.82 -28.57 25.28
C LEU B 85 -12.77 -29.73 25.01
N LEU B 86 -12.59 -30.44 23.90
CA LEU B 86 -13.34 -31.66 23.65
C LEU B 86 -13.10 -32.67 24.77
N ALA B 87 -11.84 -32.91 25.10
CA ALA B 87 -11.50 -33.83 26.18
C ALA B 87 -11.93 -33.32 27.55
N ALA B 88 -12.35 -32.07 27.66
CA ALA B 88 -12.70 -31.48 28.95
C ALA B 88 -14.13 -31.75 29.36
N GLY B 89 -14.96 -32.30 28.48
CA GLY B 89 -16.34 -32.56 28.83
C GLY B 89 -16.48 -33.59 29.93
N ALA B 90 -17.70 -33.65 30.47
CA ALA B 90 -18.04 -34.66 31.47
C ALA B 90 -17.64 -36.04 30.98
N LYS B 91 -16.84 -36.73 31.78
CA LYS B 91 -16.38 -38.07 31.40
C LYS B 91 -17.57 -38.99 31.18
N GLY B 92 -17.50 -39.79 30.13
CA GLY B 92 -18.64 -40.55 29.67
C GLY B 92 -19.57 -39.80 28.75
N LYS B 93 -19.39 -38.48 28.61
CA LYS B 93 -20.27 -37.65 27.79
C LYS B 93 -19.46 -36.80 26.82
N ARG B 94 -18.38 -37.36 26.27
CA ARG B 94 -17.56 -36.70 25.27
C ARG B 94 -17.67 -37.51 23.98
N PHE B 95 -18.13 -36.86 22.91
CA PHE B 95 -18.47 -37.55 21.69
C PHE B 95 -17.84 -36.87 20.48
N ALA B 96 -17.76 -37.63 19.39
CA ALA B 96 -17.42 -37.09 18.08
C ALA B 96 -18.29 -37.79 17.04
N LEU B 97 -18.60 -37.06 15.97
CA LEU B 97 -19.31 -37.65 14.84
C LEU B 97 -18.33 -38.50 14.02
N PRO B 98 -18.85 -39.49 13.28
CA PRO B 98 -17.95 -40.52 12.72
C PRO B 98 -16.85 -40.00 11.82
N ASN B 99 -17.07 -38.89 11.09
CA ASN B 99 -16.07 -38.36 10.18
C ASN B 99 -15.36 -37.13 10.72
N ALA B 100 -15.62 -36.77 11.98
CA ALA B 100 -14.89 -35.67 12.60
C ALA B 100 -13.40 -36.00 12.68
N GLU B 101 -12.58 -34.97 12.61
CA GLU B 101 -11.13 -35.12 12.79
C GLU B 101 -10.71 -34.43 14.08
N VAL B 102 -9.73 -35.03 14.74
CA VAL B 102 -9.17 -34.47 15.97
C VAL B 102 -7.67 -34.34 15.79
N MET B 103 -7.11 -33.22 16.23
CA MET B 103 -5.68 -32.97 16.07
C MET B 103 -5.12 -32.41 17.38
N ILE B 104 -3.99 -32.96 17.80
CA ILE B 104 -3.28 -32.49 18.98
C ILE B 104 -1.87 -32.12 18.56
N HIS B 105 -1.34 -31.08 19.18
CA HIS B 105 0.06 -30.70 18.99
C HIS B 105 0.46 -29.75 20.12
N GLN B 106 1.75 -29.48 20.19
CA GLN B 106 2.31 -28.65 21.24
C GLN B 106 2.04 -27.17 21.00
N PRO B 107 2.12 -26.34 22.04
CA PRO B 107 1.83 -24.92 21.86
C PRO B 107 2.83 -24.23 20.94
N LEU B 108 2.40 -23.10 20.41
CA LEU B 108 3.22 -22.26 19.56
C LEU B 108 3.18 -20.83 20.08
N GLY B 109 4.22 -20.09 19.79
CA GLY B 109 4.28 -18.71 20.23
C GLY B 109 5.42 -17.98 19.56
N GLY B 110 5.75 -16.82 20.13
CA GLY B 110 6.82 -16.00 19.61
C GLY B 110 7.38 -15.13 20.71
N ALA B 111 8.63 -14.72 20.51
CA ALA B 111 9.32 -13.88 21.48
C ALA B 111 10.35 -13.04 20.77
N GLN B 112 10.46 -11.78 21.20
CA GLN B 112 11.39 -10.82 20.63
C GLN B 112 11.95 -9.94 21.74
N GLY B 113 13.22 -9.58 21.62
CA GLY B 113 13.81 -8.62 22.52
C GLY B 113 15.15 -9.09 23.02
N GLN B 114 15.49 -8.62 24.23
CA GLN B 114 16.76 -8.96 24.85
C GLN B 114 16.80 -10.43 25.21
N ALA B 115 18.02 -10.95 25.38
CA ALA B 115 18.21 -12.34 25.77
C ALA B 115 17.40 -12.70 27.01
N THR B 116 17.38 -11.81 28.01
CA THR B 116 16.62 -12.11 29.23
C THR B 116 15.12 -12.13 28.96
N GLU B 117 14.64 -11.28 28.05
CA GLU B 117 13.21 -11.31 27.72
C GLU B 117 12.84 -12.58 26.98
N ILE B 118 13.73 -13.04 26.08
CA ILE B 118 13.49 -14.27 25.35
C ILE B 118 13.51 -15.46 26.29
N GLU B 119 14.40 -15.44 27.29
CA GLU B 119 14.45 -16.50 28.29
C GLU B 119 13.15 -16.53 29.11
N ILE B 120 12.65 -15.36 29.50
CA ILE B 120 11.39 -15.31 30.24
C ILE B 120 10.25 -15.88 29.39
N ALA B 121 10.21 -15.53 28.11
CA ALA B 121 9.12 -16.00 27.26
C ALA B 121 9.23 -17.50 27.00
N ALA B 122 10.44 -18.00 26.75
CA ALA B 122 10.62 -19.43 26.55
C ALA B 122 10.24 -20.22 27.79
N ASN B 123 10.63 -19.73 28.97
CA ASN B 123 10.27 -20.40 30.22
C ASN B 123 8.75 -20.40 30.41
N HIS B 124 8.08 -19.34 29.97
CA HIS B 124 6.64 -19.27 30.16
C HIS B 124 5.92 -20.24 29.24
N ILE B 125 6.40 -20.41 28.00
CA ILE B 125 5.71 -21.30 27.09
C ILE B 125 6.02 -22.76 27.44
N LEU B 126 7.20 -23.05 27.96
CA LEU B 126 7.50 -24.41 28.40
C LEU B 126 6.67 -24.78 29.63
N LYS B 127 6.52 -23.83 30.56
CA LYS B 127 5.64 -24.06 31.70
C LYS B 127 4.20 -24.26 31.24
N THR B 128 3.77 -23.48 30.24
CA THR B 128 2.42 -23.62 29.72
C THR B 128 2.22 -24.98 29.07
N ARG B 129 3.25 -25.50 28.40
CA ARG B 129 3.14 -26.82 27.78
C ARG B 129 3.08 -27.93 28.82
N GLU B 130 3.95 -27.86 29.83
CA GLU B 130 3.89 -28.85 30.91
C GLU B 130 2.53 -28.85 31.59
N LYS B 131 1.93 -27.67 31.73
CA LYS B 131 0.62 -27.59 32.37
C LYS B 131 -0.46 -28.20 31.48
N LEU B 132 -0.40 -27.95 30.17
CA LEU B 132 -1.36 -28.55 29.26
C LEU B 132 -1.20 -30.06 29.21
N ASN B 133 0.05 -30.53 29.16
CA ASN B 133 0.31 -31.97 29.16
C ASN B 133 -0.26 -32.63 30.41
N ARG B 134 -0.02 -32.04 31.57
CA ARG B 134 -0.46 -32.66 32.82
C ARG B 134 -1.98 -32.76 32.88
N ILE B 135 -2.68 -31.72 32.38
CA ILE B 135 -4.14 -31.76 32.42
C ILE B 135 -4.68 -32.75 31.38
N LEU B 136 -4.11 -32.75 30.18
CA LEU B 136 -4.54 -33.72 29.17
C LEU B 136 -4.30 -35.15 29.65
N SER B 137 -3.18 -35.37 30.35
CA SER B 137 -2.92 -36.68 30.92
C SER B 137 -4.03 -37.09 31.89
N GLU B 138 -4.49 -36.15 32.71
CA GLU B 138 -5.56 -36.46 33.66
C GLU B 138 -6.90 -36.67 32.96
N ARG B 139 -7.14 -35.98 31.84
CA ARG B 139 -8.41 -36.11 31.14
C ARG B 139 -8.47 -37.35 30.25
N THR B 140 -7.32 -37.80 29.75
CA THR B 140 -7.27 -38.92 28.83
C THR B 140 -6.81 -40.22 29.46
N GLY B 141 -5.94 -40.17 30.47
CA GLY B 141 -5.28 -41.34 30.96
C GLY B 141 -3.96 -41.65 30.29
N GLN B 142 -3.57 -40.87 29.28
CA GLN B 142 -2.24 -41.01 28.73
C GLN B 142 -1.21 -40.49 29.73
N SER B 143 -0.02 -41.07 29.70
CA SER B 143 1.02 -40.53 30.57
C SER B 143 1.56 -39.23 29.99
N ILE B 144 2.11 -38.40 30.87
CA ILE B 144 2.64 -37.11 30.46
C ILE B 144 3.76 -37.29 29.43
N GLU B 145 4.64 -38.26 29.67
CA GLU B 145 5.73 -38.50 28.73
C GLU B 145 5.22 -38.93 27.36
N LYS B 146 4.08 -39.61 27.30
CA LYS B 146 3.54 -40.01 26.02
C LYS B 146 2.85 -38.84 25.32
N ILE B 147 2.10 -38.03 26.08
CA ILE B 147 1.55 -36.79 25.54
C ILE B 147 2.66 -35.94 24.93
N GLN B 148 3.78 -35.81 25.66
CA GLN B 148 4.89 -34.98 25.19
C GLN B 148 5.41 -35.46 23.84
N LYS B 149 5.53 -36.77 23.67
CA LYS B 149 6.05 -37.29 22.40
C LYS B 149 5.00 -37.23 21.29
N ASP B 150 3.74 -37.53 21.62
CA ASP B 150 2.68 -37.54 20.61
C ASP B 150 2.32 -36.16 20.10
N THR B 151 2.68 -35.10 20.83
CA THR B 151 2.36 -33.73 20.43
C THR B 151 3.58 -32.98 19.90
N ASP B 152 4.69 -33.68 19.69
CA ASP B 152 5.89 -33.01 19.17
C ASP B 152 5.61 -32.38 17.83
N ARG B 153 4.82 -33.04 16.99
CA ARG B 153 4.37 -32.49 15.72
C ARG B 153 2.87 -32.73 15.59
N ASP B 154 2.30 -32.19 14.52
CA ASP B 154 0.87 -32.32 14.28
C ASP B 154 0.47 -33.79 14.23
N ASN B 155 -0.56 -34.15 14.99
CA ASN B 155 -1.00 -35.53 15.17
C ASN B 155 -2.49 -35.59 14.89
N PHE B 156 -2.87 -36.02 13.69
CA PHE B 156 -4.26 -36.08 13.28
C PHE B 156 -4.84 -37.43 13.66
N LEU B 157 -6.03 -37.41 14.25
CA LEU B 157 -6.71 -38.63 14.69
C LEU B 157 -8.11 -38.69 14.11
N THR B 158 -8.49 -39.87 13.63
CA THR B 158 -9.89 -40.12 13.34
C THR B 158 -10.70 -40.14 14.65
N ALA B 159 -12.02 -40.13 14.50
CA ALA B 159 -12.89 -40.21 15.67
C ALA B 159 -12.61 -41.47 16.48
N GLU B 160 -12.47 -42.61 15.81
CA GLU B 160 -12.19 -43.86 16.50
C GLU B 160 -10.85 -43.80 17.21
N GLU B 161 -9.85 -43.20 16.57
CA GLU B 161 -8.54 -43.08 17.20
C GLU B 161 -8.62 -42.13 18.41
N ALA B 162 -9.43 -41.09 18.30
CA ALA B 162 -9.61 -40.17 19.42
C ALA B 162 -10.24 -40.88 20.61
N LYS B 163 -11.16 -41.82 20.36
CA LYS B 163 -11.75 -42.57 21.46
C LYS B 163 -10.72 -43.48 22.12
N GLU B 164 -9.97 -44.24 21.32
CA GLU B 164 -8.90 -45.06 21.87
C GLU B 164 -7.83 -44.24 22.53
N TYR B 165 -7.68 -42.97 22.13
CA TYR B 165 -6.75 -42.07 22.81
C TYR B 165 -7.28 -41.60 24.15
N GLY B 166 -8.59 -41.66 24.36
CA GLY B 166 -9.19 -41.12 25.56
C GLY B 166 -9.63 -39.67 25.47
N LEU B 167 -9.57 -39.06 24.28
CA LEU B 167 -10.06 -37.70 24.12
C LEU B 167 -11.59 -37.64 24.13
N ILE B 168 -12.24 -38.72 23.67
CA ILE B 168 -13.69 -38.84 23.73
C ILE B 168 -14.04 -40.20 24.30
N ASP B 169 -15.32 -40.37 24.62
CA ASP B 169 -15.82 -41.63 25.16
C ASP B 169 -16.53 -42.50 24.13
N GLU B 170 -17.20 -41.90 23.14
CA GLU B 170 -17.97 -42.65 22.17
C GLU B 170 -17.98 -41.91 20.83
N VAL B 171 -17.92 -42.67 19.75
CA VAL B 171 -18.24 -42.16 18.43
C VAL B 171 -19.76 -42.26 18.26
N MET B 172 -20.39 -41.13 17.96
CA MET B 172 -21.84 -41.10 17.84
C MET B 172 -22.25 -41.70 16.50
N VAL B 173 -23.02 -42.78 16.56
CA VAL B 173 -23.50 -43.48 15.36
C VAL B 173 -24.90 -42.97 15.03
N PRO B 174 -25.35 -43.08 13.79
CA PRO B 174 -26.71 -42.63 13.47
C PRO B 174 -27.76 -43.45 14.20
N GLU B 175 -28.81 -42.79 14.71
CA GLU B 175 -29.03 -41.33 14.69
C GLU B 175 -30.16 -40.94 15.65
N ASP C 1 -37.17 -11.75 7.55
CA ASP C 1 -36.16 -12.22 6.61
C ASP C 1 -36.68 -13.43 5.85
N ILE C 2 -36.32 -13.51 4.56
CA ILE C 2 -36.95 -14.49 3.68
C ILE C 2 -36.54 -15.91 4.05
N TYR C 3 -35.30 -16.09 4.52
CA TYR C 3 -34.83 -17.44 4.79
C TYR C 3 -35.51 -18.04 6.01
N SER C 4 -35.95 -17.21 6.94
CA SER C 4 -36.64 -17.70 8.12
C SER C 4 -38.06 -18.16 7.81
N ARG C 5 -38.73 -17.51 6.86
CA ARG C 5 -40.03 -18.02 6.42
C ARG C 5 -39.87 -19.34 5.70
N LEU C 6 -38.81 -19.48 4.91
CA LEU C 6 -38.55 -20.75 4.23
C LEU C 6 -38.22 -21.85 5.24
N LEU C 7 -37.57 -21.49 6.35
CA LEU C 7 -37.24 -22.49 7.36
C LEU C 7 -38.50 -23.13 7.95
N LYS C 8 -39.59 -22.37 8.00
CA LYS C 8 -40.84 -22.93 8.53
C LYS C 8 -41.46 -23.93 7.57
N ASP C 9 -41.09 -23.87 6.28
CA ASP C 9 -41.40 -24.94 5.34
C ASP C 9 -40.31 -26.01 5.32
N ARG C 10 -39.40 -25.99 6.30
CA ARG C 10 -38.33 -26.98 6.42
C ARG C 10 -37.36 -26.91 5.23
N ILE C 11 -37.07 -25.70 4.77
CA ILE C 11 -36.19 -25.47 3.64
C ILE C 11 -34.91 -24.80 4.14
N ILE C 12 -33.77 -25.40 3.84
CA ILE C 12 -32.47 -24.84 4.18
C ILE C 12 -31.74 -24.52 2.88
N MET C 13 -31.28 -23.28 2.75
CA MET C 13 -30.51 -22.85 1.59
C MET C 13 -29.03 -22.86 1.96
N LEU C 14 -28.26 -23.69 1.25
CA LEU C 14 -26.81 -23.63 1.30
C LEU C 14 -26.36 -22.95 0.02
N GLY C 15 -26.12 -21.64 0.10
CA GLY C 15 -25.86 -20.87 -1.10
C GLY C 15 -24.56 -20.11 -1.11
N SER C 16 -23.52 -20.66 -0.49
CA SER C 16 -22.25 -19.97 -0.43
C SER C 16 -21.11 -20.97 -0.27
N GLN C 17 -19.90 -20.44 -0.29
CA GLN C 17 -18.71 -21.18 0.10
C GLN C 17 -18.92 -21.82 1.47
N ILE C 18 -18.35 -23.00 1.66
CA ILE C 18 -18.54 -23.77 2.89
C ILE C 18 -17.32 -23.55 3.77
N ASP C 19 -17.44 -22.63 4.72
CA ASP C 19 -16.47 -22.50 5.80
C ASP C 19 -17.13 -22.93 7.10
N ASP C 20 -16.46 -22.64 8.22
CA ASP C 20 -16.96 -23.10 9.52
C ASP C 20 -18.22 -22.35 9.93
N ASN C 21 -18.28 -21.04 9.65
CA ASN C 21 -19.48 -20.27 9.97
C ASN C 21 -20.69 -20.82 9.24
N VAL C 22 -20.55 -21.09 7.94
CA VAL C 22 -21.66 -21.63 7.16
C VAL C 22 -22.02 -23.02 7.65
N ALA C 23 -21.02 -23.86 7.92
CA ALA C 23 -21.27 -25.22 8.39
C ALA C 23 -22.04 -25.21 9.71
N ASN C 24 -21.67 -24.32 10.63
CA ASN C 24 -22.36 -24.27 11.91
C ASN C 24 -23.79 -23.74 11.77
N SER C 25 -24.01 -22.80 10.85
CA SER C 25 -25.37 -22.36 10.57
C SER C 25 -26.23 -23.50 10.03
N ILE C 26 -25.71 -24.22 9.03
CA ILE C 26 -26.46 -25.32 8.43
C ILE C 26 -26.73 -26.42 9.46
N VAL C 27 -25.70 -26.80 10.21
CA VAL C 27 -25.87 -27.82 11.26
C VAL C 27 -26.93 -27.39 12.26
N SER C 28 -26.87 -26.13 12.69
CA SER C 28 -27.86 -25.61 13.64
C SER C 28 -29.27 -25.71 13.09
N GLN C 29 -29.44 -25.44 11.79
CA GLN C 29 -30.76 -25.49 11.17
C GLN C 29 -31.28 -26.92 11.04
N LEU C 30 -30.38 -27.88 10.77
CA LEU C 30 -30.80 -29.27 10.72
C LEU C 30 -31.24 -29.76 12.09
N LEU C 31 -30.45 -29.46 13.12
CA LEU C 31 -30.81 -29.85 14.49
C LEU C 31 -32.14 -29.24 14.88
N PHE C 32 -32.29 -27.93 14.65
CA PHE C 32 -33.53 -27.24 14.98
C PHE C 32 -34.72 -27.87 14.27
N LEU C 33 -34.58 -28.16 12.98
CA LEU C 33 -35.69 -28.74 12.23
C LEU C 33 -36.04 -30.14 12.76
N GLN C 34 -35.03 -30.95 13.09
CA GLN C 34 -35.30 -32.27 13.66
C GLN C 34 -36.03 -32.16 14.99
N ALA C 35 -35.71 -31.12 15.78
CA ALA C 35 -36.36 -30.96 17.07
C ALA C 35 -37.84 -30.63 16.92
N GLN C 36 -38.17 -29.77 15.97
CA GLN C 36 -39.57 -29.41 15.76
C GLN C 36 -40.40 -30.60 15.30
N ASP C 37 -39.85 -31.39 14.39
CA ASP C 37 -40.49 -32.60 13.91
C ASP C 37 -39.37 -33.53 13.45
N SER C 38 -39.36 -34.76 13.97
CA SER C 38 -38.28 -35.69 13.70
C SER C 38 -38.59 -36.67 12.58
N GLU C 39 -39.75 -36.56 11.93
CA GLU C 39 -40.09 -37.47 10.85
C GLU C 39 -40.38 -36.79 9.52
N LYS C 40 -40.70 -35.49 9.51
CA LYS C 40 -40.99 -34.81 8.25
C LYS C 40 -39.70 -34.42 7.54
N ASP C 41 -39.72 -34.54 6.21
CA ASP C 41 -38.52 -34.36 5.39
C ASP C 41 -37.95 -32.94 5.53
N ILE C 42 -36.68 -32.81 5.19
CA ILE C 42 -35.98 -31.53 5.12
C ILE C 42 -35.46 -31.35 3.70
N TYR C 43 -35.45 -30.11 3.23
CA TYR C 43 -35.05 -29.81 1.86
C TYR C 43 -33.83 -28.89 1.90
N LEU C 44 -32.71 -29.38 1.39
CA LEU C 44 -31.45 -28.65 1.38
C LEU C 44 -31.12 -28.24 -0.06
N TYR C 45 -31.34 -26.98 -0.37
CA TYR C 45 -30.98 -26.43 -1.67
C TYR C 45 -29.49 -26.10 -1.68
N ILE C 46 -28.78 -26.53 -2.73
CA ILE C 46 -27.33 -26.41 -2.79
C ILE C 46 -26.94 -25.59 -4.01
N ASN C 47 -26.36 -24.42 -3.76
CA ASN C 47 -25.72 -23.59 -4.78
C ASN C 47 -24.40 -23.14 -4.17
N SER C 48 -23.35 -23.94 -4.38
CA SER C 48 -22.10 -23.72 -3.66
C SER C 48 -20.87 -24.08 -4.49
N PRO C 49 -19.83 -23.25 -4.46
CA PRO C 49 -18.58 -23.59 -5.15
C PRO C 49 -17.70 -24.56 -4.38
N GLY C 50 -18.11 -24.96 -3.18
CA GLY C 50 -17.33 -25.87 -2.36
C GLY C 50 -16.80 -25.21 -1.10
N GLY C 51 -15.74 -25.78 -0.53
CA GLY C 51 -15.15 -25.17 0.65
C GLY C 51 -14.34 -26.19 1.45
N SER C 52 -14.36 -26.00 2.77
CA SER C 52 -13.50 -26.75 3.67
C SER C 52 -13.99 -28.18 3.84
N VAL C 53 -13.06 -29.13 3.83
CA VAL C 53 -13.41 -30.54 3.99
C VAL C 53 -14.04 -30.79 5.36
N THR C 54 -13.39 -30.29 6.42
CA THR C 54 -13.91 -30.55 7.77
C THR C 54 -15.25 -29.87 7.98
N ALA C 55 -15.41 -28.65 7.46
CA ALA C 55 -16.71 -27.99 7.55
C ALA C 55 -17.76 -28.77 6.78
N GLY C 56 -17.40 -29.30 5.62
CA GLY C 56 -18.32 -30.13 4.86
C GLY C 56 -18.70 -31.41 5.59
N PHE C 57 -17.73 -32.01 6.29
CA PHE C 57 -18.04 -33.23 7.03
C PHE C 57 -18.90 -32.95 8.25
N ALA C 58 -18.82 -31.73 8.80
CA ALA C 58 -19.76 -31.33 9.85
C ALA C 58 -21.19 -31.41 9.34
N ILE C 59 -21.44 -30.92 8.12
CA ILE C 59 -22.77 -31.00 7.54
C ILE C 59 -23.11 -32.44 7.16
N TYR C 60 -22.15 -33.13 6.53
CA TYR C 60 -22.39 -34.50 6.09
C TYR C 60 -22.80 -35.39 7.25
N ASP C 61 -22.00 -35.38 8.32
CA ASP C 61 -22.29 -36.26 9.46
C ASP C 61 -23.60 -35.88 10.14
N THR C 62 -23.94 -34.59 10.17
CA THR C 62 -25.22 -34.19 10.73
C THR C 62 -26.38 -34.68 9.87
N ILE C 63 -26.20 -34.70 8.55
CA ILE C 63 -27.25 -35.19 7.67
C ILE C 63 -27.52 -36.66 7.93
N GLN C 64 -26.46 -37.48 7.95
CA GLN C 64 -26.63 -38.90 8.25
C GLN C 64 -27.13 -39.11 9.68
N HIS C 65 -26.87 -38.16 10.59
CA HIS C 65 -27.15 -38.40 12.01
C HIS C 65 -28.48 -37.83 12.50
N ILE C 66 -29.34 -37.32 11.64
CA ILE C 66 -30.69 -36.96 12.08
C ILE C 66 -31.66 -38.00 11.55
N LYS C 67 -32.79 -38.15 12.23
CA LYS C 67 -33.80 -39.11 11.78
C LYS C 67 -34.44 -38.71 10.45
N PRO C 68 -34.90 -37.48 10.25
CA PRO C 68 -35.61 -37.16 9.01
C PRO C 68 -34.74 -37.25 7.77
N ASP C 69 -35.36 -37.69 6.67
CA ASP C 69 -34.72 -37.69 5.37
C ASP C 69 -34.36 -36.28 4.96
N VAL C 70 -33.17 -36.11 4.39
CA VAL C 70 -32.73 -34.82 3.87
C VAL C 70 -32.65 -34.93 2.36
N GLN C 71 -33.57 -34.27 1.66
CA GLN C 71 -33.50 -34.14 0.22
C GLN C 71 -32.48 -33.07 -0.13
N THR C 72 -31.67 -33.33 -1.16
CA THR C 72 -30.73 -32.36 -1.69
C THR C 72 -31.15 -31.96 -3.10
N ILE C 73 -31.19 -30.65 -3.35
CA ILE C 73 -31.59 -30.10 -4.65
C ILE C 73 -30.52 -29.12 -5.08
N CYS C 74 -29.77 -29.46 -6.14
CA CYS C 74 -28.76 -28.57 -6.67
C CYS C 74 -29.41 -27.56 -7.61
N ILE C 75 -29.23 -26.28 -7.31
CA ILE C 75 -29.63 -25.19 -8.20
C ILE C 75 -28.38 -24.41 -8.56
N GLY C 76 -28.25 -24.06 -9.84
CA GLY C 76 -27.09 -23.34 -10.28
C GLY C 76 -25.85 -24.21 -10.40
N MET C 77 -25.22 -24.54 -9.28
CA MET C 77 -23.97 -25.28 -9.32
C MET C 77 -23.65 -25.89 -7.97
N ALA C 78 -23.21 -27.15 -8.00
CA ALA C 78 -22.65 -27.82 -6.84
C ALA C 78 -21.26 -28.31 -7.23
N ALA C 79 -20.22 -27.64 -6.73
CA ALA C 79 -18.85 -27.99 -7.07
C ALA C 79 -18.12 -28.44 -5.81
N SER C 80 -17.24 -29.42 -5.98
CA SER C 80 -16.25 -29.80 -4.97
C SER C 80 -16.99 -30.32 -3.75
N MET C 81 -16.80 -29.75 -2.55
CA MET C 81 -17.56 -30.22 -1.39
C MET C 81 -19.05 -29.95 -1.54
N GLY C 82 -19.43 -29.02 -2.41
CA GLY C 82 -20.84 -28.86 -2.73
C GLY C 82 -21.44 -30.10 -3.36
N SER C 83 -20.72 -30.68 -4.33
CA SER C 83 -21.23 -31.90 -4.98
C SER C 83 -21.13 -33.11 -4.06
N PHE C 84 -20.17 -33.10 -3.13
CA PHE C 84 -20.12 -34.18 -2.13
C PHE C 84 -21.37 -34.17 -1.28
N LEU C 85 -21.80 -32.99 -0.82
CA LEU C 85 -23.03 -32.90 -0.02
C LEU C 85 -24.27 -33.17 -0.86
N LEU C 86 -24.23 -32.86 -2.15
CA LEU C 86 -25.35 -33.20 -3.03
C LEU C 86 -25.55 -34.71 -3.09
N ALA C 87 -24.46 -35.46 -3.25
CA ALA C 87 -24.54 -36.91 -3.23
C ALA C 87 -24.92 -37.46 -1.86
N ALA C 88 -24.88 -36.63 -0.81
CA ALA C 88 -25.11 -37.08 0.55
C ALA C 88 -26.57 -37.13 0.94
N GLY C 89 -27.47 -36.58 0.11
CA GLY C 89 -28.88 -36.59 0.43
C GLY C 89 -29.44 -38.00 0.47
N ALA C 90 -30.64 -38.11 1.07
CA ALA C 90 -31.33 -39.38 1.14
C ALA C 90 -31.48 -39.98 -0.25
N LYS C 91 -31.06 -41.23 -0.40
CA LYS C 91 -31.10 -41.88 -1.71
C LYS C 91 -32.52 -41.96 -2.22
N GLY C 92 -32.68 -41.72 -3.52
CA GLY C 92 -33.98 -41.49 -4.12
C GLY C 92 -34.46 -40.06 -4.02
N LYS C 93 -33.83 -39.22 -3.20
CA LYS C 93 -34.26 -37.85 -2.97
C LYS C 93 -33.13 -36.85 -3.20
N ARG C 94 -32.28 -37.12 -4.19
CA ARG C 94 -31.21 -36.22 -4.59
C ARG C 94 -31.50 -35.73 -6.01
N PHE C 95 -31.66 -34.42 -6.16
CA PHE C 95 -32.12 -33.84 -7.42
C PHE C 95 -31.19 -32.73 -7.88
N ALA C 96 -31.32 -32.39 -9.16
CA ALA C 96 -30.70 -31.21 -9.74
C ALA C 96 -31.65 -30.63 -10.78
N LEU C 97 -31.71 -29.31 -10.83
CA LEU C 97 -32.50 -28.65 -11.86
C LEU C 97 -31.81 -28.83 -13.21
N PRO C 98 -32.57 -28.69 -14.32
CA PRO C 98 -32.05 -29.16 -15.62
C PRO C 98 -30.76 -28.49 -16.07
N ASN C 99 -30.53 -27.24 -15.69
CA ASN C 99 -29.36 -26.50 -16.15
C ASN C 99 -28.33 -26.29 -15.03
N ALA C 100 -28.48 -26.95 -13.89
CA ALA C 100 -27.45 -26.89 -12.86
C ALA C 100 -26.20 -27.62 -13.33
N GLU C 101 -25.05 -27.15 -12.86
CA GLU C 101 -23.77 -27.78 -13.15
C GLU C 101 -23.26 -28.50 -11.89
N VAL C 102 -22.63 -29.65 -12.10
CA VAL C 102 -22.00 -30.41 -11.02
C VAL C 102 -20.53 -30.57 -11.37
N MET C 103 -19.65 -30.24 -10.43
CA MET C 103 -18.22 -30.38 -10.64
C MET C 103 -17.60 -31.17 -9.49
N ILE C 104 -16.71 -32.10 -9.83
CA ILE C 104 -15.98 -32.90 -8.86
C ILE C 104 -14.49 -32.81 -9.17
N HIS C 105 -13.68 -32.78 -8.14
CA HIS C 105 -12.23 -32.79 -8.29
C HIS C 105 -11.60 -33.19 -6.95
N GLN C 106 -10.31 -33.44 -6.98
CA GLN C 106 -9.61 -33.91 -5.80
C GLN C 106 -9.32 -32.77 -4.83
N PRO C 107 -9.06 -33.08 -3.56
CA PRO C 107 -8.84 -32.01 -2.57
C PRO C 107 -7.56 -31.22 -2.85
N LEU C 108 -7.56 -29.98 -2.38
CA LEU C 108 -6.40 -29.10 -2.49
C LEU C 108 -5.98 -28.63 -1.12
N GLY C 109 -4.71 -28.27 -1.01
CA GLY C 109 -4.20 -27.78 0.26
C GLY C 109 -2.83 -27.17 0.10
N GLY C 110 -2.16 -26.99 1.24
CA GLY C 110 -0.83 -26.41 1.24
C GLY C 110 -0.04 -26.92 2.42
N ALA C 111 1.27 -26.74 2.34
CA ALA C 111 2.17 -27.20 3.39
C ALA C 111 3.45 -26.39 3.32
N GLN C 112 3.89 -25.89 4.47
CA GLN C 112 5.13 -25.12 4.58
C GLN C 112 5.89 -25.60 5.81
N GLY C 113 7.23 -25.60 5.70
CA GLY C 113 8.07 -25.91 6.84
C GLY C 113 9.11 -26.98 6.59
N GLN C 114 9.53 -27.65 7.67
CA GLN C 114 10.54 -28.69 7.57
C GLN C 114 10.03 -29.88 6.77
N ALA C 115 10.97 -30.69 6.29
CA ALA C 115 10.61 -31.88 5.52
C ALA C 115 9.64 -32.77 6.28
N THR C 116 9.87 -32.97 7.59
CA THR C 116 8.94 -33.82 8.35
C THR C 116 7.56 -33.20 8.46
N GLU C 117 7.48 -31.86 8.56
CA GLU C 117 6.17 -31.22 8.60
C GLU C 117 5.45 -31.36 7.25
N ILE C 118 6.19 -31.23 6.16
CA ILE C 118 5.58 -31.37 4.83
C ILE C 118 5.08 -32.80 4.64
N GLU C 119 5.81 -33.79 5.15
CA GLU C 119 5.38 -35.18 5.03
C GLU C 119 4.11 -35.43 5.84
N ILE C 120 4.02 -34.84 7.03
CA ILE C 120 2.81 -34.99 7.83
C ILE C 120 1.61 -34.41 7.10
N ALA C 121 1.77 -33.23 6.51
CA ALA C 121 0.66 -32.59 5.82
C ALA C 121 0.28 -33.38 4.56
N ALA C 122 1.27 -33.89 3.84
CA ALA C 122 0.98 -34.67 2.64
C ALA C 122 0.21 -35.94 2.97
N ASN C 123 0.65 -36.66 4.01
CA ASN C 123 -0.05 -37.88 4.40
C ASN C 123 -1.48 -37.58 4.82
N HIS C 124 -1.70 -36.45 5.50
CA HIS C 124 -3.04 -36.15 5.98
C HIS C 124 -3.98 -35.84 4.82
N ILE C 125 -3.49 -35.15 3.79
CA ILE C 125 -4.39 -34.82 2.68
C ILE C 125 -4.61 -36.05 1.79
N LEU C 126 -3.60 -36.92 1.65
CA LEU C 126 -3.81 -38.15 0.89
C LEU C 126 -4.82 -39.06 1.59
N LYS C 127 -4.73 -39.17 2.92
CA LYS C 127 -5.71 -39.93 3.68
C LYS C 127 -7.10 -39.31 3.56
N THR C 128 -7.18 -37.98 3.60
CA THR C 128 -8.45 -37.30 3.40
C THR C 128 -9.05 -37.63 2.04
N ARG C 129 -8.23 -37.61 0.99
CA ARG C 129 -8.74 -37.96 -0.34
C ARG C 129 -9.26 -39.39 -0.38
N GLU C 130 -8.52 -40.32 0.21
CA GLU C 130 -8.99 -41.71 0.25
C GLU C 130 -10.34 -41.81 0.94
N LYS C 131 -10.50 -41.18 2.10
CA LYS C 131 -11.76 -41.24 2.82
C LYS C 131 -12.91 -40.65 2.00
N LEU C 132 -12.66 -39.54 1.28
CA LEU C 132 -13.69 -38.96 0.44
C LEU C 132 -14.04 -39.89 -0.72
N ASN C 133 -13.01 -40.50 -1.34
CA ASN C 133 -13.25 -41.40 -2.46
C ASN C 133 -14.10 -42.58 -2.05
N ARG C 134 -13.86 -43.13 -0.86
CA ARG C 134 -14.61 -44.32 -0.42
C ARG C 134 -16.06 -43.99 -0.17
N ILE C 135 -16.34 -42.84 0.46
CA ILE C 135 -17.73 -42.45 0.70
C ILE C 135 -18.44 -42.20 -0.62
N LEU C 136 -17.84 -41.40 -1.49
CA LEU C 136 -18.45 -41.15 -2.80
C LEU C 136 -18.68 -42.43 -3.58
N SER C 137 -17.78 -43.41 -3.45
CA SER C 137 -18.00 -44.70 -4.08
C SER C 137 -19.27 -45.35 -3.54
N GLU C 138 -19.49 -45.27 -2.22
CA GLU C 138 -20.68 -45.86 -1.64
C GLU C 138 -21.95 -45.12 -2.05
N ARG C 139 -21.87 -43.79 -2.14
CA ARG C 139 -23.05 -42.98 -2.45
C ARG C 139 -23.42 -42.99 -3.92
N THR C 140 -22.47 -43.28 -4.82
CA THR C 140 -22.70 -43.18 -6.25
C THR C 140 -22.72 -44.52 -6.97
N GLY C 141 -22.23 -45.58 -6.35
CA GLY C 141 -22.14 -46.84 -7.06
C GLY C 141 -21.03 -46.90 -8.08
N GLN C 142 -20.07 -45.97 -8.01
CA GLN C 142 -18.87 -46.04 -8.83
C GLN C 142 -17.71 -46.59 -8.01
N SER C 143 -16.72 -47.15 -8.70
CA SER C 143 -15.57 -47.73 -8.03
C SER C 143 -14.61 -46.65 -7.55
N ILE C 144 -13.83 -46.99 -6.52
CA ILE C 144 -12.86 -46.06 -5.96
C ILE C 144 -11.88 -45.60 -7.03
N GLU C 145 -11.40 -46.54 -7.85
CA GLU C 145 -10.42 -46.20 -8.88
C GLU C 145 -11.01 -45.31 -9.96
N LYS C 146 -12.31 -45.45 -10.25
CA LYS C 146 -12.93 -44.55 -11.21
C LYS C 146 -13.10 -43.16 -10.63
N ILE C 147 -13.53 -43.07 -9.38
CA ILE C 147 -13.59 -41.77 -8.69
C ILE C 147 -12.22 -41.10 -8.70
N GLN C 148 -11.19 -41.88 -8.38
CA GLN C 148 -9.83 -41.34 -8.34
C GLN C 148 -9.43 -40.76 -9.69
N LYS C 149 -9.68 -41.50 -10.77
CA LYS C 149 -9.28 -41.03 -12.09
C LYS C 149 -10.14 -39.85 -12.54
N ASP C 150 -11.44 -39.89 -12.26
CA ASP C 150 -12.36 -38.84 -12.70
C ASP C 150 -12.23 -37.55 -11.91
N THR C 151 -11.51 -37.55 -10.78
CA THR C 151 -11.29 -36.33 -10.02
C THR C 151 -9.85 -35.85 -10.06
N ASP C 152 -9.00 -36.51 -10.86
CA ASP C 152 -7.61 -36.07 -10.98
C ASP C 152 -7.54 -34.60 -11.35
N ARG C 153 -8.46 -34.15 -12.21
CA ARG C 153 -8.57 -32.75 -12.58
C ARG C 153 -10.04 -32.36 -12.49
N ASP C 154 -10.29 -31.06 -12.62
CA ASP C 154 -11.66 -30.56 -12.60
C ASP C 154 -12.51 -31.30 -13.62
N ASN C 155 -13.68 -31.76 -13.19
CA ASN C 155 -14.55 -32.61 -14.00
C ASN C 155 -15.96 -32.02 -13.93
N PHE C 156 -16.37 -31.34 -14.99
CA PHE C 156 -17.66 -30.67 -15.03
C PHE C 156 -18.72 -31.60 -15.62
N LEU C 157 -19.86 -31.67 -14.96
CA LEU C 157 -20.94 -32.56 -15.35
C LEU C 157 -22.25 -31.80 -15.47
N THR C 158 -23.01 -32.08 -16.53
CA THR C 158 -24.38 -31.59 -16.60
C THR C 158 -25.25 -32.31 -15.57
N ALA C 159 -26.48 -31.84 -15.42
CA ALA C 159 -27.42 -32.51 -14.53
C ALA C 159 -27.66 -33.95 -14.96
N GLU C 160 -27.83 -34.18 -16.27
CA GLU C 160 -28.05 -35.54 -16.76
C GLU C 160 -26.83 -36.42 -16.53
N GLU C 161 -25.64 -35.88 -16.76
CA GLU C 161 -24.43 -36.65 -16.49
C GLU C 161 -24.27 -36.95 -15.01
N ALA C 162 -24.72 -36.04 -14.14
CA ALA C 162 -24.63 -36.28 -12.71
C ALA C 162 -25.55 -37.43 -12.30
N LYS C 163 -26.71 -37.55 -12.95
CA LYS C 163 -27.59 -38.68 -12.68
C LYS C 163 -26.97 -39.98 -13.16
N GLU C 164 -26.43 -39.97 -14.39
CA GLU C 164 -25.73 -41.16 -14.89
C GLU C 164 -24.57 -41.55 -13.98
N TYR C 165 -23.92 -40.56 -13.35
CA TYR C 165 -22.80 -40.85 -12.48
C TYR C 165 -23.23 -41.41 -11.13
N GLY C 166 -24.49 -41.19 -10.72
CA GLY C 166 -24.94 -41.60 -9.41
C GLY C 166 -24.89 -40.53 -8.35
N LEU C 167 -24.52 -39.29 -8.71
CA LEU C 167 -24.46 -38.21 -7.73
C LEU C 167 -25.85 -37.72 -7.35
N ILE C 168 -26.82 -37.86 -8.26
CA ILE C 168 -28.21 -37.54 -7.99
C ILE C 168 -29.08 -38.68 -8.51
N ASP C 169 -30.34 -38.67 -8.11
CA ASP C 169 -31.29 -39.68 -8.53
C ASP C 169 -32.17 -39.25 -9.70
N GLU C 170 -32.56 -37.98 -9.76
CA GLU C 170 -33.42 -37.48 -10.81
C GLU C 170 -33.03 -36.06 -11.19
N VAL C 171 -33.29 -35.72 -12.46
CA VAL C 171 -33.28 -34.33 -12.90
C VAL C 171 -34.70 -33.80 -12.74
N MET C 172 -34.86 -32.71 -12.00
CA MET C 172 -36.19 -32.21 -11.71
C MET C 172 -36.76 -31.48 -12.92
N VAL C 173 -37.88 -31.98 -13.42
CA VAL C 173 -38.57 -31.43 -14.59
C VAL C 173 -39.44 -30.27 -14.13
N PRO C 174 -39.79 -29.34 -15.01
CA PRO C 174 -40.91 -28.45 -14.72
C PRO C 174 -42.23 -29.23 -14.75
N GLU C 175 -43.04 -29.05 -13.71
CA GLU C 175 -42.81 -28.11 -12.61
C GLU C 175 -43.69 -28.46 -11.42
N ASP D 1 -39.05 -1.59 5.25
CA ASP D 1 -38.23 -1.48 4.05
C ASP D 1 -39.10 -1.57 2.80
N ILE D 2 -38.73 -0.82 1.76
CA ILE D 2 -39.61 -0.62 0.62
C ILE D 2 -39.78 -1.93 -0.18
N TYR D 3 -38.73 -2.73 -0.28
CA TYR D 3 -38.83 -3.96 -1.07
C TYR D 3 -39.73 -4.98 -0.39
N SER D 4 -39.78 -4.97 0.94
CA SER D 4 -40.74 -5.80 1.65
C SER D 4 -42.16 -5.48 1.22
N ARG D 5 -42.49 -4.19 1.15
CA ARG D 5 -43.84 -3.78 0.77
C ARG D 5 -44.18 -4.21 -0.65
N LEU D 6 -43.19 -4.19 -1.55
CA LEU D 6 -43.46 -4.60 -2.93
C LEU D 6 -43.57 -6.12 -3.05
N LEU D 7 -42.90 -6.86 -2.18
CA LEU D 7 -43.09 -8.32 -2.16
C LEU D 7 -44.52 -8.68 -1.80
N LYS D 8 -45.21 -7.81 -1.06
CA LYS D 8 -46.63 -8.02 -0.78
C LYS D 8 -47.45 -8.09 -2.07
N ASP D 9 -47.11 -7.24 -3.05
CA ASP D 9 -47.75 -7.26 -4.36
C ASP D 9 -47.09 -8.24 -5.31
N ARG D 10 -46.26 -9.16 -4.79
CA ARG D 10 -45.61 -10.20 -5.58
C ARG D 10 -44.61 -9.61 -6.58
N ILE D 11 -43.92 -8.55 -6.18
CA ILE D 11 -42.91 -7.89 -7.01
C ILE D 11 -41.53 -8.21 -6.45
N ILE D 12 -40.66 -8.73 -7.31
CA ILE D 12 -39.26 -8.96 -6.98
C ILE D 12 -38.42 -8.07 -7.87
N MET D 13 -37.49 -7.33 -7.28
CA MET D 13 -36.61 -6.45 -8.03
C MET D 13 -35.21 -7.04 -8.07
N LEU D 14 -34.76 -7.40 -9.28
CA LEU D 14 -33.38 -7.78 -9.53
C LEU D 14 -32.67 -6.53 -10.06
N GLY D 15 -32.02 -5.81 -9.17
CA GLY D 15 -31.44 -4.53 -9.57
C GLY D 15 -29.95 -4.43 -9.29
N SER D 16 -29.22 -5.53 -9.46
CA SER D 16 -27.79 -5.52 -9.19
C SER D 16 -27.11 -6.60 -10.01
N GLN D 17 -25.78 -6.62 -9.91
CA GLN D 17 -24.97 -7.69 -10.44
C GLN D 17 -25.43 -9.03 -9.87
N ILE D 18 -25.38 -10.07 -10.68
CA ILE D 18 -25.87 -11.39 -10.30
C ILE D 18 -24.70 -12.23 -9.81
N ASP D 19 -24.56 -12.35 -8.50
CA ASP D 19 -23.66 -13.33 -7.89
C ASP D 19 -24.49 -14.34 -7.12
N ASP D 20 -23.82 -15.16 -6.32
CA ASP D 20 -24.51 -16.24 -5.62
C ASP D 20 -25.43 -15.71 -4.53
N ASN D 21 -25.03 -14.65 -3.84
CA ASN D 21 -25.89 -14.03 -2.83
C ASN D 21 -27.20 -13.55 -3.46
N VAL D 22 -27.09 -12.77 -4.53
CA VAL D 22 -28.28 -12.24 -5.19
C VAL D 22 -29.17 -13.37 -5.70
N ALA D 23 -28.54 -14.37 -6.34
CA ALA D 23 -29.32 -15.48 -6.90
C ALA D 23 -30.09 -16.22 -5.81
N ASN D 24 -29.48 -16.41 -4.65
CA ASN D 24 -30.17 -17.11 -3.56
C ASN D 24 -31.30 -16.26 -2.98
N SER D 25 -31.14 -14.94 -2.98
CA SER D 25 -32.22 -14.07 -2.54
C SER D 25 -33.39 -14.13 -3.51
N ILE D 26 -33.10 -14.04 -4.82
CA ILE D 26 -34.15 -14.09 -5.82
C ILE D 26 -34.84 -15.45 -5.80
N VAL D 27 -34.06 -16.53 -5.72
CA VAL D 27 -34.63 -17.87 -5.70
C VAL D 27 -35.54 -18.04 -4.49
N SER D 28 -35.07 -17.62 -3.31
CA SER D 28 -35.87 -17.77 -2.11
C SER D 28 -37.13 -16.91 -2.16
N GLN D 29 -37.08 -15.77 -2.85
CA GLN D 29 -38.28 -14.95 -2.99
C GLN D 29 -39.29 -15.62 -3.92
N LEU D 30 -38.82 -16.27 -4.99
CA LEU D 30 -39.72 -16.99 -5.87
C LEU D 30 -40.41 -18.13 -5.13
N LEU D 31 -39.62 -18.95 -4.42
CA LEU D 31 -40.20 -20.06 -3.68
C LEU D 31 -41.18 -19.57 -2.63
N PHE D 32 -40.82 -18.52 -1.90
CA PHE D 32 -41.72 -17.95 -0.90
C PHE D 32 -43.01 -17.45 -1.55
N LEU D 33 -42.89 -16.80 -2.71
CA LEU D 33 -44.07 -16.30 -3.39
C LEU D 33 -44.94 -17.44 -3.91
N GLN D 34 -44.31 -18.52 -4.39
CA GLN D 34 -45.11 -19.66 -4.85
C GLN D 34 -45.82 -20.33 -3.68
N ALA D 35 -45.22 -20.31 -2.49
CA ALA D 35 -45.86 -20.94 -1.34
C ALA D 35 -47.11 -20.19 -0.91
N GLN D 36 -47.05 -18.86 -0.87
CA GLN D 36 -48.20 -18.05 -0.48
C GLN D 36 -49.36 -18.26 -1.45
N ASP D 37 -49.07 -18.30 -2.74
CA ASP D 37 -50.07 -18.53 -3.77
C ASP D 37 -49.33 -19.07 -4.99
N SER D 38 -49.78 -20.21 -5.49
CA SER D 38 -49.09 -20.90 -6.57
C SER D 38 -49.71 -20.64 -7.93
N GLU D 39 -50.70 -19.75 -8.02
CA GLU D 39 -51.34 -19.44 -9.29
C GLU D 39 -51.39 -17.94 -9.60
N LYS D 40 -51.14 -17.07 -8.63
CA LYS D 40 -51.01 -15.65 -8.91
C LYS D 40 -49.68 -15.34 -9.59
N ASP D 41 -49.70 -14.39 -10.51
CA ASP D 41 -48.51 -14.05 -11.27
C ASP D 41 -47.46 -13.36 -10.40
N ILE D 42 -46.20 -13.51 -10.80
CA ILE D 42 -45.06 -12.86 -10.14
C ILE D 42 -44.44 -11.90 -11.14
N TYR D 43 -43.95 -10.76 -10.63
CA TYR D 43 -43.36 -9.72 -11.46
C TYR D 43 -41.91 -9.53 -11.05
N LEU D 44 -40.99 -9.75 -11.99
CA LEU D 44 -39.56 -9.62 -11.76
C LEU D 44 -39.05 -8.44 -12.56
N TYR D 45 -38.74 -7.34 -11.88
CA TYR D 45 -38.13 -6.18 -12.52
C TYR D 45 -36.64 -6.41 -12.63
N ILE D 46 -36.08 -6.11 -13.81
CA ILE D 46 -34.68 -6.39 -14.10
C ILE D 46 -33.98 -5.08 -14.45
N ASN D 47 -32.95 -4.74 -13.66
CA ASN D 47 -32.01 -3.66 -13.96
C ASN D 47 -30.64 -4.18 -13.54
N SER D 48 -29.97 -4.89 -14.45
CA SER D 48 -28.79 -5.64 -14.08
C SER D 48 -27.74 -5.64 -15.18
N PRO D 49 -26.45 -5.45 -14.84
CA PRO D 49 -25.40 -5.56 -15.84
C PRO D 49 -24.96 -6.99 -16.10
N GLY D 50 -25.54 -7.97 -15.44
CA GLY D 50 -25.18 -9.36 -15.62
C GLY D 50 -24.51 -9.94 -14.39
N GLY D 51 -23.77 -11.02 -14.61
CA GLY D 51 -23.03 -11.67 -13.55
C GLY D 51 -22.75 -13.13 -13.88
N SER D 52 -22.64 -13.92 -12.81
CA SER D 52 -22.21 -15.31 -12.93
C SER D 52 -23.22 -16.14 -13.73
N VAL D 53 -22.71 -17.05 -14.55
CA VAL D 53 -23.59 -17.90 -15.35
C VAL D 53 -24.35 -18.88 -14.47
N THR D 54 -23.64 -19.56 -13.56
CA THR D 54 -24.31 -20.55 -12.71
C THR D 54 -25.30 -19.90 -11.77
N ALA D 55 -24.99 -18.71 -11.25
CA ALA D 55 -25.95 -17.99 -10.42
C ALA D 55 -27.17 -17.60 -11.25
N GLY D 56 -26.95 -17.21 -12.51
CA GLY D 56 -28.07 -16.90 -13.39
C GLY D 56 -28.93 -18.12 -13.67
N PHE D 57 -28.31 -19.28 -13.85
CA PHE D 57 -29.08 -20.48 -14.12
C PHE D 57 -29.86 -20.95 -12.90
N ALA D 58 -29.35 -20.65 -11.70
CA ALA D 58 -30.13 -20.89 -10.49
C ALA D 58 -31.47 -20.14 -10.55
N ILE D 59 -31.43 -18.89 -10.99
CA ILE D 59 -32.66 -18.11 -11.12
C ILE D 59 -33.49 -18.62 -12.30
N TYR D 60 -32.84 -18.88 -13.44
CA TYR D 60 -33.56 -19.34 -14.62
C TYR D 60 -34.36 -20.61 -14.33
N ASP D 61 -33.69 -21.64 -13.80
CA ASP D 61 -34.35 -22.91 -13.59
C ASP D 61 -35.45 -22.80 -12.54
N THR D 62 -35.30 -21.93 -11.55
CA THR D 62 -36.38 -21.71 -10.59
C THR D 62 -37.57 -21.05 -11.26
N ILE D 63 -37.32 -20.13 -12.19
CA ILE D 63 -38.41 -19.47 -12.91
C ILE D 63 -39.21 -20.49 -13.71
N GLN D 64 -38.52 -21.36 -14.44
CA GLN D 64 -39.24 -22.39 -15.20
C GLN D 64 -39.90 -23.44 -14.30
N HIS D 65 -39.39 -23.64 -13.07
CA HIS D 65 -39.86 -24.76 -12.26
C HIS D 65 -41.03 -24.42 -11.33
N ILE D 66 -41.34 -23.15 -11.11
CA ILE D 66 -42.46 -22.87 -10.22
C ILE D 66 -43.75 -22.84 -11.03
N LYS D 67 -44.88 -22.95 -10.33
CA LYS D 67 -46.17 -22.93 -11.03
C LYS D 67 -46.53 -21.56 -11.59
N PRO D 68 -46.42 -20.46 -10.84
CA PRO D 68 -46.89 -19.17 -11.36
C PRO D 68 -46.10 -18.67 -12.56
N ASP D 69 -46.81 -17.96 -13.43
CA ASP D 69 -46.17 -17.22 -14.51
C ASP D 69 -45.29 -16.13 -13.92
N VAL D 70 -44.08 -15.98 -14.45
CA VAL D 70 -43.16 -14.93 -14.01
C VAL D 70 -43.02 -13.95 -15.16
N GLN D 71 -43.59 -12.75 -14.98
CA GLN D 71 -43.40 -11.68 -15.93
C GLN D 71 -42.05 -11.01 -15.67
N THR D 72 -41.35 -10.67 -16.75
CA THR D 72 -40.08 -9.95 -16.66
C THR D 72 -40.24 -8.57 -17.27
N ILE D 73 -39.77 -7.54 -16.57
CA ILE D 73 -39.87 -6.16 -17.00
C ILE D 73 -38.48 -5.54 -16.88
N CYS D 74 -37.90 -5.18 -18.02
CA CYS D 74 -36.58 -4.55 -18.02
C CYS D 74 -36.73 -3.05 -17.85
N ILE D 75 -36.19 -2.52 -16.75
CA ILE D 75 -36.08 -1.09 -16.54
C ILE D 75 -34.60 -0.74 -16.53
N GLY D 76 -34.25 0.36 -17.20
CA GLY D 76 -32.86 0.76 -17.29
C GLY D 76 -32.05 -0.12 -18.21
N MET D 77 -31.71 -1.33 -17.79
CA MET D 77 -30.77 -2.14 -18.58
C MET D 77 -30.80 -3.60 -18.16
N ALA D 78 -30.79 -4.48 -19.15
CA ALA D 78 -30.60 -5.92 -18.95
C ALA D 78 -29.46 -6.32 -19.88
N ALA D 79 -28.27 -6.42 -19.34
CA ALA D 79 -27.08 -6.76 -20.11
C ALA D 79 -26.63 -8.18 -19.73
N SER D 80 -26.25 -8.94 -20.74
CA SER D 80 -25.54 -10.20 -20.55
C SER D 80 -26.49 -11.17 -19.83
N MET D 81 -26.12 -11.75 -18.68
CA MET D 81 -27.03 -12.66 -17.99
C MET D 81 -28.32 -11.96 -17.57
N GLY D 82 -28.31 -10.64 -17.43
CA GLY D 82 -29.55 -9.92 -17.18
C GLY D 82 -30.54 -10.04 -18.33
N SER D 83 -30.05 -9.94 -19.57
CA SER D 83 -30.94 -10.10 -20.72
C SER D 83 -31.36 -11.55 -20.91
N PHE D 84 -30.50 -12.49 -20.50
CA PHE D 84 -30.88 -13.90 -20.54
C PHE D 84 -32.08 -14.16 -19.63
N LEU D 85 -32.09 -13.57 -18.45
CA LEU D 85 -33.22 -13.73 -17.54
C LEU D 85 -34.44 -12.94 -18.00
N LEU D 86 -34.24 -11.83 -18.70
CA LEU D 86 -35.36 -11.12 -19.32
C LEU D 86 -36.09 -12.02 -20.31
N ALA D 87 -35.34 -12.65 -21.23
CA ALA D 87 -35.93 -13.55 -22.21
C ALA D 87 -36.53 -14.79 -21.59
N ALA D 88 -36.36 -14.99 -20.28
CA ALA D 88 -36.80 -16.20 -19.60
C ALA D 88 -38.18 -16.08 -18.97
N GLY D 89 -38.78 -14.88 -18.97
CA GLY D 89 -40.11 -14.73 -18.43
C GLY D 89 -41.14 -15.47 -19.24
N ALA D 90 -42.31 -15.68 -18.63
CA ALA D 90 -43.43 -16.32 -19.32
C ALA D 90 -43.67 -15.65 -20.66
N LYS D 91 -43.73 -16.46 -21.71
CA LYS D 91 -43.91 -15.91 -23.05
C LYS D 91 -45.23 -15.16 -23.14
N GLY D 92 -45.19 -14.01 -23.81
CA GLY D 92 -46.30 -13.08 -23.80
C GLY D 92 -46.28 -12.09 -22.65
N LYS D 93 -45.40 -12.29 -21.67
CA LYS D 93 -45.32 -11.42 -20.50
C LYS D 93 -43.90 -10.94 -20.24
N ARG D 94 -43.11 -10.73 -21.30
CA ARG D 94 -41.76 -10.20 -21.22
C ARG D 94 -41.77 -8.80 -21.80
N PHE D 95 -41.39 -7.81 -20.98
CA PHE D 95 -41.56 -6.40 -21.33
C PHE D 95 -40.25 -5.65 -21.14
N ALA D 96 -40.18 -4.48 -21.76
CA ALA D 96 -39.13 -3.51 -21.51
C ALA D 96 -39.72 -2.11 -21.61
N LEU D 97 -39.24 -1.22 -20.75
CA LEU D 97 -39.66 0.16 -20.80
C LEU D 97 -38.99 0.86 -22.00
N PRO D 98 -39.63 1.89 -22.55
CA PRO D 98 -39.25 2.37 -23.89
C PRO D 98 -37.79 2.77 -24.03
N ASN D 99 -37.13 3.20 -22.95
CA ASN D 99 -35.74 3.63 -23.03
C ASN D 99 -34.78 2.66 -22.37
N ALA D 100 -35.26 1.49 -21.95
CA ALA D 100 -34.37 0.46 -21.44
C ALA D 100 -33.41 0.02 -22.54
N GLU D 101 -32.20 -0.33 -22.14
CA GLU D 101 -31.22 -0.89 -23.05
C GLU D 101 -31.03 -2.37 -22.77
N VAL D 102 -30.87 -3.15 -23.83
CA VAL D 102 -30.60 -4.58 -23.74
C VAL D 102 -29.29 -4.85 -24.44
N MET D 103 -28.48 -5.72 -23.84
CA MET D 103 -27.19 -6.06 -24.42
C MET D 103 -26.96 -7.55 -24.28
N ILE D 104 -26.45 -8.16 -25.35
CA ILE D 104 -26.11 -9.58 -25.37
C ILE D 104 -24.69 -9.72 -25.86
N HIS D 105 -23.99 -10.72 -25.31
CA HIS D 105 -22.63 -11.05 -25.76
C HIS D 105 -22.29 -12.44 -25.22
N GLN D 106 -21.17 -12.97 -25.69
CA GLN D 106 -20.75 -14.32 -25.35
C GLN D 106 -20.10 -14.34 -23.97
N PRO D 107 -20.01 -15.52 -23.33
CA PRO D 107 -19.47 -15.57 -21.98
C PRO D 107 -17.99 -15.21 -21.92
N LEU D 108 -17.56 -14.79 -20.74
CA LEU D 108 -16.17 -14.45 -20.48
C LEU D 108 -15.69 -15.24 -19.28
N GLY D 109 -14.38 -15.44 -19.22
CA GLY D 109 -13.80 -16.15 -18.10
C GLY D 109 -12.29 -16.04 -18.13
N GLY D 110 -11.65 -16.93 -17.38
CA GLY D 110 -10.21 -16.99 -17.34
C GLY D 110 -9.74 -18.34 -16.88
N ALA D 111 -8.51 -18.68 -17.26
CA ALA D 111 -7.92 -19.95 -16.88
C ALA D 111 -6.43 -19.76 -16.66
N GLN D 112 -5.90 -20.46 -15.65
CA GLN D 112 -4.48 -20.41 -15.33
C GLN D 112 -3.99 -21.81 -14.99
N GLY D 113 -2.72 -22.06 -15.28
CA GLY D 113 -2.10 -23.32 -14.89
C GLY D 113 -1.55 -24.14 -16.05
N GLN D 114 -1.47 -25.45 -15.85
CA GLN D 114 -0.90 -26.34 -16.84
C GLN D 114 -1.76 -26.37 -18.10
N ALA D 115 -1.13 -26.76 -19.21
CA ALA D 115 -1.82 -26.87 -20.49
C ALA D 115 -3.11 -27.69 -20.39
N THR D 116 -3.07 -28.84 -19.70
CA THR D 116 -4.29 -29.64 -19.57
C THR D 116 -5.35 -28.92 -18.77
N GLU D 117 -4.96 -28.08 -17.82
CA GLU D 117 -5.96 -27.34 -17.04
C GLU D 117 -6.60 -26.24 -17.88
N ILE D 118 -5.82 -25.57 -18.73
CA ILE D 118 -6.39 -24.55 -19.60
C ILE D 118 -7.31 -25.19 -20.64
N GLU D 119 -6.98 -26.39 -21.12
CA GLU D 119 -7.87 -27.10 -22.04
C GLU D 119 -9.21 -27.44 -21.38
N ILE D 120 -9.18 -27.88 -20.12
CA ILE D 120 -10.41 -28.19 -19.41
C ILE D 120 -11.29 -26.96 -19.30
N ALA D 121 -10.70 -25.83 -18.91
CA ALA D 121 -11.48 -24.61 -18.74
C ALA D 121 -11.98 -24.07 -20.07
N ALA D 122 -11.15 -24.15 -21.12
CA ALA D 122 -11.60 -23.75 -22.44
C ALA D 122 -12.79 -24.60 -22.89
N ASN D 123 -12.71 -25.91 -22.70
CA ASN D 123 -13.81 -26.78 -23.07
C ASN D 123 -15.06 -26.45 -22.25
N HIS D 124 -14.88 -26.12 -20.98
CA HIS D 124 -16.06 -25.86 -20.13
C HIS D 124 -16.76 -24.58 -20.55
N ILE D 125 -16.01 -23.52 -20.85
CA ILE D 125 -16.66 -22.27 -21.22
C ILE D 125 -17.29 -22.38 -22.61
N LEU D 126 -16.67 -23.16 -23.49
CA LEU D 126 -17.25 -23.36 -24.81
C LEU D 126 -18.55 -24.14 -24.72
N LYS D 127 -18.57 -25.20 -23.90
CA LYS D 127 -19.81 -25.95 -23.67
C LYS D 127 -20.87 -25.04 -23.06
N THR D 128 -20.49 -24.17 -22.13
CA THR D 128 -21.44 -23.26 -21.52
C THR D 128 -22.03 -22.31 -22.56
N ARG D 129 -21.20 -21.79 -23.46
CA ARG D 129 -21.71 -20.92 -24.52
C ARG D 129 -22.71 -21.64 -25.40
N GLU D 130 -22.43 -22.91 -25.71
CA GLU D 130 -23.35 -23.67 -26.57
C GLU D 130 -24.69 -23.89 -25.88
N LYS D 131 -24.67 -24.18 -24.58
CA LYS D 131 -25.91 -24.34 -23.83
C LYS D 131 -26.68 -23.03 -23.76
N LEU D 132 -25.98 -21.92 -23.52
CA LEU D 132 -26.65 -20.62 -23.48
C LEU D 132 -27.26 -20.28 -24.83
N ASN D 133 -26.53 -20.55 -25.93
CA ASN D 133 -27.04 -20.26 -27.26
C ASN D 133 -28.27 -21.09 -27.57
N ARG D 134 -28.28 -22.37 -27.18
CA ARG D 134 -29.41 -23.23 -27.49
C ARG D 134 -30.67 -22.76 -26.76
N ILE D 135 -30.53 -22.39 -25.49
CA ILE D 135 -31.70 -21.95 -24.73
C ILE D 135 -32.22 -20.62 -25.26
N LEU D 136 -31.32 -19.69 -25.58
CA LEU D 136 -31.76 -18.40 -26.12
C LEU D 136 -32.42 -18.56 -27.49
N SER D 137 -31.92 -19.49 -28.29
CA SER D 137 -32.59 -19.82 -29.54
C SER D 137 -34.03 -20.24 -29.28
N GLU D 138 -34.26 -21.03 -28.25
CA GLU D 138 -35.61 -21.49 -27.94
C GLU D 138 -36.48 -20.37 -27.40
N ARG D 139 -35.89 -19.48 -26.58
CA ARG D 139 -36.67 -18.39 -25.99
C ARG D 139 -36.99 -17.29 -26.99
N THR D 140 -36.17 -17.12 -28.04
CA THR D 140 -36.34 -16.01 -28.97
C THR D 140 -36.87 -16.42 -30.33
N GLY D 141 -36.75 -17.70 -30.71
CA GLY D 141 -37.09 -18.11 -32.05
C GLY D 141 -36.00 -17.89 -33.07
N GLN D 142 -34.87 -17.32 -32.69
CA GLN D 142 -33.74 -17.17 -33.60
C GLN D 142 -32.94 -18.47 -33.64
N SER D 143 -32.20 -18.65 -34.73
CA SER D 143 -31.38 -19.83 -34.89
C SER D 143 -30.11 -19.72 -34.04
N ILE D 144 -29.57 -20.88 -33.66
CA ILE D 144 -28.33 -20.90 -32.88
C ILE D 144 -27.20 -20.26 -33.68
N GLU D 145 -27.18 -20.48 -35.00
CA GLU D 145 -26.16 -19.86 -35.83
C GLU D 145 -26.26 -18.34 -35.79
N LYS D 146 -27.47 -17.80 -35.71
CA LYS D 146 -27.62 -16.35 -35.63
C LYS D 146 -27.20 -15.82 -34.27
N ILE D 147 -27.59 -16.51 -33.19
CA ILE D 147 -27.16 -16.11 -31.85
C ILE D 147 -25.64 -16.07 -31.78
N GLN D 148 -24.98 -17.13 -32.28
CA GLN D 148 -23.53 -17.23 -32.20
C GLN D 148 -22.86 -16.01 -32.82
N LYS D 149 -23.33 -15.60 -34.00
CA LYS D 149 -22.68 -14.49 -34.68
C LYS D 149 -23.03 -13.14 -34.04
N ASP D 150 -24.26 -13.00 -33.54
CA ASP D 150 -24.69 -11.75 -32.91
C ASP D 150 -24.10 -11.53 -31.53
N THR D 151 -23.52 -12.56 -30.91
CA THR D 151 -22.93 -12.44 -29.59
C THR D 151 -21.40 -12.50 -29.63
N ASP D 152 -20.80 -12.46 -30.82
CA ASP D 152 -19.35 -12.49 -30.90
C ASP D 152 -18.73 -11.35 -30.13
N ARG D 153 -19.30 -10.15 -30.24
CA ARG D 153 -18.89 -9.00 -29.46
C ARG D 153 -20.14 -8.39 -28.83
N ASP D 154 -19.93 -7.35 -28.02
CA ASP D 154 -21.03 -6.62 -27.39
C ASP D 154 -22.04 -6.15 -28.43
N ASN D 155 -23.30 -6.47 -28.19
CA ASN D 155 -24.39 -6.18 -29.13
C ASN D 155 -25.49 -5.46 -28.35
N PHE D 156 -25.53 -4.14 -28.45
CA PHE D 156 -26.49 -3.33 -27.72
C PHE D 156 -27.76 -3.18 -28.53
N LEU D 157 -28.91 -3.33 -27.85
CA LEU D 157 -30.21 -3.29 -28.50
C LEU D 157 -31.14 -2.33 -27.78
N THR D 158 -31.91 -1.56 -28.56
CA THR D 158 -32.99 -0.77 -28.00
C THR D 158 -34.14 -1.70 -27.58
N ALA D 159 -35.07 -1.14 -26.80
CA ALA D 159 -36.27 -1.89 -26.42
C ALA D 159 -37.00 -2.42 -27.65
N GLU D 160 -37.10 -1.59 -28.69
CA GLU D 160 -37.79 -2.01 -29.91
C GLU D 160 -37.02 -3.14 -30.60
N GLU D 161 -35.69 -3.00 -30.69
CA GLU D 161 -34.89 -4.06 -31.30
C GLU D 161 -34.97 -5.36 -30.51
N ALA D 162 -35.03 -5.26 -29.18
CA ALA D 162 -35.17 -6.46 -28.36
C ALA D 162 -36.49 -7.17 -28.65
N LYS D 163 -37.55 -6.40 -28.95
CA LYS D 163 -38.82 -7.02 -29.31
C LYS D 163 -38.72 -7.71 -30.66
N GLU D 164 -38.15 -7.02 -31.65
CA GLU D 164 -37.93 -7.63 -32.96
C GLU D 164 -37.07 -8.89 -32.84
N TYR D 165 -36.12 -8.90 -31.89
CA TYR D 165 -35.22 -10.02 -31.75
C TYR D 165 -35.89 -11.24 -31.11
N GLY D 166 -36.96 -11.04 -30.35
CA GLY D 166 -37.60 -12.11 -29.62
C GLY D 166 -37.24 -12.17 -28.16
N LEU D 167 -36.39 -11.26 -27.66
CA LEU D 167 -36.03 -11.26 -26.26
C LEU D 167 -37.20 -10.82 -25.38
N ILE D 168 -38.01 -9.87 -25.87
CA ILE D 168 -39.21 -9.44 -25.17
C ILE D 168 -40.40 -9.56 -26.11
N ASP D 169 -41.59 -9.46 -25.52
CA ASP D 169 -42.84 -9.52 -26.28
C ASP D 169 -43.40 -8.14 -26.60
N GLU D 170 -43.33 -7.19 -25.67
CA GLU D 170 -43.90 -5.87 -25.90
C GLU D 170 -43.06 -4.79 -25.23
N VAL D 171 -42.97 -3.64 -25.88
CA VAL D 171 -42.47 -2.42 -25.25
C VAL D 171 -43.62 -1.80 -24.47
N MET D 172 -43.39 -1.55 -23.18
CA MET D 172 -44.43 -0.99 -22.31
C MET D 172 -44.57 0.50 -22.58
N VAL D 173 -45.77 0.93 -22.95
CA VAL D 173 -46.07 2.35 -23.13
C VAL D 173 -46.75 2.86 -21.88
N PRO D 174 -46.73 4.17 -21.60
CA PRO D 174 -47.59 4.71 -20.54
C PRO D 174 -49.05 4.59 -20.97
N GLU D 175 -49.94 4.45 -19.99
CA GLU D 175 -49.70 4.68 -18.58
C GLU D 175 -49.60 3.39 -17.76
N ASP E 1 -37.37 7.28 10.95
CA ASP E 1 -36.44 7.97 10.08
C ASP E 1 -37.16 9.07 9.28
N ILE E 2 -36.45 10.16 9.00
CA ILE E 2 -37.10 11.38 8.53
C ILE E 2 -37.66 11.19 7.12
N TYR E 3 -36.99 10.41 6.27
CA TYR E 3 -37.47 10.24 4.90
C TYR E 3 -38.72 9.39 4.86
N SER E 4 -38.86 8.45 5.79
CA SER E 4 -40.09 7.68 5.89
C SER E 4 -41.29 8.59 6.09
N ARG E 5 -41.15 9.63 6.92
CA ARG E 5 -42.29 10.50 7.22
C ARG E 5 -42.63 11.39 6.03
N LEU E 6 -41.64 11.80 5.24
CA LEU E 6 -41.93 12.56 4.04
C LEU E 6 -42.46 11.69 2.91
N LEU E 7 -42.24 10.37 2.97
CA LEU E 7 -42.86 9.50 1.98
C LEU E 7 -44.38 9.44 2.17
N LYS E 8 -44.85 9.61 3.40
CA LYS E 8 -46.29 9.62 3.66
C LYS E 8 -46.95 10.83 3.03
N ASP E 9 -46.23 11.95 2.92
CA ASP E 9 -46.67 13.11 2.15
C ASP E 9 -46.34 12.98 0.68
N ARG E 10 -45.95 11.78 0.23
CA ARG E 10 -45.67 11.51 -1.19
C ARG E 10 -44.46 12.32 -1.68
N ILE E 11 -43.46 12.47 -0.83
CA ILE E 11 -42.23 13.19 -1.17
C ILE E 11 -41.09 12.19 -1.29
N ILE E 12 -40.36 12.27 -2.39
CA ILE E 12 -39.18 11.44 -2.62
C ILE E 12 -37.97 12.36 -2.72
N MET E 13 -36.91 12.01 -1.99
CA MET E 13 -35.66 12.75 -2.03
C MET E 13 -34.66 12.00 -2.89
N LEU E 14 -34.21 12.62 -3.98
CA LEU E 14 -33.10 12.13 -4.78
C LEU E 14 -31.93 13.07 -4.45
N GLY E 15 -31.16 12.70 -3.43
CA GLY E 15 -30.14 13.61 -2.93
C GLY E 15 -28.73 13.07 -3.04
N SER E 16 -28.46 12.27 -4.06
CA SER E 16 -27.15 11.67 -4.19
C SER E 16 -26.87 11.33 -5.65
N GLN E 17 -25.63 10.92 -5.88
CA GLN E 17 -25.21 10.34 -7.15
C GLN E 17 -26.14 9.21 -7.55
N ILE E 18 -26.42 9.11 -8.84
CA ILE E 18 -27.40 8.15 -9.36
C ILE E 18 -26.63 6.91 -9.82
N ASP E 19 -26.64 5.87 -9.00
CA ASP E 19 -26.19 4.55 -9.41
C ASP E 19 -27.40 3.62 -9.41
N ASP E 20 -27.14 2.32 -9.65
CA ASP E 20 -28.23 1.37 -9.77
C ASP E 20 -28.98 1.22 -8.45
N ASN E 21 -28.27 1.25 -7.32
CA ASN E 21 -28.94 1.14 -6.03
C ASN E 21 -29.88 2.31 -5.80
N VAL E 22 -29.44 3.52 -6.13
CA VAL E 22 -30.29 4.70 -5.96
C VAL E 22 -31.49 4.61 -6.90
N ALA E 23 -31.25 4.22 -8.16
CA ALA E 23 -32.34 4.12 -9.12
C ALA E 23 -33.39 3.11 -8.67
N ASN E 24 -32.94 1.97 -8.14
CA ASN E 24 -33.88 0.95 -7.70
C ASN E 24 -34.72 1.43 -6.51
N SER E 25 -34.12 2.22 -5.62
CA SER E 25 -34.88 2.77 -4.50
C SER E 25 -35.90 3.79 -4.97
N ILE E 26 -35.50 4.70 -5.86
CA ILE E 26 -36.42 5.71 -6.37
C ILE E 26 -37.57 5.05 -7.12
N VAL E 27 -37.24 4.11 -8.01
CA VAL E 27 -38.27 3.40 -8.77
C VAL E 27 -39.24 2.71 -7.83
N SER E 28 -38.72 2.03 -6.80
CA SER E 28 -39.57 1.33 -5.85
C SER E 28 -40.47 2.29 -5.08
N GLN E 29 -39.94 3.46 -4.72
CA GLN E 29 -40.77 4.45 -4.04
C GLN E 29 -41.86 4.96 -4.97
N LEU E 30 -41.55 5.17 -6.24
CA LEU E 30 -42.55 5.62 -7.20
C LEU E 30 -43.65 4.58 -7.37
N LEU E 31 -43.27 3.31 -7.53
CA LEU E 31 -44.27 2.25 -7.68
C LEU E 31 -45.10 2.11 -6.41
N PHE E 32 -44.45 2.23 -5.25
CA PHE E 32 -45.18 2.11 -3.98
C PHE E 32 -46.16 3.27 -3.79
N LEU E 33 -45.76 4.48 -4.19
CA LEU E 33 -46.65 5.62 -4.06
C LEU E 33 -47.84 5.50 -5.02
N GLN E 34 -47.60 5.07 -6.26
CA GLN E 34 -48.70 4.89 -7.19
C GLN E 34 -49.70 3.87 -6.70
N ALA E 35 -49.21 2.81 -6.04
CA ALA E 35 -50.11 1.77 -5.55
C ALA E 35 -51.03 2.30 -4.45
N GLN E 36 -50.48 3.07 -3.51
CA GLN E 36 -51.30 3.65 -2.45
C GLN E 36 -52.39 4.54 -3.02
N ASP E 37 -52.06 5.34 -4.03
CA ASP E 37 -53.00 6.25 -4.67
C ASP E 37 -52.43 6.59 -6.04
N SER E 38 -53.21 6.37 -7.09
CA SER E 38 -52.74 6.56 -8.45
C SER E 38 -53.16 7.89 -9.06
N GLU E 39 -53.81 8.76 -8.29
CA GLU E 39 -54.22 10.06 -8.80
C GLU E 39 -53.56 11.25 -8.11
N LYS E 40 -53.05 11.08 -6.90
CA LYS E 40 -52.43 12.20 -6.21
C LYS E 40 -50.99 12.41 -6.66
N ASP E 41 -50.58 13.68 -6.71
CA ASP E 41 -49.27 14.04 -7.22
C ASP E 41 -48.15 13.45 -6.35
N ILE E 42 -46.98 13.31 -6.96
CA ILE E 42 -45.76 12.89 -6.29
C ILE E 42 -44.75 14.02 -6.45
N TYR E 43 -43.95 14.25 -5.40
CA TYR E 43 -42.97 15.33 -5.40
C TYR E 43 -41.57 14.73 -5.29
N LEU E 44 -40.77 14.94 -6.33
CA LEU E 44 -39.40 14.44 -6.39
C LEU E 44 -38.45 15.62 -6.20
N TYR E 45 -37.85 15.72 -5.01
CA TYR E 45 -36.82 16.71 -4.75
C TYR E 45 -35.50 16.20 -5.28
N ILE E 46 -34.76 17.06 -5.98
CA ILE E 46 -33.54 16.66 -6.67
C ILE E 46 -32.39 17.54 -6.18
N ASN E 47 -31.35 16.89 -5.64
CA ASN E 47 -30.07 17.53 -5.30
C ASN E 47 -29.00 16.49 -5.63
N SER E 48 -28.55 16.49 -6.88
CA SER E 48 -27.74 15.39 -7.38
C SER E 48 -26.71 15.85 -8.38
N PRO E 49 -25.48 15.34 -8.30
CA PRO E 49 -24.46 15.63 -9.32
C PRO E 49 -24.58 14.78 -10.58
N GLY E 50 -25.54 13.86 -10.64
CA GLY E 50 -25.70 13.01 -11.81
C GLY E 50 -25.35 11.56 -11.54
N GLY E 51 -25.03 10.81 -12.59
CA GLY E 51 -24.64 9.42 -12.41
C GLY E 51 -24.83 8.62 -13.69
N SER E 52 -25.15 7.34 -13.50
CA SER E 52 -25.24 6.41 -14.61
C SER E 52 -26.45 6.71 -15.51
N VAL E 53 -26.24 6.59 -16.82
CA VAL E 53 -27.30 6.88 -17.79
C VAL E 53 -28.42 5.84 -17.68
N THR E 54 -28.07 4.55 -17.65
CA THR E 54 -29.10 3.52 -17.58
C THR E 54 -29.86 3.58 -16.26
N ALA E 55 -29.15 3.86 -15.15
CA ALA E 55 -29.84 4.05 -13.88
C ALA E 55 -30.76 5.26 -13.94
N GLY E 56 -30.31 6.35 -14.58
CA GLY E 56 -31.17 7.49 -14.77
C GLY E 56 -32.40 7.16 -15.62
N PHE E 57 -32.23 6.34 -16.64
CA PHE E 57 -33.36 6.01 -17.51
C PHE E 57 -34.34 5.08 -16.83
N ALA E 58 -33.89 4.28 -15.86
CA ALA E 58 -34.82 3.51 -15.06
C ALA E 58 -35.77 4.44 -14.30
N ILE E 59 -35.24 5.53 -13.73
CA ILE E 59 -36.09 6.50 -13.07
C ILE E 59 -36.92 7.27 -14.09
N TYR E 60 -36.32 7.66 -15.21
CA TYR E 60 -37.04 8.45 -16.21
C TYR E 60 -38.26 7.69 -16.71
N ASP E 61 -38.08 6.43 -17.08
CA ASP E 61 -39.18 5.68 -17.67
C ASP E 61 -40.25 5.35 -16.65
N THR E 62 -39.87 5.16 -15.38
CA THR E 62 -40.87 4.93 -14.35
C THR E 62 -41.70 6.20 -14.13
N ILE E 63 -41.05 7.37 -14.17
CA ILE E 63 -41.78 8.63 -14.03
C ILE E 63 -42.84 8.74 -15.13
N GLN E 64 -42.43 8.53 -16.38
CA GLN E 64 -43.39 8.63 -17.48
C GLN E 64 -44.42 7.53 -17.44
N HIS E 65 -44.09 6.38 -16.85
CA HIS E 65 -45.03 5.25 -16.94
C HIS E 65 -46.17 5.38 -15.95
N ILE E 66 -45.88 5.72 -14.69
CA ILE E 66 -46.91 5.73 -13.68
C ILE E 66 -47.97 6.78 -14.00
N LYS E 67 -49.15 6.61 -13.42
CA LYS E 67 -50.28 7.50 -13.67
C LYS E 67 -50.15 8.87 -13.00
N PRO E 68 -49.77 8.96 -11.72
CA PRO E 68 -49.73 10.28 -11.08
C PRO E 68 -48.70 11.21 -11.70
N ASP E 69 -49.01 12.51 -11.66
CA ASP E 69 -48.04 13.53 -12.02
C ASP E 69 -46.87 13.52 -11.04
N VAL E 70 -45.66 13.67 -11.58
CA VAL E 70 -44.46 13.74 -10.75
C VAL E 70 -43.89 15.15 -10.90
N GLN E 71 -44.00 15.94 -9.84
CA GLN E 71 -43.38 17.25 -9.78
C GLN E 71 -41.90 17.08 -9.48
N THR E 72 -41.07 17.92 -10.10
CA THR E 72 -39.63 17.92 -9.86
C THR E 72 -39.24 19.28 -9.30
N ILE E 73 -38.47 19.27 -8.21
CA ILE E 73 -38.02 20.48 -7.54
C ILE E 73 -36.52 20.35 -7.31
N CYS E 74 -35.75 21.20 -7.96
CA CYS E 74 -34.30 21.21 -7.80
C CYS E 74 -33.93 22.08 -6.60
N ILE E 75 -33.25 21.49 -5.62
CA ILE E 75 -32.69 22.22 -4.49
C ILE E 75 -31.17 22.05 -4.56
N GLY E 76 -30.45 23.17 -4.43
CA GLY E 76 -29.01 23.11 -4.52
C GLY E 76 -28.47 22.86 -5.92
N MET E 77 -28.63 21.65 -6.44
CA MET E 77 -27.92 21.31 -7.67
C MET E 77 -28.61 20.16 -8.40
N ALA E 78 -28.73 20.31 -9.72
CA ALA E 78 -29.19 19.26 -10.62
C ALA E 78 -28.22 19.28 -11.81
N ALA E 79 -27.23 18.41 -11.77
CA ALA E 79 -26.20 18.35 -12.80
C ALA E 79 -26.30 17.03 -13.57
N SER E 80 -26.06 17.10 -14.87
CA SER E 80 -25.89 15.92 -15.73
C SER E 80 -27.20 15.13 -15.70
N MET E 81 -27.18 13.83 -15.38
CA MET E 81 -28.41 13.07 -15.28
C MET E 81 -29.36 13.65 -14.24
N GLY E 82 -28.85 14.44 -13.30
CA GLY E 82 -29.72 15.15 -12.38
C GLY E 82 -30.61 16.17 -13.09
N SER E 83 -30.03 16.94 -14.01
CA SER E 83 -30.83 17.91 -14.75
C SER E 83 -31.72 17.24 -15.77
N PHE E 84 -31.29 16.10 -16.32
CA PHE E 84 -32.15 15.36 -17.25
C PHE E 84 -33.43 14.91 -16.56
N LEU E 85 -33.33 14.50 -15.29
CA LEU E 85 -34.52 14.06 -14.56
C LEU E 85 -35.35 15.23 -14.07
N LEU E 86 -34.72 16.38 -13.79
CA LEU E 86 -35.47 17.58 -13.46
C LEU E 86 -36.40 17.96 -14.60
N ALA E 87 -35.89 17.96 -15.83
CA ALA E 87 -36.68 18.30 -17.00
C ALA E 87 -37.74 17.26 -17.32
N ALA E 88 -37.68 16.09 -16.69
CA ALA E 88 -38.60 15.00 -16.96
C ALA E 88 -39.87 15.05 -16.13
N GLY E 89 -39.98 16.02 -15.23
CA GLY E 89 -41.18 16.15 -14.44
C GLY E 89 -42.38 16.56 -15.28
N ALA E 90 -43.57 16.38 -14.68
CA ALA E 90 -44.80 16.80 -15.33
C ALA E 90 -44.69 18.24 -15.79
N LYS E 91 -44.99 18.47 -17.06
CA LYS E 91 -44.84 19.81 -17.62
C LYS E 91 -45.78 20.78 -16.93
N GLY E 92 -45.25 21.96 -16.60
CA GLY E 92 -45.93 22.89 -15.73
C GLY E 92 -45.62 22.72 -14.26
N LYS E 93 -45.02 21.59 -13.87
CA LYS E 93 -44.73 21.29 -12.47
C LYS E 93 -43.26 20.97 -12.25
N ARG E 94 -42.37 21.62 -12.97
CA ARG E 94 -40.93 21.47 -12.81
C ARG E 94 -40.37 22.76 -12.26
N PHE E 95 -39.71 22.69 -11.09
CA PHE E 95 -39.33 23.87 -10.35
C PHE E 95 -37.87 23.80 -9.92
N ALA E 96 -37.33 24.97 -9.57
CA ALA E 96 -36.02 25.09 -8.93
C ALA E 96 -36.06 26.25 -7.96
N LEU E 97 -35.40 26.08 -6.82
CA LEU E 97 -35.27 27.16 -5.85
C LEU E 97 -34.35 28.25 -6.42
N PRO E 98 -34.46 29.48 -5.90
CA PRO E 98 -33.82 30.62 -6.58
C PRO E 98 -32.32 30.49 -6.77
N ASN E 99 -31.60 29.84 -5.86
CA ASN E 99 -30.15 29.73 -5.91
C ASN E 99 -29.69 28.33 -6.32
N ALA E 100 -30.62 27.48 -6.75
CA ALA E 100 -30.23 26.18 -7.28
C ALA E 100 -29.40 26.33 -8.54
N GLU E 101 -28.47 25.40 -8.73
CA GLU E 101 -27.63 25.38 -9.93
C GLU E 101 -27.98 24.18 -10.80
N VAL E 102 -28.11 24.42 -12.10
CA VAL E 102 -28.38 23.36 -13.06
C VAL E 102 -27.19 23.31 -14.02
N MET E 103 -26.73 22.10 -14.34
CA MET E 103 -25.63 21.94 -15.28
C MET E 103 -25.95 20.83 -16.26
N ILE E 104 -25.63 21.06 -17.52
CA ILE E 104 -25.79 20.06 -18.57
C ILE E 104 -24.46 19.90 -19.29
N HIS E 105 -24.19 18.68 -19.73
CA HIS E 105 -23.01 18.37 -20.52
C HIS E 105 -23.23 17.01 -21.16
N GLN E 106 -22.32 16.64 -22.05
CA GLN E 106 -22.44 15.40 -22.80
C GLN E 106 -22.00 14.21 -21.96
N PRO E 107 -22.40 12.98 -22.34
CA PRO E 107 -22.02 11.82 -21.53
C PRO E 107 -20.52 11.57 -21.57
N LEU E 108 -20.05 10.84 -20.56
CA LEU E 108 -18.67 10.43 -20.45
C LEU E 108 -18.60 8.92 -20.27
N GLY E 109 -17.49 8.35 -20.70
CA GLY E 109 -17.31 6.92 -20.56
C GLY E 109 -15.87 6.54 -20.75
N GLY E 110 -15.67 5.26 -21.08
CA GLY E 110 -14.35 4.74 -21.32
C GLY E 110 -14.42 3.47 -22.13
N ALA E 111 -13.29 3.13 -22.75
CA ALA E 111 -13.21 1.94 -23.57
C ALA E 111 -11.76 1.48 -23.63
N GLN E 112 -11.57 0.17 -23.53
CA GLN E 112 -10.26 -0.45 -23.57
C GLN E 112 -10.35 -1.73 -24.38
N GLY E 113 -9.27 -2.06 -25.09
CA GLY E 113 -9.20 -3.33 -25.77
C GLY E 113 -8.85 -3.15 -27.23
N GLN E 114 -9.23 -4.14 -28.03
CA GLN E 114 -8.95 -4.13 -29.45
C GLN E 114 -9.67 -2.98 -30.15
N ALA E 115 -9.18 -2.64 -31.34
CA ALA E 115 -9.78 -1.55 -32.11
C ALA E 115 -11.27 -1.76 -32.33
N THR E 116 -11.68 -2.99 -32.66
CA THR E 116 -13.12 -3.22 -32.87
C THR E 116 -13.92 -3.06 -31.59
N GLU E 117 -13.36 -3.46 -30.45
CA GLU E 117 -14.06 -3.24 -29.19
C GLU E 117 -14.19 -1.75 -28.89
N ILE E 118 -13.12 -0.98 -29.16
CA ILE E 118 -13.17 0.46 -28.95
C ILE E 118 -14.20 1.10 -29.89
N GLU E 119 -14.31 0.59 -31.12
CA GLU E 119 -15.30 1.10 -32.05
C GLU E 119 -16.71 0.82 -31.58
N ILE E 120 -16.95 -0.39 -31.06
CA ILE E 120 -18.28 -0.74 -30.56
C ILE E 120 -18.66 0.17 -29.39
N ALA E 121 -17.70 0.44 -28.50
CA ALA E 121 -17.99 1.29 -27.34
C ALA E 121 -18.21 2.74 -27.77
N ALA E 122 -17.39 3.24 -28.71
CA ALA E 122 -17.61 4.58 -29.23
C ALA E 122 -18.99 4.70 -29.85
N ASN E 123 -19.38 3.74 -30.70
CA ASN E 123 -20.71 3.79 -31.32
C ASN E 123 -21.80 3.75 -30.27
N HIS E 124 -21.61 3.01 -29.18
CA HIS E 124 -22.65 2.90 -28.17
C HIS E 124 -22.82 4.22 -27.41
N ILE E 125 -21.72 4.87 -27.04
CA ILE E 125 -21.86 6.12 -26.29
C ILE E 125 -22.38 7.23 -27.21
N LEU E 126 -22.03 7.19 -28.49
CA LEU E 126 -22.57 8.17 -29.43
C LEU E 126 -24.07 7.97 -29.64
N LYS E 127 -24.50 6.71 -29.77
CA LYS E 127 -25.93 6.44 -29.87
C LYS E 127 -26.65 6.86 -28.59
N THR E 128 -26.03 6.62 -27.43
CA THR E 128 -26.62 7.03 -26.17
C THR E 128 -26.78 8.56 -26.11
N ARG E 129 -25.77 9.30 -26.59
CA ARG E 129 -25.86 10.75 -26.59
C ARG E 129 -26.98 11.24 -27.51
N GLU E 130 -27.13 10.61 -28.67
CA GLU E 130 -28.21 10.98 -29.58
C GLU E 130 -29.57 10.75 -28.94
N LYS E 131 -29.70 9.69 -28.14
CA LYS E 131 -30.97 9.39 -27.49
C LYS E 131 -31.26 10.41 -26.38
N LEU E 132 -30.24 10.83 -25.63
CA LEU E 132 -30.45 11.83 -24.60
C LEU E 132 -30.80 13.17 -25.22
N ASN E 133 -30.09 13.56 -26.29
CA ASN E 133 -30.39 14.81 -26.97
C ASN E 133 -31.82 14.82 -27.49
N ARG E 134 -32.24 13.71 -28.10
CA ARG E 134 -33.59 13.63 -28.65
C ARG E 134 -34.64 13.86 -27.57
N ILE E 135 -34.49 13.18 -26.43
CA ILE E 135 -35.49 13.31 -25.39
C ILE E 135 -35.46 14.70 -24.76
N LEU E 136 -34.26 15.22 -24.48
CA LEU E 136 -34.17 16.57 -23.92
C LEU E 136 -34.77 17.59 -24.86
N SER E 137 -34.59 17.41 -26.17
CA SER E 137 -35.20 18.32 -27.14
C SER E 137 -36.72 18.32 -27.02
N GLU E 138 -37.31 17.14 -26.82
CA GLU E 138 -38.76 17.07 -26.67
C GLU E 138 -39.23 17.64 -25.34
N ARG E 139 -38.42 17.52 -24.28
CA ARG E 139 -38.82 18.04 -22.98
C ARG E 139 -38.62 19.55 -22.85
N THR E 140 -37.74 20.14 -23.66
CA THR E 140 -37.39 21.54 -23.52
C THR E 140 -37.84 22.42 -24.67
N GLY E 141 -38.03 21.88 -25.86
CA GLY E 141 -38.30 22.69 -27.02
C GLY E 141 -37.07 23.21 -27.72
N GLN E 142 -35.88 22.82 -27.29
CA GLN E 142 -34.67 23.13 -28.01
C GLN E 142 -34.48 22.11 -29.13
N SER E 143 -33.80 22.52 -30.19
CA SER E 143 -33.50 21.56 -31.26
C SER E 143 -32.35 20.66 -30.84
N ILE E 144 -32.35 19.46 -31.39
CA ILE E 144 -31.31 18.48 -31.09
C ILE E 144 -29.94 19.05 -31.39
N GLU E 145 -29.81 19.80 -32.48
CA GLU E 145 -28.52 20.38 -32.84
C GLU E 145 -28.06 21.42 -31.83
N LYS E 146 -29.00 22.16 -31.22
CA LYS E 146 -28.60 23.14 -30.22
C LYS E 146 -28.14 22.46 -28.93
N ILE E 147 -28.88 21.43 -28.51
CA ILE E 147 -28.51 20.69 -27.31
C ILE E 147 -27.12 20.07 -27.48
N GLN E 148 -26.86 19.50 -28.66
CA GLN E 148 -25.54 18.96 -28.96
C GLN E 148 -24.45 19.99 -28.73
N LYS E 149 -24.62 21.20 -29.30
CA LYS E 149 -23.64 22.25 -29.13
C LYS E 149 -23.55 22.72 -27.68
N ASP E 150 -24.70 22.88 -27.01
CA ASP E 150 -24.71 23.42 -25.67
C ASP E 150 -24.13 22.46 -24.63
N THR E 151 -24.05 21.17 -24.94
CA THR E 151 -23.51 20.18 -24.01
C THR E 151 -22.12 19.72 -24.38
N ASP E 152 -21.49 20.35 -25.38
CA ASP E 152 -20.15 19.96 -25.79
C ASP E 152 -19.18 20.02 -24.61
N ARG E 153 -19.31 21.04 -23.78
CA ARG E 153 -18.58 21.16 -22.53
C ARG E 153 -19.58 21.50 -21.42
N ASP E 154 -19.07 21.58 -20.19
CA ASP E 154 -19.92 21.89 -19.05
C ASP E 154 -20.63 23.23 -19.25
N ASN E 155 -21.94 23.21 -19.02
CA ASN E 155 -22.81 24.37 -19.26
C ASN E 155 -23.61 24.59 -17.98
N PHE E 156 -23.17 25.56 -17.18
CA PHE E 156 -23.84 25.87 -15.91
C PHE E 156 -24.94 26.90 -16.12
N LEU E 157 -26.08 26.66 -15.48
CA LEU E 157 -27.27 27.49 -15.65
C LEU E 157 -27.79 27.90 -14.29
N THR E 158 -28.06 29.20 -14.11
CA THR E 158 -28.84 29.64 -12.98
C THR E 158 -30.27 29.09 -13.08
N ALA E 159 -31.03 29.27 -11.99
CA ALA E 159 -32.42 28.82 -11.99
C ALA E 159 -33.23 29.53 -13.08
N GLU E 160 -33.10 30.85 -13.16
CA GLU E 160 -33.82 31.60 -14.19
C GLU E 160 -33.40 31.17 -15.59
N GLU E 161 -32.10 30.95 -15.78
CA GLU E 161 -31.62 30.49 -17.09
C GLU E 161 -32.19 29.11 -17.42
N ALA E 162 -32.29 28.24 -16.43
CA ALA E 162 -32.90 26.92 -16.65
C ALA E 162 -34.34 27.06 -17.12
N LYS E 163 -35.07 28.05 -16.60
CA LYS E 163 -36.45 28.27 -17.03
C LYS E 163 -36.51 28.73 -18.48
N GLU E 164 -35.65 29.67 -18.87
CA GLU E 164 -35.61 30.10 -20.26
C GLU E 164 -35.14 28.99 -21.18
N TYR E 165 -34.34 28.06 -20.65
CA TYR E 165 -33.88 26.93 -21.45
C TYR E 165 -34.98 25.90 -21.66
N GLY E 166 -36.01 25.89 -20.81
CA GLY E 166 -37.04 24.89 -20.88
C GLY E 166 -36.81 23.67 -20.01
N LEU E 167 -35.80 23.70 -19.13
CA LEU E 167 -35.57 22.59 -18.22
C LEU E 167 -36.56 22.61 -17.06
N ILE E 168 -37.01 23.79 -16.65
CA ILE E 168 -38.01 23.95 -15.60
C ILE E 168 -39.08 24.92 -16.10
N ASP E 169 -40.19 24.98 -15.34
CA ASP E 169 -41.30 25.84 -15.68
C ASP E 169 -41.35 27.10 -14.82
N GLU E 170 -41.00 27.03 -13.55
CA GLU E 170 -41.06 28.19 -12.66
C GLU E 170 -39.94 28.12 -11.64
N VAL E 171 -39.37 29.28 -11.33
CA VAL E 171 -38.49 29.41 -10.17
C VAL E 171 -39.35 29.60 -8.93
N MET E 172 -39.16 28.76 -7.93
CA MET E 172 -39.98 28.83 -6.73
C MET E 172 -39.58 30.02 -5.87
N VAL E 173 -40.51 30.94 -5.68
CA VAL E 173 -40.29 32.11 -4.84
C VAL E 173 -40.79 31.80 -3.44
N PRO E 174 -40.27 32.43 -2.40
CA PRO E 174 -40.86 32.28 -1.06
C PRO E 174 -42.20 32.99 -1.03
N GLU E 175 -43.17 32.40 -0.30
CA GLU E 175 -42.98 31.27 0.58
C GLU E 175 -43.82 30.07 0.18
N ASP F 1 -33.12 8.07 20.33
CA ASP F 1 -31.97 8.90 19.98
C ASP F 1 -32.20 10.34 20.44
N ILE F 2 -31.11 11.00 20.84
CA ILE F 2 -31.24 12.30 21.51
C ILE F 2 -31.70 13.37 20.53
N TYR F 3 -31.27 13.30 19.27
CA TYR F 3 -31.64 14.35 18.31
C TYR F 3 -33.12 14.27 17.95
N SER F 4 -33.69 13.05 17.98
CA SER F 4 -35.13 12.93 17.76
C SER F 4 -35.92 13.66 18.85
N ARG F 5 -35.45 13.57 20.09
CA ARG F 5 -36.13 14.28 21.18
C ARG F 5 -36.01 15.79 21.02
N LEU F 6 -34.87 16.27 20.54
CA LEU F 6 -34.72 17.70 20.30
C LEU F 6 -35.58 18.16 19.13
N LEU F 7 -35.83 17.27 18.17
CA LEU F 7 -36.64 17.66 17.01
C LEU F 7 -38.08 17.95 17.41
N LYS F 8 -38.58 17.31 18.47
CA LYS F 8 -39.92 17.62 18.95
C LYS F 8 -40.00 19.03 19.53
N ASP F 9 -38.88 19.55 20.05
CA ASP F 9 -38.80 20.95 20.47
C ASP F 9 -38.46 21.87 19.31
N ARG F 10 -38.51 21.37 18.08
CA ARG F 10 -38.24 22.15 16.87
C ARG F 10 -36.79 22.63 16.82
N ILE F 11 -35.87 21.80 17.30
CA ILE F 11 -34.45 22.10 17.30
C ILE F 11 -33.76 21.19 16.29
N ILE F 12 -32.95 21.78 15.41
CA ILE F 12 -32.15 21.04 14.44
C ILE F 12 -30.68 21.31 14.72
N MET F 13 -29.88 20.25 14.75
CA MET F 13 -28.44 20.35 15.00
C MET F 13 -27.69 20.19 13.69
N LEU F 14 -27.03 21.26 13.25
CA LEU F 14 -26.10 21.19 12.13
C LEU F 14 -24.71 21.17 12.75
N GLY F 15 -24.21 19.96 13.00
CA GLY F 15 -22.98 19.82 13.75
C GLY F 15 -21.85 19.12 13.03
N SER F 16 -21.86 19.17 11.70
CA SER F 16 -20.83 18.52 10.92
C SER F 16 -20.54 19.34 9.67
N GLN F 17 -19.56 18.88 8.89
CA GLN F 17 -19.28 19.45 7.59
C GLN F 17 -20.46 19.23 6.66
N ILE F 18 -20.72 20.21 5.80
CA ILE F 18 -21.93 20.23 4.97
C ILE F 18 -21.62 19.56 3.64
N ASP F 19 -22.13 18.35 3.45
CA ASP F 19 -22.15 17.71 2.14
C ASP F 19 -23.61 17.45 1.76
N ASP F 20 -23.81 16.72 0.66
CA ASP F 20 -25.16 16.53 0.15
C ASP F 20 -26.02 15.70 1.10
N ASN F 21 -25.43 14.71 1.78
CA ASN F 21 -26.18 13.93 2.75
C ASN F 21 -26.69 14.81 3.89
N VAL F 22 -25.79 15.61 4.47
CA VAL F 22 -26.18 16.49 5.58
C VAL F 22 -27.25 17.48 5.13
N ALA F 23 -27.05 18.08 3.96
CA ALA F 23 -28.00 19.06 3.45
C ALA F 23 -29.39 18.46 3.28
N ASN F 24 -29.47 17.27 2.69
CA ASN F 24 -30.76 16.62 2.50
C ASN F 24 -31.42 16.29 3.84
N SER F 25 -30.61 15.97 4.86
CA SER F 25 -31.16 15.74 6.19
C SER F 25 -31.71 17.03 6.79
N ILE F 26 -30.92 18.11 6.73
CA ILE F 26 -31.38 19.39 7.26
C ILE F 26 -32.61 19.87 6.51
N VAL F 27 -32.57 19.78 5.17
CA VAL F 27 -33.68 20.24 4.36
C VAL F 27 -34.95 19.49 4.72
N SER F 28 -34.86 18.16 4.87
CA SER F 28 -36.04 17.37 5.18
C SER F 28 -36.54 17.64 6.59
N GLN F 29 -35.64 17.93 7.53
CA GLN F 29 -36.06 18.30 8.87
C GLN F 29 -36.82 19.62 8.87
N LEU F 30 -36.38 20.57 8.04
CA LEU F 30 -37.05 21.86 7.97
C LEU F 30 -38.46 21.72 7.40
N LEU F 31 -38.60 20.95 6.32
CA LEU F 31 -39.93 20.77 5.72
C LEU F 31 -40.83 19.95 6.63
N PHE F 32 -40.26 18.99 7.35
CA PHE F 32 -41.05 18.21 8.30
C PHE F 32 -41.54 19.10 9.45
N LEU F 33 -40.68 20.00 9.91
CA LEU F 33 -41.09 20.91 10.98
C LEU F 33 -42.13 21.91 10.50
N GLN F 34 -42.00 22.38 9.26
CA GLN F 34 -43.00 23.31 8.74
C GLN F 34 -44.36 22.63 8.60
N ALA F 35 -44.36 21.35 8.23
CA ALA F 35 -45.62 20.63 8.04
C ALA F 35 -46.34 20.43 9.36
N GLN F 36 -45.60 20.10 10.43
CA GLN F 36 -46.21 19.95 11.75
C GLN F 36 -46.85 21.25 12.22
N ASP F 37 -46.15 22.37 12.03
CA ASP F 37 -46.66 23.68 12.37
C ASP F 37 -45.90 24.71 11.56
N SER F 38 -46.61 25.58 10.87
CA SER F 38 -46.03 26.52 9.92
C SER F 38 -45.79 27.90 10.52
N GLU F 39 -46.03 28.08 11.82
CA GLU F 39 -45.94 29.40 12.43
C GLU F 39 -45.03 29.43 13.65
N LYS F 40 -44.78 28.30 14.30
CA LYS F 40 -43.85 28.26 15.43
C LYS F 40 -42.42 28.22 14.93
N ASP F 41 -41.55 28.98 15.60
CA ASP F 41 -40.17 29.15 15.17
C ASP F 41 -39.42 27.81 15.11
N ILE F 42 -38.28 27.83 14.43
CA ILE F 42 -37.37 26.70 14.34
C ILE F 42 -36.00 27.17 14.78
N TYR F 43 -35.26 26.30 15.48
CA TYR F 43 -33.96 26.64 16.04
C TYR F 43 -32.90 25.77 15.38
N LEU F 44 -31.97 26.40 14.67
CA LEU F 44 -30.88 25.72 13.96
C LEU F 44 -29.58 26.01 14.70
N TYR F 45 -29.05 25.00 15.38
CA TYR F 45 -27.76 25.10 16.05
C TYR F 45 -26.66 24.76 15.05
N ILE F 46 -25.62 25.58 15.03
CA ILE F 46 -24.58 25.49 14.01
C ILE F 46 -23.22 25.34 14.68
N ASN F 47 -22.59 24.18 14.47
CA ASN F 47 -21.20 23.93 14.82
C ASN F 47 -20.61 23.20 13.62
N SER F 48 -20.15 23.96 12.63
CA SER F 48 -19.76 23.38 11.36
C SER F 48 -18.55 24.09 10.78
N PRO F 49 -17.62 23.34 10.18
CA PRO F 49 -16.48 23.96 9.49
C PRO F 49 -16.74 24.36 8.04
N GLY F 50 -17.95 24.16 7.53
CA GLY F 50 -18.28 24.49 6.16
C GLY F 50 -18.56 23.24 5.32
N GLY F 51 -18.46 23.41 4.02
CA GLY F 51 -18.65 22.31 3.09
C GLY F 51 -19.05 22.83 1.71
N SER F 52 -19.82 22.01 1.01
CA SER F 52 -20.16 22.30 -0.38
C SER F 52 -21.06 23.53 -0.51
N VAL F 53 -20.81 24.33 -1.55
CA VAL F 53 -21.63 25.52 -1.79
C VAL F 53 -23.05 25.14 -2.18
N THR F 54 -23.21 24.15 -3.06
CA THR F 54 -24.54 23.78 -3.51
C THR F 54 -25.34 23.12 -2.40
N ALA F 55 -24.70 22.26 -1.61
CA ALA F 55 -25.36 21.72 -0.43
C ALA F 55 -25.75 22.84 0.53
N GLY F 56 -24.84 23.80 0.74
CA GLY F 56 -25.18 24.97 1.54
C GLY F 56 -26.36 25.75 0.98
N PHE F 57 -26.40 25.92 -0.35
CA PHE F 57 -27.50 26.67 -0.95
C PHE F 57 -28.81 25.90 -0.90
N ALA F 58 -28.74 24.56 -0.85
CA ALA F 58 -29.96 23.78 -0.60
C ALA F 58 -30.57 24.17 0.74
N ILE F 59 -29.75 24.26 1.79
CA ILE F 59 -30.25 24.66 3.10
C ILE F 59 -30.67 26.13 3.10
N TYR F 60 -29.85 27.00 2.51
CA TYR F 60 -30.15 28.43 2.48
C TYR F 60 -31.52 28.68 1.86
N ASP F 61 -31.73 28.18 0.65
CA ASP F 61 -33.00 28.43 -0.05
C ASP F 61 -34.17 27.82 0.71
N THR F 62 -33.97 26.69 1.37
CA THR F 62 -35.06 26.08 2.13
C THR F 62 -35.43 26.94 3.33
N ILE F 63 -34.42 27.49 4.02
CA ILE F 63 -34.68 28.39 5.13
C ILE F 63 -35.49 29.59 4.66
N GLN F 64 -35.06 30.20 3.55
CA GLN F 64 -35.79 31.33 2.98
C GLN F 64 -37.20 30.93 2.55
N HIS F 65 -37.40 29.67 2.15
CA HIS F 65 -38.65 29.32 1.47
C HIS F 65 -39.76 28.90 2.43
N ILE F 66 -39.44 28.47 3.64
CA ILE F 66 -40.50 28.01 4.54
C ILE F 66 -41.09 29.20 5.28
N LYS F 67 -42.32 29.00 5.79
CA LYS F 67 -42.99 30.09 6.51
C LYS F 67 -42.36 30.38 7.86
N PRO F 68 -42.06 29.41 8.72
CA PRO F 68 -41.58 29.75 10.08
C PRO F 68 -40.23 30.45 10.07
N ASP F 69 -40.05 31.35 11.04
CA ASP F 69 -38.76 31.96 11.29
C ASP F 69 -37.76 30.89 11.71
N VAL F 70 -36.55 30.97 11.16
CA VAL F 70 -35.48 30.04 11.50
C VAL F 70 -34.42 30.80 12.27
N GLN F 71 -34.35 30.53 13.57
CA GLN F 71 -33.28 31.09 14.39
C GLN F 71 -32.00 30.28 14.19
N THR F 72 -30.87 30.98 14.17
CA THR F 72 -29.57 30.35 14.05
C THR F 72 -28.73 30.70 15.26
N ILE F 73 -28.07 29.69 15.82
CA ILE F 73 -27.26 29.83 17.03
C ILE F 73 -25.93 29.15 16.78
N CYS F 74 -24.85 29.94 16.73
CA CYS F 74 -23.52 29.38 16.57
C CYS F 74 -22.97 28.93 17.91
N ILE F 75 -22.71 27.64 18.05
CA ILE F 75 -21.98 27.10 19.17
C ILE F 75 -20.66 26.54 18.63
N GLY F 76 -19.58 26.80 19.35
CA GLY F 76 -18.28 26.31 18.92
C GLY F 76 -17.69 27.07 17.74
N MET F 77 -18.17 26.76 16.53
CA MET F 77 -17.56 27.35 15.35
C MET F 77 -18.54 27.29 14.17
N ALA F 78 -18.63 28.40 13.45
CA ALA F 78 -19.33 28.48 12.16
C ALA F 78 -18.36 29.09 11.18
N ALA F 79 -17.72 28.25 10.38
CA ALA F 79 -16.74 28.70 9.40
C ALA F 79 -17.26 28.42 8.00
N SER F 80 -16.85 29.27 7.07
CA SER F 80 -17.08 29.02 5.66
C SER F 80 -18.58 29.00 5.37
N MET F 81 -19.09 27.94 4.73
CA MET F 81 -20.52 27.81 4.50
C MET F 81 -21.30 27.78 5.81
N GLY F 82 -20.66 27.38 6.91
CA GLY F 82 -21.32 27.43 8.20
C GLY F 82 -21.67 28.83 8.63
N SER F 83 -20.74 29.78 8.43
CA SER F 83 -21.04 31.17 8.77
C SER F 83 -22.04 31.78 7.79
N PHE F 84 -22.01 31.35 6.53
CA PHE F 84 -23.03 31.79 5.58
C PHE F 84 -24.42 31.39 6.05
N LEU F 85 -24.57 30.18 6.58
CA LEU F 85 -25.88 29.74 7.06
C LEU F 85 -26.24 30.40 8.38
N LEU F 86 -25.25 30.72 9.21
CA LEU F 86 -25.50 31.48 10.42
C LEU F 86 -26.14 32.83 10.08
N ALA F 87 -25.53 33.57 9.14
CA ALA F 87 -26.06 34.85 8.72
C ALA F 87 -27.41 34.72 8.02
N ALA F 88 -27.82 33.51 7.65
CA ALA F 88 -29.05 33.31 6.91
C ALA F 88 -30.29 33.20 7.80
N GLY F 89 -30.12 33.12 9.10
CA GLY F 89 -31.25 33.06 10.00
C GLY F 89 -32.10 34.31 9.95
N ALA F 90 -33.31 34.20 10.50
CA ALA F 90 -34.22 35.32 10.54
C ALA F 90 -33.59 36.50 11.27
N LYS F 91 -33.57 37.66 10.60
CA LYS F 91 -32.92 38.83 11.18
C LYS F 91 -33.56 39.21 12.49
N GLY F 92 -32.73 39.59 13.46
CA GLY F 92 -33.13 39.71 14.84
C GLY F 92 -33.00 38.43 15.63
N LYS F 93 -32.89 37.28 14.96
CA LYS F 93 -32.84 35.99 15.62
C LYS F 93 -31.60 35.19 15.24
N ARG F 94 -30.47 35.86 15.04
CA ARG F 94 -29.20 35.21 14.78
C ARG F 94 -28.28 35.44 15.97
N PHE F 95 -27.76 34.36 16.54
CA PHE F 95 -27.04 34.40 17.81
C PHE F 95 -25.72 33.64 17.72
N ALA F 96 -24.84 33.95 18.66
CA ALA F 96 -23.63 33.17 18.89
C ALA F 96 -23.36 33.11 20.38
N LEU F 97 -22.89 31.95 20.84
CA LEU F 97 -22.46 31.81 22.21
C LEU F 97 -21.17 32.61 22.42
N PRO F 98 -20.90 33.05 23.66
CA PRO F 98 -19.85 34.07 23.86
C PRO F 98 -18.47 33.68 23.36
N ASN F 99 -18.13 32.39 23.36
CA ASN F 99 -16.81 31.94 22.92
C ASN F 99 -16.86 31.23 21.58
N ALA F 100 -17.99 31.27 20.88
CA ALA F 100 -18.04 30.74 19.53
C ALA F 100 -17.15 31.55 18.62
N GLU F 101 -16.61 30.90 17.61
CA GLU F 101 -15.79 31.57 16.61
C GLU F 101 -16.49 31.51 15.26
N VAL F 102 -16.34 32.56 14.47
CA VAL F 102 -16.88 32.65 13.13
C VAL F 102 -15.72 32.92 12.18
N MET F 103 -15.77 32.29 11.00
CA MET F 103 -14.72 32.48 10.01
C MET F 103 -15.36 32.62 8.64
N ILE F 104 -14.90 33.61 7.88
CA ILE F 104 -15.34 33.81 6.51
C ILE F 104 -14.12 33.79 5.61
N HIS F 105 -14.30 33.25 4.41
CA HIS F 105 -13.27 33.28 3.38
C HIS F 105 -13.92 32.97 2.05
N GLN F 106 -13.17 33.18 0.99
CA GLN F 106 -13.69 33.01 -0.36
C GLN F 106 -13.77 31.52 -0.72
N PRO F 107 -14.54 31.16 -1.75
CA PRO F 107 -14.68 29.75 -2.10
C PRO F 107 -13.38 29.15 -2.58
N LEU F 108 -13.30 27.83 -2.48
CA LEU F 108 -12.18 27.05 -2.97
C LEU F 108 -12.68 25.99 -3.94
N GLY F 109 -11.81 25.63 -4.89
CA GLY F 109 -12.19 24.64 -5.87
C GLY F 109 -10.96 24.10 -6.58
N GLY F 110 -11.22 23.33 -7.63
CA GLY F 110 -10.16 22.76 -8.44
C GLY F 110 -10.62 22.58 -9.86
N ALA F 111 -9.64 22.55 -10.76
CA ALA F 111 -9.93 22.40 -12.19
C ALA F 111 -8.76 21.70 -12.87
N GLN F 112 -9.08 20.76 -13.74
CA GLN F 112 -8.10 19.99 -14.49
C GLN F 112 -8.59 19.84 -15.91
N GLY F 113 -7.65 19.72 -16.86
CA GLY F 113 -8.00 19.39 -18.22
C GLY F 113 -7.48 20.43 -19.20
N GLN F 114 -8.19 20.55 -20.32
CA GLN F 114 -7.79 21.48 -21.37
C GLN F 114 -7.99 22.93 -20.90
N ALA F 115 -7.29 23.84 -21.59
CA ALA F 115 -7.41 25.27 -21.31
C ALA F 115 -8.86 25.72 -21.27
N THR F 116 -9.66 25.35 -22.28
CA THR F 116 -11.06 25.76 -22.28
C THR F 116 -11.83 25.13 -21.11
N GLU F 117 -11.45 23.92 -20.69
CA GLU F 117 -12.12 23.33 -19.53
C GLU F 117 -11.77 24.10 -18.25
N ILE F 118 -10.51 24.52 -18.11
CA ILE F 118 -10.11 25.28 -16.94
C ILE F 118 -10.80 26.64 -16.92
N GLU F 119 -10.92 27.28 -18.09
CA GLU F 119 -11.61 28.57 -18.17
C GLU F 119 -13.06 28.44 -17.72
N ILE F 120 -13.74 27.37 -18.14
CA ILE F 120 -15.13 27.17 -17.74
C ILE F 120 -15.23 27.02 -16.24
N ALA F 121 -14.32 26.24 -15.63
CA ALA F 121 -14.37 26.05 -14.19
C ALA F 121 -14.02 27.32 -13.45
N ALA F 122 -13.04 28.08 -13.97
CA ALA F 122 -12.70 29.36 -13.35
C ALA F 122 -13.88 30.31 -13.37
N ASN F 123 -14.56 30.40 -14.52
CA ASN F 123 -15.70 31.31 -14.63
C ASN F 123 -16.84 30.87 -13.72
N HIS F 124 -17.04 29.56 -13.56
CA HIS F 124 -18.12 29.10 -12.70
C HIS F 124 -17.84 29.43 -11.24
N ILE F 125 -16.58 29.31 -10.80
CA ILE F 125 -16.29 29.58 -9.39
C ILE F 125 -16.29 31.07 -9.11
N LEU F 126 -15.86 31.89 -10.09
CA LEU F 126 -15.92 33.33 -9.90
C LEU F 126 -17.36 33.83 -9.88
N LYS F 127 -18.22 33.27 -10.73
CA LYS F 127 -19.64 33.59 -10.67
C LYS F 127 -20.25 33.11 -9.35
N THR F 128 -19.78 31.97 -8.83
CA THR F 128 -20.25 31.50 -7.54
C THR F 128 -19.83 32.46 -6.43
N ARG F 129 -18.57 32.94 -6.48
CA ARG F 129 -18.11 33.86 -5.45
C ARG F 129 -18.88 35.18 -5.48
N GLU F 130 -19.15 35.70 -6.68
CA GLU F 130 -19.88 36.95 -6.78
C GLU F 130 -21.28 36.82 -6.20
N LYS F 131 -21.94 35.69 -6.46
CA LYS F 131 -23.27 35.47 -5.89
C LYS F 131 -23.21 35.36 -4.38
N LEU F 132 -22.25 34.59 -3.86
CA LEU F 132 -22.10 34.48 -2.41
C LEU F 132 -21.80 35.83 -1.78
N ASN F 133 -20.91 36.61 -2.42
CA ASN F 133 -20.58 37.93 -1.90
C ASN F 133 -21.80 38.82 -1.84
N ARG F 134 -22.62 38.81 -2.89
CA ARG F 134 -23.80 39.68 -2.93
C ARG F 134 -24.80 39.31 -1.84
N ILE F 135 -25.07 38.01 -1.69
CA ILE F 135 -26.05 37.59 -0.69
C ILE F 135 -25.55 37.90 0.73
N LEU F 136 -24.26 37.65 0.99
CA LEU F 136 -23.72 37.96 2.31
C LEU F 136 -23.72 39.47 2.56
N SER F 137 -23.48 40.26 1.51
CA SER F 137 -23.62 41.71 1.59
C SER F 137 -25.00 42.08 2.13
N GLU F 138 -26.04 41.43 1.64
CA GLU F 138 -27.40 41.78 2.03
C GLU F 138 -27.72 41.29 3.43
N ARG F 139 -27.19 40.13 3.83
CA ARG F 139 -27.48 39.61 5.17
C ARG F 139 -26.78 40.42 6.26
N THR F 140 -25.67 41.07 5.93
CA THR F 140 -24.84 41.74 6.91
C THR F 140 -24.94 43.25 6.91
N GLY F 141 -25.49 43.85 5.84
CA GLY F 141 -25.47 45.29 5.74
C GLY F 141 -24.13 45.86 5.34
N GLN F 142 -23.25 45.05 4.78
CA GLN F 142 -21.96 45.51 4.30
C GLN F 142 -21.99 45.69 2.79
N SER F 143 -21.02 46.44 2.28
CA SER F 143 -20.89 46.59 0.84
C SER F 143 -20.27 45.34 0.23
N ILE F 144 -20.51 45.15 -1.07
CA ILE F 144 -19.91 44.02 -1.77
C ILE F 144 -18.39 44.19 -1.83
N GLU F 145 -17.93 45.43 -2.01
CA GLU F 145 -16.50 45.71 -2.00
C GLU F 145 -15.83 45.24 -0.72
N LYS F 146 -16.50 45.46 0.42
CA LYS F 146 -15.89 45.08 1.70
C LYS F 146 -15.89 43.57 1.90
N ILE F 147 -16.98 42.90 1.52
CA ILE F 147 -17.02 41.44 1.63
C ILE F 147 -15.91 40.81 0.79
N GLN F 148 -15.68 41.35 -0.41
CA GLN F 148 -14.65 40.81 -1.28
C GLN F 148 -13.27 40.91 -0.64
N LYS F 149 -12.96 42.06 -0.04
CA LYS F 149 -11.65 42.23 0.58
C LYS F 149 -11.53 41.40 1.85
N ASP F 150 -12.59 41.35 2.66
CA ASP F 150 -12.53 40.69 3.96
C ASP F 150 -12.52 39.18 3.85
N THR F 151 -12.89 38.60 2.70
CA THR F 151 -12.86 37.16 2.51
C THR F 151 -11.73 36.72 1.60
N ASP F 152 -10.83 37.65 1.24
CA ASP F 152 -9.70 37.29 0.40
C ASP F 152 -8.87 36.17 1.03
N ARG F 153 -8.68 36.23 2.34
CA ARG F 153 -8.02 35.18 3.10
C ARG F 153 -8.89 34.82 4.31
N ASP F 154 -8.51 33.73 4.98
CA ASP F 154 -9.20 33.33 6.20
C ASP F 154 -9.32 34.50 7.17
N ASN F 155 -10.54 34.76 7.62
CA ASN F 155 -10.84 35.90 8.49
C ASN F 155 -11.58 35.37 9.70
N PHE F 156 -10.88 35.27 10.84
CA PHE F 156 -11.46 34.75 12.07
C PHE F 156 -12.07 35.87 12.90
N LEU F 157 -13.25 35.63 13.44
CA LEU F 157 -14.01 36.63 14.17
C LEU F 157 -14.54 36.06 15.48
N THR F 158 -14.37 36.81 16.56
CA THR F 158 -15.03 36.48 17.81
C THR F 158 -16.54 36.69 17.66
N ALA F 159 -17.29 36.19 18.64
CA ALA F 159 -18.73 36.40 18.64
C ALA F 159 -19.08 37.89 18.60
N GLU F 160 -18.36 38.70 19.38
CA GLU F 160 -18.64 40.13 19.42
C GLU F 160 -18.33 40.79 18.07
N GLU F 161 -17.22 40.41 17.43
CA GLU F 161 -16.89 40.97 16.13
C GLU F 161 -17.91 40.54 15.08
N ALA F 162 -18.40 39.30 15.16
CA ALA F 162 -19.42 38.84 14.23
C ALA F 162 -20.68 39.68 14.34
N LYS F 163 -21.04 40.08 15.56
CA LYS F 163 -22.19 40.97 15.75
C LYS F 163 -21.94 42.33 15.13
N GLU F 164 -20.75 42.89 15.35
CA GLU F 164 -20.41 44.18 14.75
C GLU F 164 -20.36 44.08 13.23
N TYR F 165 -19.96 42.92 12.71
CA TYR F 165 -19.94 42.73 11.27
C TYR F 165 -21.33 42.62 10.68
N GLY F 166 -22.32 42.23 11.47
CA GLY F 166 -23.65 41.98 10.95
C GLY F 166 -23.94 40.54 10.61
N LEU F 167 -23.05 39.61 10.96
CA LEU F 167 -23.30 38.20 10.72
C LEU F 167 -24.30 37.63 11.73
N ILE F 168 -24.32 38.17 12.95
CA ILE F 168 -25.30 37.81 13.95
C ILE F 168 -25.89 39.09 14.52
N ASP F 169 -27.00 38.93 15.24
CA ASP F 169 -27.65 40.06 15.90
C ASP F 169 -27.29 40.21 17.37
N GLU F 170 -27.08 39.12 18.09
CA GLU F 170 -26.84 39.19 19.52
C GLU F 170 -25.89 38.08 19.97
N VAL F 171 -24.99 38.41 20.89
CA VAL F 171 -24.23 37.41 21.61
C VAL F 171 -25.10 36.90 22.76
N MET F 172 -25.29 35.58 22.82
CA MET F 172 -26.12 34.99 23.86
C MET F 172 -25.37 34.95 25.18
N VAL F 173 -25.90 35.63 26.20
CA VAL F 173 -25.31 35.63 27.53
C VAL F 173 -26.06 34.64 28.41
N PRO F 174 -25.46 34.18 29.51
CA PRO F 174 -26.21 33.44 30.53
C PRO F 174 -26.92 34.40 31.47
N GLU F 175 -28.01 33.94 32.10
CA GLU F 175 -28.52 32.56 32.07
C GLU F 175 -29.06 32.14 30.70
N ASP G 1 -29.31 0.32 26.52
CA ASP G 1 -27.90 0.70 26.62
C ASP G 1 -27.64 1.45 27.92
N ILE G 2 -26.43 1.27 28.46
CA ILE G 2 -26.17 1.67 29.84
C ILE G 2 -26.19 3.18 29.99
N TYR G 3 -25.70 3.92 28.98
CA TYR G 3 -25.62 5.36 29.11
C TYR G 3 -27.00 6.01 29.11
N SER G 4 -27.99 5.36 28.49
CA SER G 4 -29.34 5.89 28.49
C SER G 4 -29.92 5.93 29.90
N ARG G 5 -29.81 4.83 30.63
CA ARG G 5 -30.35 4.81 31.99
C ARG G 5 -29.57 5.77 32.90
N LEU G 6 -28.26 5.90 32.68
CA LEU G 6 -27.50 6.91 33.42
C LEU G 6 -28.01 8.31 33.14
N LEU G 7 -28.46 8.57 31.92
CA LEU G 7 -29.00 9.88 31.59
C LEU G 7 -30.29 10.17 32.36
N LYS G 8 -31.03 9.12 32.75
CA LYS G 8 -32.22 9.35 33.56
C LYS G 8 -31.87 9.84 34.96
N ASP G 9 -30.70 9.49 35.45
CA ASP G 9 -30.17 10.07 36.69
C ASP G 9 -29.39 11.34 36.43
N ARG G 10 -29.57 11.96 35.26
CA ARG G 10 -28.95 13.22 34.89
C ARG G 10 -27.42 13.12 34.85
N ILE G 11 -26.90 11.96 34.43
CA ILE G 11 -25.47 11.72 34.35
C ILE G 11 -25.08 11.75 32.88
N ILE G 12 -24.00 12.49 32.57
CA ILE G 12 -23.43 12.54 31.23
C ILE G 12 -22.00 12.06 31.31
N MET G 13 -21.64 11.12 30.43
CA MET G 13 -20.28 10.58 30.39
C MET G 13 -19.52 11.20 29.22
N LEU G 14 -18.49 11.97 29.53
CA LEU G 14 -17.53 12.44 28.52
C LEU G 14 -16.29 11.57 28.69
N GLY G 15 -16.25 10.49 27.92
CA GLY G 15 -15.18 9.52 28.07
C GLY G 15 -14.36 9.28 26.81
N SER G 16 -14.18 10.31 26.01
CA SER G 16 -13.43 10.15 24.77
C SER G 16 -12.78 11.47 24.38
N GLN G 17 -11.96 11.39 23.34
CA GLN G 17 -11.44 12.57 22.67
C GLN G 17 -12.57 13.49 22.25
N ILE G 18 -12.36 14.79 22.35
CA ILE G 18 -13.39 15.77 22.05
C ILE G 18 -13.23 16.24 20.61
N ASP G 19 -14.15 15.80 19.74
CA ASP G 19 -14.29 16.37 18.41
C ASP G 19 -15.71 16.91 18.29
N ASP G 20 -16.11 17.28 17.07
CA ASP G 20 -17.42 17.88 16.87
C ASP G 20 -18.55 16.91 17.15
N ASN G 21 -18.40 15.65 16.73
CA ASN G 21 -19.39 14.62 17.03
C ASN G 21 -19.66 14.53 18.53
N VAL G 22 -18.59 14.32 19.31
CA VAL G 22 -18.74 14.22 20.76
C VAL G 22 -19.35 15.49 21.33
N ALA G 23 -18.87 16.64 20.88
CA ALA G 23 -19.37 17.91 21.41
C ALA G 23 -20.87 18.07 21.16
N ASN G 24 -21.32 17.76 19.94
CA ASN G 24 -22.74 17.88 19.63
C ASN G 24 -23.58 16.89 20.44
N SER G 25 -23.04 15.70 20.73
CA SER G 25 -23.73 14.76 21.60
C SER G 25 -23.84 15.32 23.02
N ILE G 26 -22.71 15.81 23.56
CA ILE G 26 -22.72 16.36 24.92
C ILE G 26 -23.65 17.57 25.01
N VAL G 27 -23.58 18.45 24.01
CA VAL G 27 -24.39 19.67 24.04
C VAL G 27 -25.88 19.33 24.04
N SER G 28 -26.29 18.40 23.16
CA SER G 28 -27.69 18.03 23.09
C SER G 28 -28.15 17.33 24.37
N GLN G 29 -27.27 16.57 25.02
CA GLN G 29 -27.63 15.98 26.31
C GLN G 29 -27.84 17.06 27.37
N LEU G 30 -26.98 18.08 27.39
CA LEU G 30 -27.12 19.15 28.37
C LEU G 30 -28.44 19.90 28.17
N LEU G 31 -28.79 20.22 26.92
CA LEU G 31 -30.06 20.90 26.67
C LEU G 31 -31.26 20.00 26.97
N PHE G 32 -31.20 18.74 26.53
CA PHE G 32 -32.26 17.78 26.82
C PHE G 32 -32.50 17.68 28.31
N LEU G 33 -31.42 17.62 29.10
CA LEU G 33 -31.57 17.51 30.55
C LEU G 33 -32.16 18.78 31.13
N GLN G 34 -31.80 19.95 30.58
CA GLN G 34 -32.36 21.19 31.08
C GLN G 34 -33.85 21.27 30.78
N ALA G 35 -34.28 20.76 29.63
CA ALA G 35 -35.69 20.81 29.26
C ALA G 35 -36.54 19.98 30.19
N GLN G 36 -36.06 18.79 30.56
CA GLN G 36 -36.82 17.92 31.47
C GLN G 36 -36.98 18.57 32.83
N ASP G 37 -35.90 19.14 33.35
CA ASP G 37 -35.92 19.84 34.63
C ASP G 37 -34.84 20.90 34.57
N SER G 38 -35.18 22.13 34.96
CA SER G 38 -34.27 23.26 34.81
C SER G 38 -33.57 23.65 36.11
N GLU G 39 -33.77 22.92 37.20
CA GLU G 39 -33.15 23.28 38.47
C GLU G 39 -32.37 22.17 39.16
N LYS G 40 -32.65 20.90 38.88
CA LYS G 40 -31.87 19.83 39.49
C LYS G 40 -30.51 19.70 38.78
N ASP G 41 -29.49 19.34 39.55
CA ASP G 41 -28.13 19.34 39.06
C ASP G 41 -27.92 18.35 37.91
N ILE G 42 -26.82 18.55 37.20
CA ILE G 42 -26.34 17.63 36.17
C ILE G 42 -24.93 17.21 36.56
N TYR G 43 -24.59 15.96 36.23
CA TYR G 43 -23.31 15.40 36.58
C TYR G 43 -22.58 15.00 35.31
N LEU G 44 -21.42 15.60 35.08
CA LEU G 44 -20.61 15.37 33.88
C LEU G 44 -19.33 14.67 34.29
N TYR G 45 -19.26 13.37 34.01
CA TYR G 45 -18.05 12.61 34.24
C TYR G 45 -17.09 12.82 33.08
N ILE G 46 -15.81 13.03 33.40
CA ILE G 46 -14.81 13.40 32.41
C ILE G 46 -13.65 12.42 32.48
N ASN G 47 -13.45 11.64 31.42
CA ASN G 47 -12.26 10.82 31.21
C ASN G 47 -11.83 11.09 29.77
N SER G 48 -11.02 12.13 29.56
CA SER G 48 -10.76 12.56 28.20
C SER G 48 -9.33 13.04 28.01
N PRO G 49 -8.67 12.64 26.92
CA PRO G 49 -7.34 13.19 26.60
C PRO G 49 -7.39 14.60 26.02
N GLY G 50 -8.56 15.11 25.70
CA GLY G 50 -8.70 16.43 25.10
C GLY G 50 -9.24 16.37 23.68
N GLY G 51 -8.98 17.43 22.94
CA GLY G 51 -9.40 17.47 21.54
C GLY G 51 -9.48 18.90 21.03
N SER G 52 -10.43 19.11 20.12
CA SER G 52 -10.55 20.38 19.41
C SER G 52 -10.96 21.51 20.35
N VAL G 53 -10.35 22.68 20.17
CA VAL G 53 -10.67 23.83 21.01
C VAL G 53 -12.11 24.28 20.79
N THR G 54 -12.54 24.36 19.52
CA THR G 54 -13.88 24.86 19.23
C THR G 54 -14.95 23.86 19.68
N ALA G 55 -14.71 22.57 19.48
CA ALA G 55 -15.61 21.57 20.06
C ALA G 55 -15.67 21.69 21.57
N GLY G 56 -14.51 21.94 22.20
CA GLY G 56 -14.50 22.14 23.64
C GLY G 56 -15.30 23.36 24.07
N PHE G 57 -15.23 24.44 23.28
CA PHE G 57 -15.96 25.65 23.64
C PHE G 57 -17.46 25.51 23.41
N ALA G 58 -17.87 24.67 22.45
CA ALA G 58 -19.28 24.33 22.32
C ALA G 58 -19.82 23.78 23.64
N ILE G 59 -19.06 22.87 24.26
CA ILE G 59 -19.48 22.30 25.54
C ILE G 59 -19.36 23.32 26.65
N TYR G 60 -18.25 24.06 26.70
CA TYR G 60 -18.05 25.05 27.75
C TYR G 60 -19.18 26.07 27.77
N ASP G 61 -19.45 26.72 26.63
CA ASP G 61 -20.48 27.75 26.58
C ASP G 61 -21.86 27.20 26.89
N THR G 62 -22.14 25.95 26.49
CA THR G 62 -23.43 25.35 26.84
C THR G 62 -23.56 25.15 28.34
N ILE G 63 -22.47 24.74 28.99
CA ILE G 63 -22.49 24.53 30.44
C ILE G 63 -22.80 25.84 31.15
N GLN G 64 -22.09 26.91 30.78
CA GLN G 64 -22.34 28.21 31.40
C GLN G 64 -23.74 28.71 31.12
N HIS G 65 -24.30 28.38 29.95
CA HIS G 65 -25.53 29.04 29.54
C HIS G 65 -26.75 28.45 30.24
N ILE G 66 -26.81 27.13 30.42
CA ILE G 66 -28.03 26.52 30.93
C ILE G 66 -28.23 26.86 32.41
N LYS G 67 -29.47 26.68 32.86
CA LYS G 67 -29.79 27.01 34.25
C LYS G 67 -29.16 26.05 35.26
N PRO G 68 -29.28 24.72 35.11
CA PRO G 68 -28.82 23.83 36.19
C PRO G 68 -27.31 23.85 36.38
N ASP G 69 -26.89 23.73 37.64
CA ASP G 69 -25.49 23.53 37.96
C ASP G 69 -24.98 22.26 37.30
N VAL G 70 -23.78 22.32 36.74
CA VAL G 70 -23.14 21.15 36.14
C VAL G 70 -21.93 20.80 37.01
N GLN G 71 -22.04 19.71 37.76
CA GLN G 71 -20.90 19.19 38.49
C GLN G 71 -19.98 18.45 37.52
N THR G 72 -18.68 18.58 37.73
CA THR G 72 -17.68 17.90 36.92
C THR G 72 -16.87 16.97 37.81
N ILE G 73 -16.69 15.74 37.36
CA ILE G 73 -16.02 14.70 38.15
C ILE G 73 -15.01 14.01 37.24
N CYS G 74 -13.72 14.28 37.46
CA CYS G 74 -12.67 13.67 36.66
C CYS G 74 -12.38 12.26 37.18
N ILE G 75 -12.59 11.26 36.34
CA ILE G 75 -12.17 9.90 36.60
C ILE G 75 -11.11 9.54 35.57
N GLY G 76 -10.09 8.80 36.00
CA GLY G 76 -9.02 8.43 35.07
C GLY G 76 -8.13 9.58 34.68
N MET G 77 -8.57 10.43 33.76
CA MET G 77 -7.71 11.50 33.28
C MET G 77 -8.53 12.63 32.66
N ALA G 78 -8.11 13.86 32.93
CA ALA G 78 -8.59 15.04 32.23
C ALA G 78 -7.37 15.81 31.73
N ALA G 79 -7.10 15.73 30.44
CA ALA G 79 -5.94 16.36 29.85
C ALA G 79 -6.37 17.36 28.79
N SER G 80 -5.65 18.48 28.73
CA SER G 80 -5.82 19.44 27.64
C SER G 80 -7.22 20.06 27.71
N MET G 81 -8.03 19.97 26.65
CA MET G 81 -9.39 20.52 26.75
C MET G 81 -10.23 19.78 27.78
N GLY G 82 -9.89 18.54 28.11
CA GLY G 82 -10.62 17.83 29.15
C GLY G 82 -10.46 18.49 30.51
N SER G 83 -9.24 18.93 30.85
CA SER G 83 -9.04 19.63 32.11
C SER G 83 -9.65 21.01 32.08
N PHE G 84 -9.72 21.65 30.91
CA PHE G 84 -10.42 22.91 30.78
C PHE G 84 -11.90 22.75 31.12
N LEU G 85 -12.53 21.68 30.62
CA LEU G 85 -13.93 21.44 30.93
C LEU G 85 -14.12 21.03 32.39
N LEU G 86 -13.13 20.36 32.98
CA LEU G 86 -13.19 20.04 34.41
C LEU G 86 -13.28 21.31 35.24
N ALA G 87 -12.40 22.28 34.96
CA ALA G 87 -12.44 23.56 35.66
C ALA G 87 -13.68 24.37 35.33
N ALA G 88 -14.45 23.98 34.32
CA ALA G 88 -15.63 24.73 33.90
C ALA G 88 -16.86 24.38 34.72
N GLY G 89 -16.82 23.34 35.54
CA GLY G 89 -17.99 22.98 36.33
C GLY G 89 -18.33 24.04 37.35
N ALA G 90 -19.56 23.95 37.85
CA ALA G 90 -20.02 24.89 38.87
C ALA G 90 -19.06 24.93 40.04
N LYS G 91 -18.66 26.13 40.42
CA LYS G 91 -17.68 26.28 41.49
C LYS G 91 -18.22 25.71 42.79
N GLY G 92 -17.35 25.02 43.52
CA GLY G 92 -17.75 24.22 44.65
C GLY G 92 -18.13 22.80 44.30
N LYS G 93 -18.38 22.51 43.02
CA LYS G 93 -18.87 21.20 42.58
C LYS G 93 -17.98 20.59 41.52
N ARG G 94 -16.68 20.85 41.57
CA ARG G 94 -15.71 20.27 40.65
C ARG G 94 -14.84 19.30 41.43
N PHE G 95 -14.85 18.04 41.03
CA PHE G 95 -14.20 16.98 41.78
C PHE G 95 -13.27 16.17 40.89
N ALA G 96 -12.37 15.44 41.54
CA ALA G 96 -11.58 14.39 40.92
C ALA G 96 -11.46 13.24 41.90
N LEU G 97 -11.43 12.03 41.36
CA LEU G 97 -11.20 10.85 42.19
C LEU G 97 -9.73 10.78 42.57
N PRO G 98 -9.40 10.09 43.68
CA PRO G 98 -8.07 10.28 44.28
C PRO G 98 -6.89 9.94 43.36
N ASN G 99 -7.06 9.03 42.42
CA ASN G 99 -5.97 8.64 41.53
C ASN G 99 -6.15 9.20 40.12
N ALA G 100 -7.09 10.11 39.93
CA ALA G 100 -7.24 10.77 38.64
C ALA G 100 -6.02 11.64 38.36
N GLU G 101 -5.64 11.73 37.08
CA GLU G 101 -4.57 12.60 36.64
C GLU G 101 -5.16 13.77 35.86
N VAL G 102 -4.55 14.94 36.02
CA VAL G 102 -4.93 16.16 35.32
C VAL G 102 -3.71 16.70 34.62
N MET G 103 -3.88 17.10 33.35
CA MET G 103 -2.77 17.65 32.59
C MET G 103 -3.22 18.92 31.87
N ILE G 104 -2.35 19.93 31.90
CA ILE G 104 -2.59 21.20 31.24
C ILE G 104 -1.38 21.52 30.36
N HIS G 105 -1.66 22.08 29.18
CA HIS G 105 -0.60 22.57 28.31
C HIS G 105 -1.20 23.56 27.31
N GLN G 106 -0.32 24.18 26.53
CA GLN G 106 -0.73 25.18 25.57
C GLN G 106 -1.30 24.53 24.30
N PRO G 107 -2.08 25.27 23.51
CA PRO G 107 -2.68 24.68 22.31
C PRO G 107 -1.63 24.29 21.28
N LEU G 108 -2.00 23.35 20.43
CA LEU G 108 -1.18 22.92 19.31
C LEU G 108 -1.97 23.08 18.03
N GLY G 109 -1.24 23.20 16.93
CA GLY G 109 -1.87 23.29 15.63
C GLY G 109 -0.86 23.14 14.51
N GLY G 110 -1.26 23.59 13.33
CA GLY G 110 -0.37 23.54 12.18
C GLY G 110 -0.83 24.54 11.14
N ALA G 111 0.10 24.88 10.25
CA ALA G 111 -0.19 25.85 9.21
C ALA G 111 0.69 25.54 8.01
N GLN G 112 0.09 25.66 6.82
CA GLN G 112 0.81 25.40 5.58
C GLN G 112 0.41 26.42 4.54
N GLY G 113 1.37 26.81 3.70
CA GLY G 113 1.07 27.68 2.59
C GLY G 113 1.91 28.93 2.51
N GLN G 114 1.35 29.97 1.91
CA GLN G 114 2.07 31.23 1.73
C GLN G 114 2.35 31.88 3.08
N ALA G 115 3.36 32.76 3.09
CA ALA G 115 3.75 33.45 4.32
C ALA G 115 2.58 34.14 4.99
N THR G 116 1.70 34.79 4.21
CA THR G 116 0.58 35.50 4.82
C THR G 116 -0.47 34.54 5.37
N GLU G 117 -0.60 33.35 4.79
CA GLU G 117 -1.51 32.36 5.36
C GLU G 117 -0.93 31.78 6.65
N ILE G 118 0.38 31.61 6.73
CA ILE G 118 1.01 31.15 7.96
C ILE G 118 0.86 32.19 9.06
N GLU G 119 1.03 33.47 8.71
CA GLU G 119 0.87 34.53 9.70
C GLU G 119 -0.55 34.57 10.24
N ILE G 120 -1.55 34.37 9.37
CA ILE G 120 -2.94 34.35 9.81
C ILE G 120 -3.16 33.22 10.80
N ALA G 121 -2.64 32.03 10.50
CA ALA G 121 -2.82 30.88 11.38
C ALA G 121 -2.09 31.09 12.70
N ALA G 122 -0.87 31.63 12.65
CA ALA G 122 -0.14 31.92 13.88
C ALA G 122 -0.91 32.89 14.76
N ASN G 123 -1.40 33.98 14.17
CA ASN G 123 -2.16 34.96 14.95
C ASN G 123 -3.41 34.36 15.54
N HIS G 124 -4.07 33.46 14.80
CA HIS G 124 -5.30 32.85 15.31
C HIS G 124 -5.02 31.94 16.49
N ILE G 125 -3.95 31.15 16.45
CA ILE G 125 -3.69 30.24 17.56
C ILE G 125 -3.15 31.00 18.77
N LEU G 126 -2.42 32.10 18.55
CA LEU G 126 -1.96 32.90 19.68
C LEU G 126 -3.12 33.60 20.35
N LYS G 127 -4.07 34.12 19.55
CA LYS G 127 -5.28 34.69 20.12
C LYS G 127 -6.07 33.64 20.89
N THR G 128 -6.18 32.43 20.33
CA THR G 128 -6.88 31.36 21.01
C THR G 128 -6.23 31.04 22.35
N ARG G 129 -4.90 31.04 22.40
CA ARG G 129 -4.21 30.74 23.66
C ARG G 129 -4.46 31.84 24.70
N GLU G 130 -4.49 33.10 24.27
CA GLU G 130 -4.78 34.18 25.20
C GLU G 130 -6.19 34.06 25.78
N LYS G 131 -7.14 33.63 24.95
CA LYS G 131 -8.52 33.47 25.40
C LYS G 131 -8.65 32.30 26.36
N LEU G 132 -7.93 31.20 26.11
CA LEU G 132 -7.96 30.06 27.02
C LEU G 132 -7.31 30.40 28.35
N ASN G 133 -6.18 31.11 28.30
CA ASN G 133 -5.50 31.50 29.53
C ASN G 133 -6.38 32.41 30.39
N ARG G 134 -7.05 33.37 29.76
CA ARG G 134 -7.87 34.31 30.51
C ARG G 134 -9.05 33.62 31.18
N ILE G 135 -9.67 32.66 30.50
CA ILE G 135 -10.78 31.94 31.12
C ILE G 135 -10.27 31.02 32.23
N LEU G 136 -9.14 30.35 32.00
CA LEU G 136 -8.62 29.46 33.04
C LEU G 136 -8.19 30.24 34.27
N SER G 137 -7.63 31.44 34.06
CA SER G 137 -7.30 32.29 35.20
C SER G 137 -8.55 32.63 36.00
N GLU G 138 -9.67 32.86 35.31
CA GLU G 138 -10.90 33.19 36.02
C GLU G 138 -11.47 31.97 36.75
N ARG G 139 -11.35 30.79 36.15
CA ARG G 139 -11.92 29.59 36.78
C ARG G 139 -11.08 29.10 37.96
N THR G 140 -9.76 29.39 37.94
CA THR G 140 -8.86 28.85 38.96
C THR G 140 -8.39 29.87 39.99
N GLY G 141 -8.52 31.16 39.71
CA GLY G 141 -7.95 32.17 40.57
C GLY G 141 -6.47 32.43 40.37
N GLN G 142 -5.81 31.65 39.51
CA GLN G 142 -4.42 31.92 39.19
C GLN G 142 -4.32 33.08 38.19
N SER G 143 -3.15 33.70 38.15
CA SER G 143 -2.93 34.80 37.23
C SER G 143 -2.64 34.28 35.82
N ILE G 144 -2.94 35.12 34.83
CA ILE G 144 -2.70 34.76 33.43
C ILE G 144 -1.22 34.52 33.19
N GLU G 145 -0.36 35.30 33.85
CA GLU G 145 1.08 35.12 33.70
C GLU G 145 1.54 33.77 34.22
N LYS G 146 0.92 33.28 35.29
CA LYS G 146 1.29 31.97 35.82
C LYS G 146 0.74 30.85 34.92
N ILE G 147 -0.50 30.99 34.44
CA ILE G 147 -1.05 30.03 33.50
C ILE G 147 -0.15 29.91 32.28
N GLN G 148 0.29 31.05 31.74
CA GLN G 148 1.14 31.04 30.55
C GLN G 148 2.43 30.26 30.80
N LYS G 149 3.08 30.50 31.93
CA LYS G 149 4.34 29.81 32.22
C LYS G 149 4.10 28.35 32.53
N ASP G 150 3.03 28.03 33.25
CA ASP G 150 2.78 26.64 33.65
C ASP G 150 2.31 25.77 32.50
N THR G 151 1.86 26.35 31.40
CA THR G 151 1.38 25.57 30.26
C THR G 151 2.37 25.60 29.09
N ASP G 152 3.58 26.11 29.30
CA ASP G 152 4.57 26.14 28.23
C ASP G 152 4.85 24.75 27.70
N ARG G 153 4.93 23.76 28.58
CA ARG G 153 5.05 22.37 28.21
C ARG G 153 4.01 21.56 28.97
N ASP G 154 3.91 20.28 28.64
CA ASP G 154 3.00 19.37 29.34
C ASP G 154 3.22 19.45 30.84
N ASN G 155 2.13 19.62 31.58
CA ASN G 155 2.18 19.83 33.03
C ASN G 155 1.21 18.85 33.69
N PHE G 156 1.74 17.77 34.26
CA PHE G 156 0.94 16.73 34.87
C PHE G 156 0.70 17.03 36.35
N LEU G 157 -0.55 16.87 36.78
CA LEU G 157 -0.97 17.21 38.14
C LEU G 157 -1.72 16.04 38.75
N THR G 158 -1.40 15.73 40.01
CA THR G 158 -2.23 14.81 40.77
C THR G 158 -3.56 15.48 41.11
N ALA G 159 -4.51 14.66 41.57
CA ALA G 159 -5.79 15.20 42.02
C ALA G 159 -5.59 16.24 43.11
N GLU G 160 -4.65 15.98 44.03
CA GLU G 160 -4.37 16.94 45.09
C GLU G 160 -3.77 18.23 44.54
N GLU G 161 -2.84 18.10 43.59
CA GLU G 161 -2.24 19.29 42.99
C GLU G 161 -3.26 20.09 42.20
N ALA G 162 -4.21 19.41 41.54
CA ALA G 162 -5.26 20.12 40.80
C ALA G 162 -6.15 20.91 41.74
N LYS G 163 -6.41 20.40 42.94
CA LYS G 163 -7.20 21.15 43.92
C LYS G 163 -6.44 22.39 44.38
N GLU G 164 -5.15 22.24 44.69
CA GLU G 164 -4.34 23.40 45.08
C GLU G 164 -4.29 24.41 43.95
N TYR G 165 -4.23 23.94 42.70
CA TYR G 165 -4.18 24.84 41.56
C TYR G 165 -5.48 25.60 41.35
N GLY G 166 -6.60 25.07 41.84
CA GLY G 166 -7.91 25.67 41.60
C GLY G 166 -8.69 25.05 40.46
N LEU G 167 -8.18 23.99 39.84
CA LEU G 167 -8.91 23.33 38.76
C LEU G 167 -10.13 22.59 39.30
N ILE G 168 -10.00 21.99 40.47
CA ILE G 168 -11.11 21.32 41.13
C ILE G 168 -11.28 21.93 42.52
N ASP G 169 -12.42 21.63 43.14
CA ASP G 169 -12.69 22.10 44.49
C ASP G 169 -12.35 21.04 45.54
N GLU G 170 -12.68 19.77 45.29
CA GLU G 170 -12.42 18.71 46.25
C GLU G 170 -11.98 17.44 45.55
N VAL G 171 -11.06 16.72 46.18
CA VAL G 171 -10.82 15.32 45.85
C VAL G 171 -11.88 14.51 46.58
N MET G 172 -12.65 13.71 45.85
CA MET G 172 -13.75 12.99 46.48
C MET G 172 -13.25 11.67 47.05
N VAL G 173 -13.50 11.47 48.34
CA VAL G 173 -13.10 10.30 49.10
C VAL G 173 -14.17 9.21 48.93
N PRO G 174 -13.85 7.95 49.19
CA PRO G 174 -14.92 6.96 49.36
C PRO G 174 -15.67 7.27 50.65
N GLU G 175 -16.98 7.01 50.66
CA GLU G 175 -17.67 6.25 49.64
C GLU G 175 -18.80 7.04 48.99
N ASP H 1 28.84 5.00 -26.44
CA ASP H 1 27.40 5.13 -26.55
C ASP H 1 27.01 5.64 -27.94
N ILE H 2 25.86 5.17 -28.44
CA ILE H 2 25.53 5.39 -29.84
C ILE H 2 25.19 6.86 -30.10
N TYR H 3 24.57 7.53 -29.14
CA TYR H 3 24.17 8.92 -29.36
C TYR H 3 25.38 9.84 -29.39
N SER H 4 26.44 9.49 -28.65
CA SER H 4 27.68 10.24 -28.73
C SER H 4 28.24 10.22 -30.15
N ARG H 5 28.25 9.04 -30.77
CA ARG H 5 28.73 8.95 -32.15
C ARG H 5 27.88 9.78 -33.10
N LEU H 6 26.57 9.81 -32.88
CA LEU H 6 25.69 10.59 -33.75
C LEU H 6 25.89 12.08 -33.55
N LEU H 7 26.27 12.51 -32.34
CA LEU H 7 26.56 13.92 -32.12
C LEU H 7 27.78 14.37 -32.91
N LYS H 8 28.71 13.44 -33.20
CA LYS H 8 29.83 13.76 -34.08
C LYS H 8 29.34 14.25 -35.44
N ASP H 9 28.29 13.63 -35.98
CA ASP H 9 27.68 14.05 -37.23
C ASP H 9 26.65 15.16 -37.02
N ARG H 10 26.67 15.81 -35.86
CA ARG H 10 25.78 16.93 -35.55
C ARG H 10 24.31 16.51 -35.54
N ILE H 11 24.03 15.31 -35.05
CA ILE H 11 22.68 14.77 -34.94
C ILE H 11 22.29 14.77 -33.47
N ILE H 12 21.12 15.33 -33.16
CA ILE H 12 20.54 15.29 -31.82
C ILE H 12 19.23 14.55 -31.89
N MET H 13 19.04 13.56 -31.01
CA MET H 13 17.82 12.77 -30.97
C MET H 13 16.95 13.24 -29.82
N LEU H 14 15.78 13.79 -30.14
CA LEU H 14 14.74 14.09 -29.15
C LEU H 14 13.74 12.95 -29.24
N GLY H 15 13.94 11.94 -28.39
CA GLY H 15 13.13 10.75 -28.48
C GLY H 15 12.35 10.40 -27.23
N SER H 16 11.89 11.41 -26.50
CA SER H 16 11.17 11.15 -25.26
C SER H 16 10.24 12.31 -24.95
N GLN H 17 9.49 12.14 -23.87
CA GLN H 17 8.71 13.22 -23.27
C GLN H 17 9.61 14.40 -22.92
N ILE H 18 9.07 15.60 -23.07
CA ILE H 18 9.85 16.83 -22.89
C ILE H 18 9.56 17.34 -21.48
N ASP H 19 10.52 17.13 -20.57
CA ASP H 19 10.52 17.78 -19.26
C ASP H 19 11.77 18.66 -19.18
N ASP H 20 12.04 19.19 -17.99
CA ASP H 20 13.16 20.12 -17.84
C ASP H 20 14.50 19.43 -18.03
N ASN H 21 14.63 18.18 -17.59
CA ASN H 21 15.86 17.42 -17.82
C ASN H 21 16.16 17.31 -19.31
N VAL H 22 15.19 16.81 -20.08
CA VAL H 22 15.40 16.62 -21.51
C VAL H 22 15.70 17.95 -22.19
N ALA H 23 14.97 19.00 -21.83
CA ALA H 23 15.19 20.31 -22.44
C ALA H 23 16.61 20.81 -22.21
N ASN H 24 17.14 20.61 -21.00
CA ASN H 24 18.50 21.07 -20.72
C ASN H 24 19.54 20.25 -21.49
N SER H 25 19.26 18.96 -21.70
CA SER H 25 20.17 18.15 -22.51
C SER H 25 20.15 18.61 -23.96
N ILE H 26 18.96 18.85 -24.52
CA ILE H 26 18.87 19.29 -25.90
C ILE H 26 19.48 20.67 -26.06
N VAL H 27 19.17 21.58 -25.15
CA VAL H 27 19.71 22.94 -25.23
C VAL H 27 21.24 22.91 -25.16
N SER H 28 21.79 22.12 -24.25
CA SER H 28 23.24 22.05 -24.10
C SER H 28 23.89 21.41 -25.32
N GLN H 29 23.22 20.45 -25.96
CA GLN H 29 23.75 19.87 -27.18
C GLN H 29 23.78 20.88 -28.31
N LEU H 30 22.74 21.73 -28.40
CA LEU H 30 22.69 22.75 -29.45
C LEU H 30 23.83 23.74 -29.29
N LEU H 31 24.01 24.28 -28.08
CA LEU H 31 25.07 25.25 -27.85
C LEU H 31 26.45 24.62 -28.05
N PHE H 32 26.62 23.37 -27.59
CA PHE H 32 27.88 22.67 -27.82
C PHE H 32 28.14 22.50 -29.31
N LEU H 33 27.10 22.17 -30.09
CA LEU H 33 27.29 22.01 -31.52
C LEU H 33 27.58 23.35 -32.19
N GLN H 34 26.92 24.42 -31.75
CA GLN H 34 27.20 25.73 -32.30
C GLN H 34 28.63 26.16 -32.00
N ALA H 35 29.16 25.76 -30.85
CA ALA H 35 30.53 26.14 -30.49
C ALA H 35 31.54 25.47 -31.40
N GLN H 36 31.36 24.17 -31.65
CA GLN H 36 32.29 23.44 -32.52
C GLN H 36 32.32 24.03 -33.93
N ASP H 37 31.14 24.36 -34.45
CA ASP H 37 31.01 24.97 -35.77
C ASP H 37 29.69 25.71 -35.77
N SER H 38 29.71 27.00 -36.11
CA SER H 38 28.54 27.85 -36.04
C SER H 38 27.85 28.03 -37.38
N GLU H 39 28.28 27.32 -38.42
CA GLU H 39 27.68 27.44 -39.74
C GLU H 39 27.27 26.11 -40.37
N LYS H 40 27.76 24.97 -39.87
CA LYS H 40 27.30 23.69 -40.36
C LYS H 40 25.94 23.35 -39.75
N ASP H 41 25.08 22.71 -40.55
CA ASP H 41 23.71 22.45 -40.13
C ASP H 41 23.66 21.46 -38.96
N ILE H 42 22.55 21.53 -38.21
CA ILE H 42 22.25 20.61 -37.13
C ILE H 42 20.98 19.87 -37.48
N TYR H 43 20.93 18.58 -37.13
CA TYR H 43 19.77 17.73 -37.44
C TYR H 43 19.15 17.27 -36.12
N LEU H 44 17.86 17.57 -35.96
CA LEU H 44 17.12 17.25 -34.74
C LEU H 44 16.04 16.23 -35.10
N TYR H 45 16.27 14.97 -34.75
CA TYR H 45 15.27 13.94 -34.94
C TYR H 45 14.25 14.01 -33.80
N ILE H 46 12.97 13.99 -34.15
CA ILE H 46 11.90 14.15 -33.17
C ILE H 46 11.02 12.89 -33.19
N ASN H 47 10.93 12.23 -32.04
CA ASN H 47 9.97 11.16 -31.78
C ASN H 47 9.51 11.38 -30.35
N SER H 48 8.46 12.18 -30.18
CA SER H 48 8.09 12.67 -28.87
C SER H 48 6.58 12.81 -28.72
N PRO H 49 6.02 12.41 -27.58
CA PRO H 49 4.59 12.62 -27.33
C PRO H 49 4.26 14.01 -26.78
N GLY H 50 5.27 14.85 -26.56
CA GLY H 50 5.05 16.17 -26.01
C GLY H 50 5.65 16.32 -24.63
N GLY H 51 5.14 17.31 -23.90
CA GLY H 51 5.60 17.57 -22.55
C GLY H 51 5.36 19.02 -22.16
N SER H 52 6.21 19.51 -21.27
CA SER H 52 6.02 20.82 -20.67
C SER H 52 6.16 21.94 -21.70
N VAL H 53 5.34 22.97 -21.54
CA VAL H 53 5.37 24.10 -22.47
C VAL H 53 6.65 24.91 -22.28
N THR H 54 7.00 25.23 -21.02
CA THR H 54 8.19 26.05 -20.79
C THR H 54 9.46 25.30 -21.16
N ALA H 55 9.50 23.99 -20.90
CA ALA H 55 10.63 23.19 -21.36
C ALA H 55 10.70 23.18 -22.88
N GLY H 56 9.55 23.09 -23.54
CA GLY H 56 9.54 23.18 -24.99
C GLY H 56 10.03 24.52 -25.50
N PHE H 57 9.67 25.61 -24.82
CA PHE H 57 10.11 26.92 -25.27
C PHE H 57 11.60 27.14 -25.01
N ALA H 58 12.16 26.48 -24.00
CA ALA H 58 13.61 26.50 -23.82
C ALA H 58 14.30 25.96 -25.07
N ILE H 59 13.79 24.86 -25.63
CA ILE H 59 14.36 24.31 -26.86
C ILE H 59 14.03 25.23 -28.04
N TYR H 60 12.78 25.69 -28.14
CA TYR H 60 12.39 26.53 -29.26
C TYR H 60 13.28 27.76 -29.37
N ASP H 61 13.40 28.52 -28.28
CA ASP H 61 14.15 29.77 -28.33
C ASP H 61 15.62 29.53 -28.60
N THR H 62 16.17 28.41 -28.13
CA THR H 62 17.56 28.09 -28.44
C THR H 62 17.72 27.77 -29.92
N ILE H 63 16.74 27.10 -30.51
CA ILE H 63 16.79 26.79 -31.93
C ILE H 63 16.80 28.07 -32.76
N GLN H 64 15.95 29.04 -32.40
CA GLN H 64 15.91 30.30 -33.14
C GLN H 64 17.15 31.14 -32.86
N HIS H 65 17.77 31.00 -31.69
CA HIS H 65 18.81 31.93 -31.33
C HIS H 65 20.15 31.63 -32.00
N ILE H 66 20.53 30.36 -32.10
CA ILE H 66 21.87 30.00 -32.54
C ILE H 66 22.03 30.31 -34.03
N LYS H 67 23.28 30.32 -34.50
CA LYS H 67 23.54 30.63 -35.90
C LYS H 67 23.17 29.49 -36.85
N PRO H 68 23.58 28.24 -36.61
CA PRO H 68 23.33 27.19 -37.61
C PRO H 68 21.86 26.90 -37.84
N ASP H 69 21.53 26.54 -39.07
CA ASP H 69 20.21 26.04 -39.41
C ASP H 69 19.96 24.73 -38.66
N VAL H 70 18.78 24.59 -38.09
CA VAL H 70 18.39 23.35 -37.41
C VAL H 70 17.30 22.69 -38.24
N GLN H 71 17.64 21.60 -38.89
CA GLN H 71 16.66 20.78 -39.57
C GLN H 71 15.92 19.92 -38.55
N THR H 72 14.62 19.72 -38.79
CA THR H 72 13.80 18.88 -37.93
C THR H 72 13.24 17.72 -38.75
N ILE H 73 13.35 16.51 -38.22
CA ILE H 73 12.90 15.30 -38.90
C ILE H 73 12.04 14.52 -37.92
N CYS H 74 10.74 14.42 -38.21
CA CYS H 74 9.85 13.63 -37.39
C CYS H 74 9.92 12.17 -37.81
N ILE H 75 10.29 11.30 -36.88
CA ILE H 75 10.23 9.86 -37.06
C ILE H 75 9.27 9.32 -36.00
N GLY H 76 8.39 8.42 -36.41
CA GLY H 76 7.41 7.89 -35.50
C GLY H 76 6.28 8.86 -35.20
N MET H 77 6.53 9.86 -34.37
CA MET H 77 5.43 10.72 -33.92
C MET H 77 5.95 12.01 -33.32
N ALA H 78 5.30 13.11 -33.68
CA ALA H 78 5.53 14.42 -33.06
C ALA H 78 4.16 14.91 -32.60
N ALA H 79 3.87 14.73 -31.32
CA ALA H 79 2.58 15.11 -30.75
C ALA H 79 2.77 16.32 -29.84
N SER H 80 1.84 17.26 -29.93
CA SER H 80 1.72 18.36 -28.97
C SER H 80 2.99 19.22 -29.06
N MET H 81 3.70 19.45 -27.96
CA MET H 81 4.94 20.21 -28.01
C MET H 81 5.97 19.55 -28.93
N GLY H 82 5.85 18.25 -29.19
CA GLY H 82 6.69 17.63 -30.20
C GLY H 82 6.45 18.18 -31.59
N SER H 83 5.18 18.34 -31.98
CA SER H 83 4.89 18.92 -33.28
C SER H 83 5.22 20.41 -33.33
N PHE H 84 5.07 21.10 -32.22
CA PHE H 84 5.47 22.51 -32.17
C PHE H 84 6.94 22.68 -32.48
N LEU H 85 7.79 21.81 -31.91
CA LEU H 85 9.21 21.89 -32.19
C LEU H 85 9.53 21.44 -33.62
N LEU H 86 8.73 20.51 -34.16
CA LEU H 86 8.89 20.12 -35.56
C LEU H 86 8.69 21.32 -36.48
N ALA H 87 7.61 22.07 -36.27
CA ALA H 87 7.35 23.26 -37.07
C ALA H 87 8.36 24.36 -36.84
N ALA H 88 9.25 24.21 -35.86
CA ALA H 88 10.21 25.25 -35.50
C ALA H 88 11.53 25.14 -36.24
N GLY H 89 11.75 24.05 -36.99
CA GLY H 89 12.99 23.92 -37.73
C GLY H 89 13.13 24.98 -38.80
N ALA H 90 14.36 25.15 -39.28
CA ALA H 90 14.63 26.09 -40.37
C ALA H 90 13.67 25.82 -41.52
N LYS H 91 13.03 26.88 -41.99
CA LYS H 91 12.03 26.73 -43.03
C LYS H 91 12.66 26.19 -44.31
N GLY H 92 11.97 25.24 -44.95
CA GLY H 92 12.55 24.50 -46.04
C GLY H 92 13.34 23.28 -45.62
N LYS H 93 13.54 23.07 -44.33
CA LYS H 93 14.30 21.93 -43.81
C LYS H 93 13.55 21.25 -42.67
N ARG H 94 12.22 21.21 -42.77
CA ARG H 94 11.38 20.51 -41.80
C ARG H 94 10.75 19.32 -42.50
N PHE H 95 11.05 18.11 -42.01
CA PHE H 95 10.70 16.88 -42.70
C PHE H 95 9.93 15.94 -41.78
N ALA H 96 9.27 14.97 -42.41
CA ALA H 96 8.66 13.84 -41.71
C ALA H 96 8.80 12.60 -42.58
N LEU H 97 9.04 11.47 -41.94
CA LEU H 97 9.08 10.22 -42.65
C LEU H 97 7.65 9.78 -43.03
N PRO H 98 7.49 9.01 -44.11
CA PRO H 98 6.16 8.85 -44.71
C PRO H 98 5.08 8.34 -43.78
N ASN H 99 5.43 7.54 -42.77
CA ASN H 99 4.45 7.00 -41.86
C ASN H 99 4.47 7.66 -40.48
N ALA H 100 5.26 8.72 -40.33
CA ALA H 100 5.23 9.48 -39.08
C ALA H 100 3.85 10.06 -38.86
N GLU H 101 3.49 10.21 -37.59
CA GLU H 101 2.22 10.83 -37.21
C GLU H 101 2.48 12.16 -36.51
N VAL H 102 1.62 13.13 -36.81
CA VAL H 102 1.69 14.46 -36.21
C VAL H 102 0.35 14.74 -35.55
N MET H 103 0.39 15.26 -34.33
CA MET H 103 -0.82 15.57 -33.58
C MET H 103 -0.67 16.94 -32.95
N ILE H 104 -1.72 17.74 -33.05
CA ILE H 104 -1.77 19.06 -32.43
C ILE H 104 -3.02 19.13 -31.58
N HIS H 105 -2.93 19.87 -30.47
CA HIS H 105 -4.07 20.13 -29.61
C HIS H 105 -3.71 21.28 -28.67
N GLN H 106 -4.71 21.75 -27.94
CA GLN H 106 -4.56 22.89 -27.07
C GLN H 106 -3.89 22.48 -25.75
N PRO H 107 -3.31 23.44 -25.02
CA PRO H 107 -2.59 23.07 -23.79
C PRO H 107 -3.52 22.52 -22.72
N LEU H 108 -2.92 21.76 -21.81
CA LEU H 108 -3.64 21.18 -20.69
C LEU H 108 -2.93 21.56 -19.40
N GLY H 109 -3.67 21.56 -18.32
CA GLY H 109 -3.11 21.89 -17.03
C GLY H 109 -4.10 21.60 -15.92
N GLY H 110 -3.83 22.21 -14.77
CA GLY H 110 -4.69 22.04 -13.62
C GLY H 110 -4.47 23.15 -12.62
N ALA H 111 -5.49 23.41 -11.82
CA ALA H 111 -5.42 24.46 -10.81
C ALA H 111 -6.22 24.04 -9.60
N GLN H 112 -5.69 24.34 -8.41
CA GLN H 112 -6.34 24.05 -7.15
C GLN H 112 -6.23 25.26 -6.22
N GLY H 113 -7.23 25.43 -5.36
CA GLY H 113 -7.16 26.45 -4.34
C GLY H 113 -8.29 27.47 -4.37
N GLN H 114 -8.00 28.66 -3.86
CA GLN H 114 -9.00 29.72 -3.76
C GLN H 114 -9.43 30.19 -5.14
N ALA H 115 -10.62 30.80 -5.19
CA ALA H 115 -11.16 31.31 -6.45
C ALA H 115 -10.17 32.22 -7.18
N THR H 116 -9.51 33.13 -6.45
CA THR H 116 -8.54 34.01 -7.10
C THR H 116 -7.34 33.22 -7.61
N GLU H 117 -6.97 32.11 -6.94
CA GLU H 117 -5.85 31.31 -7.43
C GLU H 117 -6.23 30.58 -8.71
N ILE H 118 -7.48 30.10 -8.82
CA ILE H 118 -7.91 29.43 -10.03
C ILE H 118 -8.03 30.43 -11.18
N GLU H 119 -8.47 31.66 -10.89
CA GLU H 119 -8.52 32.68 -11.92
C GLU H 119 -7.13 32.99 -12.47
N ILE H 120 -6.13 33.08 -11.60
CA ILE H 120 -4.76 33.34 -12.05
C ILE H 120 -4.28 32.23 -12.98
N ALA H 121 -4.52 30.98 -12.58
CA ALA H 121 -4.05 29.85 -13.39
C ALA H 121 -4.81 29.76 -14.70
N ALA H 122 -6.13 29.99 -14.66
CA ALA H 122 -6.89 30.01 -15.91
C ALA H 122 -6.38 31.08 -16.84
N ASN H 123 -6.11 32.28 -16.33
CA ASN H 123 -5.60 33.36 -17.16
C ASN H 123 -4.23 33.00 -17.73
N HIS H 124 -3.39 32.32 -16.95
CA HIS H 124 -2.05 32.02 -17.42
C HIS H 124 -2.08 31.00 -18.55
N ILE H 125 -2.93 29.97 -18.44
CA ILE H 125 -2.96 28.95 -19.49
C ILE H 125 -3.62 29.49 -20.75
N LEU H 126 -4.60 30.39 -20.60
CA LEU H 126 -5.22 31.00 -21.77
C LEU H 126 -4.23 31.90 -22.49
N LYS H 127 -3.43 32.66 -21.73
CA LYS H 127 -2.38 33.47 -22.33
C LYS H 127 -1.35 32.58 -23.03
N THR H 128 -1.00 31.46 -22.41
CA THR H 128 -0.03 30.55 -23.01
C THR H 128 -0.56 29.97 -24.32
N ARG H 129 -1.84 29.59 -24.35
CA ARG H 129 -2.43 29.10 -25.59
C ARG H 129 -2.39 30.17 -26.69
N GLU H 130 -2.67 31.42 -26.32
CA GLU H 130 -2.63 32.49 -27.31
C GLU H 130 -1.24 32.68 -27.88
N LYS H 131 -0.22 32.63 -27.02
CA LYS H 131 1.15 32.74 -27.50
C LYS H 131 1.53 31.57 -28.40
N LEU H 132 1.14 30.35 -28.02
CA LEU H 132 1.42 29.18 -28.85
C LEU H 132 0.73 29.29 -30.21
N ASN H 133 -0.53 29.73 -30.21
CA ASN H 133 -1.27 29.89 -31.46
C ASN H 133 -0.62 30.92 -32.38
N ARG H 134 -0.16 32.04 -31.82
CA ARG H 134 0.43 33.09 -32.64
C ARG H 134 1.72 32.62 -33.29
N ILE H 135 2.54 31.88 -32.55
CA ILE H 135 3.80 31.40 -33.12
C ILE H 135 3.55 30.34 -34.18
N LEU H 136 2.62 29.41 -33.92
CA LEU H 136 2.32 28.37 -34.90
C LEU H 136 1.73 28.97 -36.16
N SER H 137 0.90 29.99 -36.03
CA SER H 137 0.41 30.72 -37.19
C SER H 137 1.57 31.24 -38.03
N GLU H 138 2.61 31.76 -37.39
CA GLU H 138 3.74 32.30 -38.11
C GLU H 138 4.58 31.20 -38.74
N ARG H 139 4.73 30.07 -38.05
CA ARG H 139 5.53 28.96 -38.58
C ARG H 139 4.83 28.19 -39.69
N THR H 140 3.50 28.22 -39.73
CA THR H 140 2.74 27.43 -40.70
C THR H 140 2.10 28.24 -41.80
N GLY H 141 1.86 29.53 -41.59
CA GLY H 141 1.10 30.31 -42.53
C GLY H 141 -0.40 30.23 -42.36
N GLN H 142 -0.88 29.40 -41.43
CA GLN H 142 -2.31 29.36 -41.12
C GLN H 142 -2.68 30.51 -40.20
N SER H 143 -3.95 30.89 -40.23
CA SER H 143 -4.43 31.97 -39.39
C SER H 143 -4.59 31.49 -37.94
N ILE H 144 -4.51 32.45 -37.01
CA ILE H 144 -4.71 32.13 -35.60
C ILE H 144 -6.12 31.60 -35.38
N GLU H 145 -7.10 32.17 -36.08
CA GLU H 145 -8.46 31.65 -36.01
C GLU H 145 -8.49 30.18 -36.37
N LYS H 146 -7.76 29.79 -37.42
CA LYS H 146 -7.81 28.39 -37.85
C LYS H 146 -7.09 27.47 -36.87
N ILE H 147 -5.93 27.88 -36.36
CA ILE H 147 -5.23 27.09 -35.35
C ILE H 147 -6.14 26.85 -34.14
N GLN H 148 -6.80 27.90 -33.67
CA GLN H 148 -7.65 27.80 -32.48
C GLN H 148 -8.73 26.73 -32.64
N LYS H 149 -9.40 26.71 -33.79
CA LYS H 149 -10.47 25.74 -33.98
C LYS H 149 -9.92 24.34 -34.23
N ASP H 150 -8.78 24.22 -34.91
CA ASP H 150 -8.19 22.92 -35.20
C ASP H 150 -7.54 22.27 -33.98
N THR H 151 -7.26 23.03 -32.92
CA THR H 151 -6.64 22.48 -31.72
C THR H 151 -7.62 22.37 -30.55
N ASP H 152 -8.92 22.57 -30.81
CA ASP H 152 -9.90 22.45 -29.74
C ASP H 152 -9.86 21.06 -29.10
N ARG H 153 -9.71 20.03 -29.93
CA ARG H 153 -9.53 18.66 -29.47
C ARG H 153 -8.33 18.06 -30.20
N ASP H 154 -7.96 16.86 -29.79
CA ASP H 154 -6.88 16.12 -30.45
C ASP H 154 -7.09 16.05 -31.96
N ASN H 155 -6.07 16.44 -32.71
CA ASN H 155 -6.15 16.55 -34.16
C ASN H 155 -4.94 15.81 -34.74
N PHE H 156 -5.16 14.56 -35.18
CA PHE H 156 -4.09 13.72 -35.71
C PHE H 156 -3.92 13.96 -37.20
N LEU H 157 -2.66 14.05 -37.63
CA LEU H 157 -2.34 14.35 -39.02
C LEU H 157 -1.31 13.36 -39.55
N THR H 158 -1.53 12.91 -40.79
CA THR H 158 -0.51 12.15 -41.49
C THR H 158 0.65 13.07 -41.89
N ALA H 159 1.75 12.45 -42.30
CA ALA H 159 2.88 13.22 -42.81
C ALA H 159 2.46 14.13 -43.96
N GLU H 160 1.61 13.62 -44.85
CA GLU H 160 1.16 14.42 -45.98
C GLU H 160 0.29 15.59 -45.52
N GLU H 161 -0.65 15.33 -44.60
CA GLU H 161 -1.48 16.41 -44.08
C GLU H 161 -0.65 17.44 -43.34
N ALA H 162 0.41 17.02 -42.64
CA ALA H 162 1.26 17.98 -41.96
C ALA H 162 1.96 18.90 -42.95
N LYS H 163 2.33 18.38 -44.11
CA LYS H 163 2.91 19.21 -45.15
C LYS H 163 1.90 20.21 -45.68
N GLU H 164 0.69 19.74 -46.00
CA GLU H 164 -0.37 20.63 -46.44
C GLU H 164 -0.65 21.70 -45.39
N TYR H 165 -0.56 21.34 -44.11
CA TYR H 165 -0.86 22.27 -43.04
C TYR H 165 0.21 23.35 -42.87
N GLY H 166 1.44 23.08 -43.28
CA GLY H 166 2.54 23.99 -43.06
C GLY H 166 3.45 23.61 -41.91
N LEU H 167 3.17 22.50 -41.21
CA LEU H 167 4.00 22.09 -40.10
C LEU H 167 5.36 21.59 -40.58
N ILE H 168 5.39 20.94 -41.75
CA ILE H 168 6.63 20.50 -42.37
C ILE H 168 6.67 21.02 -43.80
N ASP H 169 7.85 20.93 -44.41
CA ASP H 169 8.07 21.34 -45.79
C ASP H 169 8.01 20.17 -46.77
N GLU H 170 8.56 19.01 -46.42
CA GLU H 170 8.55 17.87 -47.32
C GLU H 170 8.39 16.57 -46.54
N VAL H 171 7.72 15.61 -47.18
CA VAL H 171 7.77 14.22 -46.72
C VAL H 171 9.02 13.58 -47.29
N MET H 172 9.82 12.97 -46.42
CA MET H 172 11.07 12.36 -46.86
C MET H 172 10.78 11.03 -47.53
N VAL H 173 11.18 10.90 -48.80
CA VAL H 173 11.00 9.67 -49.56
C VAL H 173 12.26 8.84 -49.42
N PRO H 174 12.18 7.52 -49.59
CA PRO H 174 13.34 6.66 -49.34
C PRO H 174 14.54 6.97 -50.24
N GLU H 175 15.71 7.09 -49.59
CA GLU H 175 17.08 6.86 -50.12
C GLU H 175 18.05 7.84 -49.49
N ASP I 1 31.03 -5.19 -24.06
CA ASP I 1 29.65 -5.67 -24.09
C ASP I 1 29.39 -6.45 -25.39
N ILE I 2 28.59 -7.51 -25.28
CA ILE I 2 28.48 -8.47 -26.38
C ILE I 2 27.77 -7.85 -27.58
N TYR I 3 26.80 -6.97 -27.35
CA TYR I 3 26.08 -6.38 -28.48
C TYR I 3 26.94 -5.39 -29.25
N SER I 4 27.84 -4.69 -28.56
CA SER I 4 28.79 -3.84 -29.26
C SER I 4 29.62 -4.65 -30.24
N ARG I 5 30.03 -5.85 -29.85
CA ARG I 5 30.82 -6.71 -30.72
C ARG I 5 30.01 -7.15 -31.94
N LEU I 6 28.71 -7.37 -31.75
CA LEU I 6 27.85 -7.76 -32.86
C LEU I 6 27.54 -6.60 -33.79
N LEU I 7 27.57 -5.37 -33.29
CA LEU I 7 27.40 -4.22 -34.17
C LEU I 7 28.56 -4.07 -35.13
N LYS I 8 29.74 -4.56 -34.74
CA LYS I 8 30.88 -4.58 -35.65
C LYS I 8 30.56 -5.38 -36.91
N ASP I 9 29.85 -6.49 -36.76
CA ASP I 9 29.41 -7.31 -37.88
C ASP I 9 28.09 -6.84 -38.47
N ARG I 10 27.67 -5.62 -38.13
CA ARG I 10 26.45 -5.01 -38.67
C ARG I 10 25.21 -5.80 -38.27
N ILE I 11 25.20 -6.28 -37.02
CA ILE I 11 24.09 -7.04 -36.47
C ILE I 11 23.41 -6.19 -35.41
N ILE I 12 22.09 -6.06 -35.51
CA ILE I 12 21.27 -5.35 -34.53
C ILE I 12 20.31 -6.35 -33.91
N MET I 13 20.22 -6.33 -32.58
CA MET I 13 19.33 -7.21 -31.85
C MET I 13 18.12 -6.42 -31.35
N LEU I 14 16.94 -6.80 -31.83
CA LEU I 14 15.67 -6.27 -31.32
C LEU I 14 15.08 -7.39 -30.47
N GLY I 15 15.42 -7.39 -29.19
CA GLY I 15 15.03 -8.49 -28.34
C GLY I 15 14.13 -8.12 -27.18
N SER I 16 13.27 -7.12 -27.36
CA SER I 16 12.43 -6.66 -26.26
C SER I 16 11.17 -6.01 -26.80
N GLN I 17 10.26 -5.72 -25.87
CA GLN I 17 9.12 -4.85 -26.13
C GLN I 17 9.58 -3.58 -26.83
N ILE I 18 8.75 -3.07 -27.74
CA ILE I 18 9.12 -1.92 -28.56
C ILE I 18 8.42 -0.70 -27.98
N ASP I 19 9.16 0.08 -27.20
CA ASP I 19 8.73 1.40 -26.77
C ASP I 19 9.61 2.44 -27.44
N ASP I 20 9.46 3.70 -27.04
CA ASP I 20 10.19 4.79 -27.68
C ASP I 20 11.69 4.68 -27.44
N ASN I 21 12.09 4.26 -26.23
CA ASN I 21 13.51 4.06 -25.95
C ASN I 21 14.11 3.03 -26.90
N VAL I 22 13.44 1.89 -27.07
CA VAL I 22 13.96 0.84 -27.93
C VAL I 22 14.01 1.31 -29.37
N ALA I 23 12.95 1.98 -29.82
CA ALA I 23 12.91 2.47 -31.20
C ALA I 23 14.04 3.45 -31.47
N ASN I 24 14.30 4.37 -30.52
CA ASN I 24 15.36 5.34 -30.72
C ASN I 24 16.73 4.67 -30.79
N SER I 25 16.93 3.61 -30.00
CA SER I 25 18.19 2.88 -30.07
C SER I 25 18.33 2.14 -31.39
N ILE I 26 17.28 1.44 -31.83
CA ILE I 26 17.34 0.72 -33.10
C ILE I 26 17.56 1.70 -34.25
N VAL I 27 16.82 2.81 -34.26
CA VAL I 27 16.97 3.81 -35.30
C VAL I 27 18.40 4.33 -35.34
N SER I 28 18.94 4.67 -34.17
CA SER I 28 20.30 5.22 -34.10
C SER I 28 21.34 4.22 -34.58
N GLN I 29 21.15 2.94 -34.25
CA GLN I 29 22.06 1.92 -34.75
C GLN I 29 21.99 1.81 -36.26
N LEU I 30 20.78 1.85 -36.82
CA LEU I 30 20.62 1.80 -38.27
C LEU I 30 21.31 2.98 -38.94
N LEU I 31 21.09 4.20 -38.42
CA LEU I 31 21.74 5.37 -38.98
C LEU I 31 23.25 5.29 -38.84
N PHE I 32 23.73 4.78 -37.71
CA PHE I 32 25.16 4.66 -37.50
C PHE I 32 25.77 3.62 -38.43
N LEU I 33 25.04 2.54 -38.71
CA LEU I 33 25.56 1.52 -39.61
C LEU I 33 25.59 2.02 -41.05
N GLN I 34 24.56 2.75 -41.47
CA GLN I 34 24.56 3.31 -42.82
C GLN I 34 25.71 4.27 -43.01
N ALA I 35 26.06 5.04 -41.96
CA ALA I 35 27.14 6.03 -42.09
C ALA I 35 28.49 5.35 -42.28
N GLN I 36 28.76 4.29 -41.52
CA GLN I 36 30.02 3.56 -41.68
C GLN I 36 30.14 2.99 -43.08
N ASP I 37 29.06 2.42 -43.59
CA ASP I 37 29.05 1.83 -44.93
C ASP I 37 27.60 1.80 -45.39
N SER I 38 27.33 2.38 -46.56
CA SER I 38 25.97 2.49 -47.06
C SER I 38 25.62 1.42 -48.09
N GLU I 39 26.54 0.51 -48.40
CA GLU I 39 26.25 -0.56 -49.34
C GLU I 39 26.17 -1.94 -48.69
N LYS I 40 26.80 -2.13 -47.54
CA LYS I 40 26.82 -3.44 -46.89
C LYS I 40 25.50 -3.72 -46.18
N ASP I 41 25.04 -4.97 -46.28
CA ASP I 41 23.79 -5.39 -45.66
C ASP I 41 23.82 -5.19 -44.15
N ILE I 42 22.61 -5.09 -43.58
CA ILE I 42 22.41 -5.00 -42.14
C ILE I 42 21.50 -6.15 -41.73
N TYR I 43 21.78 -6.74 -40.57
CA TYR I 43 21.02 -7.88 -40.09
C TYR I 43 20.32 -7.50 -38.79
N LEU I 44 18.99 -7.55 -38.81
CA LEU I 44 18.15 -7.22 -37.67
C LEU I 44 17.53 -8.50 -37.13
N TYR I 45 18.07 -9.00 -36.02
CA TYR I 45 17.48 -10.16 -35.37
C TYR I 45 16.32 -9.72 -34.50
N ILE I 46 15.21 -10.46 -34.58
CA ILE I 46 13.96 -10.06 -33.93
C ILE I 46 13.50 -11.15 -32.99
N ASN I 47 13.30 -10.79 -31.72
CA ASN I 47 12.69 -11.65 -30.72
C ASN I 47 11.89 -10.71 -29.81
N SER I 48 10.64 -10.44 -30.20
CA SER I 48 9.91 -9.35 -29.58
C SER I 48 8.42 -9.64 -29.50
N PRO I 49 7.77 -9.30 -28.38
CA PRO I 49 6.32 -9.46 -28.28
C PRO I 49 5.52 -8.31 -28.88
N GLY I 50 6.18 -7.29 -29.43
CA GLY I 50 5.51 -6.15 -30.02
C GLY I 50 5.71 -4.90 -29.20
N GLY I 51 4.80 -3.95 -29.40
CA GLY I 51 4.83 -2.72 -28.63
C GLY I 51 4.07 -1.60 -29.31
N SER I 52 4.56 -0.38 -29.10
CA SER I 52 3.89 0.82 -29.58
C SER I 52 3.94 0.92 -31.09
N VAL I 53 2.82 1.37 -31.68
CA VAL I 53 2.73 1.49 -33.14
C VAL I 53 3.66 2.57 -33.66
N THR I 54 3.61 3.76 -33.05
CA THR I 54 4.45 4.86 -33.53
C THR I 54 5.93 4.55 -33.37
N ALA I 55 6.30 3.90 -32.26
CA ALA I 55 7.69 3.47 -32.10
C ALA I 55 8.06 2.44 -33.15
N GLY I 56 7.15 1.51 -33.45
CA GLY I 56 7.39 0.57 -34.53
C GLY I 56 7.56 1.25 -35.87
N PHE I 57 6.78 2.30 -36.12
CA PHE I 57 6.87 2.99 -37.41
C PHE I 57 8.14 3.81 -37.53
N ALA I 58 8.68 4.29 -36.41
CA ALA I 58 9.98 4.94 -36.45
C ALA I 58 11.04 3.97 -36.97
N ILE I 59 11.01 2.73 -36.51
CA ILE I 59 11.94 1.71 -37.01
C ILE I 59 11.61 1.36 -38.46
N TYR I 60 10.32 1.14 -38.75
CA TYR I 60 9.91 0.77 -40.09
C TYR I 60 10.39 1.79 -41.12
N ASP I 61 10.10 3.07 -40.88
CA ASP I 61 10.44 4.09 -41.87
C ASP I 61 11.95 4.28 -41.98
N THR I 62 12.70 4.04 -40.90
CA THR I 62 14.15 4.11 -41.01
C THR I 62 14.70 2.96 -41.83
N ILE I 63 14.12 1.77 -41.68
CA ILE I 63 14.52 0.63 -42.51
C ILE I 63 14.30 0.95 -43.97
N GLN I 64 13.10 1.40 -44.32
CA GLN I 64 12.79 1.75 -45.70
C GLN I 64 13.67 2.88 -46.21
N HIS I 65 14.06 3.81 -45.33
CA HIS I 65 14.73 5.01 -45.83
C HIS I 65 16.20 4.78 -46.15
N ILE I 66 16.93 4.08 -45.27
CA ILE I 66 18.37 3.95 -45.47
C ILE I 66 18.66 3.14 -46.74
N LYS I 67 19.88 3.29 -47.25
CA LYS I 67 20.24 2.65 -48.51
C LYS I 67 20.54 1.16 -48.39
N PRO I 68 21.26 0.70 -47.36
CA PRO I 68 21.57 -0.74 -47.29
C PRO I 68 20.32 -1.60 -47.10
N ASP I 69 20.38 -2.80 -47.67
CA ASP I 69 19.38 -3.81 -47.41
C ASP I 69 19.40 -4.21 -45.95
N VAL I 70 18.22 -4.34 -45.34
CA VAL I 70 18.09 -4.79 -43.96
C VAL I 70 17.45 -6.16 -43.98
N GLN I 71 18.23 -7.18 -43.62
CA GLN I 71 17.71 -8.53 -43.46
C GLN I 71 17.05 -8.64 -42.09
N THR I 72 15.90 -9.31 -42.05
CA THR I 72 15.21 -9.58 -40.80
C THR I 72 15.23 -11.09 -40.55
N ILE I 73 15.57 -11.47 -39.31
CA ILE I 73 15.65 -12.86 -38.91
C ILE I 73 14.90 -13.00 -37.59
N CYS I 74 13.78 -13.72 -37.61
CA CYS I 74 13.00 -13.95 -36.40
C CYS I 74 13.56 -15.15 -35.64
N ILE I 75 13.96 -14.93 -34.39
CA ILE I 75 14.36 -16.00 -33.50
C ILE I 75 13.41 -15.98 -32.31
N GLY I 76 12.95 -17.16 -31.91
CA GLY I 76 11.99 -17.25 -30.83
C GLY I 76 10.61 -16.76 -31.19
N MET I 77 10.42 -15.44 -31.35
CA MET I 77 9.07 -14.93 -31.53
C MET I 77 9.07 -13.54 -32.14
N ALA I 78 8.16 -13.33 -33.08
CA ALA I 78 7.85 -12.02 -33.64
C ALA I 78 6.33 -11.85 -33.59
N ALA I 79 5.84 -11.18 -32.55
CA ALA I 79 4.42 -10.98 -32.35
C ALA I 79 4.05 -9.52 -32.53
N SER I 80 2.92 -9.28 -33.18
CA SER I 80 2.29 -7.95 -33.26
C SER I 80 3.24 -7.02 -34.01
N MET I 81 3.63 -5.88 -33.45
CA MET I 81 4.56 -5.00 -34.14
C MET I 81 5.89 -5.67 -34.40
N GLY I 82 6.22 -6.73 -33.64
CA GLY I 82 7.39 -7.52 -33.97
C GLY I 82 7.27 -8.20 -35.33
N SER I 83 6.11 -8.80 -35.62
CA SER I 83 5.93 -9.45 -36.90
C SER I 83 5.77 -8.44 -38.03
N PHE I 84 5.24 -7.25 -37.73
CA PHE I 84 5.16 -6.21 -38.74
C PHE I 84 6.54 -5.79 -39.22
N LEU I 85 7.50 -5.71 -38.29
CA LEU I 85 8.85 -5.34 -38.67
C LEU I 85 9.59 -6.50 -39.34
N LEU I 86 9.27 -7.73 -38.95
CA LEU I 86 9.82 -8.89 -39.65
C LEU I 86 9.49 -8.83 -41.14
N ALA I 87 8.22 -8.55 -41.47
CA ALA I 87 7.79 -8.47 -42.85
C ALA I 87 8.37 -7.26 -43.58
N ALA I 88 8.98 -6.34 -42.86
CA ALA I 88 9.49 -5.09 -43.43
C ALA I 88 10.93 -5.21 -43.95
N GLY I 89 11.59 -6.34 -43.73
CA GLY I 89 12.93 -6.51 -44.22
C GLY I 89 12.99 -6.55 -45.74
N ALA I 90 14.20 -6.41 -46.26
CA ALA I 90 14.43 -6.50 -47.69
C ALA I 90 13.81 -7.77 -48.24
N LYS I 91 12.99 -7.62 -49.29
CA LYS I 91 12.29 -8.77 -49.84
C LYS I 91 13.29 -9.78 -50.42
N GLY I 92 13.04 -11.06 -50.16
CA GLY I 92 14.02 -12.09 -50.39
C GLY I 92 14.97 -12.33 -49.24
N LYS I 93 15.04 -11.43 -48.27
CA LYS I 93 15.97 -11.53 -47.15
C LYS I 93 15.27 -11.47 -45.81
N ARG I 94 14.06 -12.01 -45.72
CA ARG I 94 13.32 -12.08 -44.47
C ARG I 94 13.23 -13.55 -44.06
N PHE I 95 13.72 -13.86 -42.86
CA PHE I 95 13.89 -15.25 -42.42
C PHE I 95 13.29 -15.47 -41.04
N ALA I 96 13.03 -16.75 -40.74
CA ALA I 96 12.68 -17.20 -39.41
C ALA I 96 13.33 -18.55 -39.16
N LEU I 97 13.81 -18.75 -37.93
CA LEU I 97 14.34 -20.04 -37.53
C LEU I 97 13.20 -21.06 -37.44
N PRO I 98 13.51 -22.36 -37.54
CA PRO I 98 12.43 -23.35 -37.75
C PRO I 98 11.36 -23.37 -36.68
N ASN I 99 11.70 -23.10 -35.42
CA ASN I 99 10.72 -23.16 -34.34
C ASN I 99 10.29 -21.78 -33.86
N ALA I 100 10.62 -20.73 -34.60
CA ALA I 100 10.17 -19.38 -34.25
C ALA I 100 8.65 -19.30 -34.36
N GLU I 101 8.05 -18.49 -33.49
CA GLU I 101 6.62 -18.24 -33.49
C GLU I 101 6.36 -16.85 -34.05
N VAL I 102 5.41 -16.73 -34.96
CA VAL I 102 4.97 -15.45 -35.49
C VAL I 102 3.49 -15.29 -35.16
N MET I 103 3.12 -14.10 -34.70
CA MET I 103 1.73 -13.82 -34.35
C MET I 103 1.33 -12.46 -34.89
N ILE I 104 0.12 -12.39 -35.43
CA ILE I 104 -0.45 -11.13 -35.91
C ILE I 104 -1.81 -10.97 -35.26
N HIS I 105 -2.17 -9.71 -35.01
CA HIS I 105 -3.48 -9.35 -34.50
C HIS I 105 -3.66 -7.85 -34.67
N GLN I 106 -4.87 -7.38 -34.41
CA GLN I 106 -5.22 -5.99 -34.62
C GLN I 106 -4.69 -5.12 -33.47
N PRO I 107 -4.59 -3.80 -33.69
CA PRO I 107 -4.09 -2.93 -32.62
C PRO I 107 -5.04 -2.88 -31.44
N LEU I 108 -4.46 -2.56 -30.28
CA LEU I 108 -5.21 -2.37 -29.05
C LEU I 108 -4.93 -0.98 -28.49
N GLY I 109 -5.89 -0.45 -27.74
CA GLY I 109 -5.72 0.85 -27.17
C GLY I 109 -6.74 1.12 -26.08
N GLY I 110 -6.91 2.40 -25.77
CA GLY I 110 -7.86 2.79 -24.75
C GLY I 110 -8.29 4.22 -24.96
N ALA I 111 -9.43 4.56 -24.36
CA ALA I 111 -9.96 5.92 -24.45
C ALA I 111 -10.85 6.18 -23.25
N GLN I 112 -10.76 7.40 -22.73
CA GLN I 112 -11.55 7.84 -21.58
C GLN I 112 -11.95 9.29 -21.80
N GLY I 113 -13.15 9.66 -21.34
CA GLY I 113 -13.55 11.04 -21.36
C GLY I 113 -14.92 11.21 -21.98
N GLN I 114 -15.16 12.42 -22.48
CA GLN I 114 -16.44 12.73 -23.11
C GLN I 114 -16.63 11.89 -24.37
N ALA I 115 -17.89 11.73 -24.75
CA ALA I 115 -18.24 11.01 -25.97
C ALA I 115 -17.44 11.52 -27.16
N THR I 116 -17.31 12.85 -27.26
CA THR I 116 -16.51 13.45 -28.33
C THR I 116 -15.08 12.92 -28.33
N GLU I 117 -14.45 12.91 -27.15
CA GLU I 117 -13.07 12.44 -27.05
C GLU I 117 -12.96 10.96 -27.38
N ILE I 118 -13.95 10.16 -26.95
CA ILE I 118 -13.92 8.73 -27.24
C ILE I 118 -14.07 8.48 -28.73
N GLU I 119 -14.90 9.29 -29.40
CA GLU I 119 -15.05 9.18 -30.85
C GLU I 119 -13.75 9.50 -31.57
N ILE I 120 -13.06 10.57 -31.14
CA ILE I 120 -11.79 10.94 -31.75
C ILE I 120 -10.78 9.80 -31.60
N ALA I 121 -10.74 9.19 -30.41
CA ALA I 121 -9.79 8.10 -30.17
C ALA I 121 -10.15 6.87 -31.00
N ALA I 122 -11.45 6.56 -31.09
CA ALA I 122 -11.89 5.44 -31.92
C ALA I 122 -11.48 5.66 -33.37
N ASN I 123 -11.74 6.85 -33.90
CA ASN I 123 -11.38 7.14 -35.29
C ASN I 123 -9.87 7.05 -35.49
N HIS I 124 -9.09 7.46 -34.50
CA HIS I 124 -7.64 7.41 -34.66
C HIS I 124 -7.12 5.97 -34.69
N ILE I 125 -7.61 5.12 -33.80
CA ILE I 125 -7.11 3.74 -33.80
C ILE I 125 -7.63 2.98 -35.00
N LEU I 126 -8.83 3.30 -35.49
CA LEU I 126 -9.33 2.66 -36.70
C LEU I 126 -8.52 3.09 -37.92
N LYS I 127 -8.20 4.38 -38.03
CA LYS I 127 -7.34 4.83 -39.11
C LYS I 127 -5.96 4.19 -39.03
N THR I 128 -5.43 4.06 -37.80
CA THR I 128 -4.14 3.40 -37.62
C THR I 128 -4.20 1.95 -38.10
N ARG I 129 -5.29 1.24 -37.79
CA ARG I 129 -5.41 -0.15 -38.24
C ARG I 129 -5.47 -0.23 -39.76
N GLU I 130 -6.19 0.70 -40.40
CA GLU I 130 -6.25 0.70 -41.86
C GLU I 130 -4.87 0.93 -42.45
N LYS I 131 -4.05 1.78 -41.83
CA LYS I 131 -2.71 2.03 -42.34
C LYS I 131 -1.82 0.81 -42.17
N LEU I 132 -1.91 0.12 -41.03
CA LEU I 132 -1.12 -1.09 -40.83
C LEU I 132 -1.55 -2.17 -41.81
N ASN I 133 -2.86 -2.32 -42.03
CA ASN I 133 -3.37 -3.31 -42.96
C ASN I 133 -2.86 -3.04 -44.37
N ARG I 134 -2.89 -1.78 -44.80
CA ARG I 134 -2.48 -1.46 -46.16
C ARG I 134 -1.01 -1.76 -46.37
N ILE I 135 -0.16 -1.43 -45.39
CA ILE I 135 1.26 -1.68 -45.57
C ILE I 135 1.54 -3.18 -45.54
N LEU I 136 0.92 -3.92 -44.61
CA LEU I 136 1.15 -5.36 -44.55
C LEU I 136 0.68 -6.04 -45.83
N SER I 137 -0.43 -5.57 -46.40
CA SER I 137 -0.90 -6.11 -47.67
C SER I 137 0.15 -5.95 -48.76
N GLU I 138 0.84 -4.80 -48.76
CA GLU I 138 1.87 -4.57 -49.78
C GLU I 138 3.11 -5.42 -49.53
N ARG I 139 3.45 -5.65 -48.26
CA ARG I 139 4.63 -6.44 -47.93
C ARG I 139 4.40 -7.93 -48.11
N THR I 140 3.15 -8.40 -48.08
CA THR I 140 2.86 -9.82 -48.08
C THR I 140 2.17 -10.30 -49.34
N GLY I 141 1.50 -9.42 -50.07
CA GLY I 141 0.67 -9.86 -51.18
C GLY I 141 -0.70 -10.32 -50.77
N GLN I 142 -1.05 -10.24 -49.49
CA GLN I 142 -2.41 -10.52 -49.06
C GLN I 142 -3.27 -9.29 -49.28
N SER I 143 -4.57 -9.49 -49.46
CA SER I 143 -5.45 -8.36 -49.64
C SER I 143 -5.76 -7.71 -48.30
N ILE I 144 -6.05 -6.40 -48.35
CA ILE I 144 -6.30 -5.63 -47.14
C ILE I 144 -7.44 -6.25 -46.34
N GLU I 145 -8.46 -6.76 -47.02
CA GLU I 145 -9.60 -7.34 -46.34
C GLU I 145 -9.31 -8.72 -45.75
N LYS I 146 -8.35 -9.45 -46.32
CA LYS I 146 -7.94 -10.70 -45.69
C LYS I 146 -7.16 -10.42 -44.41
N ILE I 147 -6.24 -9.46 -44.47
CA ILE I 147 -5.49 -9.04 -43.28
C ILE I 147 -6.45 -8.64 -42.17
N GLN I 148 -7.48 -7.86 -42.51
CA GLN I 148 -8.45 -7.42 -41.51
C GLN I 148 -9.09 -8.61 -40.80
N LYS I 149 -9.59 -9.58 -41.57
CA LYS I 149 -10.25 -10.74 -40.96
C LYS I 149 -9.25 -11.62 -40.22
N ASP I 150 -8.03 -11.78 -40.75
CA ASP I 150 -7.04 -12.64 -40.13
C ASP I 150 -6.49 -12.07 -38.82
N THR I 151 -6.62 -10.77 -38.59
CA THR I 151 -6.11 -10.14 -37.37
C THR I 151 -7.23 -9.76 -36.40
N ASP I 152 -8.46 -10.19 -36.67
CA ASP I 152 -9.56 -9.88 -35.78
C ASP I 152 -9.27 -10.37 -34.36
N ARG I 153 -8.69 -11.56 -34.25
CA ARG I 153 -8.20 -12.10 -32.99
C ARG I 153 -6.77 -12.57 -33.19
N ASP I 154 -6.14 -13.01 -32.09
CA ASP I 154 -4.78 -13.49 -32.14
C ASP I 154 -4.63 -14.61 -33.15
N ASN I 155 -3.63 -14.51 -34.01
CA ASN I 155 -3.42 -15.44 -35.12
C ASN I 155 -1.97 -15.90 -35.04
N PHE I 156 -1.75 -17.09 -34.48
CA PHE I 156 -0.41 -17.64 -34.31
C PHE I 156 -0.01 -18.45 -35.54
N LEU I 157 1.25 -18.30 -35.96
CA LEU I 157 1.75 -18.90 -37.19
C LEU I 157 3.08 -19.58 -36.92
N THR I 158 3.23 -20.81 -37.38
CA THR I 158 4.54 -21.42 -37.46
C THR I 158 5.42 -20.66 -38.45
N ALA I 159 6.72 -20.97 -38.42
CA ALA I 159 7.64 -20.35 -39.37
C ALA I 159 7.24 -20.67 -40.80
N GLU I 160 6.87 -21.92 -41.07
CA GLU I 160 6.45 -22.31 -42.42
C GLU I 160 5.18 -21.60 -42.83
N GLU I 161 4.20 -21.50 -41.92
CA GLU I 161 2.97 -20.76 -42.24
C GLU I 161 3.28 -19.29 -42.52
N ALA I 162 4.22 -18.71 -41.77
CA ALA I 162 4.60 -17.32 -42.02
C ALA I 162 5.17 -17.14 -43.42
N LYS I 163 5.90 -18.14 -43.92
CA LYS I 163 6.39 -18.09 -45.29
C LYS I 163 5.24 -18.16 -46.28
N GLU I 164 4.29 -19.06 -46.06
CA GLU I 164 3.14 -19.12 -46.96
C GLU I 164 2.32 -17.86 -46.89
N TYR I 165 2.35 -17.19 -45.74
CA TYR I 165 1.60 -15.96 -45.57
C TYR I 165 2.25 -14.78 -46.27
N GLY I 166 3.53 -14.86 -46.59
CA GLY I 166 4.25 -13.75 -47.16
C GLY I 166 4.93 -12.84 -46.15
N LEU I 167 4.95 -13.23 -44.86
CA LEU I 167 5.64 -12.44 -43.85
C LEU I 167 7.15 -12.63 -43.93
N ILE I 168 7.60 -13.83 -44.30
CA ILE I 168 9.02 -14.11 -44.50
C ILE I 168 9.17 -14.77 -45.86
N ASP I 169 10.43 -14.87 -46.31
CA ASP I 169 10.75 -15.51 -47.58
C ASP I 169 11.25 -16.93 -47.43
N GLU I 170 12.03 -17.23 -46.39
CA GLU I 170 12.59 -18.57 -46.21
C GLU I 170 12.67 -18.91 -44.74
N VAL I 171 12.44 -20.18 -44.43
CA VAL I 171 12.76 -20.71 -43.10
C VAL I 171 14.23 -21.09 -43.09
N MET I 172 14.97 -20.56 -42.13
CA MET I 172 16.41 -20.78 -42.06
C MET I 172 16.65 -22.20 -41.52
N VAL I 173 17.15 -23.07 -42.38
CA VAL I 173 17.47 -24.44 -42.00
C VAL I 173 18.91 -24.50 -41.53
N PRO I 174 19.29 -25.48 -40.71
CA PRO I 174 20.69 -25.59 -40.27
C PRO I 174 21.60 -26.08 -41.39
N GLU I 175 22.83 -25.54 -41.46
CA GLU I 175 23.39 -24.53 -40.54
C GLU I 175 24.60 -23.81 -41.15
N ASP J 1 35.48 -8.86 -15.48
CA ASP J 1 34.38 -9.69 -15.02
C ASP J 1 34.69 -11.16 -15.30
N ILE J 2 34.19 -12.05 -14.43
CA ILE J 2 34.60 -13.44 -14.48
C ILE J 2 34.00 -14.17 -15.69
N TYR J 3 32.80 -13.80 -16.11
CA TYR J 3 32.17 -14.51 -17.22
C TYR J 3 32.82 -14.15 -18.55
N SER J 4 33.34 -12.93 -18.67
CA SER J 4 34.12 -12.57 -19.85
C SER J 4 35.36 -13.46 -19.97
N ARG J 5 36.01 -13.74 -18.85
CA ARG J 5 37.15 -14.67 -18.86
C ARG J 5 36.74 -16.04 -19.35
N LEU J 6 35.61 -16.55 -18.85
CA LEU J 6 35.19 -17.90 -19.25
C LEU J 6 34.80 -17.95 -20.72
N LEU J 7 34.31 -16.85 -21.28
CA LEU J 7 33.91 -16.85 -22.68
C LEU J 7 35.09 -16.97 -23.63
N LYS J 8 36.28 -16.54 -23.20
CA LYS J 8 37.47 -16.76 -24.01
C LYS J 8 37.80 -18.24 -24.11
N ASP J 9 37.44 -19.03 -23.10
CA ASP J 9 37.54 -20.48 -23.16
C ASP J 9 36.31 -21.11 -23.81
N ARG J 10 35.47 -20.32 -24.45
CA ARG J 10 34.26 -20.81 -25.14
C ARG J 10 33.29 -21.46 -24.15
N ILE J 11 33.13 -20.83 -22.99
CA ILE J 11 32.22 -21.29 -21.94
C ILE J 11 31.12 -20.25 -21.78
N ILE J 12 29.87 -20.70 -21.85
CA ILE J 12 28.71 -19.84 -21.62
C ILE J 12 27.96 -20.40 -20.41
N MET J 13 27.60 -19.50 -19.48
CA MET J 13 26.87 -19.88 -18.27
C MET J 13 25.43 -19.44 -18.41
N LEU J 14 24.52 -20.42 -18.50
CA LEU J 14 23.08 -20.15 -18.39
C LEU J 14 22.71 -20.46 -16.95
N GLY J 15 22.69 -19.43 -16.12
CA GLY J 15 22.51 -19.65 -14.70
C GLY J 15 21.32 -18.93 -14.09
N SER J 16 20.27 -18.72 -14.87
CA SER J 16 19.11 -18.01 -14.36
C SER J 16 17.85 -18.43 -15.10
N GLN J 17 16.73 -17.90 -14.64
CA GLN J 17 15.47 -17.99 -15.34
C GLN J 17 15.64 -17.53 -16.79
N ILE J 18 14.99 -18.22 -17.71
CA ILE J 18 15.11 -17.91 -19.13
C ILE J 18 13.98 -16.97 -19.52
N ASP J 19 14.31 -15.70 -19.70
CA ASP J 19 13.40 -14.75 -20.33
C ASP J 19 14.05 -14.23 -21.62
N ASP J 20 13.44 -13.21 -22.21
CA ASP J 20 13.92 -12.71 -23.50
C ASP J 20 15.29 -12.06 -23.37
N ASN J 21 15.54 -11.35 -22.27
CA ASN J 21 16.86 -10.76 -22.05
C ASN J 21 17.94 -11.85 -21.99
N VAL J 22 17.71 -12.89 -21.19
CA VAL J 22 18.68 -13.97 -21.06
C VAL J 22 18.90 -14.65 -22.40
N ALA J 23 17.81 -14.94 -23.11
CA ALA J 23 17.91 -15.64 -24.38
C ALA J 23 18.74 -14.85 -25.39
N ASN J 24 18.47 -13.54 -25.50
CA ASN J 24 19.22 -12.72 -26.43
C ASN J 24 20.70 -12.68 -26.07
N SER J 25 21.01 -12.71 -24.78
CA SER J 25 22.41 -12.75 -24.35
C SER J 25 23.06 -14.08 -24.74
N ILE J 26 22.39 -15.19 -24.46
CA ILE J 26 22.94 -16.50 -24.81
C ILE J 26 23.07 -16.62 -26.33
N VAL J 27 22.04 -16.20 -27.05
CA VAL J 27 22.07 -16.29 -28.51
C VAL J 27 23.23 -15.48 -29.07
N SER J 28 23.42 -14.26 -28.57
CA SER J 28 24.52 -13.43 -29.06
C SER J 28 25.87 -14.00 -28.68
N GLN J 29 25.97 -14.65 -27.52
CA GLN J 29 27.23 -15.30 -27.15
C GLN J 29 27.54 -16.46 -28.09
N LEU J 30 26.53 -17.25 -28.45
CA LEU J 30 26.75 -18.36 -29.37
C LEU J 30 27.15 -17.85 -30.75
N LEU J 31 26.49 -16.80 -31.24
CA LEU J 31 26.85 -16.22 -32.52
C LEU J 31 28.26 -15.67 -32.49
N PHE J 32 28.63 -15.01 -31.38
CA PHE J 32 29.97 -14.44 -31.27
C PHE J 32 31.02 -15.52 -31.22
N LEU J 33 30.74 -16.62 -30.52
CA LEU J 33 31.71 -17.71 -30.45
C LEU J 33 31.86 -18.40 -31.80
N GLN J 34 30.77 -18.54 -32.56
CA GLN J 34 30.88 -19.15 -33.88
C GLN J 34 31.70 -18.30 -34.82
N ALA J 35 31.58 -16.98 -34.71
CA ALA J 35 32.34 -16.09 -35.58
C ALA J 35 33.83 -16.14 -35.27
N GLN J 36 34.17 -16.25 -33.99
CA GLN J 36 35.58 -16.35 -33.61
C GLN J 36 36.21 -17.66 -34.08
N ASP J 37 35.44 -18.75 -34.06
CA ASP J 37 35.91 -20.05 -34.54
C ASP J 37 34.70 -20.96 -34.75
N SER J 38 34.52 -21.45 -35.97
CA SER J 38 33.33 -22.21 -36.34
C SER J 38 33.49 -23.71 -36.18
N GLU J 39 34.63 -24.19 -35.68
CA GLU J 39 34.86 -25.62 -35.54
C GLU J 39 35.15 -26.09 -34.12
N LYS J 40 35.66 -25.22 -33.25
CA LYS J 40 35.94 -25.62 -31.87
C LYS J 40 34.67 -25.59 -31.04
N ASP J 41 34.52 -26.61 -30.20
CA ASP J 41 33.30 -26.82 -29.41
C ASP J 41 32.95 -25.64 -28.52
N ILE J 42 31.70 -25.58 -28.10
CA ILE J 42 31.20 -24.59 -27.14
C ILE J 42 30.63 -25.35 -25.95
N TYR J 43 30.79 -24.77 -24.76
CA TYR J 43 30.36 -25.42 -23.52
C TYR J 43 29.31 -24.56 -22.85
N LEU J 44 28.08 -25.07 -22.77
CA LEU J 44 26.97 -24.37 -22.13
C LEU J 44 26.68 -25.04 -20.80
N TYR J 45 26.98 -24.35 -19.70
CA TYR J 45 26.66 -24.81 -18.36
C TYR J 45 25.25 -24.33 -18.01
N ILE J 46 24.44 -25.23 -17.47
CA ILE J 46 23.03 -24.96 -17.23
C ILE J 46 22.73 -25.15 -15.75
N ASN J 47 22.30 -24.06 -15.10
CA ASN J 47 21.72 -24.08 -13.76
C ASN J 47 20.51 -23.16 -13.82
N SER J 48 19.37 -23.70 -14.24
CA SER J 48 18.22 -22.87 -14.55
C SER J 48 16.91 -23.55 -14.13
N PRO J 49 15.97 -22.78 -13.58
CA PRO J 49 14.65 -23.33 -13.26
C PRO J 49 13.67 -23.31 -14.43
N GLY J 50 14.07 -22.83 -15.60
CA GLY J 50 13.20 -22.74 -16.76
C GLY J 50 12.86 -21.29 -17.10
N GLY J 51 11.80 -21.14 -17.87
CA GLY J 51 11.33 -19.83 -18.26
C GLY J 51 10.46 -19.92 -19.51
N SER J 52 10.53 -18.87 -20.32
CA SER J 52 9.64 -18.72 -21.46
C SER J 52 9.94 -19.75 -22.54
N VAL J 53 8.88 -20.25 -23.19
CA VAL J 53 9.05 -21.24 -24.25
C VAL J 53 9.70 -20.61 -25.48
N THR J 54 9.26 -19.41 -25.87
CA THR J 54 9.81 -18.78 -27.06
C THR J 54 11.25 -18.33 -26.83
N ALA J 55 11.53 -17.77 -25.65
CA ALA J 55 12.92 -17.47 -25.30
C ALA J 55 13.76 -18.74 -25.33
N GLY J 56 13.23 -19.84 -24.79
CA GLY J 56 13.93 -21.11 -24.87
C GLY J 56 14.14 -21.57 -26.31
N PHE J 57 13.13 -21.40 -27.16
CA PHE J 57 13.27 -21.83 -28.55
C PHE J 57 14.23 -20.95 -29.34
N ALA J 58 14.42 -19.70 -28.91
CA ALA J 58 15.46 -18.87 -29.50
C ALA J 58 16.84 -19.49 -29.27
N ILE J 59 17.10 -19.94 -28.04
CA ILE J 59 18.37 -20.61 -27.75
C ILE J 59 18.46 -21.94 -28.47
N TYR J 60 17.37 -22.72 -28.43
CA TYR J 60 17.39 -24.06 -29.05
C TYR J 60 17.73 -23.98 -30.52
N ASP J 61 16.96 -23.18 -31.28
CA ASP J 61 17.19 -23.08 -32.72
C ASP J 61 18.59 -22.57 -33.03
N THR J 62 19.12 -21.67 -32.20
CA THR J 62 20.47 -21.16 -32.44
C THR J 62 21.51 -22.24 -32.22
N ILE J 63 21.32 -23.07 -31.19
CA ILE J 63 22.24 -24.18 -30.95
C ILE J 63 22.24 -25.12 -32.14
N GLN J 64 21.06 -25.51 -32.61
CA GLN J 64 20.97 -26.36 -33.80
C GLN J 64 21.59 -25.69 -35.02
N HIS J 65 21.58 -24.36 -35.09
CA HIS J 65 21.92 -23.68 -36.34
C HIS J 65 23.38 -23.23 -36.43
N ILE J 66 24.17 -23.30 -35.39
CA ILE J 66 25.55 -22.87 -35.49
C ILE J 66 26.43 -24.09 -35.76
N LYS J 67 27.51 -23.88 -36.51
CA LYS J 67 28.38 -24.99 -36.90
C LYS J 67 28.98 -25.74 -35.71
N PRO J 68 29.53 -25.08 -34.69
CA PRO J 68 30.21 -25.86 -33.63
C PRO J 68 29.27 -26.71 -32.80
N ASP J 69 29.80 -27.85 -32.34
CA ASP J 69 29.11 -28.67 -31.36
C ASP J 69 28.92 -27.88 -30.06
N VAL J 70 27.74 -27.97 -29.48
CA VAL J 70 27.44 -27.29 -28.23
C VAL J 70 27.26 -28.35 -27.15
N GLN J 71 28.24 -28.45 -26.26
CA GLN J 71 28.13 -29.33 -25.10
C GLN J 71 27.27 -28.67 -24.04
N THR J 72 26.45 -29.48 -23.36
CA THR J 72 25.60 -29.01 -22.28
C THR J 72 25.95 -29.77 -21.00
N ILE J 73 26.11 -29.02 -19.91
CA ILE J 73 26.50 -29.58 -18.62
C ILE J 73 25.55 -29.02 -17.57
N CYS J 74 24.71 -29.88 -17.01
CA CYS J 74 23.82 -29.47 -15.93
C CYS J 74 24.58 -29.45 -14.61
N ILE J 75 24.66 -28.28 -13.99
CA ILE J 75 25.17 -28.15 -12.63
C ILE J 75 24.02 -27.63 -11.78
N GLY J 76 23.86 -28.20 -10.59
CA GLY J 76 22.77 -27.80 -9.74
C GLY J 76 21.42 -28.30 -10.23
N MET J 77 20.87 -27.68 -11.26
CA MET J 77 19.51 -28.03 -11.64
C MET J 77 19.17 -27.52 -13.04
N ALA J 78 18.49 -28.38 -13.81
CA ALA J 78 17.90 -28.03 -15.10
C ALA J 78 16.44 -28.46 -15.05
N ALA J 79 15.53 -27.52 -14.82
CA ALA J 79 14.11 -27.81 -14.80
C ALA J 79 13.41 -27.12 -15.97
N SER J 80 12.35 -27.76 -16.45
CA SER J 80 11.42 -27.14 -17.40
C SER J 80 12.22 -26.81 -18.67
N MET J 81 12.19 -25.58 -19.16
CA MET J 81 12.97 -25.22 -20.34
C MET J 81 14.45 -25.44 -20.11
N GLY J 82 14.91 -25.41 -18.87
CA GLY J 82 16.30 -25.72 -18.58
C GLY J 82 16.68 -27.12 -19.00
N SER J 83 15.83 -28.11 -18.68
CA SER J 83 16.13 -29.48 -19.08
C SER J 83 15.90 -29.68 -20.57
N PHE J 84 14.98 -28.93 -21.19
CA PHE J 84 14.83 -28.98 -22.64
C PHE J 84 16.11 -28.56 -23.33
N LEU J 85 16.77 -27.51 -22.84
CA LEU J 85 18.01 -27.07 -23.44
C LEU J 85 19.17 -28.02 -23.12
N LEU J 86 19.16 -28.63 -21.94
CA LEU J 86 20.15 -29.66 -21.62
C LEU J 86 20.11 -30.78 -22.65
N ALA J 87 18.91 -31.30 -22.92
CA ALA J 87 18.75 -32.36 -23.92
C ALA J 87 19.07 -31.90 -25.33
N ALA J 88 19.21 -30.59 -25.56
CA ALA J 88 19.44 -30.04 -26.90
C ALA J 88 20.90 -30.01 -27.28
N GLY J 89 21.82 -30.30 -26.37
CA GLY J 89 23.22 -30.31 -26.69
C GLY J 89 23.56 -31.42 -27.69
N ALA J 90 24.76 -31.31 -28.25
CA ALA J 90 25.24 -32.30 -29.20
C ALA J 90 25.21 -33.69 -28.57
N LYS J 91 24.52 -34.62 -29.23
CA LYS J 91 24.43 -35.98 -28.73
C LYS J 91 25.81 -36.58 -28.56
N GLY J 92 25.99 -37.32 -27.47
CA GLY J 92 27.31 -37.71 -27.01
C GLY J 92 27.97 -36.70 -26.11
N LYS J 93 27.51 -35.45 -26.09
CA LYS J 93 28.15 -34.37 -25.35
C LYS J 93 27.19 -33.67 -24.40
N ARG J 94 26.23 -34.41 -23.84
CA ARG J 94 25.30 -33.88 -22.85
C ARG J 94 25.61 -34.52 -21.50
N PHE J 95 25.82 -33.68 -20.49
CA PHE J 95 26.36 -34.14 -19.21
C PHE J 95 25.58 -33.54 -18.05
N ALA J 96 25.70 -34.19 -16.91
CA ALA J 96 25.22 -33.66 -15.63
C ALA J 96 26.19 -34.06 -14.54
N LEU J 97 26.41 -33.15 -13.58
CA LEU J 97 27.22 -33.46 -12.42
C LEU J 97 26.46 -34.42 -11.49
N PRO J 98 27.17 -35.19 -10.68
CA PRO J 98 26.55 -36.35 -10.02
C PRO J 98 25.33 -36.02 -9.17
N ASN J 99 25.28 -34.84 -8.56
CA ASN J 99 24.17 -34.46 -7.70
C ASN J 99 23.26 -33.43 -8.35
N ALA J 100 23.44 -33.15 -9.63
CA ALA J 100 22.50 -32.29 -10.34
C ALA J 100 21.13 -32.96 -10.39
N GLU J 101 20.09 -32.15 -10.36
CA GLU J 101 18.73 -32.62 -10.53
C GLU J 101 18.18 -32.11 -11.86
N VAL J 102 17.33 -32.92 -12.47
CA VAL J 102 16.65 -32.57 -13.71
C VAL J 102 15.15 -32.75 -13.47
N MET J 103 14.36 -31.82 -13.99
CA MET J 103 12.92 -31.90 -13.83
C MET J 103 12.24 -31.59 -15.15
N ILE J 104 11.22 -32.37 -15.48
CA ILE J 104 10.43 -32.13 -16.68
C ILE J 104 8.97 -32.03 -16.27
N HIS J 105 8.23 -31.21 -17.00
CA HIS J 105 6.78 -31.09 -16.82
C HIS J 105 6.22 -30.36 -18.02
N GLN J 106 4.89 -30.39 -18.15
CA GLN J 106 4.22 -29.79 -19.29
C GLN J 106 4.19 -28.27 -19.16
N PRO J 107 3.92 -27.55 -20.26
CA PRO J 107 3.91 -26.08 -20.20
C PRO J 107 2.78 -25.55 -19.34
N LEU J 108 2.97 -24.32 -18.88
CA LEU J 108 1.98 -23.59 -18.10
C LEU J 108 1.69 -22.26 -18.78
N GLY J 109 0.48 -21.77 -18.56
CA GLY J 109 0.10 -20.50 -19.15
C GLY J 109 -1.15 -19.97 -18.50
N GLY J 110 -1.68 -18.90 -19.09
CA GLY J 110 -2.91 -18.30 -18.62
C GLY J 110 -3.68 -17.71 -19.76
N ALA J 111 -4.98 -17.58 -19.56
CA ALA J 111 -5.86 -17.03 -20.57
C ALA J 111 -7.05 -16.38 -19.89
N GLN J 112 -7.41 -15.19 -20.39
CA GLN J 112 -8.54 -14.42 -19.87
C GLN J 112 -9.25 -13.77 -21.04
N GLY J 113 -10.58 -13.62 -20.92
CA GLY J 113 -11.34 -12.89 -21.90
C GLY J 113 -12.57 -13.66 -22.34
N GLN J 114 -13.03 -13.35 -23.55
CA GLN J 114 -14.20 -14.03 -24.11
C GLN J 114 -13.89 -15.50 -24.36
N ALA J 115 -14.95 -16.29 -24.47
CA ALA J 115 -14.83 -17.72 -24.78
C ALA J 115 -13.92 -17.98 -25.98
N THR J 116 -14.15 -17.26 -27.09
CA THR J 116 -13.32 -17.48 -28.26
C THR J 116 -11.86 -17.07 -28.01
N GLU J 117 -11.62 -16.07 -27.16
CA GLU J 117 -10.23 -15.73 -26.83
C GLU J 117 -9.58 -16.84 -26.01
N ILE J 118 -10.32 -17.44 -25.08
CA ILE J 118 -9.77 -18.51 -24.26
C ILE J 118 -9.50 -19.75 -25.12
N GLU J 119 -10.37 -20.02 -26.09
CA GLU J 119 -10.16 -21.17 -26.98
C GLU J 119 -8.90 -21.00 -27.81
N ILE J 120 -8.66 -19.78 -28.30
CA ILE J 120 -7.46 -19.50 -29.08
C ILE J 120 -6.22 -19.74 -28.24
N ALA J 121 -6.22 -19.23 -27.01
CA ALA J 121 -5.06 -19.41 -26.14
C ALA J 121 -4.89 -20.87 -25.75
N ALA J 122 -5.98 -21.59 -25.55
CA ALA J 122 -5.89 -23.02 -25.24
C ALA J 122 -5.29 -23.78 -26.41
N ASN J 123 -5.77 -23.52 -27.63
CA ASN J 123 -5.23 -24.21 -28.81
C ASN J 123 -3.76 -23.89 -29.02
N HIS J 124 -3.36 -22.64 -28.75
CA HIS J 124 -1.96 -22.27 -28.94
C HIS J 124 -1.06 -23.00 -27.94
N ILE J 125 -1.50 -23.16 -26.69
CA ILE J 125 -0.63 -23.82 -25.73
C ILE J 125 -0.63 -25.34 -25.94
N LEU J 126 -1.75 -25.90 -26.40
CA LEU J 126 -1.76 -27.34 -26.69
C LEU J 126 -0.86 -27.66 -27.87
N LYS J 127 -0.89 -26.82 -28.91
CA LYS J 127 0.01 -26.99 -30.03
C LYS J 127 1.47 -26.80 -29.59
N THR J 128 1.70 -25.86 -28.68
CA THR J 128 3.04 -25.68 -28.14
C THR J 128 3.49 -26.93 -27.39
N ARG J 129 2.61 -27.50 -26.57
CA ARG J 129 2.97 -28.71 -25.83
C ARG J 129 3.27 -29.86 -26.79
N GLU J 130 2.49 -29.98 -27.86
CA GLU J 130 2.69 -31.08 -28.80
C GLU J 130 4.03 -30.95 -29.52
N LYS J 131 4.43 -29.72 -29.86
CA LYS J 131 5.72 -29.51 -30.51
C LYS J 131 6.86 -29.81 -29.55
N LEU J 132 6.78 -29.31 -28.31
CA LEU J 132 7.81 -29.59 -27.32
C LEU J 132 7.91 -31.09 -27.05
N ASN J 133 6.78 -31.77 -26.96
CA ASN J 133 6.79 -33.21 -26.73
C ASN J 133 7.47 -33.96 -27.87
N ARG J 134 7.19 -33.56 -29.11
CA ARG J 134 7.79 -34.23 -30.26
C ARG J 134 9.31 -34.05 -30.27
N ILE J 135 9.76 -32.82 -30.07
CA ILE J 135 11.20 -32.56 -30.12
C ILE J 135 11.93 -33.28 -28.99
N LEU J 136 11.38 -33.21 -27.78
CA LEU J 136 11.99 -33.92 -26.65
C LEU J 136 11.99 -35.43 -26.90
N SER J 137 10.95 -35.95 -27.54
CA SER J 137 10.93 -37.35 -27.92
C SER J 137 12.12 -37.70 -28.80
N GLU J 138 12.47 -36.80 -29.72
CA GLU J 138 13.58 -37.06 -30.62
C GLU J 138 14.93 -36.92 -29.91
N ARG J 139 15.05 -35.97 -28.97
CA ARG J 139 16.33 -35.80 -28.27
C ARG J 139 16.61 -36.97 -27.32
N THR J 140 15.58 -37.64 -26.83
CA THR J 140 15.73 -38.64 -25.79
C THR J 140 15.58 -40.07 -26.27
N GLY J 141 15.05 -40.29 -27.48
CA GLY J 141 14.78 -41.63 -27.93
C GLY J 141 13.57 -42.27 -27.30
N GLN J 142 12.66 -41.46 -26.76
CA GLN J 142 11.42 -41.95 -26.17
C GLN J 142 10.26 -41.73 -27.12
N SER J 143 9.16 -42.44 -26.87
CA SER J 143 7.95 -42.21 -27.62
C SER J 143 7.26 -40.93 -27.17
N ILE J 144 6.44 -40.37 -28.05
CA ILE J 144 5.68 -39.17 -27.71
C ILE J 144 4.65 -39.51 -26.64
N GLU J 145 4.06 -40.71 -26.73
CA GLU J 145 3.15 -41.18 -25.69
C GLU J 145 3.79 -41.14 -24.31
N LYS J 146 5.05 -41.57 -24.21
CA LYS J 146 5.70 -41.61 -22.91
C LYS J 146 6.05 -40.21 -22.41
N ILE J 147 6.52 -39.33 -23.30
CA ILE J 147 6.82 -37.96 -22.89
C ILE J 147 5.55 -37.30 -22.36
N GLN J 148 4.44 -37.48 -23.07
CA GLN J 148 3.16 -36.90 -22.65
C GLN J 148 2.78 -37.35 -21.25
N LYS J 149 2.89 -38.66 -20.99
CA LYS J 149 2.49 -39.16 -19.68
C LYS J 149 3.47 -38.74 -18.58
N ASP J 150 4.76 -38.71 -18.90
CA ASP J 150 5.77 -38.43 -17.90
C ASP J 150 5.88 -36.95 -17.53
N THR J 151 5.28 -36.05 -18.32
CA THR J 151 5.30 -34.63 -18.03
C THR J 151 3.94 -34.11 -17.59
N ASP J 152 2.98 -35.01 -17.33
CA ASP J 152 1.67 -34.58 -16.86
C ASP J 152 1.80 -33.78 -15.56
N ARG J 153 2.66 -34.22 -14.65
CA ARG J 153 2.96 -33.51 -13.42
C ARG J 153 4.47 -33.38 -13.31
N ASP J 154 4.91 -32.54 -12.35
CA ASP J 154 6.32 -32.37 -12.06
C ASP J 154 7.00 -33.73 -11.88
N ASN J 155 8.10 -33.92 -12.60
CA ASN J 155 8.81 -35.21 -12.65
C ASN J 155 10.29 -34.93 -12.37
N PHE J 156 10.72 -35.24 -11.16
CA PHE J 156 12.10 -34.98 -10.74
C PHE J 156 12.97 -36.20 -11.01
N LEU J 157 14.16 -35.96 -11.56
CA LEU J 157 15.08 -37.03 -11.96
C LEU J 157 16.48 -36.74 -11.42
N THR J 158 17.11 -37.77 -10.86
CA THR J 158 18.53 -37.68 -10.55
C THR J 158 19.33 -37.66 -11.84
N ALA J 159 20.62 -37.33 -11.70
CA ALA J 159 21.51 -37.35 -12.87
C ALA J 159 21.51 -38.72 -13.54
N GLU J 160 21.58 -39.80 -12.75
CA GLU J 160 21.59 -41.14 -13.31
C GLU J 160 20.27 -41.45 -14.00
N GLU J 161 19.15 -41.05 -13.41
CA GLU J 161 17.86 -41.26 -14.05
C GLU J 161 17.77 -40.48 -15.37
N ALA J 162 18.30 -39.26 -15.40
CA ALA J 162 18.28 -38.47 -16.62
C ALA J 162 19.06 -39.15 -17.73
N LYS J 163 20.18 -39.79 -17.40
CA LYS J 163 20.93 -40.55 -18.39
C LYS J 163 20.11 -41.75 -18.88
N GLU J 164 19.48 -42.47 -17.95
CA GLU J 164 18.61 -43.58 -18.33
C GLU J 164 17.49 -43.09 -19.24
N TYR J 165 16.98 -41.89 -18.99
CA TYR J 165 15.86 -41.36 -19.77
C TYR J 165 16.29 -40.91 -21.16
N GLY J 166 17.58 -40.64 -21.36
CA GLY J 166 18.04 -40.09 -22.63
C GLY J 166 18.14 -38.58 -22.67
N LEU J 167 17.97 -37.89 -21.54
CA LEU J 167 18.13 -36.44 -21.51
C LEU J 167 19.59 -36.03 -21.52
N ILE J 168 20.47 -36.87 -20.96
CA ILE J 168 21.91 -36.65 -21.01
C ILE J 168 22.56 -37.95 -21.48
N ASP J 169 23.84 -37.85 -21.86
CA ASP J 169 24.60 -39.01 -22.28
C ASP J 169 25.45 -39.61 -21.17
N GLU J 170 26.05 -38.78 -20.31
CA GLU J 170 26.94 -39.29 -19.27
C GLU J 170 26.83 -38.42 -18.02
N VAL J 171 26.91 -39.08 -16.86
CA VAL J 171 27.13 -38.38 -15.60
C VAL J 171 28.63 -38.10 -15.47
N MET J 172 28.97 -36.84 -15.24
CA MET J 172 30.37 -36.45 -15.12
C MET J 172 30.92 -36.87 -13.76
N VAL J 173 32.00 -37.64 -13.77
CA VAL J 173 32.63 -38.10 -12.54
C VAL J 173 33.88 -37.23 -12.30
N PRO J 174 34.38 -37.16 -11.06
CA PRO J 174 35.45 -36.19 -10.76
C PRO J 174 36.78 -36.50 -11.45
N GLU J 175 37.47 -35.41 -11.81
CA GLU J 175 38.89 -35.28 -12.24
C GLU J 175 38.96 -34.70 -13.65
N ASP K 1 38.77 -3.52 -6.95
CA ASP K 1 37.87 -4.16 -6.00
C ASP K 1 38.64 -5.20 -5.18
N ILE K 2 38.31 -5.28 -3.89
CA ILE K 2 39.13 -6.06 -2.95
C ILE K 2 39.05 -7.55 -3.27
N TYR K 3 37.88 -8.04 -3.67
CA TYR K 3 37.73 -9.48 -3.92
C TYR K 3 38.51 -9.90 -5.16
N SER K 4 38.75 -8.97 -6.09
CA SER K 4 39.52 -9.31 -7.28
C SER K 4 40.95 -9.70 -6.94
N ARG K 5 41.64 -8.87 -6.15
CA ARG K 5 43.03 -9.17 -5.81
C ARG K 5 43.13 -10.35 -4.85
N LEU K 6 42.10 -10.58 -4.03
CA LEU K 6 42.07 -11.80 -3.25
C LEU K 6 42.01 -13.02 -4.16
N LEU K 7 41.31 -12.90 -5.28
CA LEU K 7 41.21 -14.02 -6.21
C LEU K 7 42.57 -14.37 -6.80
N LYS K 8 43.46 -13.39 -6.94
CA LYS K 8 44.81 -13.69 -7.41
C LYS K 8 45.61 -14.48 -6.39
N ASP K 9 45.24 -14.40 -5.11
CA ASP K 9 45.76 -15.31 -4.09
C ASP K 9 44.98 -16.62 -4.05
N ARG K 10 44.15 -16.89 -5.05
CA ARG K 10 43.32 -18.10 -5.12
C ARG K 10 42.33 -18.18 -3.97
N ILE K 11 41.85 -17.03 -3.51
CA ILE K 11 40.90 -16.95 -2.40
C ILE K 11 39.52 -16.62 -2.96
N ILE K 12 38.51 -17.36 -2.49
CA ILE K 12 37.12 -17.12 -2.86
C ILE K 12 36.34 -16.85 -1.58
N MET K 13 35.50 -15.82 -1.60
CA MET K 13 34.69 -15.44 -0.45
C MET K 13 33.25 -15.83 -0.70
N LEU K 14 32.75 -16.81 0.05
CA LEU K 14 31.32 -17.11 0.09
C LEU K 14 30.79 -16.48 1.37
N GLY K 15 30.28 -15.27 1.25
CA GLY K 15 29.83 -14.56 2.42
C GLY K 15 28.40 -14.07 2.36
N SER K 16 27.50 -14.89 1.84
CA SER K 16 26.11 -14.49 1.68
C SER K 16 25.23 -15.73 1.60
N GLN K 17 23.92 -15.49 1.57
CA GLN K 17 22.97 -16.56 1.32
C GLN K 17 23.22 -17.15 -0.07
N ILE K 18 23.04 -18.46 -0.18
CA ILE K 18 23.35 -19.18 -1.42
C ILE K 18 22.08 -19.26 -2.27
N ASP K 19 22.03 -18.47 -3.34
CA ASP K 19 21.04 -18.64 -4.39
C ASP K 19 21.78 -18.98 -5.69
N ASP K 20 21.04 -18.96 -6.80
CA ASP K 20 21.63 -19.33 -8.07
C ASP K 20 22.68 -18.33 -8.53
N ASN K 21 22.42 -17.02 -8.34
CA ASN K 21 23.41 -16.00 -8.67
C ASN K 21 24.73 -16.26 -7.96
N VAL K 22 24.68 -16.38 -6.64
CA VAL K 22 25.89 -16.64 -5.86
C VAL K 22 26.56 -17.91 -6.32
N ALA K 23 25.78 -18.99 -6.50
CA ALA K 23 26.34 -20.27 -6.89
C ALA K 23 27.08 -20.18 -8.23
N ASN K 24 26.47 -19.52 -9.22
CA ASN K 24 27.12 -19.39 -10.52
C ASN K 24 28.39 -18.57 -10.43
N SER K 25 28.42 -17.57 -9.55
CA SER K 25 29.65 -16.80 -9.34
C SER K 25 30.73 -17.66 -8.71
N ILE K 26 30.40 -18.40 -7.64
CA ILE K 26 31.37 -19.27 -7.00
C ILE K 26 31.87 -20.34 -7.97
N VAL K 27 30.94 -20.93 -8.73
CA VAL K 27 31.32 -22.01 -9.66
C VAL K 27 32.30 -21.49 -10.71
N SER K 28 32.01 -20.32 -11.28
CA SER K 28 32.88 -19.78 -12.32
C SER K 28 34.25 -19.40 -11.75
N GLN K 29 34.31 -18.95 -10.49
CA GLN K 29 35.59 -18.68 -9.86
C GLN K 29 36.40 -19.97 -9.69
N LEU K 30 35.75 -21.03 -9.24
CA LEU K 30 36.44 -22.32 -9.11
C LEU K 30 36.96 -22.80 -10.45
N LEU K 31 36.16 -22.69 -11.50
CA LEU K 31 36.61 -23.07 -12.84
C LEU K 31 37.75 -22.19 -13.30
N PHE K 32 37.56 -20.86 -13.22
CA PHE K 32 38.61 -19.92 -13.59
C PHE K 32 39.91 -20.20 -12.86
N LEU K 33 39.82 -20.48 -11.55
CA LEU K 33 41.03 -20.74 -10.77
C LEU K 33 41.71 -22.03 -11.22
N GLN K 34 40.92 -23.05 -11.58
CA GLN K 34 41.51 -24.29 -12.06
C GLN K 34 42.22 -24.09 -13.39
N ALA K 35 41.68 -23.24 -14.25
CA ALA K 35 42.26 -23.02 -15.57
C ALA K 35 43.64 -22.37 -15.46
N GLN K 36 43.77 -21.37 -14.58
CA GLN K 36 45.06 -20.70 -14.43
C GLN K 36 46.12 -21.64 -13.88
N ASP K 37 45.76 -22.43 -12.88
CA ASP K 37 46.63 -23.46 -12.33
C ASP K 37 45.75 -24.56 -11.77
N SER K 38 46.08 -25.81 -12.10
CA SER K 38 45.21 -26.94 -11.75
C SER K 38 45.78 -27.81 -10.64
N GLU K 39 46.85 -27.38 -9.98
CA GLU K 39 47.37 -28.12 -8.83
C GLU K 39 47.49 -27.30 -7.57
N LYS K 40 47.69 -25.98 -7.66
CA LYS K 40 47.76 -25.17 -6.45
C LYS K 40 46.40 -25.09 -5.77
N ASP K 41 46.42 -25.09 -4.44
CA ASP K 41 45.20 -25.15 -3.66
C ASP K 41 44.31 -23.92 -3.89
N ILE K 42 43.05 -24.06 -3.48
CA ILE K 42 42.08 -22.97 -3.50
C ILE K 42 41.53 -22.83 -2.09
N TYR K 43 41.24 -21.60 -1.69
CA TYR K 43 40.77 -21.30 -0.34
C TYR K 43 39.38 -20.70 -0.43
N LEU K 44 38.41 -21.37 0.16
CA LEU K 44 37.01 -20.95 0.12
C LEU K 44 36.58 -20.54 1.53
N TYR K 45 36.51 -19.24 1.76
CA TYR K 45 36.03 -18.72 3.04
C TYR K 45 34.51 -18.73 3.04
N ILE K 46 33.92 -19.19 4.14
CA ILE K 46 32.48 -19.41 4.22
C ILE K 46 31.93 -18.64 5.42
N ASN K 47 31.10 -17.64 5.14
CA ASN K 47 30.28 -16.95 6.14
C ASN K 47 28.88 -16.87 5.54
N SER K 48 28.10 -17.94 5.71
CA SER K 48 26.83 -18.04 5.01
C SER K 48 25.74 -18.64 5.90
N PRO K 49 24.53 -18.07 5.89
CA PRO K 49 23.40 -18.68 6.61
C PRO K 49 22.74 -19.81 5.84
N GLY K 50 23.18 -20.11 4.63
CA GLY K 50 22.63 -21.19 3.83
C GLY K 50 21.90 -20.68 2.61
N GLY K 51 21.03 -21.53 2.08
CA GLY K 51 20.23 -21.15 0.93
C GLY K 51 19.73 -22.38 0.19
N SER K 52 19.57 -22.21 -1.12
CA SER K 52 18.95 -23.23 -1.95
C SER K 52 19.80 -24.50 -2.02
N VAL K 53 19.13 -25.65 -1.96
CA VAL K 53 19.83 -26.93 -2.02
C VAL K 53 20.51 -27.12 -3.38
N THR K 54 19.79 -26.83 -4.47
CA THR K 54 20.36 -27.04 -5.79
C THR K 54 21.50 -26.07 -6.08
N ALA K 55 21.35 -24.81 -5.66
CA ALA K 55 22.48 -23.88 -5.73
C ALA K 55 23.66 -24.42 -4.92
N GLY K 56 23.39 -24.98 -3.76
CA GLY K 56 24.46 -25.54 -2.95
C GLY K 56 25.14 -26.73 -3.62
N PHE K 57 24.36 -27.56 -4.33
CA PHE K 57 24.95 -28.71 -5.00
C PHE K 57 25.73 -28.33 -6.24
N ALA K 58 25.36 -27.22 -6.90
CA ALA K 58 26.19 -26.68 -7.97
C ALA K 58 27.60 -26.42 -7.45
N ILE K 59 27.72 -25.78 -6.28
CA ILE K 59 29.03 -25.53 -5.70
C ILE K 59 29.68 -26.82 -5.23
N TYR K 60 28.91 -27.69 -4.56
CA TYR K 60 29.48 -28.92 -4.04
C TYR K 60 30.08 -29.78 -5.15
N ASP K 61 29.30 -30.04 -6.20
CA ASP K 61 29.78 -30.90 -7.28
C ASP K 61 30.97 -30.28 -8.01
N THR K 62 30.99 -28.95 -8.15
CA THR K 62 32.14 -28.32 -8.78
C THR K 62 33.40 -28.48 -7.94
N ILE K 63 33.26 -28.35 -6.61
CA ILE K 63 34.42 -28.53 -5.72
C ILE K 63 35.01 -29.92 -5.89
N GLN K 64 34.16 -30.95 -5.83
CA GLN K 64 34.64 -32.32 -5.99
C GLN K 64 35.24 -32.56 -7.37
N HIS K 65 34.69 -31.91 -8.39
CA HIS K 65 35.07 -32.28 -9.76
C HIS K 65 36.44 -31.72 -10.15
N ILE K 66 36.73 -30.47 -9.80
CA ILE K 66 38.00 -29.88 -10.20
C ILE K 66 39.16 -30.60 -9.51
N LYS K 67 40.35 -30.44 -10.08
CA LYS K 67 41.52 -31.15 -9.58
C LYS K 67 42.12 -30.52 -8.32
N PRO K 68 42.28 -29.19 -8.24
CA PRO K 68 42.90 -28.62 -7.04
C PRO K 68 42.10 -28.89 -5.77
N ASP K 69 42.83 -29.10 -4.67
CA ASP K 69 42.21 -29.18 -3.36
C ASP K 69 41.54 -27.85 -3.03
N VAL K 70 40.35 -27.92 -2.44
CA VAL K 70 39.63 -26.74 -2.00
C VAL K 70 39.57 -26.78 -0.49
N GLN K 71 40.35 -25.91 0.16
CA GLN K 71 40.25 -25.73 1.60
C GLN K 71 39.02 -24.90 1.92
N THR K 72 38.34 -25.26 3.00
CA THR K 72 37.19 -24.51 3.48
C THR K 72 37.49 -23.97 4.87
N ILE K 73 37.22 -22.69 5.07
CA ILE K 73 37.49 -21.99 6.33
C ILE K 73 36.23 -21.25 6.72
N CYS K 74 35.59 -21.68 7.80
CA CYS K 74 34.38 -21.02 8.28
C CYS K 74 34.76 -19.85 9.18
N ILE K 75 34.35 -18.64 8.78
CA ILE K 75 34.47 -17.45 9.60
C ILE K 75 33.06 -16.98 9.93
N GLY K 76 32.83 -16.61 11.18
CA GLY K 76 31.52 -16.14 11.58
C GLY K 76 30.49 -17.24 11.74
N MET K 77 29.91 -17.70 10.63
CA MET K 77 28.85 -18.70 10.71
C MET K 77 28.76 -19.49 9.41
N ALA K 78 28.55 -20.80 9.55
CA ALA K 78 28.21 -21.68 8.44
C ALA K 78 26.97 -22.45 8.88
N ALA K 79 25.81 -22.05 8.36
CA ALA K 79 24.55 -22.65 8.75
C ALA K 79 23.92 -23.31 7.53
N SER K 80 23.34 -24.50 7.75
CA SER K 80 22.49 -25.15 6.77
C SER K 80 23.32 -25.59 5.56
N MET K 81 23.02 -25.06 4.37
CA MET K 81 23.84 -25.39 3.21
C MET K 81 25.25 -24.83 3.34
N GLY K 82 25.44 -23.79 4.17
CA GLY K 82 26.78 -23.31 4.42
C GLY K 82 27.64 -24.32 5.16
N SER K 83 27.06 -25.01 6.15
CA SER K 83 27.82 -26.03 6.86
C SER K 83 28.01 -27.28 6.01
N PHE K 84 27.06 -27.57 5.12
CA PHE K 84 27.25 -28.66 4.17
C PHE K 84 28.46 -28.41 3.28
N LEU K 85 28.60 -27.18 2.78
CA LEU K 85 29.75 -26.85 1.95
C LEU K 85 31.04 -26.82 2.75
N LEU K 86 30.97 -26.42 4.02
CA LEU K 86 32.14 -26.46 4.89
C LEU K 86 32.69 -27.88 4.99
N ALA K 87 31.81 -28.85 5.24
CA ALA K 87 32.20 -30.25 5.33
C ALA K 87 32.65 -30.81 3.99
N ALA K 88 32.41 -30.11 2.88
CA ALA K 88 32.76 -30.58 1.56
C ALA K 88 34.21 -30.27 1.17
N GLY K 89 34.91 -29.46 1.95
CA GLY K 89 36.29 -29.17 1.64
C GLY K 89 37.15 -30.41 1.67
N ALA K 90 38.32 -30.30 1.04
CA ALA K 90 39.28 -31.39 1.03
C ALA K 90 39.57 -31.86 2.45
N LYS K 91 39.46 -33.16 2.67
CA LYS K 91 39.63 -33.71 4.02
C LYS K 91 41.05 -33.43 4.51
N GLY K 92 41.15 -33.08 5.79
CA GLY K 92 42.36 -32.55 6.36
C GLY K 92 42.52 -31.05 6.22
N LYS K 93 41.73 -30.40 5.35
CA LYS K 93 41.86 -28.98 5.07
C LYS K 93 40.55 -28.23 5.28
N ARG K 94 39.75 -28.68 6.24
CA ARG K 94 38.50 -28.00 6.60
C ARG K 94 38.66 -27.38 7.98
N PHE K 95 38.54 -26.07 8.05
CA PHE K 95 38.84 -25.35 9.27
C PHE K 95 37.67 -24.47 9.69
N ALA K 96 37.72 -24.03 10.95
CA ALA K 96 36.84 -22.99 11.46
C ALA K 96 37.66 -22.14 12.43
N LEU K 97 37.38 -20.85 12.45
CA LEU K 97 38.05 -19.98 13.40
C LEU K 97 37.39 -20.14 14.77
N PRO K 98 38.13 -19.83 15.85
CA PRO K 98 37.74 -20.33 17.18
C PRO K 98 36.34 -19.92 17.64
N ASN K 99 35.82 -18.79 17.16
CA ASN K 99 34.50 -18.33 17.58
C ASN K 99 33.46 -18.48 16.48
N ALA K 100 33.79 -19.18 15.41
CA ALA K 100 32.82 -19.43 14.34
C ALA K 100 31.70 -20.34 14.86
N GLU K 101 30.51 -20.12 14.32
CA GLU K 101 29.35 -20.94 14.63
C GLU K 101 29.03 -21.85 13.44
N VAL K 102 28.65 -23.08 13.74
CA VAL K 102 28.17 -24.03 12.75
C VAL K 102 26.79 -24.50 13.16
N MET K 103 25.87 -24.57 12.20
CA MET K 103 24.52 -25.04 12.46
C MET K 103 24.08 -26.01 11.37
N ILE K 104 23.43 -27.08 11.77
CA ILE K 104 22.91 -28.10 10.87
C ILE K 104 21.44 -28.33 11.19
N HIS K 105 20.63 -28.53 10.15
CA HIS K 105 19.23 -28.88 10.33
C HIS K 105 18.72 -29.49 9.03
N GLN K 106 17.48 -29.95 9.06
CA GLN K 106 16.87 -30.62 7.93
C GLN K 106 16.32 -29.62 6.91
N PRO K 107 16.13 -30.03 5.65
CA PRO K 107 15.66 -29.09 4.63
C PRO K 107 14.25 -28.58 4.92
N LEU K 108 13.96 -27.41 4.38
CA LEU K 108 12.65 -26.80 4.47
C LEU K 108 12.14 -26.52 3.07
N GLY K 109 10.83 -26.49 2.94
CA GLY K 109 10.22 -26.20 1.67
C GLY K 109 8.77 -25.84 1.82
N GLY K 110 8.06 -25.88 0.70
CA GLY K 110 6.64 -25.60 0.70
C GLY K 110 5.99 -26.26 -0.49
N ALA K 111 4.69 -26.48 -0.38
CA ALA K 111 3.93 -27.12 -1.43
C ALA K 111 2.49 -26.63 -1.38
N GLN K 112 1.93 -26.36 -2.56
CA GLN K 112 0.56 -25.89 -2.68
C GLN K 112 -0.10 -26.57 -3.86
N GLY K 113 -1.41 -26.80 -3.75
CA GLY K 113 -2.20 -27.27 -4.87
C GLY K 113 -2.91 -28.57 -4.55
N GLN K 114 -3.15 -29.36 -5.61
CA GLN K 114 -3.90 -30.60 -5.49
C GLN K 114 -3.14 -31.61 -4.65
N ALA K 115 -3.88 -32.57 -4.09
CA ALA K 115 -3.28 -33.61 -3.27
C ALA K 115 -2.11 -34.29 -3.95
N THR K 116 -2.24 -34.64 -5.24
CA THR K 116 -1.16 -35.36 -5.92
C THR K 116 0.06 -34.47 -6.13
N GLU K 117 -0.14 -33.16 -6.26
CA GLU K 117 1.02 -32.27 -6.39
C GLU K 117 1.71 -32.07 -5.04
N ILE K 118 0.95 -32.05 -3.95
CA ILE K 118 1.56 -32.02 -2.62
C ILE K 118 2.35 -33.30 -2.37
N GLU K 119 1.81 -34.45 -2.79
CA GLU K 119 2.53 -35.71 -2.63
C GLU K 119 3.83 -35.69 -3.42
N ILE K 120 3.82 -35.14 -4.62
CA ILE K 120 5.04 -35.07 -5.43
C ILE K 120 6.09 -34.21 -4.74
N ALA K 121 5.66 -33.09 -4.15
CA ALA K 121 6.61 -32.21 -3.48
C ALA K 121 7.13 -32.83 -2.19
N ALA K 122 6.27 -33.49 -1.43
CA ALA K 122 6.73 -34.17 -0.21
C ALA K 122 7.76 -35.24 -0.55
N ASN K 123 7.47 -36.07 -1.56
CA ASN K 123 8.41 -37.11 -1.96
C ASN K 123 9.72 -36.51 -2.43
N HIS K 124 9.68 -35.37 -3.12
CA HIS K 124 10.90 -34.77 -3.61
C HIS K 124 11.77 -34.23 -2.47
N ILE K 125 11.15 -33.62 -1.45
CA ILE K 125 11.96 -33.04 -0.38
C ILE K 125 12.47 -34.14 0.55
N LEU K 126 11.73 -35.23 0.73
CA LEU K 126 12.22 -36.32 1.55
C LEU K 126 13.35 -37.06 0.85
N LYS K 127 13.24 -37.25 -0.47
CA LYS K 127 14.36 -37.79 -1.22
C LYS K 127 15.58 -36.88 -1.12
N THR K 128 15.37 -35.57 -1.19
CA THR K 128 16.47 -34.63 -1.07
C THR K 128 17.14 -34.73 0.30
N ARG K 129 16.33 -34.88 1.36
CA ARG K 129 16.91 -35.02 2.70
C ARG K 129 17.73 -36.30 2.82
N GLU K 130 17.26 -37.40 2.22
CA GLU K 130 18.02 -38.64 2.28
C GLU K 130 19.35 -38.50 1.55
N LYS K 131 19.37 -37.77 0.44
CA LYS K 131 20.62 -37.58 -0.30
C LYS K 131 21.59 -36.71 0.49
N LEU K 132 21.09 -35.67 1.16
CA LEU K 132 21.95 -34.81 1.96
C LEU K 132 22.51 -35.57 3.16
N ASN K 133 21.66 -36.34 3.84
CA ASN K 133 22.11 -37.14 4.97
C ASN K 133 23.22 -38.11 4.56
N ARG K 134 23.05 -38.78 3.43
CA ARG K 134 24.02 -39.78 3.01
C ARG K 134 25.36 -39.15 2.67
N ILE K 135 25.35 -37.99 2.02
CA ILE K 135 26.62 -37.32 1.71
C ILE K 135 27.27 -36.80 2.99
N LEU K 136 26.47 -36.20 3.88
CA LEU K 136 27.05 -35.70 5.13
C LEU K 136 27.61 -36.83 5.98
N SER K 137 26.99 -38.01 5.92
CA SER K 137 27.54 -39.17 6.63
C SER K 137 28.90 -39.55 6.06
N GLU K 138 29.05 -39.47 4.74
CA GLU K 138 30.34 -39.79 4.13
C GLU K 138 31.40 -38.75 4.47
N ARG K 139 31.02 -37.47 4.53
CA ARG K 139 32.00 -36.42 4.79
C ARG K 139 32.42 -36.36 6.24
N THR K 140 31.56 -36.81 7.17
CA THR K 140 31.82 -36.65 8.59
C THR K 140 32.19 -37.95 9.29
N GLY K 141 31.92 -39.11 8.69
CA GLY K 141 32.08 -40.37 9.38
C GLY K 141 30.95 -40.73 10.33
N GLN K 142 29.98 -39.85 10.52
CA GLN K 142 28.82 -40.18 11.32
C GLN K 142 27.85 -41.02 10.53
N SER K 143 26.99 -41.75 11.25
CA SER K 143 26.00 -42.60 10.59
C SER K 143 24.81 -41.78 10.11
N ILE K 144 24.17 -42.26 9.04
CA ILE K 144 22.97 -41.61 8.53
C ILE K 144 21.91 -41.51 9.60
N GLU K 145 21.79 -42.55 10.42
CA GLU K 145 20.79 -42.55 11.49
C GLU K 145 21.06 -41.44 12.51
N LYS K 146 22.34 -41.18 12.80
CA LYS K 146 22.67 -40.10 13.72
C LYS K 146 22.43 -38.73 13.09
N ILE K 147 22.82 -38.57 11.81
CA ILE K 147 22.55 -37.33 11.09
C ILE K 147 21.05 -37.02 11.12
N GLN K 148 20.22 -38.01 10.83
CA GLN K 148 18.78 -37.80 10.80
C GLN K 148 18.28 -37.28 12.14
N LYS K 149 18.68 -37.92 13.24
CA LYS K 149 18.20 -37.48 14.55
C LYS K 149 18.79 -36.12 14.94
N ASP K 150 20.05 -35.86 14.57
CA ASP K 150 20.70 -34.62 14.99
C ASP K 150 20.23 -33.40 14.19
N THR K 151 19.59 -33.62 13.04
CA THR K 151 19.11 -32.52 12.22
C THR K 151 17.60 -32.35 12.27
N ASP K 152 16.92 -33.05 13.19
CA ASP K 152 15.47 -32.94 13.29
C ASP K 152 15.05 -31.51 13.58
N ARG K 153 15.80 -30.81 14.43
CA ARG K 153 15.63 -29.38 14.65
C ARG K 153 16.97 -28.69 14.50
N ASP K 154 16.94 -27.35 14.56
CA ASP K 154 18.17 -26.57 14.50
C ASP K 154 19.16 -27.07 15.54
N ASN K 155 20.41 -27.27 15.12
CA ASN K 155 21.45 -27.84 15.96
C ASN K 155 22.69 -26.95 15.84
N PHE K 156 22.93 -26.12 16.85
CA PHE K 156 24.04 -25.18 16.85
C PHE K 156 25.27 -25.83 17.45
N LEU K 157 26.41 -25.64 16.79
CA LEU K 157 27.66 -26.28 17.19
C LEU K 157 28.76 -25.23 17.27
N THR K 158 29.56 -25.29 18.33
CA THR K 158 30.77 -24.50 18.37
C THR K 158 31.79 -25.06 17.39
N ALA K 159 32.86 -24.28 17.16
CA ALA K 159 33.93 -24.76 16.30
C ALA K 159 34.51 -26.07 16.83
N GLU K 160 34.68 -26.17 18.15
CA GLU K 160 35.21 -27.40 18.73
C GLU K 160 34.25 -28.55 18.55
N GLU K 161 32.94 -28.30 18.70
CA GLU K 161 31.96 -29.37 18.51
C GLU K 161 31.88 -29.81 17.06
N ALA K 162 32.05 -28.86 16.11
CA ALA K 162 32.06 -29.23 14.70
C ALA K 162 33.24 -30.14 14.38
N LYS K 163 34.37 -29.92 15.04
CA LYS K 163 35.53 -30.79 14.83
C LYS K 163 35.24 -32.19 15.35
N GLU K 164 34.71 -32.29 16.57
CA GLU K 164 34.33 -33.58 17.11
C GLU K 164 33.32 -34.27 16.20
N TYR K 165 32.41 -33.50 15.61
CA TYR K 165 31.39 -34.08 14.75
C TYR K 165 31.96 -34.59 13.43
N GLY K 166 33.10 -34.06 12.99
CA GLY K 166 33.67 -34.41 11.71
C GLY K 166 33.36 -33.44 10.59
N LEU K 167 32.68 -32.33 10.88
CA LEU K 167 32.40 -31.34 9.85
C LEU K 167 33.66 -30.60 9.44
N ILE K 168 34.57 -30.35 10.38
CA ILE K 168 35.85 -29.73 10.11
C ILE K 168 36.95 -30.64 10.64
N ASP K 169 38.19 -30.35 10.24
CA ASP K 169 39.35 -31.10 10.68
C ASP K 169 40.11 -30.41 11.81
N GLU K 170 40.29 -29.09 11.75
CA GLU K 170 41.00 -28.37 12.81
C GLU K 170 40.31 -27.03 13.08
N VAL K 171 40.35 -26.61 14.34
CA VAL K 171 40.05 -25.23 14.69
C VAL K 171 41.33 -24.41 14.48
N MET K 172 41.22 -23.31 13.74
CA MET K 172 42.39 -22.52 13.40
C MET K 172 42.75 -21.59 14.55
N VAL K 173 43.94 -21.78 15.11
CA VAL K 173 44.46 -20.93 16.18
C VAL K 173 45.22 -19.77 15.56
N PRO K 174 45.38 -18.66 16.26
CA PRO K 174 46.33 -17.65 15.79
C PRO K 174 47.73 -18.23 15.86
N GLU K 175 48.54 -17.91 14.87
CA GLU K 175 48.26 -16.81 13.96
C GLU K 175 48.40 -17.20 12.49
N ASP L 1 38.36 6.73 -5.50
CA ASP L 1 37.54 6.74 -4.30
C ASP L 1 38.41 6.98 -3.07
N ILE L 2 37.86 7.72 -2.09
CA ILE L 2 38.67 8.17 -0.97
C ILE L 2 39.12 7.01 -0.10
N TYR L 3 38.26 5.98 0.07
CA TYR L 3 38.61 4.88 0.97
C TYR L 3 39.73 4.03 0.40
N SER L 4 39.84 3.98 -0.93
CA SER L 4 40.89 3.18 -1.56
C SER L 4 42.27 3.77 -1.29
N ARG L 5 42.39 5.11 -1.32
CA ARG L 5 43.67 5.72 -1.00
C ARG L 5 43.99 5.58 0.48
N LEU L 6 42.98 5.65 1.35
CA LEU L 6 43.22 5.39 2.76
C LEU L 6 43.72 3.97 2.98
N LEU L 7 43.24 3.03 2.17
CA LEU L 7 43.68 1.64 2.30
C LEU L 7 45.16 1.49 2.02
N LYS L 8 45.73 2.37 1.18
CA LYS L 8 47.16 2.30 0.93
C LYS L 8 47.97 2.74 2.14
N ASP L 9 47.38 3.57 3.02
CA ASP L 9 47.97 3.86 4.32
C ASP L 9 47.58 2.82 5.37
N ARG L 10 47.03 1.68 4.94
CA ARG L 10 46.65 0.60 5.85
C ARG L 10 45.57 1.04 6.84
N ILE L 11 44.63 1.87 6.38
CA ILE L 11 43.53 2.35 7.19
C ILE L 11 42.24 1.72 6.68
N ILE L 12 41.45 1.14 7.58
CA ILE L 12 40.16 0.56 7.25
C ILE L 12 39.09 1.32 8.02
N MET L 13 38.01 1.69 7.33
CA MET L 13 36.90 2.40 7.94
C MET L 13 35.71 1.46 8.12
N LEU L 14 35.37 1.19 9.37
CA LEU L 14 34.12 0.48 9.70
C LEU L 14 33.15 1.54 10.18
N GLY L 15 32.38 2.08 9.25
CA GLY L 15 31.49 3.18 9.57
C GLY L 15 30.03 2.92 9.29
N SER L 16 29.56 1.72 9.60
CA SER L 16 28.15 1.39 9.32
C SER L 16 27.73 0.23 10.20
N GLN L 17 26.46 -0.13 10.05
CA GLN L 17 25.92 -1.34 10.66
C GLN L 17 26.72 -2.55 10.22
N ILE L 18 26.88 -3.52 11.12
CA ILE L 18 27.67 -4.72 10.85
C ILE L 18 26.71 -5.83 10.44
N ASP L 19 26.63 -6.09 9.14
CA ASP L 19 25.97 -7.28 8.61
C ASP L 19 27.02 -8.13 7.88
N ASP L 20 26.54 -9.10 7.11
CA ASP L 20 27.46 -10.04 6.47
C ASP L 20 28.22 -9.39 5.33
N ASN L 21 27.58 -8.48 4.59
CA ASN L 21 28.28 -7.76 3.53
C ASN L 21 29.43 -6.94 4.09
N VAL L 22 29.17 -6.13 5.12
CA VAL L 22 30.21 -5.32 5.73
C VAL L 22 31.32 -6.18 6.29
N ALA L 23 30.94 -7.22 7.04
CA ALA L 23 31.94 -8.10 7.64
C ALA L 23 32.86 -8.72 6.61
N ASN L 24 32.30 -9.12 5.45
CA ASN L 24 33.13 -9.69 4.39
C ASN L 24 34.07 -8.65 3.81
N SER L 25 33.59 -7.42 3.65
CA SER L 25 34.46 -6.35 3.17
C SER L 25 35.61 -6.10 4.14
N ILE L 26 35.31 -6.00 5.43
CA ILE L 26 36.34 -5.77 6.43
C ILE L 26 37.31 -6.94 6.48
N VAL L 27 36.79 -8.17 6.50
CA VAL L 27 37.64 -9.36 6.56
C VAL L 27 38.58 -9.39 5.35
N SER L 28 38.04 -9.17 4.16
CA SER L 28 38.86 -9.20 2.95
C SER L 28 39.90 -8.09 2.95
N GLN L 29 39.58 -6.93 3.55
CA GLN L 29 40.56 -5.86 3.64
C GLN L 29 41.70 -6.23 4.59
N LEU L 30 41.36 -6.85 5.73
CA LEU L 30 42.39 -7.31 6.66
C LEU L 30 43.28 -8.37 6.02
N LEU L 31 42.67 -9.31 5.29
CA LEU L 31 43.45 -10.32 4.58
C LEU L 31 44.38 -9.67 3.55
N PHE L 32 43.83 -8.75 2.76
CA PHE L 32 44.62 -8.08 1.72
C PHE L 32 45.77 -7.28 2.32
N LEU L 33 45.52 -6.58 3.42
CA LEU L 33 46.58 -5.80 4.05
C LEU L 33 47.65 -6.70 4.64
N GLN L 34 47.27 -7.86 5.16
CA GLN L 34 48.28 -8.79 5.68
C GLN L 34 49.15 -9.34 4.56
N ALA L 35 48.57 -9.58 3.39
CA ALA L 35 49.34 -10.13 2.28
C ALA L 35 50.36 -9.12 1.77
N GLN L 36 49.97 -7.85 1.67
CA GLN L 36 50.90 -6.82 1.21
C GLN L 36 52.09 -6.69 2.16
N ASP L 37 51.84 -6.71 3.46
CA ASP L 37 52.87 -6.60 4.47
C ASP L 37 52.29 -7.18 5.76
N SER L 38 52.98 -8.18 6.32
CA SER L 38 52.45 -8.94 7.44
C SER L 38 52.92 -8.44 8.80
N GLU L 39 53.70 -7.37 8.85
CA GLU L 39 54.18 -6.86 10.13
C GLU L 39 53.91 -5.38 10.36
N LYS L 40 53.56 -4.61 9.35
CA LYS L 40 53.16 -3.23 9.57
C LYS L 40 51.76 -3.18 10.16
N ASP L 41 51.54 -2.24 11.07
CA ASP L 41 50.27 -2.15 11.78
C ASP L 41 49.12 -1.84 10.82
N ILE L 42 47.91 -2.15 11.27
CA ILE L 42 46.67 -1.82 10.57
C ILE L 42 45.84 -0.96 11.49
N TYR L 43 45.12 0.00 10.91
CA TYR L 43 44.31 0.95 11.67
C TYR L 43 42.85 0.77 11.29
N LEU L 44 42.03 0.41 12.27
CA LEU L 44 40.61 0.17 12.08
C LEU L 44 39.83 1.27 12.78
N TYR L 45 39.31 2.22 12.00
CA TYR L 45 38.43 3.24 12.53
C TYR L 45 37.01 2.68 12.65
N ILE L 46 36.37 2.94 13.79
CA ILE L 46 35.07 2.37 14.10
C ILE L 46 34.09 3.50 14.41
N ASN L 47 33.05 3.60 13.58
CA ASN L 47 31.89 4.47 13.85
C ASN L 47 30.67 3.62 13.49
N SER L 48 30.18 2.85 14.46
CA SER L 48 29.20 1.82 14.16
C SER L 48 28.17 1.67 15.27
N PRO L 49 26.89 1.51 14.92
CA PRO L 49 25.86 1.23 15.92
C PRO L 49 25.79 -0.24 16.33
N GLY L 50 26.60 -1.10 15.74
CA GLY L 50 26.57 -2.52 16.01
C GLY L 50 26.00 -3.30 14.85
N GLY L 51 25.61 -4.54 15.14
CA GLY L 51 24.99 -5.37 14.12
C GLY L 51 24.92 -6.83 14.51
N SER L 52 25.14 -7.69 13.52
CA SER L 52 25.00 -9.12 13.72
C SER L 52 26.16 -9.67 14.54
N VAL L 53 25.86 -10.65 15.42
CA VAL L 53 26.90 -11.22 16.27
C VAL L 53 27.86 -12.08 15.45
N THR L 54 27.33 -12.89 14.53
CA THR L 54 28.22 -13.77 13.76
C THR L 54 29.04 -12.97 12.75
N ALA L 55 28.45 -11.95 12.15
CA ALA L 55 29.23 -11.05 11.31
C ALA L 55 30.31 -10.35 12.13
N GLY L 56 29.99 -10.00 13.38
CA GLY L 56 30.99 -9.40 14.24
C GLY L 56 32.13 -10.34 14.56
N PHE L 57 31.81 -11.62 14.83
CA PHE L 57 32.85 -12.58 15.16
C PHE L 57 33.71 -12.91 13.95
N ALA L 58 33.13 -12.85 12.75
CA ALA L 58 33.94 -12.98 11.54
C ALA L 58 35.07 -11.96 11.51
N ILE L 59 34.76 -10.73 11.90
CA ILE L 59 35.79 -9.70 11.98
C ILE L 59 36.69 -9.91 13.18
N TYR L 60 36.09 -10.22 14.35
CA TYR L 60 36.89 -10.40 15.56
C TYR L 60 37.94 -11.49 15.37
N ASP L 61 37.53 -12.65 14.84
CA ASP L 61 38.48 -13.75 14.70
C ASP L 61 39.54 -13.45 13.65
N THR L 62 39.19 -12.70 12.60
CA THR L 62 40.18 -12.32 11.60
C THR L 62 41.23 -11.39 12.20
N ILE L 63 40.80 -10.46 13.05
CA ILE L 63 41.74 -9.57 13.73
C ILE L 63 42.68 -10.39 14.60
N GLN L 64 42.14 -11.30 15.41
CA GLN L 64 42.98 -12.12 16.27
C GLN L 64 43.91 -13.01 15.48
N HIS L 65 43.50 -13.44 14.28
CA HIS L 65 44.27 -14.45 13.56
C HIS L 65 45.46 -13.86 12.84
N ILE L 66 45.31 -12.68 12.23
CA ILE L 66 46.38 -12.21 11.34
C ILE L 66 47.61 -11.77 12.15
N LYS L 67 48.75 -11.67 11.42
CA LYS L 67 50.02 -11.26 12.04
C LYS L 67 50.00 -9.82 12.54
N PRO L 68 49.67 -8.82 11.71
CA PRO L 68 49.86 -7.43 12.14
C PRO L 68 48.98 -7.07 13.34
N ASP L 69 49.50 -6.17 14.16
CA ASP L 69 48.68 -5.52 15.17
C ASP L 69 47.59 -4.71 14.48
N VAL L 70 46.38 -4.77 15.02
CA VAL L 70 45.27 -3.96 14.53
C VAL L 70 44.92 -2.96 15.61
N GLN L 71 45.15 -1.69 15.31
CA GLN L 71 44.72 -0.60 16.19
C GLN L 71 43.25 -0.29 15.92
N THR L 72 42.52 0.01 16.98
CA THR L 72 41.11 0.37 16.88
C THR L 72 40.93 1.78 17.39
N ILE L 73 40.23 2.62 16.61
CA ILE L 73 40.02 4.02 16.95
C ILE L 73 38.53 4.30 16.84
N CYS L 74 37.87 4.52 17.96
CA CYS L 74 36.45 4.87 17.97
C CYS L 74 36.29 6.36 17.71
N ILE L 75 35.62 6.69 16.62
CA ILE L 75 35.21 8.06 16.33
C ILE L 75 33.69 8.06 16.30
N GLY L 76 33.08 9.06 16.95
CA GLY L 76 31.63 9.14 16.99
C GLY L 76 30.98 8.18 17.95
N MET L 77 30.77 6.94 17.53
CA MET L 77 30.09 5.97 18.39
C MET L 77 30.56 4.56 18.07
N ALA L 78 30.75 3.77 19.12
CA ALA L 78 30.90 2.32 19.02
C ALA L 78 29.93 1.72 20.01
N ALA L 79 28.81 1.21 19.50
CA ALA L 79 27.76 0.62 20.34
C ALA L 79 27.61 -0.85 19.98
N SER L 80 27.25 -1.65 20.99
CA SER L 80 26.85 -3.04 20.80
C SER L 80 28.04 -3.79 20.20
N MET L 81 27.90 -4.50 19.07
CA MET L 81 29.05 -5.19 18.48
C MET L 81 30.14 -4.22 18.04
N GLY L 82 29.82 -2.94 17.85
CA GLY L 82 30.86 -1.96 17.58
C GLY L 82 31.85 -1.83 18.72
N SER L 83 31.35 -1.66 19.94
CA SER L 83 32.24 -1.57 21.10
C SER L 83 32.95 -2.88 21.38
N PHE L 84 32.31 -4.02 21.06
CA PHE L 84 32.99 -5.30 21.21
C PHE L 84 34.23 -5.36 20.32
N LEU L 85 34.12 -4.86 19.09
CA LEU L 85 35.26 -4.85 18.19
C LEU L 85 36.29 -3.78 18.57
N LEU L 86 35.84 -2.66 19.15
CA LEU L 86 36.78 -1.69 19.68
C LEU L 86 37.68 -2.33 20.74
N ALA L 87 37.08 -3.05 21.69
CA ALA L 87 37.85 -3.73 22.72
C ALA L 87 38.76 -4.82 22.16
N ALA L 88 38.56 -5.20 20.90
CA ALA L 88 39.30 -6.30 20.30
C ALA L 88 40.62 -5.88 19.68
N GLY L 89 40.90 -4.58 19.60
CA GLY L 89 42.17 -4.14 19.04
C GLY L 89 43.35 -4.60 19.88
N ALA L 90 44.51 -4.57 19.25
CA ALA L 90 45.75 -4.91 19.94
C ALA L 90 45.85 -4.13 21.25
N LYS L 91 46.12 -4.85 22.33
CA LYS L 91 46.18 -4.20 23.63
C LYS L 91 47.30 -3.18 23.65
N GLY L 92 47.02 -2.03 24.27
CA GLY L 92 47.87 -0.87 24.18
C GLY L 92 47.57 0.03 23.01
N LYS L 93 46.80 -0.44 22.02
CA LYS L 93 46.52 0.30 20.80
C LYS L 93 45.03 0.38 20.52
N ARG L 94 44.23 0.51 21.58
CA ARG L 94 42.79 0.72 21.47
C ARG L 94 42.48 2.14 21.91
N PHE L 95 41.89 2.94 21.03
CA PHE L 95 41.72 4.37 21.27
C PHE L 95 40.28 4.80 21.02
N ALA L 96 39.96 5.97 21.59
CA ALA L 96 38.72 6.67 21.31
C ALA L 96 38.99 8.17 21.30
N LEU L 97 38.35 8.88 20.38
CA LEU L 97 38.45 10.33 20.35
C LEU L 97 37.67 10.91 21.53
N PRO L 98 38.03 12.13 21.97
CA PRO L 98 37.54 12.61 23.29
C PRO L 98 36.03 12.63 23.43
N ASN L 99 35.29 12.91 22.36
CA ASN L 99 33.84 13.01 22.43
C ASN L 99 33.13 11.81 21.81
N ALA L 100 33.86 10.76 21.47
CA ALA L 100 33.23 9.51 21.05
C ALA L 100 32.43 8.95 22.22
N GLU L 101 31.39 8.19 21.90
CA GLU L 101 30.62 7.49 22.91
C GLU L 101 30.62 5.99 22.66
N VAL L 102 30.71 5.23 23.73
CA VAL L 102 30.73 3.78 23.70
C VAL L 102 29.50 3.29 24.45
N MET L 103 28.82 2.30 23.89
CA MET L 103 27.65 1.72 24.52
C MET L 103 27.77 0.20 24.51
N ILE L 104 27.39 -0.42 25.61
CA ILE L 104 27.40 -1.87 25.74
C ILE L 104 26.04 -2.31 26.24
N HIS L 105 25.58 -3.46 25.75
CA HIS L 105 24.35 -4.07 26.23
C HIS L 105 24.33 -5.53 25.79
N GLN L 106 23.36 -6.26 26.34
CA GLN L 106 23.25 -7.68 26.07
C GLN L 106 22.65 -7.94 24.69
N PRO L 107 22.81 -9.14 24.14
CA PRO L 107 22.30 -9.41 22.80
C PRO L 107 20.77 -9.37 22.75
N LEU L 108 20.27 -9.16 21.53
CA LEU L 108 18.85 -9.18 21.24
C LEU L 108 18.58 -10.13 20.09
N GLY L 109 17.36 -10.65 20.04
CA GLY L 109 17.00 -11.56 18.99
C GLY L 109 15.52 -11.80 18.98
N GLY L 110 15.12 -12.88 18.31
CA GLY L 110 13.73 -13.24 18.21
C GLY L 110 13.55 -14.72 17.95
N ALA L 111 12.39 -15.23 18.31
CA ALA L 111 12.06 -16.62 18.09
C ALA L 111 10.57 -16.76 17.87
N GLN L 112 10.19 -17.66 16.98
CA GLN L 112 8.79 -17.94 16.66
C GLN L 112 8.63 -19.42 16.38
N GLY L 113 7.44 -19.95 16.66
CA GLY L 113 7.11 -21.31 16.30
C GLY L 113 6.75 -22.13 17.53
N GLN L 114 6.98 -23.45 17.42
CA GLN L 114 6.62 -24.38 18.48
C GLN L 114 7.46 -24.12 19.74
N ALA L 115 6.95 -24.61 20.87
CA ALA L 115 7.65 -24.45 22.14
C ALA L 115 9.08 -24.98 22.08
N THR L 116 9.29 -26.14 21.44
CA THR L 116 10.63 -26.70 21.41
C THR L 116 11.57 -25.88 20.54
N GLU L 117 11.05 -25.20 19.52
CA GLU L 117 11.91 -24.35 18.71
C GLU L 117 12.25 -23.05 19.43
N ILE L 118 11.29 -22.48 20.18
CA ILE L 118 11.57 -21.31 21.00
C ILE L 118 12.62 -21.63 22.06
N GLU L 119 12.54 -22.82 22.65
CA GLU L 119 13.53 -23.22 23.65
C GLU L 119 14.92 -23.33 23.01
N ILE L 120 14.98 -23.89 21.80
CA ILE L 120 16.26 -23.99 21.10
C ILE L 120 16.84 -22.59 20.86
N ALA L 121 16.00 -21.65 20.43
CA ALA L 121 16.48 -20.30 20.16
C ALA L 121 16.89 -19.59 21.45
N ALA L 122 16.11 -19.75 22.51
CA ALA L 122 16.47 -19.16 23.80
C ALA L 122 17.82 -19.68 24.28
N ASN L 123 18.03 -21.00 24.18
CA ASN L 123 19.31 -21.57 24.60
C ASN L 123 20.45 -21.05 23.74
N HIS L 124 20.21 -20.83 22.44
CA HIS L 124 21.27 -20.35 21.57
C HIS L 124 21.70 -18.94 21.94
N ILE L 125 20.74 -18.05 22.22
CA ILE L 125 21.11 -16.66 22.49
C ILE L 125 21.71 -16.52 23.88
N LEU L 126 21.26 -17.32 24.86
CA LEU L 126 21.88 -17.29 26.18
C LEU L 126 23.31 -17.81 26.11
N LYS L 127 23.53 -18.88 25.36
CA LYS L 127 24.89 -19.37 25.15
C LYS L 127 25.75 -18.32 24.46
N THR L 128 25.17 -17.61 23.48
CA THR L 128 25.91 -16.57 22.78
C THR L 128 26.28 -15.43 23.72
N ARG L 129 25.37 -15.06 24.62
CA ARG L 129 25.68 -14.01 25.58
C ARG L 129 26.80 -14.43 26.53
N GLU L 130 26.80 -15.68 26.95
CA GLU L 130 27.87 -16.16 27.83
C GLU L 130 29.22 -16.11 27.13
N LYS L 131 29.25 -16.45 25.85
CA LYS L 131 30.49 -16.41 25.09
C LYS L 131 31.00 -14.97 24.95
N LEU L 132 30.09 -14.03 24.68
CA LEU L 132 30.49 -12.63 24.53
C LEU L 132 31.00 -12.06 25.85
N ASN L 133 30.28 -12.34 26.94
CA ASN L 133 30.70 -11.88 28.26
C ASN L 133 32.08 -12.40 28.61
N ARG L 134 32.34 -13.68 28.36
CA ARG L 134 33.62 -14.28 28.69
C ARG L 134 34.75 -13.60 27.92
N ILE L 135 34.56 -13.37 26.63
CA ILE L 135 35.60 -12.73 25.83
C ILE L 135 35.81 -11.28 26.28
N LEU L 136 34.72 -10.53 26.48
CA LEU L 136 34.85 -9.16 26.93
C LEU L 136 35.57 -9.08 28.27
N SER L 137 35.28 -10.03 29.16
CA SER L 137 36.00 -10.10 30.43
C SER L 137 37.50 -10.25 30.19
N GLU L 138 37.87 -11.05 29.19
CA GLU L 138 39.29 -11.23 28.90
C GLU L 138 39.89 -9.97 28.29
N ARG L 139 39.12 -9.25 27.46
CA ARG L 139 39.64 -8.06 26.80
C ARG L 139 39.72 -6.85 27.73
N THR L 140 38.84 -6.77 28.73
CA THR L 140 38.78 -5.62 29.62
C THR L 140 39.37 -5.87 31.00
N GLY L 141 39.46 -7.12 31.43
CA GLY L 141 39.87 -7.41 32.79
C GLY L 141 38.76 -7.36 33.81
N GLN L 142 37.56 -6.97 33.41
CA GLN L 142 36.42 -7.02 34.31
C GLN L 142 35.91 -8.45 34.46
N SER L 143 35.26 -8.72 35.57
CA SER L 143 34.73 -10.05 35.82
C SER L 143 33.48 -10.31 34.99
N ILE L 144 33.19 -11.59 34.78
CA ILE L 144 32.03 -11.96 33.97
C ILE L 144 30.74 -11.53 34.66
N GLU L 145 30.70 -11.61 36.00
CA GLU L 145 29.51 -11.17 36.72
C GLU L 145 29.29 -9.67 36.59
N LYS L 146 30.37 -8.89 36.55
CA LYS L 146 30.20 -7.44 36.38
C LYS L 146 29.71 -7.10 34.98
N ILE L 147 30.32 -7.72 33.96
CA ILE L 147 29.83 -7.56 32.59
C ILE L 147 28.36 -7.89 32.51
N GLN L 148 27.96 -9.03 33.07
CA GLN L 148 26.58 -9.48 32.99
C GLN L 148 25.62 -8.47 33.61
N LYS L 149 26.02 -7.88 34.74
CA LYS L 149 25.16 -6.88 35.37
C LYS L 149 25.18 -5.56 34.61
N ASP L 150 26.35 -5.15 34.10
CA ASP L 150 26.49 -3.87 33.42
C ASP L 150 25.86 -3.86 32.03
N THR L 151 25.49 -5.01 31.49
CA THR L 151 24.89 -5.08 30.16
C THR L 151 23.43 -5.49 30.19
N ASP L 152 22.83 -5.54 31.38
CA ASP L 152 21.42 -5.90 31.50
C ASP L 152 20.55 -4.94 30.69
N ARG L 153 20.87 -3.65 30.72
CA ARG L 153 20.21 -2.64 29.91
C ARG L 153 21.27 -1.83 29.19
N ASP L 154 20.82 -0.94 28.30
CA ASP L 154 21.73 -0.06 27.58
C ASP L 154 22.60 0.71 28.55
N ASN L 155 23.91 0.71 28.29
CA ASN L 155 24.90 1.30 29.19
C ASN L 155 25.80 2.20 28.37
N PHE L 156 25.60 3.52 28.49
CA PHE L 156 26.33 4.50 27.70
C PHE L 156 27.57 4.96 28.46
N LEU L 157 28.71 4.99 27.77
CA LEU L 157 29.98 5.33 28.38
C LEU L 157 30.67 6.44 27.59
N THR L 158 31.24 7.41 28.31
CA THR L 158 32.12 8.37 27.70
C THR L 158 33.45 7.69 27.33
N ALA L 159 34.25 8.40 26.53
CA ALA L 159 35.57 7.89 26.19
C ALA L 159 36.41 7.66 27.43
N GLU L 160 36.31 8.55 28.41
CA GLU L 160 37.05 8.38 29.66
C GLU L 160 36.55 7.17 30.44
N GLU L 161 35.22 7.01 30.52
CA GLU L 161 34.67 5.85 31.23
C GLU L 161 35.04 4.55 30.52
N ALA L 162 35.08 4.57 29.18
CA ALA L 162 35.50 3.38 28.45
C ALA L 162 36.94 3.01 28.77
N LYS L 163 37.79 4.00 29.05
CA LYS L 163 39.16 3.71 29.44
C LYS L 163 39.21 3.10 30.83
N GLU L 164 38.48 3.69 31.78
CA GLU L 164 38.40 3.12 33.12
C GLU L 164 37.84 1.71 33.09
N TYR L 165 36.96 1.42 32.14
CA TYR L 165 36.35 0.10 32.05
C TYR L 165 37.29 -0.93 31.45
N GLY L 166 38.26 -0.51 30.65
CA GLY L 166 39.13 -1.43 29.97
C GLY L 166 38.74 -1.74 28.54
N LEU L 167 37.74 -1.03 27.99
CA LEU L 167 37.39 -1.20 26.60
C LEU L 167 38.42 -0.56 25.68
N ILE L 168 39.11 0.48 26.15
CA ILE L 168 40.16 1.14 25.40
C ILE L 168 41.35 1.41 26.31
N ASP L 169 42.48 1.69 25.70
CA ASP L 169 43.72 1.95 26.44
C ASP L 169 43.94 3.44 26.71
N GLU L 170 43.74 4.29 25.71
CA GLU L 170 43.93 5.73 25.88
C GLU L 170 42.87 6.51 25.11
N VAL L 171 42.53 7.67 25.65
CA VAL L 171 41.77 8.68 24.91
C VAL L 171 42.75 9.48 24.06
N MET L 172 42.46 9.61 22.78
CA MET L 172 43.34 10.32 21.86
C MET L 172 43.16 11.82 22.03
N VAL L 173 44.23 12.50 22.42
CA VAL L 173 44.23 13.96 22.55
C VAL L 173 44.77 14.54 21.25
N PRO L 174 44.44 15.79 20.90
CA PRO L 174 45.09 16.43 19.77
C PRO L 174 46.58 16.61 20.05
N GLU L 175 47.41 16.41 19.03
CA GLU L 175 47.01 16.40 17.63
C GLU L 175 47.14 15.02 16.99
N ASP M 1 34.52 14.57 -11.77
CA ASP M 1 33.53 15.11 -10.84
C ASP M 1 34.04 16.41 -10.22
N ILE M 2 33.12 17.34 -9.97
CA ILE M 2 33.52 18.70 -9.60
C ILE M 2 34.12 18.73 -8.19
N TYR M 3 33.59 17.93 -7.27
CA TYR M 3 34.10 17.96 -5.91
C TYR M 3 35.50 17.34 -5.82
N SER M 4 35.81 16.41 -6.71
CA SER M 4 37.18 15.90 -6.79
C SER M 4 38.15 17.01 -7.12
N ARG M 5 37.80 17.88 -8.09
CA ARG M 5 38.66 19.00 -8.43
C ARG M 5 38.83 19.94 -7.24
N LEU M 6 37.75 20.17 -6.48
CA LEU M 6 37.83 21.08 -5.34
C LEU M 6 38.69 20.51 -4.22
N LEU M 7 38.68 19.18 -4.05
CA LEU M 7 39.53 18.56 -3.05
C LEU M 7 41.01 18.78 -3.37
N LYS M 8 41.34 19.02 -4.65
CA LYS M 8 42.70 19.38 -5.01
C LYS M 8 43.11 20.69 -4.33
N ASP M 9 42.19 21.64 -4.24
CA ASP M 9 42.43 22.89 -3.54
C ASP M 9 42.16 22.79 -2.04
N ARG M 10 42.06 21.57 -1.51
CA ARG M 10 41.85 21.34 -0.09
C ARG M 10 40.51 21.90 0.38
N ILE M 11 39.49 21.79 -0.46
CA ILE M 11 38.14 22.24 -0.15
C ILE M 11 37.26 21.02 0.03
N ILE M 12 36.49 21.01 1.13
CA ILE M 12 35.52 19.96 1.41
C ILE M 12 34.14 20.61 1.48
N MET M 13 33.19 20.04 0.76
CA MET M 13 31.80 20.50 0.79
C MET M 13 31.00 19.59 1.72
N LEU M 14 30.44 20.17 2.78
CA LEU M 14 29.44 19.51 3.60
C LEU M 14 28.12 20.17 3.25
N GLY M 15 27.39 19.56 2.32
CA GLY M 15 26.18 20.17 1.81
C GLY M 15 24.94 19.31 1.92
N SER M 16 24.81 18.58 3.03
CA SER M 16 23.68 17.67 3.19
C SER M 16 23.43 17.46 4.67
N GLN M 17 22.34 16.77 4.95
CA GLN M 17 22.06 16.25 6.29
C GLN M 17 23.21 15.35 6.74
N ILE M 18 23.51 15.39 8.03
CA ILE M 18 24.66 14.68 8.57
C ILE M 18 24.19 13.34 9.14
N ASP M 19 24.53 12.26 8.46
CA ASP M 19 24.37 10.91 8.99
C ASP M 19 25.74 10.23 9.00
N ASP M 20 25.76 8.92 9.25
CA ASP M 20 27.04 8.23 9.40
C ASP M 20 27.79 8.16 8.07
N ASN M 21 27.08 7.97 6.95
CA ASN M 21 27.74 7.97 5.65
C ASN M 21 28.43 9.30 5.39
N VAL M 22 27.70 10.41 5.57
CA VAL M 22 28.28 11.73 5.34
C VAL M 22 29.47 11.97 6.26
N ALA M 23 29.35 11.57 7.53
CA ALA M 23 30.42 11.80 8.49
C ALA M 23 31.68 11.01 8.12
N ASN M 24 31.52 9.77 7.68
CA ASN M 24 32.69 8.97 7.31
C ASN M 24 33.37 9.52 6.06
N SER M 25 32.59 10.02 5.10
CA SER M 25 33.16 10.67 3.94
C SER M 25 33.93 11.92 4.33
N ILE M 26 33.33 12.77 5.17
CA ILE M 26 34.00 13.98 5.62
C ILE M 26 35.26 13.65 6.41
N VAL M 27 35.16 12.68 7.33
CA VAL M 27 36.30 12.30 8.14
C VAL M 27 37.44 11.79 7.27
N SER M 28 37.12 10.92 6.31
CA SER M 28 38.14 10.37 5.43
C SER M 28 38.75 11.45 4.55
N GLN M 29 37.96 12.46 4.17
CA GLN M 29 38.52 13.57 3.40
C GLN M 29 39.50 14.39 4.23
N LEU M 30 39.16 14.65 5.50
CA LEU M 30 40.07 15.37 6.37
C LEU M 30 41.39 14.62 6.54
N LEU M 31 41.30 13.32 6.88
CA LEU M 31 42.50 12.52 7.07
C LEU M 31 43.33 12.41 5.79
N PHE M 32 42.67 12.26 4.65
CA PHE M 32 43.37 12.23 3.37
C PHE M 32 44.10 13.54 3.14
N LEU M 33 43.43 14.66 3.43
CA LEU M 33 44.06 15.97 3.21
C LEU M 33 45.24 16.18 4.14
N GLN M 34 45.13 15.72 5.40
CA GLN M 34 46.25 15.86 6.32
C GLN M 34 47.45 15.05 5.84
N ALA M 35 47.21 13.87 5.27
CA ALA M 35 48.30 13.04 4.79
C ALA M 35 49.07 13.73 3.68
N GLN M 36 48.35 14.29 2.69
CA GLN M 36 48.99 14.98 1.59
C GLN M 36 49.87 16.13 2.08
N ASP M 37 49.37 16.92 3.01
CA ASP M 37 50.08 18.05 3.58
C ASP M 37 49.45 18.32 4.94
N SER M 38 50.28 18.37 5.99
CA SER M 38 49.80 18.49 7.36
C SER M 38 49.91 19.90 7.91
N GLU M 39 50.26 20.88 7.08
CA GLU M 39 50.37 22.26 7.52
C GLU M 39 49.53 23.24 6.72
N LYS M 40 49.14 22.91 5.49
CA LYS M 40 48.30 23.79 4.71
C LYS M 40 46.85 23.72 5.19
N ASP M 41 46.18 24.87 5.20
CA ASP M 41 44.82 24.94 5.72
C ASP M 41 43.85 24.09 4.90
N ILE M 42 42.73 23.75 5.53
CA ILE M 42 41.63 23.05 4.90
C ILE M 42 40.41 23.94 5.02
N TYR M 43 39.55 23.89 4.00
CA TYR M 43 38.36 24.74 3.93
C TYR M 43 37.13 23.85 3.88
N LEU M 44 36.28 23.97 4.89
CA LEU M 44 35.06 23.19 5.01
C LEU M 44 33.87 24.12 4.78
N TYR M 45 33.25 24.00 3.60
CA TYR M 45 32.01 24.73 3.32
C TYR M 45 30.84 23.96 3.92
N ILE M 46 29.93 24.69 4.57
CA ILE M 46 28.84 24.08 5.31
C ILE M 46 27.53 24.65 4.79
N ASN M 47 26.69 23.78 4.23
CA ASN M 47 25.29 24.09 3.89
C ASN M 47 24.51 22.86 4.35
N SER M 48 24.09 22.86 5.62
CA SER M 48 23.56 21.66 6.23
C SER M 48 22.42 21.96 7.19
N PRO M 49 21.33 21.18 7.15
CA PRO M 49 20.26 21.34 8.14
C PRO M 49 20.51 20.60 9.44
N GLY M 50 21.64 19.90 9.57
CA GLY M 50 21.96 19.17 10.77
C GLY M 50 21.94 17.67 10.55
N GLY M 51 21.82 16.94 11.66
CA GLY M 51 21.73 15.49 11.59
C GLY M 51 22.13 14.85 12.90
N SER M 52 22.70 13.65 12.79
CA SER M 52 22.98 12.84 13.97
C SER M 52 24.07 13.46 14.84
N VAL M 53 23.91 13.37 16.16
CA VAL M 53 24.87 13.94 17.09
C VAL M 53 26.20 13.20 17.02
N THR M 54 26.16 11.86 17.07
CA THR M 54 27.41 11.09 17.06
C THR M 54 28.13 11.21 15.72
N ALA M 55 27.38 11.24 14.62
CA ALA M 55 28.00 11.52 13.33
C ALA M 55 28.63 12.91 13.33
N GLY M 56 27.94 13.89 13.91
CA GLY M 56 28.53 15.21 14.03
C GLY M 56 29.79 15.21 14.87
N PHE M 57 29.81 14.42 15.94
CA PHE M 57 30.99 14.39 16.79
C PHE M 57 32.15 13.66 16.14
N ALA M 58 31.85 12.72 15.23
CA ALA M 58 32.90 12.12 14.42
C ALA M 58 33.64 13.19 13.64
N ILE M 59 32.91 14.13 13.04
CA ILE M 59 33.54 15.20 12.29
C ILE M 59 34.22 16.19 13.22
N TYR M 60 33.54 16.58 14.30
CA TYR M 60 34.11 17.54 15.25
C TYR M 60 35.46 17.08 15.75
N ASP M 61 35.51 15.87 16.31
CA ASP M 61 36.76 15.39 16.93
C ASP M 61 37.88 15.26 15.89
N THR M 62 37.53 14.86 14.67
CA THR M 62 38.55 14.79 13.61
C THR M 62 39.09 16.18 13.29
N ILE M 63 38.23 17.19 13.26
CA ILE M 63 38.67 18.56 13.01
C ILE M 63 39.66 19.00 14.07
N GLN M 64 39.31 18.78 15.35
CA GLN M 64 40.22 19.15 16.42
C GLN M 64 41.48 18.30 16.45
N HIS M 65 41.44 17.09 15.90
CA HIS M 65 42.59 16.21 16.07
C HIS M 65 43.69 16.47 15.05
N ILE M 66 43.33 16.79 13.81
CA ILE M 66 44.35 16.86 12.77
C ILE M 66 45.21 18.11 12.97
N LYS M 67 46.38 18.10 12.33
CA LYS M 67 47.30 19.24 12.46
C LYS M 67 46.79 20.49 11.75
N PRO M 68 46.38 20.45 10.47
CA PRO M 68 46.03 21.70 9.78
C PRO M 68 44.82 22.39 10.39
N ASP M 69 44.85 23.72 10.32
CA ASP M 69 43.67 24.52 10.62
C ASP M 69 42.56 24.16 9.65
N VAL M 70 41.34 24.05 10.16
CA VAL M 70 40.17 23.82 9.33
C VAL M 70 39.31 25.08 9.39
N GLN M 71 39.20 25.77 8.25
CA GLN M 71 38.33 26.92 8.15
C GLN M 71 36.91 26.45 7.83
N THR M 72 35.93 27.10 8.47
CA THR M 72 34.52 26.79 8.24
C THR M 72 33.85 27.99 7.60
N ILE M 73 33.05 27.73 6.56
CA ILE M 73 32.37 28.79 5.80
C ILE M 73 30.93 28.36 5.60
N CYS M 74 30.00 29.07 6.25
CA CYS M 74 28.59 28.81 6.07
C CYS M 74 28.08 29.49 4.80
N ILE M 75 27.57 28.70 3.88
CA ILE M 75 26.81 29.20 2.73
C ILE M 75 25.39 28.68 2.87
N GLY M 76 24.42 29.55 2.62
CA GLY M 76 23.04 29.14 2.72
C GLY M 76 22.53 28.95 4.14
N MET M 77 23.00 27.91 4.83
CA MET M 77 22.41 27.58 6.12
C MET M 77 23.29 26.61 6.90
N ALA M 78 23.46 26.90 8.19
CA ALA M 78 24.07 25.97 9.14
C ALA M 78 23.11 25.87 10.33
N ALA M 79 22.33 24.80 10.37
CA ALA M 79 21.35 24.59 11.42
C ALA M 79 21.73 23.38 12.26
N SER M 80 21.40 23.45 13.54
CA SER M 80 21.46 22.29 14.43
C SER M 80 22.90 21.81 14.49
N MET M 81 23.21 20.54 14.20
CA MET M 81 24.59 20.09 14.19
C MET M 81 25.42 20.82 13.14
N GLY M 82 24.78 21.39 12.11
CA GLY M 82 25.52 22.16 11.13
C GLY M 82 26.15 23.41 11.72
N SER M 83 25.41 24.11 12.57
CA SER M 83 25.98 25.29 13.23
C SER M 83 26.98 24.91 14.31
N PHE M 84 26.80 23.74 14.93
CA PHE M 84 27.79 23.25 15.87
C PHE M 84 29.13 23.04 15.18
N LEU M 85 29.12 22.47 13.96
CA LEU M 85 30.36 22.26 13.22
C LEU M 85 30.90 23.56 12.66
N LEU M 86 30.03 24.52 12.32
CA LEU M 86 30.48 25.84 11.94
C LEU M 86 31.33 26.46 13.03
N ALA M 87 30.82 26.45 14.27
CA ALA M 87 31.55 27.00 15.40
C ALA M 87 32.82 26.24 15.74
N ALA M 88 33.01 25.05 15.16
CA ALA M 88 34.15 24.21 15.50
C ALA M 88 35.41 24.55 14.71
N GLY M 89 35.31 25.42 13.70
CA GLY M 89 36.46 25.74 12.90
C GLY M 89 37.54 26.45 13.70
N ALA M 90 38.72 26.54 13.09
CA ALA M 90 39.82 27.27 13.70
C ALA M 90 39.39 28.67 14.09
N LYS M 91 39.62 29.01 15.36
CA LYS M 91 39.23 30.31 15.87
C LYS M 91 39.89 31.42 15.05
N GLY M 92 39.10 32.40 14.64
CA GLY M 92 39.55 33.41 13.71
C GLY M 92 39.34 33.05 12.25
N LYS M 93 38.99 31.81 11.95
CA LYS M 93 38.80 31.35 10.59
C LYS M 93 37.44 30.68 10.40
N ARG M 94 36.42 31.19 11.09
CA ARG M 94 35.05 30.73 10.95
C ARG M 94 34.23 31.85 10.34
N PHE M 95 33.60 31.56 9.19
CA PHE M 95 32.97 32.59 8.38
C PHE M 95 31.56 32.19 7.99
N ALA M 96 30.78 33.18 7.57
CA ALA M 96 29.48 32.97 6.94
C ALA M 96 29.29 34.04 5.87
N LEU M 97 28.60 33.66 4.81
CA LEU M 97 28.25 34.62 3.76
C LEU M 97 27.11 35.51 4.24
N PRO M 98 26.97 36.71 3.66
CA PRO M 98 26.11 37.73 4.28
C PRO M 98 24.65 37.33 4.47
N ASN M 99 24.10 36.51 3.58
CA ASN M 99 22.70 36.11 3.69
C ASN M 99 22.53 34.70 4.23
N ALA M 100 23.60 34.07 4.70
CA ALA M 100 23.48 32.75 5.30
C ALA M 100 22.64 32.84 6.57
N GLU M 101 21.90 31.77 6.85
CA GLU M 101 21.14 31.66 8.09
C GLU M 101 21.83 30.63 8.99
N VAL M 102 21.80 30.92 10.29
CA VAL M 102 22.34 30.00 11.29
C VAL M 102 21.23 29.74 12.31
N MET M 103 21.11 28.49 12.75
CA MET M 103 20.05 28.12 13.68
C MET M 103 20.60 27.16 14.73
N ILE M 104 20.27 27.43 15.99
CA ILE M 104 20.66 26.57 17.08
C ILE M 104 19.40 26.15 17.82
N HIS M 105 19.41 24.91 18.31
CA HIS M 105 18.34 24.42 19.16
C HIS M 105 18.84 23.19 19.91
N GLN M 106 18.05 22.74 20.88
CA GLN M 106 18.41 21.62 21.71
C GLN M 106 18.21 20.29 20.97
N PRO M 107 18.85 19.22 21.43
CA PRO M 107 18.71 17.93 20.75
C PRO M 107 17.29 17.41 20.80
N LEU M 108 16.99 16.55 19.83
CA LEU M 108 15.72 15.84 19.76
C LEU M 108 16.00 14.35 19.67
N GLY M 109 15.01 13.57 20.09
CA GLY M 109 15.15 12.14 20.03
C GLY M 109 13.84 11.46 20.36
N GLY M 110 13.94 10.19 20.72
CA GLY M 110 12.76 9.42 21.04
C GLY M 110 13.13 8.21 21.86
N ALA M 111 12.12 7.64 22.50
CA ALA M 111 12.31 6.48 23.34
C ALA M 111 10.98 5.77 23.53
N GLN M 112 11.02 4.44 23.51
CA GLN M 112 9.85 3.61 23.74
C GLN M 112 10.27 2.36 24.50
N GLY M 113 9.38 1.87 25.35
CA GLY M 113 9.61 0.64 26.07
C GLY M 113 9.23 0.78 27.52
N GLN M 114 9.88 -0.02 28.35
CA GLN M 114 9.61 -0.01 29.79
C GLN M 114 10.06 1.31 30.40
N ALA M 115 9.46 1.63 31.55
CA ALA M 115 9.82 2.83 32.30
C ALA M 115 11.32 2.95 32.52
N THR M 116 11.99 1.84 32.86
CA THR M 116 13.43 1.90 33.06
C THR M 116 14.17 2.18 31.76
N GLU M 117 13.68 1.66 30.63
CA GLU M 117 14.34 1.94 29.36
C GLU M 117 14.16 3.40 28.97
N ILE M 118 12.98 3.96 29.24
CA ILE M 118 12.74 5.37 28.94
C ILE M 118 13.59 6.24 29.85
N GLU M 119 13.72 5.86 31.12
CA GLU M 119 14.61 6.57 32.03
C GLU M 119 16.05 6.57 31.51
N ILE M 120 16.52 5.43 31.03
CA ILE M 120 17.88 5.35 30.49
C ILE M 120 18.03 6.25 29.28
N ALA M 121 17.02 6.27 28.40
CA ALA M 121 17.11 7.08 27.20
C ALA M 121 17.05 8.57 27.52
N ALA M 122 16.16 8.96 28.42
CA ALA M 122 16.07 10.36 28.83
C ALA M 122 17.39 10.83 29.43
N ASN M 123 17.96 10.02 30.33
CA ASN M 123 19.25 10.37 30.94
C ASN M 123 20.34 10.51 29.89
N HIS M 124 20.30 9.69 28.85
CA HIS M 124 21.34 9.76 27.84
C HIS M 124 21.21 11.02 27.00
N ILE M 125 19.99 11.45 26.69
CA ILE M 125 19.84 12.63 25.86
C ILE M 125 20.08 13.91 26.66
N LEU M 126 19.77 13.91 27.95
CA LEU M 126 20.08 15.07 28.78
C LEU M 126 21.58 15.19 29.01
N LYS M 127 22.27 14.06 29.20
CA LYS M 127 23.72 14.09 29.25
C LYS M 127 24.31 14.57 27.94
N THR M 128 23.71 14.16 26.81
CA THR M 128 24.19 14.59 25.50
C THR M 128 23.97 16.09 25.31
N ARG M 129 22.87 16.63 25.84
CA ARG M 129 22.63 18.07 25.74
C ARG M 129 23.63 18.85 26.59
N GLU M 130 23.87 18.40 27.82
CA GLU M 130 24.84 19.07 28.67
C GLU M 130 26.21 19.08 28.01
N LYS M 131 26.58 17.99 27.35
CA LYS M 131 27.89 17.94 26.68
C LYS M 131 27.94 18.91 25.51
N LEU M 132 26.87 18.97 24.71
CA LEU M 132 26.84 19.91 23.59
C LEU M 132 26.90 21.35 24.08
N ASN M 133 26.14 21.65 25.14
CA ASN M 133 26.15 22.99 25.72
C ASN M 133 27.54 23.36 26.21
N ARG M 134 28.22 22.43 26.89
CA ARG M 134 29.54 22.73 27.43
C ARG M 134 30.53 23.04 26.31
N ILE M 135 30.50 22.26 25.23
CA ILE M 135 31.44 22.49 24.14
C ILE M 135 31.10 23.77 23.39
N LEU M 136 29.81 24.02 23.14
CA LEU M 136 29.43 25.27 22.47
C LEU M 136 29.81 26.47 23.31
N SER M 137 29.68 26.37 24.63
CA SER M 137 30.13 27.44 25.52
C SER M 137 31.62 27.72 25.32
N GLU M 138 32.41 26.66 25.18
CA GLU M 138 33.85 26.85 25.00
C GLU M 138 34.19 27.42 23.61
N ARG M 139 33.40 27.08 22.59
CA ARG M 139 33.68 27.56 21.24
C ARG M 139 33.18 28.97 21.00
N THR M 140 32.16 29.41 21.73
CA THR M 140 31.55 30.71 21.52
C THR M 140 31.90 31.75 22.59
N GLY M 141 32.16 31.31 23.81
CA GLY M 141 32.30 32.22 24.93
C GLY M 141 31.02 32.51 25.65
N GLN M 142 29.90 31.96 25.19
CA GLN M 142 28.64 32.11 25.92
C GLN M 142 28.65 31.19 27.14
N SER M 143 27.93 31.60 28.18
CA SER M 143 27.85 30.73 29.35
C SER M 143 26.92 29.56 29.05
N ILE M 144 27.15 28.47 29.80
CA ILE M 144 26.34 27.26 29.59
C ILE M 144 24.87 27.55 29.85
N GLU M 145 24.57 28.35 30.87
CA GLU M 145 23.18 28.64 31.20
C GLU M 145 22.53 29.53 30.15
N LYS M 146 23.31 30.38 29.46
CA LYS M 146 22.71 31.16 28.37
C LYS M 146 22.45 30.28 27.15
N ILE M 147 23.39 29.39 26.82
CA ILE M 147 23.16 28.41 25.76
C ILE M 147 21.88 27.62 26.05
N GLN M 148 21.73 27.17 27.29
CA GLN M 148 20.57 26.37 27.67
C GLN M 148 19.26 27.12 27.40
N LYS M 149 19.20 28.40 27.78
CA LYS M 149 17.99 29.17 27.54
C LYS M 149 17.81 29.49 26.06
N ASP M 150 18.91 29.81 25.36
CA ASP M 150 18.80 30.22 23.96
C ASP M 150 18.46 29.08 23.02
N THR M 151 18.69 27.83 23.42
CA THR M 151 18.39 26.68 22.59
C THR M 151 17.12 25.95 23.01
N ASP M 152 16.34 26.54 23.93
CA ASP M 152 15.12 25.87 24.38
C ASP M 152 14.17 25.64 23.20
N ARG M 153 14.09 26.61 22.29
CA ARG M 153 13.33 26.47 21.05
C ARG M 153 14.23 26.90 19.90
N ASP M 154 13.71 26.74 18.68
CA ASP M 154 14.46 27.12 17.49
C ASP M 154 14.86 28.60 17.55
N ASN M 155 16.13 28.87 17.28
CA ASN M 155 16.71 30.20 17.42
C ASN M 155 17.44 30.52 16.13
N PHE M 156 16.80 31.30 15.25
CA PHE M 156 17.36 31.64 13.96
C PHE M 156 18.19 32.91 14.08
N LEU M 157 19.37 32.90 13.46
CA LEU M 157 20.28 34.04 13.53
C LEU M 157 20.77 34.41 12.14
N THR M 158 20.80 35.72 11.88
CA THR M 158 21.50 36.22 10.72
C THR M 158 23.00 35.97 10.86
N ALA M 159 23.72 36.15 9.75
CA ALA M 159 25.17 36.02 9.80
C ALA M 159 25.77 37.00 10.80
N GLU M 160 25.23 38.22 10.86
CA GLU M 160 25.75 39.21 11.80
C GLU M 160 25.45 38.80 13.24
N GLU M 161 24.25 38.29 13.50
CA GLU M 161 23.93 37.83 14.85
C GLU M 161 24.80 36.63 15.22
N ALA M 162 25.07 35.76 14.26
CA ALA M 162 25.95 34.61 14.52
C ALA M 162 27.34 35.05 14.91
N LYS M 163 27.84 36.14 14.31
CA LYS M 163 29.15 36.65 14.68
C LYS M 163 29.14 37.21 16.09
N GLU M 164 28.12 38.01 16.42
CA GLU M 164 28.03 38.53 17.78
C GLU M 164 27.74 37.43 18.77
N TYR M 165 27.16 36.32 18.31
CA TYR M 165 26.98 35.18 19.19
C TYR M 165 28.29 34.46 19.44
N GLY M 166 29.28 34.62 18.57
CA GLY M 166 30.52 33.88 18.67
C GLY M 166 30.56 32.58 17.90
N LEU M 167 29.53 32.27 17.11
CA LEU M 167 29.56 31.07 16.28
C LEU M 167 30.52 31.22 15.11
N ILE M 168 30.71 32.44 14.61
CA ILE M 168 31.68 32.74 13.58
C ILE M 168 32.52 33.93 14.00
N ASP M 169 33.59 34.16 13.25
CA ASP M 169 34.48 35.29 13.51
C ASP M 169 34.24 36.47 12.58
N GLU M 170 33.86 36.23 11.32
CA GLU M 170 33.68 37.30 10.35
C GLU M 170 32.58 36.95 9.37
N VAL M 171 31.81 37.96 8.98
CA VAL M 171 30.92 37.86 7.82
C VAL M 171 31.74 38.18 6.58
N MET M 172 31.78 37.26 5.63
CA MET M 172 32.57 37.45 4.42
C MET M 172 31.87 38.41 3.48
N VAL M 173 32.54 39.52 3.17
CA VAL M 173 32.03 40.53 2.25
C VAL M 173 32.66 40.28 0.88
N PRO M 174 32.02 40.68 -0.22
CA PRO M 174 32.68 40.57 -1.52
C PRO M 174 33.89 41.48 -1.57
N GLU M 175 34.93 41.05 -2.26
CA GLU M 175 34.91 39.88 -3.13
C GLU M 175 35.75 38.73 -2.60
N ASP N 1 30.72 13.92 -20.96
CA ASP N 1 29.42 14.50 -20.61
C ASP N 1 29.31 15.92 -21.14
N ILE N 2 28.11 16.28 -21.61
CA ILE N 2 27.94 17.52 -22.36
C ILE N 2 28.16 18.74 -21.47
N TYR N 3 27.74 18.66 -20.21
CA TYR N 3 27.80 19.84 -19.35
C TYR N 3 29.22 20.22 -19.00
N SER N 4 30.13 19.25 -18.96
CA SER N 4 31.53 19.53 -18.64
C SER N 4 32.28 20.17 -19.80
N ARG N 5 31.91 19.85 -21.05
CA ARG N 5 32.44 20.60 -22.17
C ARG N 5 31.95 22.03 -22.13
N LEU N 6 30.68 22.22 -21.74
CA LEU N 6 30.15 23.57 -21.61
C LEU N 6 30.84 24.34 -20.48
N LEU N 7 31.23 23.65 -19.41
CA LEU N 7 31.97 24.30 -18.34
C LEU N 7 33.30 24.86 -18.84
N LYS N 8 33.89 24.23 -19.85
CA LYS N 8 35.13 24.74 -20.42
C LYS N 8 34.92 26.10 -21.11
N ASP N 9 33.69 26.37 -21.56
CA ASP N 9 33.32 27.69 -22.05
C ASP N 9 32.75 28.58 -20.96
N ARG N 10 32.93 28.20 -19.68
CA ARG N 10 32.45 28.96 -18.54
C ARG N 10 30.93 29.08 -18.51
N ILE N 11 30.23 28.03 -18.93
CA ILE N 11 28.78 27.99 -18.97
C ILE N 11 28.29 27.05 -17.88
N ILE N 12 27.41 27.55 -17.02
CA ILE N 12 26.77 26.75 -15.97
C ILE N 12 25.28 26.70 -16.25
N MET N 13 24.74 25.49 -16.31
CA MET N 13 23.30 25.30 -16.51
C MET N 13 22.64 25.02 -15.17
N LEU N 14 21.77 25.93 -14.73
CA LEU N 14 20.86 25.69 -13.62
C LEU N 14 19.52 25.31 -14.22
N GLY N 15 19.25 24.02 -14.31
CA GLY N 15 18.06 23.56 -15.01
C GLY N 15 17.17 22.63 -14.21
N SER N 16 17.04 22.87 -12.92
CA SER N 16 16.17 22.03 -12.11
C SER N 16 15.71 22.80 -10.88
N GLN N 17 14.86 22.15 -10.10
CA GLN N 17 14.52 22.60 -8.77
C GLN N 17 15.78 22.90 -7.96
N ILE N 18 15.72 23.89 -7.10
CA ILE N 18 16.88 24.34 -6.33
C ILE N 18 16.76 23.75 -4.93
N ASP N 19 17.47 22.65 -4.69
CA ASP N 19 17.66 22.13 -3.34
C ASP N 19 19.13 22.25 -2.98
N ASP N 20 19.52 21.62 -1.86
CA ASP N 20 20.88 21.77 -1.37
C ASP N 20 21.88 21.10 -2.29
N ASN N 21 21.55 19.92 -2.84
CA ASN N 21 22.45 19.26 -3.79
C ASN N 21 22.71 20.14 -4.99
N VAL N 22 21.66 20.70 -5.57
CA VAL N 22 21.82 21.56 -6.74
C VAL N 22 22.61 22.81 -6.39
N ALA N 23 22.31 23.40 -5.23
CA ALA N 23 23.01 24.62 -4.82
C ALA N 23 24.50 24.37 -4.64
N ASN N 24 24.88 23.25 -4.02
CA ASN N 24 26.28 22.95 -3.82
C ASN N 24 27.00 22.65 -5.13
N SER N 25 26.30 22.04 -6.09
CA SER N 25 26.89 21.85 -7.40
C SER N 25 27.15 23.18 -8.11
N ILE N 26 26.16 24.08 -8.09
CA ILE N 26 26.32 25.37 -8.73
C ILE N 26 27.41 26.19 -8.04
N VAL N 27 27.39 26.21 -6.70
CA VAL N 27 28.38 26.98 -5.96
C VAL N 27 29.79 26.50 -6.29
N SER N 28 30.00 25.18 -6.27
CA SER N 28 31.32 24.62 -6.56
C SER N 28 31.75 24.93 -7.99
N GLN N 29 30.81 24.98 -8.94
CA GLN N 29 31.16 25.34 -10.30
C GLN N 29 31.56 26.80 -10.42
N LEU N 30 30.95 27.68 -9.62
CA LEU N 30 31.33 29.09 -9.65
C LEU N 30 32.72 29.28 -9.06
N LEU N 31 33.01 28.66 -7.92
CA LEU N 31 34.33 28.77 -7.33
C LEU N 31 35.39 28.18 -8.23
N PHE N 32 35.11 27.01 -8.82
CA PHE N 32 36.04 26.39 -9.75
C PHE N 32 36.32 27.31 -10.93
N LEU N 33 35.27 27.91 -11.50
CA LEU N 33 35.46 28.80 -12.64
C LEU N 33 36.25 30.04 -12.25
N GLN N 34 35.98 30.60 -11.06
CA GLN N 34 36.75 31.75 -10.59
C GLN N 34 38.22 31.37 -10.40
N ALA N 35 38.49 30.14 -9.96
CA ALA N 35 39.87 29.72 -9.71
C ALA N 35 40.66 29.63 -11.02
N GLN N 36 40.04 29.11 -12.08
CA GLN N 36 40.73 28.98 -13.36
C GLN N 36 41.05 30.35 -13.94
N ASP N 37 40.10 31.28 -13.85
CA ASP N 37 40.27 32.65 -14.31
C ASP N 37 39.34 33.51 -13.48
N SER N 38 39.87 34.58 -12.89
CA SER N 38 39.10 35.42 -11.99
C SER N 38 38.57 36.69 -12.65
N GLU N 39 38.78 36.88 -13.94
CA GLU N 39 38.26 38.03 -14.66
C GLU N 39 37.26 37.68 -15.74
N LYS N 40 37.46 36.59 -16.48
CA LYS N 40 36.57 36.27 -17.59
C LYS N 40 35.16 35.93 -17.09
N ASP N 41 34.16 36.38 -17.83
CA ASP N 41 32.76 36.28 -17.43
C ASP N 41 32.33 34.82 -17.27
N ILE N 42 31.24 34.65 -16.53
CA ILE N 42 30.57 33.37 -16.34
C ILE N 42 29.13 33.51 -16.82
N TYR N 43 28.59 32.44 -17.40
CA TYR N 43 27.26 32.45 -17.96
C TYR N 43 26.42 31.39 -17.26
N LEU N 44 25.35 31.84 -16.59
CA LEU N 44 24.47 30.97 -15.81
C LEU N 44 23.11 30.93 -16.49
N TYR N 45 22.86 29.83 -17.20
CA TYR N 45 21.56 29.60 -17.83
C TYR N 45 20.57 29.10 -16.78
N ILE N 46 19.39 29.71 -16.74
CA ILE N 46 18.41 29.43 -15.69
C ILE N 46 17.13 28.92 -16.34
N ASN N 47 16.79 27.65 -16.05
CA ASN N 47 15.50 27.05 -16.37
C ASN N 47 15.07 26.31 -15.10
N SER N 48 14.36 27.00 -14.22
CA SER N 48 14.10 26.45 -12.89
C SER N 48 12.73 26.84 -12.37
N PRO N 49 12.00 25.90 -11.76
CA PRO N 49 10.73 26.24 -11.12
C PRO N 49 10.88 26.86 -9.74
N GLY N 50 12.09 26.99 -9.24
CA GLY N 50 12.35 27.55 -7.92
C GLY N 50 12.93 26.51 -6.98
N GLY N 51 12.80 26.78 -5.69
CA GLY N 51 13.27 25.82 -4.69
C GLY N 51 13.50 26.48 -3.34
N SER N 52 14.47 25.93 -2.61
CA SER N 52 14.69 26.33 -1.23
C SER N 52 15.29 27.73 -1.15
N VAL N 53 14.82 28.51 -0.18
CA VAL N 53 15.34 29.87 0.01
C VAL N 53 16.81 29.83 0.39
N THR N 54 17.17 29.01 1.39
CA THR N 54 18.54 28.95 1.86
C THR N 54 19.47 28.41 0.79
N ALA N 55 19.02 27.40 0.03
CA ALA N 55 19.82 26.90 -1.08
C ALA N 55 20.00 27.96 -2.15
N GLY N 56 18.96 28.76 -2.39
CA GLY N 56 19.07 29.86 -3.34
C GLY N 56 20.02 30.94 -2.87
N PHE N 57 20.01 31.24 -1.57
CA PHE N 57 20.94 32.25 -1.05
C PHE N 57 22.37 31.77 -1.08
N ALA N 58 22.59 30.45 -0.99
CA ALA N 58 23.93 29.91 -1.18
C ALA N 58 24.46 30.26 -2.56
N ILE N 59 23.61 30.17 -3.59
CA ILE N 59 24.02 30.55 -4.93
C ILE N 59 24.12 32.07 -5.05
N TYR N 60 23.15 32.79 -4.49
CA TYR N 60 23.13 34.25 -4.58
C TYR N 60 24.41 34.84 -4.00
N ASP N 61 24.73 34.48 -2.75
CA ASP N 61 25.88 35.06 -2.08
C ASP N 61 27.18 34.67 -2.77
N THR N 62 27.25 33.47 -3.35
CA THR N 62 28.45 33.10 -4.11
C THR N 62 28.57 33.93 -5.38
N ILE N 63 27.44 34.29 -5.99
CA ILE N 63 27.46 35.13 -7.19
C ILE N 63 28.00 36.51 -6.86
N GLN N 64 27.47 37.13 -5.79
CA GLN N 64 27.96 38.44 -5.38
C GLN N 64 29.40 38.39 -4.91
N HIS N 65 29.85 37.26 -4.37
CA HIS N 65 31.16 37.23 -3.72
C HIS N 65 32.32 37.10 -4.69
N ILE N 66 32.15 36.32 -5.76
CA ILE N 66 33.28 36.07 -6.65
C ILE N 66 33.58 37.31 -7.48
N LYS N 67 34.80 37.36 -8.02
CA LYS N 67 35.22 38.52 -8.79
C LYS N 67 34.58 38.58 -10.18
N PRO N 68 34.56 37.50 -10.97
CA PRO N 68 34.00 37.60 -12.32
C PRO N 68 32.52 38.00 -12.33
N ASP N 69 32.16 38.76 -13.36
CA ASP N 69 30.76 39.05 -13.65
C ASP N 69 30.03 37.76 -13.99
N VAL N 70 28.83 37.60 -13.45
CA VAL N 70 27.99 36.45 -13.76
C VAL N 70 26.78 36.94 -14.55
N GLN N 71 26.74 36.57 -15.83
CA GLN N 71 25.57 36.80 -16.65
C GLN N 71 24.52 35.74 -16.35
N THR N 72 23.26 36.15 -16.31
CA THR N 72 22.13 35.25 -16.12
C THR N 72 21.26 35.28 -17.38
N ILE N 73 20.93 34.10 -17.89
CA ILE N 73 20.10 33.98 -19.10
C ILE N 73 18.96 33.02 -18.78
N CYS N 74 17.74 33.53 -18.77
CA CYS N 74 16.56 32.70 -18.57
C CYS N 74 16.16 32.04 -19.87
N ILE N 75 16.15 30.71 -19.89
CA ILE N 75 15.58 29.93 -20.99
C ILE N 75 14.40 29.15 -20.43
N GLY N 76 13.27 29.20 -21.15
CA GLY N 76 12.09 28.48 -20.71
C GLY N 76 11.35 29.13 -19.56
N MET N 77 11.89 29.02 -18.34
CA MET N 77 11.16 29.50 -17.18
C MET N 77 12.10 29.77 -16.02
N ALA N 78 11.90 30.92 -15.36
CA ALA N 78 12.54 31.24 -14.09
C ALA N 78 11.42 31.64 -13.14
N ALA N 79 11.04 30.73 -12.25
CA ALA N 79 9.98 30.96 -11.30
C ALA N 79 10.53 30.98 -9.88
N SER N 80 9.95 31.83 -9.03
CA SER N 80 10.19 31.81 -7.59
C SER N 80 11.66 32.09 -7.33
N MET N 81 12.40 31.22 -6.65
CA MET N 81 13.81 31.46 -6.42
C MET N 81 14.62 31.45 -7.72
N GLY N 82 14.08 30.85 -8.78
CA GLY N 82 14.72 30.96 -10.08
C GLY N 82 14.77 32.39 -10.59
N SER N 83 13.65 33.12 -10.47
CA SER N 83 13.63 34.51 -10.92
C SER N 83 14.40 35.42 -9.97
N PHE N 84 14.48 35.06 -8.69
CA PHE N 84 15.35 35.80 -7.78
C PHE N 84 16.81 35.72 -8.24
N LEU N 85 17.26 34.52 -8.64
CA LEU N 85 18.63 34.38 -9.13
C LEU N 85 18.81 35.00 -10.51
N LEU N 86 17.76 35.03 -11.32
CA LEU N 86 17.84 35.72 -12.60
C LEU N 86 18.11 37.21 -12.40
N ALA N 87 17.37 37.84 -11.48
CA ALA N 87 17.61 39.24 -11.15
C ALA N 87 18.97 39.45 -10.49
N ALA N 88 19.62 38.37 -10.04
CA ALA N 88 20.87 38.48 -9.28
C ALA N 88 22.11 38.60 -10.16
N GLY N 89 21.98 38.44 -11.47
CA GLY N 89 23.13 38.55 -12.35
C GLY N 89 23.70 39.96 -12.39
N ALA N 90 24.92 40.05 -12.92
CA ALA N 90 25.57 41.34 -13.08
C ALA N 90 24.68 42.28 -13.87
N LYS N 91 24.40 43.45 -13.28
CA LYS N 91 23.49 44.39 -13.91
C LYS N 91 24.01 44.83 -15.27
N GLY N 92 23.10 44.92 -16.24
CA GLY N 92 23.48 45.03 -17.63
C GLY N 92 23.68 43.71 -18.33
N LYS N 93 23.82 42.61 -17.59
CA LYS N 93 24.09 41.29 -18.15
C LYS N 93 23.08 40.25 -17.70
N ARG N 94 21.81 40.66 -17.55
CA ARG N 94 20.72 39.77 -17.19
C ARG N 94 19.75 39.72 -18.36
N PHE N 95 19.55 38.54 -18.93
CA PHE N 95 18.81 38.37 -20.17
C PHE N 95 17.72 37.32 -20.02
N ALA N 96 16.79 37.36 -20.96
CA ALA N 96 15.80 36.30 -21.14
C ALA N 96 15.56 36.12 -22.64
N LEU N 97 15.41 34.86 -23.05
CA LEU N 97 15.03 34.58 -24.42
C LEU N 97 13.58 35.00 -24.65
N PRO N 98 13.18 35.26 -25.90
CA PRO N 98 11.92 35.99 -26.14
C PRO N 98 10.68 35.31 -25.58
N ASN N 99 10.63 33.98 -25.54
CA ASN N 99 9.45 33.25 -25.10
C ASN N 99 9.63 32.61 -23.73
N ALA N 100 10.65 33.03 -22.98
CA ALA N 100 10.79 32.57 -21.61
C ALA N 100 9.76 33.25 -20.72
N GLU N 101 9.31 32.51 -19.70
CA GLU N 101 8.38 33.04 -18.72
C GLU N 101 9.11 33.29 -17.40
N VAL N 102 8.75 34.38 -16.73
CA VAL N 102 9.27 34.72 -15.41
C VAL N 102 8.10 34.79 -14.45
N MET N 103 8.22 34.15 -13.29
CA MET N 103 7.16 34.15 -12.30
C MET N 103 7.74 34.53 -10.94
N ILE N 104 7.03 35.39 -10.22
CA ILE N 104 7.42 35.82 -8.89
C ILE N 104 6.24 35.62 -7.96
N HIS N 105 6.52 35.22 -6.73
CA HIS N 105 5.50 35.11 -5.70
C HIS N 105 6.20 35.06 -4.34
N GLN N 106 5.40 35.16 -3.28
CA GLN N 106 5.91 35.21 -1.93
C GLN N 106 6.32 33.82 -1.45
N PRO N 107 7.15 33.75 -0.40
CA PRO N 107 7.60 32.44 0.09
C PRO N 107 6.48 31.60 0.66
N LEU N 108 6.67 30.29 0.61
CA LEU N 108 5.75 29.33 1.19
C LEU N 108 6.49 28.46 2.20
N GLY N 109 5.73 27.94 3.15
CA GLY N 109 6.31 27.07 4.15
C GLY N 109 5.25 26.38 4.96
N GLY N 110 5.67 25.79 6.07
CA GLY N 110 4.75 25.09 6.94
C GLY N 110 5.27 25.09 8.36
N ALA N 111 4.35 24.86 9.29
CA ALA N 111 4.68 24.86 10.71
C ALA N 111 3.70 23.96 11.45
N GLN N 112 4.23 23.11 12.32
CA GLN N 112 3.43 22.22 13.14
C GLN N 112 3.93 22.28 14.59
N GLY N 113 3.01 22.14 15.53
CA GLY N 113 3.40 22.03 16.93
C GLY N 113 2.68 22.97 17.87
N GLN N 114 3.32 23.25 19.01
CA GLN N 114 2.75 24.15 20.01
C GLN N 114 2.61 25.55 19.45
N ALA N 115 1.74 26.33 20.09
CA ALA N 115 1.51 27.70 19.67
C ALA N 115 2.82 28.49 19.61
N THR N 116 3.71 28.31 20.59
CA THR N 116 4.96 29.07 20.57
C THR N 116 5.86 28.64 19.42
N GLU N 117 5.82 27.36 19.04
CA GLU N 117 6.61 26.92 17.90
C GLU N 117 6.04 27.46 16.58
N ILE N 118 4.72 27.53 16.47
CA ILE N 118 4.11 28.09 15.27
C ILE N 118 4.44 29.57 15.15
N GLU N 119 4.49 30.28 16.29
CA GLU N 119 4.85 31.69 16.26
C GLU N 119 6.30 31.88 15.81
N ILE N 120 7.20 31.01 16.28
CA ILE N 120 8.59 31.10 15.86
C ILE N 120 8.72 30.89 14.35
N ALA N 121 8.01 29.89 13.82
CA ALA N 121 8.09 29.61 12.40
C ALA N 121 7.48 30.74 11.56
N ALA N 122 6.38 31.32 12.03
CA ALA N 122 5.75 32.41 11.30
C ALA N 122 6.67 33.61 11.24
N ASN N 123 7.27 33.98 12.38
CA ASN N 123 8.19 35.11 12.41
C ASN N 123 9.37 34.88 11.49
N HIS N 124 9.89 33.64 11.45
CA HIS N 124 11.05 33.38 10.61
C HIS N 124 10.70 33.56 9.14
N ILE N 125 9.54 33.07 8.71
CA ILE N 125 9.21 33.18 7.29
C ILE N 125 8.81 34.60 6.92
N LEU N 126 8.19 35.34 7.85
CA LEU N 126 7.89 36.74 7.56
C LEU N 126 9.17 37.56 7.44
N LYS N 127 10.14 37.30 8.30
CA LYS N 127 11.45 37.95 8.18
C LYS N 127 12.13 37.57 6.88
N THR N 128 12.05 36.30 6.49
CA THR N 128 12.61 35.88 5.22
C THR N 128 11.99 36.64 4.05
N ARG N 129 10.67 36.82 4.06
CA ARG N 129 10.01 37.53 2.98
C ARG N 129 10.48 38.98 2.91
N GLU N 130 10.62 39.64 4.07
CA GLU N 130 11.08 41.03 4.07
C GLU N 130 12.50 41.14 3.51
N LYS N 131 13.38 40.20 3.87
CA LYS N 131 14.74 40.23 3.35
C LYS N 131 14.76 40.03 1.84
N LEU N 132 13.92 39.12 1.33
CA LEU N 132 13.85 38.91 -0.12
C LEU N 132 13.27 40.14 -0.81
N ASN N 133 12.23 40.74 -0.22
CA ASN N 133 11.63 41.94 -0.83
C ASN N 133 12.62 43.08 -0.90
N ARG N 134 13.46 43.22 0.13
CA ARG N 134 14.43 44.32 0.14
C ARG N 134 15.48 44.14 -0.93
N ILE N 135 16.01 42.92 -1.09
CA ILE N 135 17.02 42.68 -2.10
C ILE N 135 16.44 42.88 -3.50
N LEU N 136 15.29 42.26 -3.77
CA LEU N 136 14.65 42.43 -5.08
C LEU N 136 14.37 43.89 -5.38
N SER N 137 14.03 44.68 -4.36
CA SER N 137 13.86 46.11 -4.57
C SER N 137 15.16 46.76 -5.05
N GLU N 138 16.29 46.33 -4.47
CA GLU N 138 17.57 46.91 -4.86
C GLU N 138 17.97 46.45 -6.26
N ARG N 139 17.65 45.21 -6.63
CA ARG N 139 18.06 44.66 -7.91
C ARG N 139 17.17 45.10 -9.07
N THR N 140 15.92 45.49 -8.80
CA THR N 140 14.98 45.81 -9.86
C THR N 140 14.60 47.27 -9.96
N GLY N 141 14.85 48.06 -8.92
CA GLY N 141 14.40 49.44 -8.94
C GLY N 141 12.93 49.63 -8.70
N GLN N 142 12.26 48.64 -8.12
CA GLN N 142 10.89 48.77 -7.68
C GLN N 142 10.86 48.96 -6.16
N SER N 143 9.78 49.56 -5.67
CA SER N 143 9.64 49.79 -4.25
C SER N 143 9.28 48.49 -3.52
N ILE N 144 9.67 48.42 -2.25
CA ILE N 144 9.40 47.22 -1.44
C ILE N 144 7.90 46.92 -1.43
N GLU N 145 7.09 47.97 -1.28
CA GLU N 145 5.65 47.77 -1.16
C GLU N 145 5.03 47.34 -2.49
N LYS N 146 5.61 47.75 -3.62
CA LYS N 146 5.15 47.23 -4.90
C LYS N 146 5.52 45.77 -5.05
N ILE N 147 6.75 45.40 -4.67
CA ILE N 147 7.14 43.99 -4.67
C ILE N 147 6.18 43.18 -3.82
N GLN N 148 5.85 43.69 -2.63
CA GLN N 148 4.94 43.00 -1.72
C GLN N 148 3.57 42.79 -2.36
N LYS N 149 3.04 43.85 -2.99
CA LYS N 149 1.74 43.75 -3.64
C LYS N 149 1.80 42.77 -4.81
N ASP N 150 2.86 42.84 -5.61
CA ASP N 150 2.93 42.03 -6.84
C ASP N 150 3.30 40.57 -6.60
N THR N 151 3.71 40.20 -5.39
CA THR N 151 4.04 38.82 -5.08
C THR N 151 3.02 38.18 -4.15
N ASP N 152 1.96 38.90 -3.77
CA ASP N 152 0.93 38.34 -2.89
C ASP N 152 0.39 37.03 -3.44
N ARG N 153 0.27 36.93 -4.76
CA ARG N 153 -0.11 35.72 -5.45
C ARG N 153 0.84 35.49 -6.62
N ASP N 154 0.75 34.31 -7.23
CA ASP N 154 1.57 34.00 -8.39
C ASP N 154 1.41 35.08 -9.45
N ASN N 155 2.54 35.57 -9.95
CA ASN N 155 2.55 36.68 -10.90
C ASN N 155 3.43 36.28 -12.08
N PHE N 156 2.78 35.97 -13.21
CA PHE N 156 3.48 35.49 -14.39
C PHE N 156 3.82 36.65 -15.30
N LEU N 157 5.05 36.67 -15.82
CA LEU N 157 5.55 37.77 -16.63
C LEU N 157 6.17 37.23 -17.90
N THR N 158 5.87 37.90 -19.03
CA THR N 158 6.62 37.64 -20.25
C THR N 158 8.04 38.18 -20.11
N ALA N 159 8.89 37.83 -21.08
CA ALA N 159 10.25 38.35 -21.09
C ALA N 159 10.25 39.88 -21.16
N GLU N 160 9.40 40.45 -22.00
CA GLU N 160 9.33 41.90 -22.11
C GLU N 160 8.84 42.54 -20.82
N GLU N 161 7.86 41.92 -20.16
CA GLU N 161 7.38 42.44 -18.89
C GLU N 161 8.45 42.35 -17.81
N ALA N 162 9.27 41.29 -17.85
CA ALA N 162 10.34 41.16 -16.87
C ALA N 162 11.39 42.25 -17.05
N LYS N 163 11.63 42.67 -18.30
CA LYS N 163 12.51 43.81 -18.54
C LYS N 163 11.90 45.10 -18.01
N GLU N 164 10.62 45.32 -18.31
CA GLU N 164 9.93 46.49 -17.79
C GLU N 164 9.95 46.50 -16.27
N TYR N 165 9.95 45.33 -15.64
CA TYR N 165 9.95 45.23 -14.19
C TYR N 165 11.31 45.49 -13.58
N GLY N 166 12.39 45.30 -14.34
CA GLY N 166 13.73 45.43 -13.81
C GLY N 166 14.40 44.13 -13.44
N LEU N 167 13.73 42.99 -13.66
CA LEU N 167 14.31 41.69 -13.33
C LEU N 167 15.42 41.30 -14.30
N ILE N 168 15.33 41.76 -15.54
CA ILE N 168 16.38 41.54 -16.53
C ILE N 168 16.66 42.87 -17.22
N ASP N 169 17.77 42.92 -17.95
CA ASP N 169 18.16 44.13 -18.66
C ASP N 169 17.72 44.13 -20.12
N GLU N 170 17.83 43.00 -20.80
CA GLU N 170 17.47 42.91 -22.21
C GLU N 170 16.79 41.59 -22.51
N VAL N 171 15.90 41.62 -23.51
CA VAL N 171 15.42 40.39 -24.13
C VAL N 171 16.38 40.02 -25.26
N MET N 172 16.88 38.79 -25.24
CA MET N 172 17.87 38.36 -26.22
C MET N 172 17.19 38.01 -27.53
N VAL N 173 17.61 38.69 -28.60
CA VAL N 173 17.07 38.48 -29.94
C VAL N 173 18.03 37.57 -30.70
N PRO N 174 17.56 36.83 -31.70
CA PRO N 174 18.50 36.17 -32.63
C PRO N 174 19.29 37.25 -33.37
N GLU N 175 20.56 36.97 -33.65
CA GLU N 175 21.18 35.65 -33.73
C GLU N 175 22.10 35.32 -32.57
C10 FN3 O . -0.39 3.73 25.78
N12 FN3 O . 1.28 2.53 29.61
C13 FN3 O . -0.21 -1.46 31.98
C15 FN3 O . 1.12 -1.58 32.74
C17 FN3 O . -0.48 -1.71 34.78
C21 FN3 O . 0.49 3.68 30.08
C22 FN3 O . 1.27 4.96 30.46
C26 FN3 O . 2.63 7.15 31.15
C28 FN3 O . 0.83 5.77 31.51
B14 FN3 O . -0.49 -2.77 31.18
C01 FN3 O . 0.55 1.32 29.28
C02 FN3 O . 0.94 0.32 30.36
C05 FN3 O . 0.85 0.78 27.88
C06 FN3 O . -0.02 1.62 26.90
C07 FN3 O . -1.16 1.08 26.31
C08 FN3 O . -1.92 1.88 25.44
C09 FN3 O . -1.54 3.19 25.18
C11 FN3 O . 0.37 2.94 26.65
C16 FN3 O . 0.93 -1.26 34.28
C18 FN3 O . 2.00 -1.96 35.17
C25 FN3 O . 3.08 6.34 30.12
N03 FN3 O . -0.22 -0.43 30.95
N24 FN3 O . 2.37 5.26 29.81
N27 FN3 O . 1.54 6.87 31.82
O04 FN3 O . 2.08 0.22 30.70
O19 FN3 O . -1.77 -3.16 31.05
O20 FN3 O . 0.38 -3.15 30.21
O23 FN3 O . -0.70 3.62 30.17
C10 FN3 P . -0.43 -16.34 19.43
N12 FN3 P . -0.47 -20.26 21.96
C13 FN3 P . -3.21 -23.63 20.87
C15 FN3 P . -3.62 -24.81 21.78
C17 FN3 P . -3.15 -26.98 23.14
C21 FN3 P . -0.78 -19.49 23.19
C22 FN3 P . 0.39 -19.16 24.18
C26 FN3 P . 2.34 -18.69 25.97
C28 FN3 P . 0.29 -19.61 25.50
B14 FN3 P . -3.58 -24.02 19.39
C01 FN3 P . -1.44 -20.72 20.97
C02 FN3 P . -0.95 -22.17 20.89
C05 FN3 P . -1.20 -20.12 19.59
C06 FN3 P . -1.39 -18.57 19.46
C07 FN3 P . -2.66 -18.03 19.24
C08 FN3 P . -2.82 -16.64 19.12
C09 FN3 P . -1.71 -15.81 19.22
C11 FN3 P . -0.28 -17.73 19.56
C16 FN3 P . -2.48 -25.76 22.40
C18 FN3 P . -1.44 -26.33 21.39
C25 FN3 P . 2.45 -18.24 24.66
N03 FN3 P . -1.76 -23.43 20.86
N24 FN3 P . 1.45 -18.51 23.79
N27 FN3 P . 1.27 -19.35 26.37
O04 FN3 P . 0.22 -22.34 20.87
O19 FN3 P . -4.70 -23.52 18.83
O20 FN3 P . -2.58 -24.38 18.58
O23 FN3 P . -1.90 -19.15 23.44
C10 FN3 Q . -8.81 -24.92 3.57
N12 FN3 Q . -9.14 -28.46 1.18
C13 FN3 Q . -13.06 -29.47 -1.53
C15 FN3 Q . -12.26 -30.49 -2.35
C17 FN3 Q . -13.92 -32.10 -3.59
C21 FN3 Q . -9.32 -28.94 2.55
C22 FN3 Q . -8.21 -29.83 3.17
C26 FN3 Q . -6.31 -31.40 4.22
C28 FN3 Q . -7.15 -29.28 3.90
B14 FN3 Q . -13.64 -28.35 -2.46
C01 FN3 Q . -10.20 -27.65 0.61
C02 FN3 Q . -10.76 -28.53 -0.52
C05 FN3 Q . -9.71 -26.30 0.08
C06 FN3 Q . -9.44 -25.30 1.25
C07 FN3 Q . -9.56 -23.92 1.07
C08 FN3 Q . -9.30 -23.05 2.13
C09 FN3 Q . -8.93 -23.54 3.38
C11 FN3 Q . -9.06 -25.79 2.51
C16 FN3 Q . -12.92 -31.94 -2.39
C18 FN3 Q . -13.66 -32.23 -1.04
C25 FN3 Q . -7.35 -31.95 3.50
N03 FN3 Q . -12.26 -28.71 -0.56
N24 FN3 Q . -8.27 -31.13 2.99
N27 FN3 Q . -6.23 -30.09 4.41
O04 FN3 Q . -10.00 -29.04 -1.27
O19 FN3 Q . -14.69 -27.66 -1.96
O20 FN3 Q . -12.77 -27.65 -3.22
O23 FN3 Q . -10.29 -28.65 3.18
C10 FN3 R . -16.38 -15.13 -13.34
N12 FN3 R . -18.75 -15.96 -16.85
C13 FN3 R . -22.62 -13.36 -18.40
C15 FN3 R . -22.33 -13.69 -19.86
C17 FN3 R . -24.81 -14.35 -20.32
C21 FN3 R . -19.22 -17.13 -16.09
C22 FN3 R . -18.57 -18.49 -16.45
C26 FN3 R . -17.45 -20.83 -17.12
C28 FN3 R . -19.08 -19.25 -17.49
B14 FN3 R . -22.62 -11.80 -18.21
C01 FN3 R . -19.35 -14.67 -16.59
C02 FN3 R . -20.20 -14.28 -17.79
C05 FN3 R . -18.28 -13.62 -16.30
C06 FN3 R . -17.83 -13.92 -14.85
C07 FN3 R . -18.51 -13.35 -13.77
C08 FN3 R . -18.11 -13.67 -12.47
C09 FN3 R . -17.06 -14.54 -12.25
C11 FN3 R . -16.78 -14.82 -14.64
C16 FN3 R . -23.32 -14.76 -20.49
C18 FN3 R . -23.00 -14.97 -22.02
C25 FN3 R . -16.93 -20.07 -16.08
N03 FN3 R . -21.59 -13.81 -17.46
N24 FN3 R . -17.51 -18.91 -15.78
N27 FN3 R . -18.51 -20.42 -17.80
O04 FN3 R . -19.73 -14.39 -18.87
O19 FN3 R . -23.40 -11.28 -17.25
O20 FN3 R . -21.48 -11.12 -18.50
O23 FN3 R . -20.06 -17.04 -15.25
C10 FN3 S . -20.13 4.61 -15.82
N12 FN3 S . -21.75 7.59 -18.43
C13 FN3 S . -24.16 11.55 -16.76
C15 FN3 S . -24.37 11.80 -18.26
C17 FN3 S . -26.77 12.35 -19.06
C21 FN3 S . -22.69 6.48 -18.75
C22 FN3 S . -22.54 5.72 -20.09
C26 FN3 S . -22.24 4.38 -22.41
C28 FN3 S . -21.84 4.51 -20.13
B14 FN3 S . -23.17 12.58 -16.07
C01 FN3 S . -21.95 8.28 -17.17
C02 FN3 S . -22.46 9.68 -17.49
C05 FN3 S . -20.64 8.38 -16.37
C06 FN3 S . -20.36 7.02 -15.66
C07 FN3 S . -20.11 6.98 -14.29
C08 FN3 S . -19.86 5.73 -13.69
C09 FN3 S . -19.87 4.56 -14.43
C11 FN3 S . -20.37 5.84 -16.42
C16 FN3 S . -25.37 12.94 -18.71
C18 FN3 S . -24.78 13.52 -20.05
C25 FN3 S . -22.93 5.58 -22.37
N03 FN3 S . -23.55 10.23 -16.60
N24 FN3 S . -23.05 6.21 -21.20
N27 FN3 S . -21.72 3.87 -21.31
O04 FN3 S . -21.99 10.26 -18.41
O19 FN3 S . -22.14 13.08 -16.78
O20 FN3 S . -23.05 12.56 -14.74
O23 FN3 S . -23.56 6.18 -17.98
C10 FN3 T . -15.52 20.92 -3.74
N12 FN3 T . -16.43 24.89 -2.55
C13 FN3 T . -17.01 26.54 1.46
C15 FN3 T . -17.85 27.74 1.93
C17 FN3 T . -19.08 29.99 1.46
C21 FN3 T . -17.59 24.46 -3.36
C22 FN3 T . -17.57 24.96 -4.83
C26 FN3 T . -17.54 25.94 -7.35
C28 FN3 T . -17.72 24.12 -5.93
B14 FN3 T . -15.99 26.15 2.59
C01 FN3 T . -16.22 24.62 -1.15
C02 FN3 T . -15.78 26.06 -0.84
C05 FN3 T . -15.08 23.60 -0.98
C06 FN3 T . -15.33 22.23 -1.70
C07 FN3 T . -15.56 21.07 -0.95
C08 FN3 T . -15.78 19.84 -1.60
C09 FN3 T . -15.76 19.76 -2.99
C11 FN3 T . -15.31 22.14 -3.09
C16 FN3 T . -17.92 29.03 0.99
C18 FN3 T . -16.60 29.86 0.98
C25 FN3 T . -17.39 26.79 -6.26
N03 FN3 T . -16.17 26.91 0.32
N24 FN3 T . -17.41 26.25 -5.04
N27 FN3 T . -17.69 24.64 -7.15
O04 FN3 T . -15.09 26.57 -1.65
O19 FN3 T . -14.70 26.53 2.44
O20 FN3 T . -16.25 25.09 3.38
O23 FN3 T . -18.48 23.80 -2.92
C10 FN3 U . -7.82 18.48 16.47
N12 FN3 U . -5.76 22.56 18.63
C13 FN3 U . -6.74 21.30 23.27
C15 FN3 U . -5.71 22.35 23.70
C17 FN3 U . -7.03 23.29 25.79
C21 FN3 U . -6.94 23.36 18.23
C22 FN3 U . -6.74 24.72 17.51
C26 FN3 U . -6.39 27.08 16.29
C28 FN3 U . -7.77 25.65 17.44
B14 FN3 U . -6.53 19.84 23.83
C01 FN3 U . -6.01 21.31 19.32
C02 FN3 U . -5.70 21.56 20.80
C05 FN3 U . -5.20 20.16 18.72
C06 FN3 U . -6.03 19.74 17.47
C07 FN3 U . -5.72 20.31 16.22
C08 FN3 U . -6.47 19.95 15.09
C09 FN3 U . -7.52 19.04 15.21
C11 FN3 U . -7.08 18.84 17.59
C16 FN3 U . -5.65 22.78 25.23
C18 FN3 U . -4.64 23.98 25.28
C25 FN3 U . -5.34 26.16 16.36
N03 FN3 U . -6.77 21.16 21.80
N24 FN3 U . -5.57 25.00 16.99
N27 FN3 U . -7.56 26.81 16.82
O04 FN3 U . -4.67 22.08 21.07
O19 FN3 U . -7.63 19.28 24.36
O20 FN3 U . -5.73 19.01 23.12
O23 FN3 U . -8.05 22.95 18.48
C10 FN3 V . 1.76 19.66 -16.21
N12 FN3 V . 0.99 21.97 -20.13
C13 FN3 V . 1.70 20.30 -24.65
C15 FN3 V . 0.49 21.11 -25.14
C17 FN3 V . 1.91 21.97 -27.15
C21 FN3 V . 1.96 23.00 -19.72
C22 FN3 V . 1.38 24.31 -19.14
C26 FN3 V . 0.36 26.58 -18.14
C28 FN3 V . 2.08 25.52 -19.24
B14 FN3 V . 1.43 18.77 -24.90
C01 FN3 V . 1.45 20.73 -20.70
C02 FN3 V . 0.94 20.71 -22.14
C05 FN3 V . 0.90 19.52 -19.95
C06 FN3 V . 1.68 19.41 -18.61
C07 FN3 V . 3.03 19.03 -18.63
C08 FN3 V . 3.74 18.95 -17.43
C09 FN3 V . 3.11 19.26 -16.22
C11 FN3 V . 1.05 19.73 -17.41
C16 FN3 V . 0.87 22.35 -26.06
C18 FN3 V . -0.41 22.96 -26.73
C25 FN3 V . -0.34 25.38 -18.04
N03 FN3 V . 1.96 20.40 -23.21
N24 FN3 V . 0.21 24.28 -18.56
N27 FN3 V . 1.54 26.62 -18.73
O04 FN3 V . -0.21 20.92 -22.34
O19 FN3 V . 2.46 17.91 -24.72
O20 FN3 V . 0.19 18.28 -24.66
O23 FN3 V . 3.14 22.83 -19.85
C10 FN3 W . 1.78 1.06 -25.73
N12 FN3 W . -1.32 0.23 -29.48
C13 FN3 W . 0.75 -3.67 -31.52
C15 FN3 W . -0.52 -3.85 -32.35
C17 FN3 W . 1.13 -4.04 -34.35
C21 FN3 W . -0.84 1.49 -30.09
C22 FN3 W . -1.88 2.55 -30.53
C26 FN3 W . -3.65 4.38 -31.36
C28 FN3 W . -1.57 3.43 -31.57
B14 FN3 W . 0.92 -4.95 -30.61
C01 FN3 W . -0.33 -0.75 -29.10
C02 FN3 W . -0.53 -1.89 -30.07
C05 FN3 W . -0.54 -1.28 -27.69
C06 FN3 W . -0.04 -0.17 -26.73
C07 FN3 W . -0.97 0.61 -26.06
C08 FN3 W . -0.53 1.63 -25.21
C09 FN3 W . 0.84 1.84 -25.05
C11 FN3 W . 1.33 0.04 -26.58
C16 FN3 W . -0.31 -3.60 -33.90
C18 FN3 W . -1.38 -4.38 -34.73
C25 FN3 W . -3.97 3.50 -30.33
N03 FN3 W . 0.70 -2.53 -30.59
N24 FN3 W . -3.06 2.60 -29.96
N27 FN3 W . -2.48 4.33 -31.95
O04 FN3 W . -1.65 -2.19 -30.36
O19 FN3 W . 2.02 -5.06 -29.84
O20 FN3 W . -0.17 -5.65 -30.25
O23 FN3 W . 0.33 1.68 -30.23
C10 FN3 X . 6.16 -16.53 -18.80
N12 FN3 X . 5.13 -21.04 -20.55
C13 FN3 X . 8.43 -23.61 -19.22
C15 FN3 X . 9.12 -24.60 -20.19
C17 FN3 X . 9.60 -26.95 -21.25
C21 FN3 X . 5.28 -20.34 -21.84
C22 FN3 X . 4.08 -20.37 -22.84
C26 FN3 X . 2.02 -20.51 -24.58
C28 FN3 X . 2.78 -20.61 -22.40
B14 FN3 X . 8.89 -23.81 -17.72
C01 FN3 X . 6.17 -21.17 -19.55
C02 FN3 X . 5.95 -22.66 -19.33
C05 FN3 X . 5.85 -20.36 -18.29
C06 FN3 X . 5.49 -18.84 -18.52
C07 FN3 X . 4.15 -18.45 -18.65
C08 FN3 X . 3.82 -17.10 -18.86
C09 FN3 X . 4.82 -16.14 -18.94
C11 FN3 X . 6.49 -17.87 -18.59
C16 FN3 X . 8.83 -26.18 -20.12
C18 FN3 X . 7.32 -26.59 -20.21
C25 FN3 X . 3.33 -20.30 -25.03
N03 FN3 X . 6.97 -23.75 -19.21
N24 FN3 X . 4.31 -20.25 -24.12
N27 FN3 X . 1.78 -20.66 -23.29
O04 FN3 X . 4.83 -23.03 -19.31
O19 FN3 X . 7.95 -24.22 -16.84
O20 FN3 X . 9.88 -23.04 -17.25
O23 FN3 X . 6.29 -19.79 -22.13
C10 FN3 Y . 13.21 -22.13 -1.23
N12 FN3 Y . 15.04 -25.82 0.71
C13 FN3 Y . 19.30 -25.50 3.16
C15 FN3 Y . 18.94 -26.89 3.70
C17 FN3 Y . 21.20 -28.23 3.71
C21 FN3 Y . 15.34 -26.32 -0.65
C22 FN3 Y . 14.48 -27.47 -1.25
C26 FN3 Y . 12.95 -29.45 -2.25
C28 FN3 Y . 13.17 -27.67 -0.80
B14 FN3 Y . 19.39 -24.35 4.22
C01 FN3 Y . 15.90 -24.77 1.22
C02 FN3 Y . 16.78 -25.40 2.29
C05 FN3 Y . 15.12 -23.58 1.76
C06 FN3 Y . 14.77 -22.70 0.53
C07 FN3 Y . 15.68 -21.78 0.02
C08 FN3 Y . 15.36 -21.02 -1.12
C09 FN3 Y . 14.12 -21.21 -1.73
C11 FN3 Y . 13.54 -22.90 -0.10
C16 FN3 Y . 19.99 -27.71 4.55
C18 FN3 Y . 19.24 -28.98 5.08
C25 FN3 Y . 14.26 -29.25 -2.70
N03 FN3 Y . 18.25 -25.04 2.24
N24 FN3 Y . 14.98 -28.26 -2.18
N27 FN3 Y . 12.45 -28.66 -1.31
O04 FN3 Y . 16.27 -26.13 3.08
O19 FN3 Y . 20.04 -23.23 3.85
O20 FN3 Y . 18.37 -24.20 5.09
O23 FN3 Y . 16.24 -25.85 -1.28
C10 FN3 Z . 18.88 -7.72 13.79
N12 FN3 Z . 21.86 -10.18 17.78
C13 FN3 Z . 24.77 -7.12 18.64
C15 FN3 Z . 26.03 -7.49 19.43
C17 FN3 Z . 27.63 -7.52 21.48
C21 FN3 Z . 22.39 -11.36 17.08
C22 FN3 Z . 21.91 -12.78 17.55
C26 FN3 Z . 21.16 -15.22 18.39
C28 FN3 Z . 22.83 -13.82 17.65
B14 FN3 Z . 24.74 -5.61 18.20
C01 FN3 Z . 22.25 -8.80 17.50
C02 FN3 Z . 22.41 -8.26 18.92
C05 FN3 Z . 21.16 -7.91 16.87
C06 FN3 Z . 20.37 -8.36 15.60
C07 FN3 Z . 20.35 -9.69 15.13
C08 FN3 Z . 19.61 -10.02 13.99
C09 FN3 Z . 18.87 -9.05 13.31
C11 FN3 Z . 19.62 -7.40 14.93
C16 FN3 Z . 26.26 -6.97 20.92
C18 FN3 Z . 25.14 -7.32 21.95
C25 FN3 Z . 20.24 -14.19 18.30
N03 FN3 Z . 23.57 -7.47 19.43
N24 FN3 Z . 20.65 -12.99 17.88
N27 FN3 Z . 22.43 -15.02 18.06
O04 FN3 Z . 21.53 -8.48 19.69
O19 FN3 Z . 25.89 -5.03 17.79
O20 FN3 Z . 23.62 -5.08 17.69
O23 FN3 Z . 23.18 -11.26 16.19
C10 FN3 AA . 17.09 10.75 15.49
N12 FN3 AA . 19.64 13.74 17.84
C13 FN3 AA . 21.10 17.42 15.96
C15 FN3 AA . 22.10 18.47 16.47
C17 FN3 AA . 23.21 20.06 18.16
C21 FN3 AA . 20.67 12.71 18.12
C22 FN3 AA . 20.65 11.99 19.50
C26 FN3 AA . 20.65 10.77 21.91
C28 FN3 AA . 19.46 11.73 20.18
B14 FN3 AA . 20.54 17.92 14.58
C01 FN3 AA . 19.56 14.56 16.63
C02 FN3 AA . 19.33 15.93 17.28
C05 FN3 AA . 18.29 14.40 15.80
C06 FN3 AA . 17.86 13.03 15.20
C07 FN3 AA . 17.80 12.86 13.80
C08 FN3 AA . 17.40 11.63 13.26
C09 FN3 AA . 17.04 10.59 14.10
C11 FN3 AA . 17.49 11.98 16.03
C16 FN3 AA . 22.06 19.01 17.97
C18 FN3 AA . 20.72 19.72 18.39
C25 FN3 AA . 21.85 11.02 21.25
N03 FN3 AA . 20.04 17.21 16.95
N24 FN3 AA . 21.80 11.64 20.06
N27 FN3 AA . 19.49 11.13 21.37
O04 FN3 AA . 18.51 15.99 18.14
O19 FN3 AA . 21.44 18.44 13.71
O20 FN3 AA . 19.38 17.48 14.09
O23 FN3 AA . 21.51 12.45 17.30
C10 FN3 BA . 10.77 22.96 -0.13
N12 FN3 BA . 10.42 28.14 0.83
C13 FN3 BA . 10.92 29.80 -3.14
C15 FN3 BA . 11.43 31.17 -3.63
C17 FN3 BA . 11.86 33.73 -3.42
C21 FN3 BA . 11.64 28.10 1.67
C22 FN3 BA . 11.51 28.62 3.14
C26 FN3 BA . 11.26 29.57 5.65
C28 FN3 BA . 10.28 28.61 3.79
B14 FN3 BA . 10.31 29.05 -4.37
C01 FN3 BA . 10.33 27.76 -0.57
C02 FN3 BA . 9.54 29.01 -1.00
C05 FN3 BA . 9.45 26.53 -0.80
C06 FN3 BA . 9.85 25.21 -0.07
C07 FN3 BA . 9.63 25.06 1.30
C08 FN3 BA . 9.99 23.87 1.96
C09 FN3 BA . 10.55 22.82 1.24
C11 FN3 BA . 10.42 24.14 -0.79
C16 FN3 BA . 11.09 32.50 -2.82
C18 FN3 BA . 9.56 32.86 -2.84
C25 FN3 BA . 12.48 29.60 4.99
N03 FN3 BA . 9.84 29.92 -2.17
N24 FN3 BA . 12.55 29.13 3.75
N27 FN3 BA . 10.19 29.09 5.04
O04 FN3 BA . 8.62 29.30 -0.34
O19 FN3 BA . 11.10 28.40 -5.23
O20 FN3 BA . 8.98 28.82 -4.42
O23 FN3 BA . 12.69 27.70 1.25
#